data_8HGX
#
_entry.id   8HGX
#
_entity_poly.entity_id   1
_entity_poly.type   'polypeptide(L)'
_entity_poly.pdbx_seq_one_letter_code
;MHHHHHHMATMQCDVVSVKESIYSGAVTMLIAKGAGGELGILPGHAPLVTLLQPGPIRVLLENGTEEIVYVSGGVLEVQP
HVVTVLADTAIRADNLDEAAILEARKNAEQLLANQKSDLDSAAALAALAETAAQLETIRKIKNRAQ
;
_entity_poly.pdbx_strand_id   A
#
# COMPACT_ATOMS: atom_id res chain seq x y z
N MET A 8 1.70 -18.16 15.89
CA MET A 8 0.43 -17.86 15.17
C MET A 8 0.35 -18.63 13.86
N ALA A 9 -0.87 -18.82 13.36
CA ALA A 9 -1.09 -19.55 12.11
C ALA A 9 -0.38 -18.85 10.95
N THR A 10 -0.38 -19.51 9.80
CA THR A 10 0.26 -18.95 8.60
C THR A 10 -0.65 -19.07 7.39
N MET A 11 -0.53 -18.12 6.47
CA MET A 11 -1.35 -18.12 5.27
C MET A 11 -0.50 -17.78 4.04
N GLN A 12 -0.95 -18.25 2.87
CA GLN A 12 -0.23 -18.00 1.63
C GLN A 12 -0.63 -16.66 1.02
N CYS A 13 0.12 -15.62 1.35
CA CYS A 13 -0.16 -14.28 0.83
C CYS A 13 0.64 -14.02 -0.44
N ASP A 14 0.02 -13.34 -1.40
CA ASP A 14 0.67 -13.01 -2.67
C ASP A 14 0.20 -11.66 -3.19
N VAL A 15 1.13 -10.70 -3.23
CA VAL A 15 0.81 -9.36 -3.71
C VAL A 15 1.26 -9.19 -5.16
N VAL A 16 0.33 -8.77 -6.01
CA VAL A 16 0.63 -8.57 -7.42
C VAL A 16 0.13 -7.22 -7.92
N SER A 17 0.78 -6.68 -8.94
CA SER A 17 0.41 -5.40 -9.51
C SER A 17 0.44 -5.45 -11.03
N VAL A 18 0.13 -4.33 -11.67
CA VAL A 18 0.13 -4.25 -13.12
C VAL A 18 1.53 -4.37 -13.70
N LYS A 19 2.54 -4.26 -12.83
CA LYS A 19 3.93 -4.35 -13.27
C LYS A 19 4.47 -5.77 -13.07
N GLU A 20 4.01 -6.44 -12.02
CA GLU A 20 4.43 -7.80 -11.70
C GLU A 20 4.22 -8.11 -10.22
N SER A 21 4.46 -9.37 -9.85
CA SER A 21 4.30 -9.80 -8.47
C SER A 21 5.29 -9.09 -7.55
N ILE A 22 4.93 -8.94 -6.29
CA ILE A 22 5.79 -8.28 -5.32
C ILE A 22 6.10 -9.20 -4.14
N TYR A 23 5.08 -9.90 -3.66
CA TYR A 23 5.24 -10.81 -2.53
C TYR A 23 4.60 -12.17 -2.82
N SER A 24 5.07 -13.19 -2.11
CA SER A 24 4.54 -14.54 -2.29
C SER A 24 5.17 -15.50 -1.29
N GLY A 25 4.41 -15.86 -0.26
CA GLY A 25 4.92 -16.77 0.75
C GLY A 25 3.96 -16.94 1.91
N ALA A 26 4.50 -17.24 3.09
CA ALA A 26 3.68 -17.42 4.29
C ALA A 26 3.59 -16.14 5.10
N VAL A 27 2.43 -15.92 5.72
CA VAL A 27 2.22 -14.73 6.53
C VAL A 27 1.31 -15.04 7.72
N THR A 28 1.63 -14.45 8.87
CA THR A 28 0.84 -14.66 10.08
C THR A 28 -0.39 -13.76 10.08
N MET A 29 -0.27 -12.60 9.43
CA MET A 29 -1.38 -11.65 9.36
C MET A 29 -1.05 -10.51 8.42
N LEU A 30 -2.03 -10.08 7.63
CA LEU A 30 -1.84 -8.99 6.68
C LEU A 30 -2.92 -7.92 6.85
N ILE A 31 -2.54 -6.66 6.64
CA ILE A 31 -3.47 -5.55 6.76
C ILE A 31 -3.43 -4.66 5.53
N ALA A 32 -4.53 -4.66 4.77
CA ALA A 32 -4.61 -3.84 3.57
C ALA A 32 -5.85 -2.95 3.60
N LYS A 33 -5.70 -1.72 3.13
CA LYS A 33 -6.80 -0.76 3.11
C LYS A 33 -7.81 -1.13 2.02
N GLY A 34 -9.05 -1.36 2.42
CA GLY A 34 -10.08 -1.71 1.47
C GLY A 34 -11.44 -1.16 1.86
N ALA A 35 -12.21 -0.73 0.87
CA ALA A 35 -13.55 -0.18 1.11
C ALA A 35 -13.47 1.07 2.00
N GLY A 36 -12.30 1.69 2.07
CA GLY A 36 -12.14 2.87 2.87
C GLY A 36 -11.60 2.56 4.26
N GLY A 37 -11.86 1.35 4.73
CA GLY A 37 -11.40 0.95 6.05
C GLY A 37 -10.25 -0.03 6.00
N GLU A 38 -9.64 -0.28 7.14
CA GLU A 38 -8.51 -1.23 7.22
C GLU A 38 -9.01 -2.65 7.44
N LEU A 39 -8.74 -3.53 6.48
CA LEU A 39 -9.18 -4.91 6.57
C LEU A 39 -8.02 -5.82 7.00
N GLY A 40 -8.16 -6.43 8.17
CA GLY A 40 -7.14 -7.31 8.68
C GLY A 40 -7.49 -8.78 8.48
N ILE A 41 -6.75 -9.45 7.60
CA ILE A 41 -6.98 -10.86 7.31
C ILE A 41 -6.07 -11.75 8.16
N LEU A 42 -6.65 -12.84 8.67
CA LEU A 42 -5.89 -13.78 9.49
C LEU A 42 -5.93 -15.18 8.89
N PRO A 43 -4.84 -15.95 9.02
CA PRO A 43 -4.77 -17.32 8.48
C PRO A 43 -5.97 -18.16 8.89
N GLY A 44 -6.82 -18.47 7.91
CA GLY A 44 -8.00 -19.27 8.17
C GLY A 44 -9.29 -18.49 8.01
N HIS A 45 -9.20 -17.30 7.40
CA HIS A 45 -10.37 -16.46 7.20
C HIS A 45 -11.20 -16.98 6.04
N ALA A 46 -12.48 -16.57 5.99
CA ALA A 46 -13.38 -17.00 4.93
C ALA A 46 -13.17 -16.17 3.66
N PRO A 47 -13.68 -16.66 2.51
CA PRO A 47 -13.54 -15.97 1.23
C PRO A 47 -14.19 -14.60 1.24
N LEU A 48 -13.40 -13.57 0.94
CA LEU A 48 -13.90 -12.20 0.92
C LEU A 48 -13.38 -11.45 -0.30
N VAL A 49 -14.24 -10.65 -0.92
CA VAL A 49 -13.86 -9.88 -2.10
C VAL A 49 -14.22 -8.41 -1.91
N THR A 50 -13.21 -7.58 -1.65
CA THR A 50 -13.42 -6.15 -1.46
C THR A 50 -12.44 -5.34 -2.29
N LEU A 51 -12.89 -4.16 -2.74
CA LEU A 51 -12.03 -3.30 -3.54
C LEU A 51 -10.90 -2.73 -2.70
N LEU A 52 -9.68 -2.82 -3.23
CA LEU A 52 -8.50 -2.32 -2.51
C LEU A 52 -8.25 -0.86 -2.84
N GLN A 53 -8.26 -0.02 -1.81
CA GLN A 53 -8.04 1.41 -1.99
C GLN A 53 -6.58 1.77 -1.70
N PRO A 54 -6.13 2.95 -2.18
CA PRO A 54 -4.76 3.40 -1.97
C PRO A 54 -4.35 3.37 -0.49
N GLY A 55 -3.32 2.59 -0.18
CA GLY A 55 -2.85 2.48 1.18
C GLY A 55 -1.70 1.50 1.32
N PRO A 56 -0.85 1.68 2.34
CA PRO A 56 0.30 0.80 2.59
C PRO A 56 -0.09 -0.48 3.32
N ILE A 57 -0.14 -1.59 2.58
CA ILE A 57 -0.49 -2.88 3.15
C ILE A 57 0.70 -3.48 3.89
N ARG A 58 0.43 -4.11 5.03
CA ARG A 58 1.49 -4.74 5.82
C ARG A 58 1.34 -6.25 5.83
N VAL A 59 2.42 -6.95 5.54
CA VAL A 59 2.42 -8.42 5.51
C VAL A 59 3.27 -8.98 6.65
N LEU A 60 2.62 -9.62 7.61
CA LEU A 60 3.31 -10.20 8.74
C LEU A 60 3.70 -11.65 8.46
N LEU A 61 4.95 -12.00 8.79
CA LEU A 61 5.45 -13.35 8.59
C LEU A 61 5.43 -14.12 9.90
N GLU A 62 5.73 -15.41 9.83
CA GLU A 62 5.74 -16.25 11.02
C GLU A 62 7.00 -16.05 11.85
N ASN A 63 7.92 -15.23 11.36
CA ASN A 63 9.15 -14.96 12.08
C ASN A 63 9.02 -13.68 12.91
N GLY A 64 7.77 -13.29 13.19
CA GLY A 64 7.54 -12.09 13.97
C GLY A 64 7.91 -10.83 13.20
N THR A 65 8.05 -10.97 11.88
CA THR A 65 8.41 -9.83 11.04
C THR A 65 7.23 -9.33 10.23
N GLU A 66 7.38 -8.14 9.65
CA GLU A 66 6.32 -7.54 8.84
C GLU A 66 6.92 -6.77 7.67
N GLU A 67 6.23 -6.82 6.53
CA GLU A 67 6.70 -6.12 5.33
C GLU A 67 5.66 -5.09 4.86
N ILE A 68 6.09 -3.83 4.80
CA ILE A 68 5.20 -2.76 4.37
C ILE A 68 5.28 -2.53 2.86
N VAL A 69 4.13 -2.49 2.21
CA VAL A 69 4.07 -2.29 0.76
C VAL A 69 3.00 -1.26 0.41
N TYR A 70 3.31 -0.38 -0.54
CA TYR A 70 2.37 0.65 -0.96
C TYR A 70 1.59 0.21 -2.20
N VAL A 71 0.26 0.32 -2.12
CA VAL A 71 -0.60 -0.06 -3.23
C VAL A 71 -1.61 1.04 -3.53
N SER A 72 -1.72 1.40 -4.81
CA SER A 72 -2.64 2.45 -5.23
C SER A 72 -4.09 2.02 -5.04
N GLY A 73 -4.37 0.77 -5.36
CA GLY A 73 -5.72 0.25 -5.23
C GLY A 73 -6.14 -0.57 -6.44
N GLY A 74 -6.90 -1.63 -6.18
CA GLY A 74 -7.35 -2.49 -7.25
C GLY A 74 -8.38 -3.50 -6.79
N VAL A 75 -7.97 -4.76 -6.67
CA VAL A 75 -8.86 -5.82 -6.23
C VAL A 75 -8.21 -6.68 -5.14
N LEU A 76 -8.97 -6.94 -4.08
CA LEU A 76 -8.48 -7.75 -2.97
C LEU A 76 -9.31 -9.02 -2.82
N GLU A 77 -8.72 -10.15 -3.19
CA GLU A 77 -9.41 -11.44 -3.11
C GLU A 77 -8.83 -12.30 -2.00
N VAL A 78 -9.64 -12.55 -0.97
CA VAL A 78 -9.20 -13.35 0.16
C VAL A 78 -9.67 -14.80 0.00
N GLN A 79 -8.75 -15.73 0.17
CA GLN A 79 -9.06 -17.15 0.06
C GLN A 79 -8.94 -17.85 1.41
N PRO A 80 -9.58 -19.02 1.57
CA PRO A 80 -9.54 -19.77 2.82
C PRO A 80 -8.14 -19.83 3.43
N HIS A 81 -7.20 -20.39 2.67
CA HIS A 81 -5.82 -20.49 3.13
C HIS A 81 -4.87 -19.72 2.21
N VAL A 82 -5.43 -18.85 1.37
CA VAL A 82 -4.63 -18.05 0.44
C VAL A 82 -5.10 -16.60 0.45
N VAL A 83 -4.19 -15.69 0.14
CA VAL A 83 -4.51 -14.27 0.10
C VAL A 83 -3.82 -13.58 -1.08
N THR A 84 -4.61 -12.96 -1.94
CA THR A 84 -4.08 -12.26 -3.11
C THR A 84 -4.62 -10.84 -3.18
N VAL A 85 -3.72 -9.86 -3.24
CA VAL A 85 -4.11 -8.46 -3.31
C VAL A 85 -3.57 -7.81 -4.58
N LEU A 86 -4.46 -7.54 -5.52
CA LEU A 86 -4.07 -6.91 -6.78
C LEU A 86 -4.10 -5.39 -6.66
N ALA A 87 -2.99 -4.75 -6.95
CA ALA A 87 -2.89 -3.30 -6.87
C ALA A 87 -2.37 -2.71 -8.18
N ASP A 88 -3.06 -1.67 -8.67
CA ASP A 88 -2.66 -1.02 -9.91
C ASP A 88 -1.17 -0.70 -9.91
N THR A 89 -0.61 -0.49 -8.72
CA THR A 89 0.80 -0.19 -8.58
C THR A 89 1.29 -0.57 -7.18
N ALA A 90 2.24 -1.49 -7.12
CA ALA A 90 2.80 -1.93 -5.85
C ALA A 90 4.28 -1.57 -5.73
N ILE A 91 4.64 -0.98 -4.60
CA ILE A 91 6.03 -0.58 -4.36
C ILE A 91 6.51 -1.07 -2.99
N ARG A 92 7.61 -1.81 -2.99
CA ARG A 92 8.17 -2.32 -1.75
C ARG A 92 8.73 -1.19 -0.89
N ALA A 93 8.51 -1.29 0.41
CA ALA A 93 8.99 -0.27 1.35
C ALA A 93 10.50 -0.07 1.22
N ASP A 94 11.21 -1.15 0.88
CA ASP A 94 12.65 -1.10 0.73
C ASP A 94 13.04 -0.64 -0.68
N ASN A 95 12.09 -0.69 -1.61
CA ASN A 95 12.34 -0.29 -2.98
C ASN A 95 11.80 1.11 -3.26
N LEU A 96 10.88 1.58 -2.40
CA LEU A 96 10.30 2.90 -2.56
C LEU A 96 11.38 3.98 -2.67
N ASP A 97 11.39 4.69 -3.80
CA ASP A 97 12.37 5.74 -4.02
C ASP A 97 11.94 7.04 -3.34
N GLU A 98 12.67 7.42 -2.30
CA GLU A 98 12.36 8.65 -1.56
C GLU A 98 12.65 9.88 -2.41
N ALA A 99 13.68 9.80 -3.25
CA ALA A 99 14.07 10.90 -4.11
C ALA A 99 12.96 11.23 -5.10
N ALA A 100 12.37 10.20 -5.71
CA ALA A 100 11.30 10.38 -6.67
C ALA A 100 10.07 10.99 -6.02
N ILE A 101 9.71 10.47 -4.84
CA ILE A 101 8.56 10.97 -4.11
C ILE A 101 8.77 12.41 -3.65
N LEU A 102 9.99 12.72 -3.22
CA LEU A 102 10.32 14.06 -2.76
C LEU A 102 10.11 15.07 -3.87
N GLU A 103 10.43 14.67 -5.11
CA GLU A 103 10.28 15.56 -6.25
C GLU A 103 8.80 15.87 -6.51
N ALA A 104 7.98 14.83 -6.57
CA ALA A 104 6.56 15.00 -6.81
C ALA A 104 5.88 15.64 -5.60
N ARG A 105 6.40 15.37 -4.42
CA ARG A 105 5.85 15.93 -3.18
C ARG A 105 6.01 17.44 -3.15
N LYS A 106 7.19 17.92 -3.57
CA LYS A 106 7.46 19.34 -3.58
C LYS A 106 6.77 20.01 -4.77
N ASN A 107 6.58 19.25 -5.84
CA ASN A 107 5.93 19.76 -7.03
C ASN A 107 4.49 20.12 -6.74
N ALA A 108 3.83 19.30 -5.93
CA ALA A 108 2.44 19.53 -5.58
C ALA A 108 2.32 20.65 -4.55
N GLU A 109 3.24 20.67 -3.59
CA GLU A 109 3.25 21.70 -2.55
C GLU A 109 3.35 23.09 -3.16
N GLN A 110 4.25 23.23 -4.13
CA GLN A 110 4.44 24.52 -4.79
C GLN A 110 3.33 24.80 -5.79
N LEU A 111 2.72 23.72 -6.31
CA LEU A 111 1.63 23.86 -7.27
C LEU A 111 0.31 24.15 -6.56
N LEU A 112 0.19 23.69 -5.32
CA LEU A 112 -1.02 23.90 -4.53
C LEU A 112 -1.13 25.35 -4.08
N ALA A 113 -0.04 25.89 -3.54
CA ALA A 113 -0.02 27.26 -3.07
C ALA A 113 -0.31 28.25 -4.20
N ASN A 114 0.06 27.86 -5.42
CA ASN A 114 -0.17 28.71 -6.58
C ASN A 114 -1.40 28.25 -7.36
N GLN A 115 -2.38 27.71 -6.65
CA GLN A 115 -3.61 27.24 -7.28
C GLN A 115 -4.35 28.38 -7.94
N LYS A 116 -4.75 28.18 -9.20
CA LYS A 116 -5.47 29.19 -9.94
C LYS A 116 -6.88 28.70 -10.30
N SER A 117 -6.97 27.42 -10.65
CA SER A 117 -8.25 26.83 -11.01
C SER A 117 -8.52 25.57 -10.20
N ASP A 118 -9.62 24.89 -10.50
CA ASP A 118 -9.99 23.66 -9.80
C ASP A 118 -9.33 22.45 -10.45
N LEU A 119 -9.05 22.55 -11.74
CA LEU A 119 -8.42 21.45 -12.47
C LEU A 119 -7.03 21.16 -11.94
N ASP A 120 -6.17 22.18 -11.92
CA ASP A 120 -4.81 22.03 -11.42
C ASP A 120 -4.81 21.56 -9.97
N SER A 121 -5.71 22.13 -9.18
CA SER A 121 -5.81 21.77 -7.77
C SER A 121 -6.11 20.28 -7.60
N ALA A 122 -7.09 19.79 -8.36
CA ALA A 122 -7.47 18.38 -8.30
C ALA A 122 -6.28 17.48 -8.61
N ALA A 123 -5.43 17.92 -9.54
CA ALA A 123 -4.26 17.15 -9.92
C ALA A 123 -3.16 17.24 -8.86
N ALA A 124 -2.86 18.47 -8.44
CA ALA A 124 -1.84 18.69 -7.43
C ALA A 124 -2.19 17.97 -6.12
N LEU A 125 -3.43 18.11 -5.70
CA LEU A 125 -3.90 17.47 -4.48
C LEU A 125 -3.75 15.96 -4.56
N ALA A 126 -4.22 15.37 -5.65
CA ALA A 126 -4.12 13.94 -5.85
C ALA A 126 -2.67 13.48 -5.84
N ALA A 127 -1.78 14.32 -6.31
CA ALA A 127 -0.35 14.00 -6.35
C ALA A 127 0.26 14.10 -4.97
N LEU A 128 -0.15 15.12 -4.20
CA LEU A 128 0.36 15.33 -2.86
C LEU A 128 0.00 14.15 -1.96
N ALA A 129 -1.26 13.73 -2.01
CA ALA A 129 -1.73 12.62 -1.20
C ALA A 129 -1.00 11.34 -1.56
N GLU A 130 -0.85 11.09 -2.85
CA GLU A 130 -0.17 9.89 -3.33
C GLU A 130 1.30 9.90 -2.90
N THR A 131 1.99 11.00 -3.15
CA THR A 131 3.39 11.13 -2.79
C THR A 131 3.58 10.98 -1.28
N ALA A 132 2.67 11.57 -0.52
CA ALA A 132 2.73 11.51 0.93
C ALA A 132 2.61 10.06 1.43
N ALA A 133 1.85 9.26 0.68
CA ALA A 133 1.65 7.86 1.04
C ALA A 133 2.95 7.07 0.91
N GLN A 134 3.60 7.20 -0.24
CA GLN A 134 4.85 6.50 -0.50
C GLN A 134 5.90 6.85 0.55
N LEU A 135 6.00 8.14 0.88
CA LEU A 135 6.95 8.61 1.87
C LEU A 135 6.62 8.05 3.26
N GLU A 136 5.34 8.07 3.59
CA GLU A 136 4.88 7.56 4.88
C GLU A 136 5.25 6.08 5.05
N THR A 137 5.11 5.33 3.95
CA THR A 137 5.42 3.91 3.97
C THR A 137 6.90 3.67 4.23
N ILE A 138 7.74 4.47 3.60
CA ILE A 138 9.19 4.35 3.76
C ILE A 138 9.62 4.78 5.16
N ARG A 139 9.33 6.03 5.51
CA ARG A 139 9.69 6.58 6.81
C ARG A 139 9.35 5.61 7.94
N LYS A 140 8.22 4.92 7.80
CA LYS A 140 7.78 3.96 8.80
C LYS A 140 8.67 2.72 8.83
N ILE A 141 9.00 2.21 7.65
CA ILE A 141 9.83 1.02 7.55
C ILE A 141 11.28 1.32 7.93
N LYS A 142 11.86 2.34 7.30
CA LYS A 142 13.23 2.70 7.56
C LYS A 142 13.45 3.05 9.03
N ASN A 143 12.42 3.60 9.66
CA ASN A 143 12.52 3.98 11.07
C ASN A 143 11.70 3.04 11.95
N ARG A 144 10.38 3.19 11.90
CA ARG A 144 9.48 2.36 12.69
C ARG A 144 9.60 2.67 14.18
N ALA A 145 9.87 3.93 14.49
CA ALA A 145 10.00 4.34 15.89
C ALA A 145 8.91 5.33 16.27
N GLN A 146 7.66 4.87 16.23
CA GLN A 146 6.52 5.71 16.57
C GLN A 146 6.03 5.40 17.99
N MET A 8 1.63 -17.74 16.68
CA MET A 8 0.42 -17.46 15.87
C MET A 8 0.38 -18.33 14.62
N ALA A 9 -0.80 -18.42 14.00
CA ALA A 9 -0.97 -19.23 12.79
C ALA A 9 -0.29 -18.58 11.60
N THR A 10 -0.20 -19.32 10.50
CA THR A 10 0.43 -18.80 9.28
C THR A 10 -0.49 -18.98 8.08
N MET A 11 -0.47 -18.01 7.17
CA MET A 11 -1.31 -18.06 5.98
C MET A 11 -0.49 -17.70 4.74
N GLN A 12 -0.86 -18.29 3.61
CA GLN A 12 -0.17 -18.03 2.35
C GLN A 12 -0.62 -16.70 1.74
N CYS A 13 0.33 -15.79 1.54
CA CYS A 13 0.04 -14.49 0.97
C CYS A 13 0.74 -14.31 -0.37
N ASP A 14 0.12 -13.58 -1.28
CA ASP A 14 0.69 -13.34 -2.60
C ASP A 14 0.31 -11.96 -3.11
N VAL A 15 1.29 -11.07 -3.21
CA VAL A 15 1.06 -9.71 -3.70
C VAL A 15 1.46 -9.59 -5.16
N VAL A 16 0.55 -9.10 -5.99
CA VAL A 16 0.81 -8.94 -7.41
C VAL A 16 0.27 -7.60 -7.93
N SER A 17 0.90 -7.10 -8.98
CA SER A 17 0.49 -5.84 -9.58
C SER A 17 0.57 -5.91 -11.11
N VAL A 18 0.04 -4.88 -11.77
CA VAL A 18 0.06 -4.84 -13.22
C VAL A 18 1.49 -4.91 -13.77
N LYS A 19 2.46 -4.59 -12.92
CA LYS A 19 3.86 -4.62 -13.34
C LYS A 19 4.46 -6.01 -13.15
N GLU A 20 4.00 -6.72 -12.11
CA GLU A 20 4.48 -8.06 -11.81
C GLU A 20 4.26 -8.41 -10.34
N SER A 21 4.58 -9.65 -9.99
CA SER A 21 4.43 -10.12 -8.63
C SER A 21 5.31 -9.31 -7.68
N ILE A 22 4.90 -9.21 -6.42
CA ILE A 22 5.64 -8.44 -5.43
C ILE A 22 6.17 -9.35 -4.32
N TYR A 23 5.29 -10.15 -3.75
CA TYR A 23 5.67 -11.05 -2.67
C TYR A 23 4.92 -12.38 -2.76
N SER A 24 5.39 -13.37 -2.02
CA SER A 24 4.76 -14.69 -2.01
C SER A 24 5.40 -15.59 -0.96
N GLY A 25 4.70 -15.77 0.16
CA GLY A 25 5.21 -16.61 1.24
C GLY A 25 4.24 -16.76 2.38
N ALA A 26 4.75 -17.11 3.55
CA ALA A 26 3.91 -17.29 4.73
C ALA A 26 3.78 -15.99 5.52
N VAL A 27 2.60 -15.75 6.08
CA VAL A 27 2.36 -14.54 6.85
C VAL A 27 1.37 -14.80 7.98
N THR A 28 1.64 -14.22 9.14
CA THR A 28 0.77 -14.38 10.30
C THR A 28 -0.56 -13.68 10.08
N MET A 29 -0.50 -12.54 9.39
CA MET A 29 -1.69 -11.75 9.08
C MET A 29 -1.32 -10.50 8.29
N LEU A 30 -2.20 -10.09 7.38
CA LEU A 30 -1.94 -8.91 6.57
C LEU A 30 -3.06 -7.88 6.73
N ILE A 31 -2.70 -6.61 6.57
CA ILE A 31 -3.65 -5.51 6.70
C ILE A 31 -3.64 -4.62 5.46
N ALA A 32 -4.70 -4.71 4.67
CA ALA A 32 -4.81 -3.90 3.45
C ALA A 32 -6.03 -3.01 3.50
N LYS A 33 -6.02 -1.95 2.68
CA LYS A 33 -7.14 -1.01 2.63
C LYS A 33 -8.11 -1.38 1.52
N GLY A 34 -9.36 -1.64 1.89
CA GLY A 34 -10.37 -2.00 0.91
C GLY A 34 -11.73 -1.44 1.26
N ALA A 35 -12.48 -1.03 0.24
CA ALA A 35 -13.81 -0.48 0.44
C ALA A 35 -13.78 0.77 1.32
N GLY A 36 -12.61 1.38 1.43
CA GLY A 36 -12.46 2.58 2.24
C GLY A 36 -11.99 2.27 3.65
N GLY A 37 -12.28 1.06 4.12
CA GLY A 37 -11.89 0.67 5.46
C GLY A 37 -10.74 -0.32 5.46
N GLU A 38 -10.16 -0.56 6.62
CA GLU A 38 -9.05 -1.50 6.75
C GLU A 38 -9.56 -2.91 7.00
N LEU A 39 -8.89 -3.89 6.41
CA LEU A 39 -9.29 -5.29 6.56
C LEU A 39 -8.09 -6.17 6.94
N GLY A 40 -8.20 -6.86 8.07
CA GLY A 40 -7.14 -7.72 8.53
C GLY A 40 -7.47 -9.19 8.35
N ILE A 41 -6.78 -9.84 7.41
CA ILE A 41 -7.02 -11.25 7.14
C ILE A 41 -6.04 -12.14 7.90
N LEU A 42 -6.57 -13.17 8.54
CA LEU A 42 -5.74 -14.10 9.32
C LEU A 42 -5.92 -15.53 8.80
N PRO A 43 -4.96 -16.42 9.12
CA PRO A 43 -5.02 -17.82 8.69
C PRO A 43 -6.36 -18.48 9.03
N GLY A 44 -7.16 -18.72 8.00
CA GLY A 44 -8.45 -19.35 8.20
C GLY A 44 -9.61 -18.40 7.90
N HIS A 45 -9.32 -17.29 7.23
CA HIS A 45 -10.35 -16.32 6.88
C HIS A 45 -11.20 -16.82 5.72
N ALA A 46 -12.51 -16.69 5.85
CA ALA A 46 -13.44 -17.14 4.81
C ALA A 46 -13.18 -16.38 3.51
N PRO A 47 -13.62 -16.95 2.37
CA PRO A 47 -13.43 -16.32 1.06
C PRO A 47 -14.12 -14.95 0.97
N LEU A 48 -13.32 -13.92 0.70
CA LEU A 48 -13.85 -12.56 0.59
C LEU A 48 -13.25 -11.83 -0.60
N VAL A 49 -14.11 -11.19 -1.39
CA VAL A 49 -13.65 -10.45 -2.56
C VAL A 49 -14.09 -8.99 -2.49
N THR A 50 -13.13 -8.12 -2.19
CA THR A 50 -13.41 -6.69 -2.07
C THR A 50 -12.42 -5.87 -2.89
N LEU A 51 -12.87 -4.74 -3.43
CA LEU A 51 -12.01 -3.87 -4.21
C LEU A 51 -10.94 -3.22 -3.33
N LEU A 52 -9.69 -3.30 -3.76
CA LEU A 52 -8.58 -2.73 -3.01
C LEU A 52 -8.37 -1.26 -3.38
N GLN A 53 -8.33 -0.40 -2.37
CA GLN A 53 -8.14 1.02 -2.59
C GLN A 53 -6.71 1.44 -2.25
N PRO A 54 -6.29 2.62 -2.73
CA PRO A 54 -4.93 3.13 -2.48
C PRO A 54 -4.58 3.14 -1.00
N GLY A 55 -3.54 2.39 -0.64
CA GLY A 55 -3.12 2.32 0.74
C GLY A 55 -1.97 1.35 0.95
N PRO A 56 -1.13 1.58 1.96
CA PRO A 56 0.01 0.71 2.25
C PRO A 56 -0.38 -0.53 3.06
N ILE A 57 -0.32 -1.69 2.41
CA ILE A 57 -0.66 -2.95 3.07
C ILE A 57 0.52 -3.48 3.87
N ARG A 58 0.23 -4.08 5.02
CA ARG A 58 1.27 -4.63 5.88
C ARG A 58 1.20 -6.14 5.93
N VAL A 59 2.33 -6.80 5.70
CA VAL A 59 2.39 -8.26 5.73
C VAL A 59 3.23 -8.75 6.89
N LEU A 60 2.58 -9.39 7.86
CA LEU A 60 3.26 -9.91 9.03
C LEU A 60 3.67 -11.37 8.82
N LEU A 61 4.89 -11.69 9.24
CA LEU A 61 5.42 -13.04 9.11
C LEU A 61 5.36 -13.75 10.45
N GLU A 62 5.68 -15.04 10.45
CA GLU A 62 5.66 -15.82 11.68
C GLU A 62 6.90 -15.57 12.53
N ASN A 63 7.83 -14.78 12.01
CA ASN A 63 9.05 -14.46 12.74
C ASN A 63 8.89 -13.15 13.50
N GLY A 64 7.64 -12.74 13.74
CA GLY A 64 7.40 -11.50 14.45
C GLY A 64 7.76 -10.29 13.62
N THR A 65 7.92 -10.49 12.32
CA THR A 65 8.29 -9.39 11.42
C THR A 65 7.11 -8.92 10.58
N GLU A 66 7.27 -7.74 9.97
CA GLU A 66 6.22 -7.16 9.14
C GLU A 66 6.83 -6.44 7.94
N GLU A 67 6.15 -6.50 6.80
CA GLU A 67 6.63 -5.84 5.59
C GLU A 67 5.58 -4.87 5.05
N ILE A 68 5.99 -3.63 4.84
CA ILE A 68 5.09 -2.60 4.33
C ILE A 68 5.16 -2.50 2.81
N VAL A 69 3.99 -2.46 2.17
CA VAL A 69 3.92 -2.37 0.72
C VAL A 69 2.83 -1.40 0.29
N TYR A 70 3.14 -0.52 -0.66
CA TYR A 70 2.18 0.46 -1.15
C TYR A 70 1.42 -0.07 -2.37
N VAL A 71 0.10 0.04 -2.33
CA VAL A 71 -0.75 -0.42 -3.42
C VAL A 71 -1.77 0.65 -3.80
N SER A 72 -1.75 1.06 -5.07
CA SER A 72 -2.67 2.08 -5.56
C SER A 72 -4.11 1.62 -5.44
N GLY A 73 -4.36 0.35 -5.70
CA GLY A 73 -5.70 -0.18 -5.62
C GLY A 73 -6.05 -1.03 -6.83
N GLY A 74 -6.81 -2.09 -6.59
CA GLY A 74 -7.22 -2.97 -7.67
C GLY A 74 -8.22 -4.01 -7.21
N VAL A 75 -7.76 -5.24 -7.03
CA VAL A 75 -8.63 -6.33 -6.58
C VAL A 75 -8.01 -7.11 -5.43
N LEU A 76 -8.83 -7.45 -4.45
CA LEU A 76 -8.37 -8.20 -3.28
C LEU A 76 -9.17 -9.48 -3.12
N GLU A 77 -8.54 -10.62 -3.42
CA GLU A 77 -9.19 -11.91 -3.30
C GLU A 77 -8.66 -12.69 -2.11
N VAL A 78 -9.52 -12.90 -1.11
CA VAL A 78 -9.12 -13.62 0.09
C VAL A 78 -9.54 -15.07 0.01
N GLN A 79 -8.61 -15.97 0.28
CA GLN A 79 -8.87 -17.40 0.25
C GLN A 79 -8.79 -18.00 1.65
N PRO A 80 -9.41 -19.17 1.86
CA PRO A 80 -9.41 -19.84 3.17
C PRO A 80 -8.01 -19.95 3.78
N HIS A 81 -7.06 -20.47 3.00
CA HIS A 81 -5.69 -20.61 3.46
C HIS A 81 -4.72 -19.79 2.61
N VAL A 82 -5.26 -18.97 1.72
CA VAL A 82 -4.45 -18.13 0.84
C VAL A 82 -4.98 -16.71 0.77
N VAL A 83 -4.10 -15.75 0.52
CA VAL A 83 -4.50 -14.35 0.43
C VAL A 83 -3.72 -13.63 -0.66
N THR A 84 -4.43 -13.11 -1.64
CA THR A 84 -3.80 -12.39 -2.75
C THR A 84 -4.34 -10.98 -2.87
N VAL A 85 -3.44 -10.02 -3.07
CA VAL A 85 -3.84 -8.63 -3.19
C VAL A 85 -3.31 -8.03 -4.50
N LEU A 86 -4.21 -7.82 -5.46
CA LEU A 86 -3.85 -7.27 -6.75
C LEU A 86 -3.92 -5.74 -6.72
N ALA A 87 -2.81 -5.09 -7.04
CA ALA A 87 -2.75 -3.63 -7.05
C ALA A 87 -2.20 -3.10 -8.37
N ASP A 88 -2.87 -2.10 -8.93
CA ASP A 88 -2.44 -1.49 -10.19
C ASP A 88 -0.95 -1.17 -10.15
N THR A 89 -0.45 -0.88 -8.96
CA THR A 89 0.96 -0.55 -8.78
C THR A 89 1.42 -0.90 -7.37
N ALA A 90 2.43 -1.74 -7.26
CA ALA A 90 2.96 -2.16 -5.96
C ALA A 90 4.42 -1.75 -5.81
N ILE A 91 4.71 -0.95 -4.80
CA ILE A 91 6.06 -0.49 -4.54
C ILE A 91 6.53 -0.92 -3.15
N ARG A 92 7.51 -1.82 -3.11
CA ARG A 92 8.05 -2.31 -1.84
C ARG A 92 8.56 -1.16 -0.98
N ALA A 93 8.33 -1.25 0.32
CA ALA A 93 8.77 -0.23 1.26
C ALA A 93 10.28 0.00 1.15
N ASP A 94 11.04 -1.09 1.04
CA ASP A 94 12.49 -1.01 0.94
C ASP A 94 12.91 -0.68 -0.50
N ASN A 95 11.98 -0.80 -1.44
CA ASN A 95 12.27 -0.52 -2.84
C ASN A 95 11.48 0.69 -3.33
N LEU A 96 11.04 1.53 -2.39
CA LEU A 96 10.27 2.72 -2.74
C LEU A 96 11.19 3.86 -3.16
N ASP A 97 11.04 4.30 -4.41
CA ASP A 97 11.85 5.38 -4.94
C ASP A 97 11.57 6.69 -4.22
N GLU A 98 12.23 6.90 -3.09
CA GLU A 98 12.04 8.11 -2.30
C GLU A 98 12.41 9.34 -3.11
N ALA A 99 13.48 9.23 -3.91
CA ALA A 99 13.93 10.34 -4.74
C ALA A 99 12.85 10.79 -5.70
N ALA A 100 12.20 9.83 -6.35
CA ALA A 100 11.14 10.13 -7.31
C ALA A 100 9.94 10.75 -6.61
N ILE A 101 9.50 10.12 -5.54
CA ILE A 101 8.35 10.61 -4.77
C ILE A 101 8.62 12.01 -4.22
N LEU A 102 9.83 12.21 -3.70
CA LEU A 102 10.21 13.50 -3.13
C LEU A 102 10.09 14.60 -4.17
N GLU A 103 10.46 14.28 -5.41
CA GLU A 103 10.40 15.25 -6.50
C GLU A 103 8.96 15.70 -6.75
N ALA A 104 8.06 14.73 -6.85
CA ALA A 104 6.65 15.03 -7.08
C ALA A 104 6.00 15.63 -5.84
N ARG A 105 6.48 15.21 -4.67
CA ARG A 105 5.96 15.70 -3.40
C ARG A 105 6.24 17.19 -3.24
N LYS A 106 7.45 17.59 -3.59
CA LYS A 106 7.85 19.00 -3.49
C LYS A 106 7.21 19.82 -4.60
N ASN A 107 6.93 19.15 -5.72
CA ASN A 107 6.31 19.82 -6.86
C ASN A 107 4.88 20.22 -6.54
N ALA A 108 4.15 19.34 -5.86
CA ALA A 108 2.77 19.61 -5.49
C ALA A 108 2.70 20.61 -4.33
N GLU A 109 3.70 20.57 -3.47
CA GLU A 109 3.76 21.47 -2.32
C GLU A 109 3.86 22.91 -2.78
N GLN A 110 4.90 23.22 -3.54
CA GLN A 110 5.11 24.57 -4.04
C GLN A 110 4.04 24.94 -5.06
N LEU A 111 3.45 23.93 -5.71
CA LEU A 111 2.41 24.15 -6.69
C LEU A 111 1.05 24.35 -6.03
N LEU A 112 0.90 23.77 -4.84
CA LEU A 112 -0.35 23.88 -4.09
C LEU A 112 -0.46 25.25 -3.42
N ALA A 113 0.65 25.71 -2.85
CA ALA A 113 0.67 27.00 -2.17
C ALA A 113 0.39 28.14 -3.13
N ASN A 114 0.72 27.94 -4.41
CA ASN A 114 0.50 28.96 -5.43
C ASN A 114 -0.74 28.66 -6.24
N GLN A 115 -1.73 28.02 -5.62
CA GLN A 115 -2.96 27.68 -6.29
C GLN A 115 -3.98 28.82 -6.21
N LYS A 116 -4.42 29.30 -7.36
CA LYS A 116 -5.38 30.38 -7.42
C LYS A 116 -6.76 29.87 -7.78
N SER A 117 -6.80 28.80 -8.57
CA SER A 117 -8.06 28.19 -9.00
C SER A 117 -8.21 26.80 -8.42
N ASP A 118 -9.38 26.19 -8.64
CA ASP A 118 -9.64 24.85 -8.14
C ASP A 118 -9.15 23.79 -9.11
N LEU A 119 -9.22 24.10 -10.41
CA LEU A 119 -8.78 23.16 -11.44
C LEU A 119 -7.30 22.82 -11.27
N ASP A 120 -6.44 23.84 -11.34
CA ASP A 120 -5.01 23.64 -11.19
C ASP A 120 -4.68 22.99 -9.85
N SER A 121 -5.39 23.43 -8.80
CA SER A 121 -5.18 22.89 -7.47
C SER A 121 -5.60 21.42 -7.40
N ALA A 122 -6.70 21.09 -8.07
CA ALA A 122 -7.20 19.73 -8.09
C ALA A 122 -6.14 18.77 -8.61
N ALA A 123 -5.44 19.17 -9.67
CA ALA A 123 -4.39 18.36 -10.25
C ALA A 123 -3.24 18.15 -9.26
N ALA A 124 -2.82 19.24 -8.64
CA ALA A 124 -1.73 19.19 -7.66
C ALA A 124 -2.17 18.42 -6.41
N LEU A 125 -3.45 18.51 -6.08
CA LEU A 125 -4.00 17.83 -4.91
C LEU A 125 -3.87 16.32 -5.07
N ALA A 126 -4.42 15.80 -6.16
CA ALA A 126 -4.37 14.37 -6.43
C ALA A 126 -2.92 13.87 -6.48
N ALA A 127 -2.04 14.71 -7.00
CA ALA A 127 -0.63 14.36 -7.11
C ALA A 127 0.03 14.35 -5.73
N LEU A 128 -0.48 15.17 -4.83
CA LEU A 128 0.06 15.27 -3.48
C LEU A 128 -0.39 14.07 -2.64
N ALA A 129 -1.64 13.68 -2.78
CA ALA A 129 -2.19 12.56 -2.04
C ALA A 129 -1.47 11.26 -2.40
N GLU A 130 -1.19 11.09 -3.69
CA GLU A 130 -0.51 9.89 -4.17
C GLU A 130 0.94 9.87 -3.72
N THR A 131 1.65 10.97 -3.97
CA THR A 131 3.05 11.07 -3.59
C THR A 131 3.20 11.00 -2.07
N ALA A 132 2.32 11.70 -1.36
CA ALA A 132 2.36 11.73 0.09
C ALA A 132 2.20 10.32 0.67
N ALA A 133 1.37 9.51 0.01
CA ALA A 133 1.13 8.14 0.46
C ALA A 133 2.40 7.31 0.36
N GLN A 134 3.06 7.38 -0.78
CA GLN A 134 4.29 6.63 -1.01
C GLN A 134 5.35 6.99 0.03
N LEU A 135 5.54 8.29 0.24
CA LEU A 135 6.52 8.78 1.20
C LEU A 135 6.16 8.29 2.62
N GLU A 136 4.87 8.33 2.94
CA GLU A 136 4.41 7.88 4.25
C GLU A 136 4.79 6.43 4.50
N THR A 137 4.71 5.62 3.46
CA THR A 137 5.05 4.20 3.56
C THR A 137 6.52 4.02 3.92
N ILE A 138 7.39 4.70 3.20
CA ILE A 138 8.82 4.61 3.45
C ILE A 138 9.17 5.11 4.85
N ARG A 139 8.76 6.34 5.14
CA ARG A 139 9.03 6.95 6.45
C ARG A 139 8.56 6.04 7.58
N LYS A 140 7.51 5.28 7.32
CA LYS A 140 6.96 4.37 8.32
C LYS A 140 7.86 3.15 8.50
N ILE A 141 8.51 2.72 7.42
CA ILE A 141 9.40 1.57 7.46
C ILE A 141 10.78 1.95 7.96
N LYS A 142 11.37 2.95 7.31
CA LYS A 142 12.70 3.40 7.69
C LYS A 142 12.73 3.87 9.15
N ASN A 143 11.61 4.42 9.59
CA ASN A 143 11.49 4.91 10.97
C ASN A 143 10.22 4.35 11.61
N ARG A 144 10.37 3.83 12.83
CA ARG A 144 9.24 3.26 13.56
C ARG A 144 9.43 3.39 15.06
N ALA A 145 10.64 3.10 15.53
CA ALA A 145 10.95 3.19 16.95
C ALA A 145 11.03 4.65 17.39
N GLN A 146 9.92 5.36 17.29
CA GLN A 146 9.87 6.76 17.66
C GLN A 146 9.98 6.92 19.18
N MET A 8 1.42 -18.95 15.55
CA MET A 8 0.18 -18.58 14.83
C MET A 8 0.10 -19.25 13.46
N ALA A 9 -1.12 -19.44 12.97
CA ALA A 9 -1.33 -20.09 11.68
C ALA A 9 -0.65 -19.29 10.56
N THR A 10 -0.62 -19.88 9.37
CA THR A 10 0.01 -19.24 8.21
C THR A 10 -0.89 -19.34 6.98
N MET A 11 -0.89 -18.29 6.18
CA MET A 11 -1.71 -18.25 4.97
C MET A 11 -0.88 -17.82 3.77
N GLN A 12 -1.04 -18.53 2.65
CA GLN A 12 -0.31 -18.21 1.43
C GLN A 12 -0.71 -16.84 0.89
N CYS A 13 0.12 -15.84 1.13
CA CYS A 13 -0.16 -14.49 0.66
C CYS A 13 0.72 -14.14 -0.54
N ASP A 14 0.15 -13.41 -1.48
CA ASP A 14 0.87 -13.00 -2.68
C ASP A 14 0.42 -11.63 -3.16
N VAL A 15 1.35 -10.68 -3.17
CA VAL A 15 1.05 -9.32 -3.60
C VAL A 15 1.50 -9.11 -5.05
N VAL A 16 0.59 -8.62 -5.88
CA VAL A 16 0.90 -8.38 -7.29
C VAL A 16 0.35 -7.04 -7.76
N SER A 17 0.99 -6.46 -8.76
CA SER A 17 0.56 -5.18 -9.31
C SER A 17 0.60 -5.20 -10.83
N VAL A 18 0.34 -4.06 -11.45
CA VAL A 18 0.33 -3.96 -12.90
C VAL A 18 1.75 -4.02 -13.47
N LYS A 19 2.75 -3.96 -12.59
CA LYS A 19 4.14 -4.02 -13.02
C LYS A 19 4.73 -5.41 -12.85
N GLU A 20 4.28 -6.12 -11.81
CA GLU A 20 4.75 -7.47 -11.53
C GLU A 20 4.49 -7.83 -10.06
N SER A 21 4.75 -9.09 -9.73
CA SER A 21 4.57 -9.57 -8.36
C SER A 21 5.57 -8.93 -7.41
N ILE A 22 5.18 -8.81 -6.14
CA ILE A 22 6.04 -8.21 -5.13
C ILE A 22 6.34 -9.19 -4.01
N TYR A 23 5.30 -9.90 -3.57
CA TYR A 23 5.45 -10.88 -2.48
C TYR A 23 4.72 -12.17 -2.82
N SER A 24 5.12 -13.26 -2.15
CA SER A 24 4.51 -14.56 -2.38
C SER A 24 5.07 -15.59 -1.41
N GLY A 25 4.28 -15.94 -0.39
CA GLY A 25 4.71 -16.92 0.59
C GLY A 25 3.73 -17.06 1.74
N ALA A 26 4.24 -17.43 2.91
CA ALA A 26 3.40 -17.61 4.09
C ALA A 26 3.40 -16.35 4.95
N VAL A 27 2.27 -16.09 5.60
CA VAL A 27 2.13 -14.91 6.46
C VAL A 27 1.21 -15.20 7.64
N THR A 28 1.56 -14.66 8.80
CA THR A 28 0.76 -14.86 10.00
C THR A 28 -0.47 -13.96 10.00
N MET A 29 -0.28 -12.72 9.56
CA MET A 29 -1.37 -11.76 9.50
C MET A 29 -1.11 -10.70 8.43
N LEU A 30 -2.18 -10.10 7.92
CA LEU A 30 -2.07 -9.07 6.88
C LEU A 30 -3.03 -7.92 7.15
N ILE A 31 -2.58 -6.71 6.87
CA ILE A 31 -3.41 -5.52 7.06
C ILE A 31 -3.43 -4.66 5.81
N ALA A 32 -4.55 -4.66 5.11
CA ALA A 32 -4.71 -3.87 3.90
C ALA A 32 -5.90 -2.94 4.00
N LYS A 33 -5.84 -1.82 3.29
CA LYS A 33 -6.93 -0.84 3.28
C LYS A 33 -7.93 -1.15 2.17
N GLY A 34 -9.19 -1.31 2.56
CA GLY A 34 -10.23 -1.61 1.58
C GLY A 34 -11.55 -0.97 1.94
N ALA A 35 -12.26 -0.48 0.93
CA ALA A 35 -13.56 0.16 1.13
C ALA A 35 -13.45 1.36 2.08
N GLY A 36 -12.24 1.89 2.21
CA GLY A 36 -12.04 3.03 3.09
C GLY A 36 -11.60 2.63 4.49
N GLY A 37 -11.97 1.41 4.90
CA GLY A 37 -11.60 0.93 6.22
C GLY A 37 -10.52 -0.12 6.17
N GLU A 38 -9.75 -0.20 7.25
CA GLU A 38 -8.66 -1.18 7.34
C GLU A 38 -9.20 -2.58 7.61
N LEU A 39 -8.78 -3.55 6.82
CA LEU A 39 -9.23 -4.92 6.99
C LEU A 39 -8.06 -5.85 7.26
N GLY A 40 -8.01 -6.39 8.47
CA GLY A 40 -6.93 -7.30 8.83
C GLY A 40 -7.23 -8.73 8.43
N ILE A 41 -6.51 -9.22 7.43
CA ILE A 41 -6.70 -10.58 6.95
C ILE A 41 -5.82 -11.56 7.72
N LEU A 42 -6.45 -12.55 8.35
CA LEU A 42 -5.73 -13.56 9.11
C LEU A 42 -6.03 -14.95 8.59
N PRO A 43 -5.02 -15.85 8.55
CA PRO A 43 -5.20 -17.22 8.06
C PRO A 43 -6.39 -17.92 8.71
N GLY A 44 -7.27 -18.47 7.87
CA GLY A 44 -8.43 -19.16 8.38
C GLY A 44 -9.73 -18.44 8.04
N HIS A 45 -9.63 -17.16 7.71
CA HIS A 45 -10.80 -16.37 7.36
C HIS A 45 -11.55 -16.98 6.18
N ALA A 46 -12.79 -16.52 5.97
CA ALA A 46 -13.60 -17.03 4.87
C ALA A 46 -13.40 -16.21 3.60
N PRO A 47 -13.87 -16.72 2.46
CA PRO A 47 -13.73 -16.03 1.17
C PRO A 47 -14.30 -14.62 1.21
N LEU A 48 -13.44 -13.64 0.91
CA LEU A 48 -13.85 -12.24 0.91
C LEU A 48 -13.30 -11.51 -0.31
N VAL A 49 -14.08 -10.56 -0.83
CA VAL A 49 -13.66 -9.78 -1.98
C VAL A 49 -14.02 -8.31 -1.81
N THR A 50 -13.02 -7.49 -1.53
CA THR A 50 -13.22 -6.06 -1.34
C THR A 50 -12.23 -5.25 -2.16
N LEU A 51 -12.66 -4.07 -2.62
CA LEU A 51 -11.80 -3.21 -3.41
C LEU A 51 -10.68 -2.65 -2.56
N LEU A 52 -9.45 -2.72 -3.06
CA LEU A 52 -8.29 -2.23 -2.33
C LEU A 52 -8.06 -0.75 -2.65
N GLN A 53 -8.07 0.08 -1.61
CA GLN A 53 -7.87 1.51 -1.77
C GLN A 53 -6.41 1.88 -1.47
N PRO A 54 -5.98 3.08 -1.92
CA PRO A 54 -4.61 3.55 -1.70
C PRO A 54 -4.21 3.50 -0.24
N GLY A 55 -3.16 2.74 0.07
CA GLY A 55 -2.70 2.61 1.43
C GLY A 55 -1.59 1.59 1.58
N PRO A 56 -0.78 1.68 2.65
CA PRO A 56 0.32 0.75 2.90
C PRO A 56 -0.15 -0.57 3.50
N ILE A 57 -0.01 -1.64 2.74
CA ILE A 57 -0.40 -2.98 3.20
C ILE A 57 0.67 -3.59 4.10
N ARG A 58 0.23 -4.33 5.11
CA ARG A 58 1.15 -4.97 6.04
C ARG A 58 1.13 -6.49 5.89
N VAL A 59 2.31 -7.09 5.81
CA VAL A 59 2.41 -8.54 5.67
C VAL A 59 3.29 -9.14 6.75
N LEU A 60 2.68 -9.89 7.65
CA LEU A 60 3.41 -10.53 8.75
C LEU A 60 3.76 -11.96 8.40
N LEU A 61 4.99 -12.35 8.70
CA LEU A 61 5.46 -13.71 8.44
C LEU A 61 5.42 -14.55 9.71
N GLU A 62 5.67 -15.84 9.57
CA GLU A 62 5.66 -16.73 10.73
C GLU A 62 6.93 -16.63 11.55
N ASN A 63 7.89 -15.83 11.05
CA ASN A 63 9.14 -15.65 11.76
C ASN A 63 9.10 -14.39 12.61
N GLY A 64 7.89 -13.94 12.95
CA GLY A 64 7.76 -12.74 13.75
C GLY A 64 8.14 -11.49 12.99
N THR A 65 8.22 -11.61 11.66
CA THR A 65 8.61 -10.48 10.83
C THR A 65 7.40 -9.83 10.17
N GLU A 66 7.59 -8.60 9.67
CA GLU A 66 6.53 -7.87 9.01
C GLU A 66 7.09 -7.05 7.84
N GLU A 67 6.32 -6.96 6.76
CA GLU A 67 6.73 -6.20 5.58
C GLU A 67 5.74 -5.11 5.25
N ILE A 68 6.25 -3.94 4.87
CA ILE A 68 5.39 -2.81 4.51
C ILE A 68 5.50 -2.48 3.03
N VAL A 69 4.35 -2.49 2.35
CA VAL A 69 4.31 -2.19 0.92
C VAL A 69 3.20 -1.20 0.60
N TYR A 70 3.53 -0.18 -0.20
CA TYR A 70 2.55 0.83 -0.57
C TYR A 70 1.79 0.41 -1.83
N VAL A 71 0.47 0.58 -1.80
CA VAL A 71 -0.37 0.24 -2.94
C VAL A 71 -1.36 1.34 -3.25
N SER A 72 -1.56 1.62 -4.53
CA SER A 72 -2.49 2.67 -4.95
C SER A 72 -3.93 2.22 -4.79
N GLY A 73 -4.20 0.96 -5.12
CA GLY A 73 -5.54 0.43 -5.02
C GLY A 73 -5.92 -0.42 -6.20
N GLY A 74 -6.65 -1.50 -5.94
CA GLY A 74 -7.07 -2.39 -7.00
C GLY A 74 -8.10 -3.40 -6.55
N VAL A 75 -7.68 -4.65 -6.40
CA VAL A 75 -8.59 -5.71 -5.97
C VAL A 75 -7.97 -6.55 -4.86
N LEU A 76 -8.79 -6.94 -3.89
CA LEU A 76 -8.32 -7.76 -2.77
C LEU A 76 -9.17 -9.02 -2.64
N GLU A 77 -8.56 -10.18 -2.87
CA GLU A 77 -9.26 -11.44 -2.78
C GLU A 77 -8.71 -12.29 -1.64
N VAL A 78 -9.53 -12.52 -0.62
CA VAL A 78 -9.11 -13.31 0.53
C VAL A 78 -9.63 -14.73 0.43
N GLN A 79 -8.74 -15.66 0.08
CA GLN A 79 -9.11 -17.06 -0.07
C GLN A 79 -8.94 -17.79 1.27
N PRO A 80 -9.62 -18.93 1.44
CA PRO A 80 -9.55 -19.72 2.68
C PRO A 80 -8.12 -19.97 3.14
N HIS A 81 -7.26 -20.42 2.22
CA HIS A 81 -5.87 -20.70 2.56
C HIS A 81 -4.90 -19.81 1.78
N VAL A 82 -5.44 -18.94 0.93
CA VAL A 82 -4.60 -18.04 0.14
C VAL A 82 -5.14 -16.62 0.14
N VAL A 83 -4.25 -15.64 -0.03
CA VAL A 83 -4.65 -14.24 -0.05
C VAL A 83 -3.83 -13.44 -1.04
N THR A 84 -4.50 -12.94 -2.08
CA THR A 84 -3.83 -12.16 -3.11
C THR A 84 -4.37 -10.74 -3.15
N VAL A 85 -3.47 -9.76 -3.18
CA VAL A 85 -3.86 -8.36 -3.22
C VAL A 85 -3.33 -7.68 -4.48
N LEU A 86 -4.23 -7.40 -5.42
CA LEU A 86 -3.85 -6.74 -6.67
C LEU A 86 -3.88 -5.23 -6.51
N ALA A 87 -2.74 -4.59 -6.80
CA ALA A 87 -2.63 -3.14 -6.68
C ALA A 87 -2.10 -2.53 -7.98
N ASP A 88 -2.81 -1.52 -8.47
CA ASP A 88 -2.42 -0.84 -9.71
C ASP A 88 -0.94 -0.49 -9.69
N THR A 89 -0.40 -0.26 -8.49
CA THR A 89 1.00 0.07 -8.32
C THR A 89 1.48 -0.29 -6.91
N ALA A 90 2.48 -1.16 -6.85
CA ALA A 90 3.02 -1.59 -5.56
C ALA A 90 4.51 -1.30 -5.47
N ILE A 91 4.94 -0.76 -4.33
CA ILE A 91 6.34 -0.44 -4.12
C ILE A 91 6.82 -0.91 -2.74
N ARG A 92 7.84 -1.76 -2.74
CA ARG A 92 8.37 -2.29 -1.48
C ARG A 92 8.90 -1.16 -0.59
N ALA A 93 8.69 -1.29 0.71
CA ALA A 93 9.13 -0.28 1.67
C ALA A 93 10.63 0.00 1.52
N ASP A 94 11.42 -1.07 1.54
CA ASP A 94 12.87 -0.94 1.41
C ASP A 94 13.28 -0.60 -0.02
N ASN A 95 12.34 -0.79 -0.96
CA ASN A 95 12.61 -0.51 -2.36
C ASN A 95 11.87 0.74 -2.83
N LEU A 96 11.50 1.61 -1.88
CA LEU A 96 10.80 2.84 -2.20
C LEU A 96 11.77 3.99 -2.37
N ASP A 97 11.79 4.57 -3.58
CA ASP A 97 12.68 5.68 -3.88
C ASP A 97 12.12 6.99 -3.33
N GLU A 98 12.60 7.37 -2.15
CA GLU A 98 12.14 8.61 -1.51
C GLU A 98 12.56 9.83 -2.33
N ALA A 99 13.69 9.72 -3.03
CA ALA A 99 14.19 10.81 -3.85
C ALA A 99 13.22 11.14 -4.98
N ALA A 100 12.79 10.11 -5.70
CA ALA A 100 11.86 10.29 -6.81
C ALA A 100 10.53 10.85 -6.32
N ILE A 101 10.08 10.38 -5.17
CA ILE A 101 8.82 10.84 -4.59
C ILE A 101 8.92 12.29 -4.15
N LEU A 102 10.05 12.64 -3.54
CA LEU A 102 10.27 14.01 -3.07
C LEU A 102 10.15 15.00 -4.22
N GLU A 103 10.67 14.62 -5.38
CA GLU A 103 10.61 15.48 -6.56
C GLU A 103 9.17 15.71 -7.00
N ALA A 104 8.43 14.62 -7.16
CA ALA A 104 7.03 14.69 -7.58
C ALA A 104 6.22 15.52 -6.60
N ARG A 105 6.50 15.36 -5.31
CA ARG A 105 5.80 16.09 -4.27
C ARG A 105 6.16 17.57 -4.30
N LYS A 106 7.33 17.88 -4.83
CA LYS A 106 7.79 19.26 -4.93
C LYS A 106 7.03 19.98 -6.03
N ASN A 107 6.69 19.23 -7.07
CA ASN A 107 5.95 19.79 -8.20
C ASN A 107 4.49 20.01 -7.81
N ALA A 108 3.97 19.14 -6.96
CA ALA A 108 2.59 19.24 -6.50
C ALA A 108 2.44 20.33 -5.44
N GLU A 109 3.19 20.19 -4.35
CA GLU A 109 3.14 21.16 -3.26
C GLU A 109 3.39 22.57 -3.78
N GLN A 110 4.29 22.70 -4.74
CA GLN A 110 4.62 24.00 -5.32
C GLN A 110 3.56 24.44 -6.32
N LEU A 111 2.91 23.47 -6.96
CA LEU A 111 1.87 23.75 -7.93
C LEU A 111 0.55 24.11 -7.25
N LEU A 112 0.38 23.62 -6.02
CA LEU A 112 -0.83 23.88 -5.25
C LEU A 112 -0.97 25.37 -4.94
N ALA A 113 0.15 26.01 -4.61
CA ALA A 113 0.14 27.42 -4.29
C ALA A 113 -0.20 28.28 -5.52
N ASN A 114 0.02 27.71 -6.71
CA ASN A 114 -0.26 28.42 -7.94
C ASN A 114 -1.59 27.98 -8.55
N GLN A 115 -2.49 27.49 -7.70
CA GLN A 115 -3.80 27.03 -8.15
C GLN A 115 -4.80 28.18 -8.17
N LYS A 116 -5.22 28.58 -9.36
CA LYS A 116 -6.18 29.67 -9.52
C LYS A 116 -7.60 29.16 -9.31
N SER A 117 -7.84 27.92 -9.69
CA SER A 117 -9.16 27.30 -9.55
C SER A 117 -9.08 26.03 -8.72
N ASP A 118 -10.22 25.35 -8.58
CA ASP A 118 -10.27 24.11 -7.80
C ASP A 118 -9.90 22.91 -8.66
N LEU A 119 -10.25 22.98 -9.94
CA LEU A 119 -9.95 21.89 -10.87
C LEU A 119 -8.45 21.60 -10.90
N ASP A 120 -7.67 22.61 -11.28
CA ASP A 120 -6.22 22.47 -11.35
C ASP A 120 -5.65 22.09 -9.98
N SER A 121 -6.33 22.54 -8.93
CA SER A 121 -5.90 22.25 -7.56
C SER A 121 -6.09 20.76 -7.24
N ALA A 122 -7.26 20.25 -7.58
CA ALA A 122 -7.57 18.83 -7.34
C ALA A 122 -6.53 17.93 -7.99
N ALA A 123 -6.09 18.32 -9.18
CA ALA A 123 -5.09 17.54 -9.90
C ALA A 123 -3.77 17.49 -9.14
N ALA A 124 -3.29 18.66 -8.74
CA ALA A 124 -2.04 18.75 -7.99
C ALA A 124 -2.17 18.09 -6.62
N LEU A 125 -3.36 18.19 -6.04
CA LEU A 125 -3.64 17.59 -4.74
C LEU A 125 -3.43 16.09 -4.78
N ALA A 126 -4.06 15.44 -5.76
CA ALA A 126 -3.95 14.00 -5.92
C ALA A 126 -2.50 13.58 -6.09
N ALA A 127 -1.76 14.34 -6.88
CA ALA A 127 -0.36 14.05 -7.14
C ALA A 127 0.45 14.13 -5.85
N LEU A 128 0.13 15.11 -5.01
CA LEU A 128 0.82 15.30 -3.74
C LEU A 128 0.41 14.23 -2.73
N ALA A 129 -0.87 13.89 -2.72
CA ALA A 129 -1.38 12.87 -1.81
C ALA A 129 -0.69 11.54 -2.02
N GLU A 130 -0.41 11.21 -3.28
CA GLU A 130 0.26 9.96 -3.62
C GLU A 130 1.72 10.00 -3.20
N THR A 131 2.38 11.13 -3.47
CA THR A 131 3.77 11.30 -3.12
C THR A 131 3.96 11.26 -1.61
N ALA A 132 3.07 11.93 -0.88
CA ALA A 132 3.14 11.96 0.57
C ALA A 132 2.91 10.57 1.16
N ALA A 133 2.09 9.78 0.49
CA ALA A 133 1.79 8.42 0.94
C ALA A 133 3.04 7.56 0.96
N GLN A 134 3.74 7.50 -0.18
CA GLN A 134 4.96 6.72 -0.28
C GLN A 134 5.98 7.15 0.76
N LEU A 135 6.07 8.45 0.98
CA LEU A 135 7.02 8.99 1.95
C LEU A 135 6.64 8.56 3.37
N GLU A 136 5.34 8.44 3.61
CA GLU A 136 4.85 8.03 4.92
C GLU A 136 5.15 6.55 5.17
N THR A 137 4.93 5.72 4.16
CA THR A 137 5.17 4.29 4.27
C THR A 137 6.64 4.02 4.59
N ILE A 138 7.54 4.65 3.85
CA ILE A 138 8.97 4.47 4.06
C ILE A 138 9.38 4.92 5.45
N ARG A 139 9.05 6.17 5.79
CA ARG A 139 9.38 6.73 7.09
C ARG A 139 8.95 5.79 8.22
N LYS A 140 7.85 5.08 8.01
CA LYS A 140 7.34 4.16 9.01
C LYS A 140 8.21 2.91 9.11
N ILE A 141 8.73 2.46 7.97
CA ILE A 141 9.58 1.27 7.93
C ILE A 141 11.01 1.59 8.39
N LYS A 142 11.60 2.61 7.78
CA LYS A 142 12.96 2.99 8.11
C LYS A 142 13.07 3.38 9.57
N ASN A 143 12.01 3.95 10.13
CA ASN A 143 11.99 4.35 11.53
C ASN A 143 11.36 3.28 12.39
N ARG A 144 10.12 2.92 12.07
CA ARG A 144 9.40 1.90 12.82
C ARG A 144 9.14 2.36 14.25
N ALA A 145 8.98 3.66 14.44
CA ALA A 145 8.72 4.22 15.75
C ALA A 145 7.29 4.71 15.86
N GLN A 146 6.35 3.78 15.70
CA GLN A 146 4.93 4.11 15.78
C GLN A 146 4.40 3.94 17.21
N MET A 8 1.22 -18.18 15.74
CA MET A 8 -0.13 -17.99 15.11
C MET A 8 -0.22 -18.71 13.77
N ALA A 9 -1.45 -18.89 13.29
CA ALA A 9 -1.67 -19.57 12.02
C ALA A 9 -1.01 -18.81 10.88
N THR A 10 -0.91 -19.46 9.72
CA THR A 10 -0.30 -18.84 8.55
C THR A 10 -0.93 -19.36 7.26
N MET A 11 -1.10 -18.47 6.28
CA MET A 11 -1.69 -18.84 5.00
C MET A 11 -0.78 -18.43 3.85
N GLN A 12 -1.03 -19.00 2.67
CA GLN A 12 -0.23 -18.70 1.49
C GLN A 12 -0.72 -17.43 0.82
N CYS A 13 0.01 -16.33 1.04
CA CYS A 13 -0.35 -15.04 0.45
C CYS A 13 0.34 -14.83 -0.88
N ASP A 14 -0.26 -14.00 -1.73
CA ASP A 14 0.31 -13.71 -3.04
C ASP A 14 0.03 -12.26 -3.45
N VAL A 15 1.07 -11.45 -3.51
CA VAL A 15 0.94 -10.05 -3.89
C VAL A 15 1.37 -9.83 -5.33
N VAL A 16 0.47 -9.30 -6.15
CA VAL A 16 0.75 -9.05 -7.55
C VAL A 16 0.25 -7.69 -7.99
N SER A 17 0.90 -7.10 -9.00
CA SER A 17 0.52 -5.80 -9.50
C SER A 17 0.63 -5.76 -11.02
N VAL A 18 0.12 -4.70 -11.63
CA VAL A 18 0.17 -4.55 -13.08
C VAL A 18 1.61 -4.57 -13.58
N LYS A 19 2.56 -4.29 -12.69
CA LYS A 19 3.97 -4.28 -13.05
C LYS A 19 4.58 -5.69 -12.96
N GLU A 20 4.10 -6.47 -11.99
CA GLU A 20 4.58 -7.83 -11.78
C GLU A 20 4.32 -8.30 -10.35
N SER A 21 4.62 -9.56 -10.09
CA SER A 21 4.43 -10.13 -8.76
C SER A 21 5.31 -9.41 -7.74
N ILE A 22 4.85 -9.39 -6.49
CA ILE A 22 5.60 -8.73 -5.42
C ILE A 22 6.08 -9.73 -4.38
N TYR A 23 5.16 -10.56 -3.90
CA TYR A 23 5.49 -11.56 -2.89
C TYR A 23 4.63 -12.81 -3.06
N SER A 24 5.07 -13.91 -2.46
CA SER A 24 4.34 -15.17 -2.54
C SER A 24 4.90 -16.19 -1.56
N GLY A 25 4.17 -16.39 -0.46
CA GLY A 25 4.61 -17.34 0.55
C GLY A 25 3.65 -17.45 1.71
N ALA A 26 4.14 -17.91 2.85
CA ALA A 26 3.30 -18.06 4.04
C ALA A 26 3.39 -16.82 4.93
N VAL A 27 2.25 -16.38 5.42
CA VAL A 27 2.19 -15.20 6.28
C VAL A 27 1.21 -15.41 7.44
N THR A 28 1.58 -14.90 8.60
CA THR A 28 0.74 -15.03 9.80
C THR A 28 -0.49 -14.13 9.70
N MET A 29 -0.36 -13.03 8.97
CA MET A 29 -1.47 -12.10 8.80
C MET A 29 -1.02 -10.86 8.03
N LEU A 30 -1.96 -10.22 7.34
CA LEU A 30 -1.66 -9.02 6.57
C LEU A 30 -2.81 -8.01 6.65
N ILE A 31 -2.46 -6.73 6.72
CA ILE A 31 -3.45 -5.67 6.80
C ILE A 31 -3.46 -4.82 5.54
N ALA A 32 -4.61 -4.74 4.88
CA ALA A 32 -4.75 -3.96 3.67
C ALA A 32 -5.88 -2.94 3.77
N LYS A 33 -5.84 -1.92 2.93
CA LYS A 33 -6.87 -0.88 2.93
C LYS A 33 -7.87 -1.12 1.80
N GLY A 34 -9.15 -1.19 2.15
CA GLY A 34 -10.18 -1.42 1.15
C GLY A 34 -11.48 -0.71 1.51
N ALA A 35 -12.21 -0.28 0.49
CA ALA A 35 -13.49 0.40 0.69
C ALA A 35 -13.31 1.63 1.57
N GLY A 36 -12.10 2.16 1.64
CA GLY A 36 -11.83 3.33 2.44
C GLY A 36 -11.35 2.98 3.84
N GLY A 37 -11.72 1.80 4.31
CA GLY A 37 -11.31 1.37 5.64
C GLY A 37 -10.25 0.28 5.61
N GLU A 38 -9.54 0.12 6.72
CA GLU A 38 -8.48 -0.89 6.81
C GLU A 38 -9.07 -2.23 7.20
N LEU A 39 -8.88 -3.23 6.35
CA LEU A 39 -9.39 -4.57 6.61
C LEU A 39 -8.27 -5.54 6.95
N GLY A 40 -8.25 -6.01 8.21
CA GLY A 40 -7.22 -6.95 8.63
C GLY A 40 -7.50 -8.34 8.14
N ILE A 41 -6.43 -9.08 7.84
CA ILE A 41 -6.56 -10.45 7.34
C ILE A 41 -5.81 -11.44 8.24
N LEU A 42 -6.57 -12.30 8.92
CA LEU A 42 -5.99 -13.30 9.80
C LEU A 42 -6.33 -14.71 9.33
N PRO A 43 -5.39 -15.66 9.44
CA PRO A 43 -5.61 -17.05 9.02
C PRO A 43 -6.91 -17.62 9.56
N GLY A 44 -7.59 -18.41 8.73
CA GLY A 44 -8.85 -19.00 9.15
C GLY A 44 -10.05 -18.20 8.71
N HIS A 45 -9.81 -16.96 8.29
CA HIS A 45 -10.88 -16.07 7.84
C HIS A 45 -11.70 -16.71 6.72
N ALA A 46 -12.89 -16.18 6.49
CA ALA A 46 -13.77 -16.70 5.44
C ALA A 46 -13.54 -15.96 4.13
N PRO A 47 -14.01 -16.52 3.01
CA PRO A 47 -13.86 -15.91 1.68
C PRO A 47 -14.38 -14.49 1.64
N LEU A 48 -13.50 -13.54 1.34
CA LEU A 48 -13.87 -12.14 1.27
C LEU A 48 -13.26 -11.47 0.04
N VAL A 49 -14.04 -10.62 -0.62
CA VAL A 49 -13.56 -9.91 -1.82
C VAL A 49 -13.95 -8.44 -1.76
N THR A 50 -12.98 -7.59 -1.49
CA THR A 50 -13.20 -6.15 -1.42
C THR A 50 -12.18 -5.39 -2.25
N LEU A 51 -12.59 -4.26 -2.80
CA LEU A 51 -11.71 -3.44 -3.62
C LEU A 51 -10.61 -2.83 -2.75
N LEU A 52 -9.36 -2.93 -3.22
CA LEU A 52 -8.22 -2.39 -2.49
C LEU A 52 -7.96 -0.95 -2.88
N GLN A 53 -7.93 -0.07 -1.89
CA GLN A 53 -7.69 1.35 -2.12
C GLN A 53 -6.23 1.70 -1.86
N PRO A 54 -5.77 2.86 -2.37
CA PRO A 54 -4.39 3.30 -2.19
C PRO A 54 -3.94 3.25 -0.73
N GLY A 55 -2.93 2.44 -0.46
CA GLY A 55 -2.42 2.31 0.90
C GLY A 55 -1.40 1.20 1.03
N PRO A 56 -0.50 1.29 2.03
CA PRO A 56 0.54 0.29 2.24
C PRO A 56 0.05 -0.93 3.01
N ILE A 57 -0.01 -2.07 2.34
CA ILE A 57 -0.47 -3.30 2.98
C ILE A 57 0.64 -3.92 3.82
N ARG A 58 0.28 -4.42 5.00
CA ARG A 58 1.23 -5.04 5.90
C ARG A 58 1.21 -6.55 5.75
N VAL A 59 2.39 -7.16 5.84
CA VAL A 59 2.52 -8.61 5.70
C VAL A 59 3.39 -9.19 6.81
N LEU A 60 2.81 -10.05 7.63
CA LEU A 60 3.54 -10.67 8.73
C LEU A 60 3.80 -12.15 8.45
N LEU A 61 4.98 -12.61 8.84
CA LEU A 61 5.37 -14.00 8.65
C LEU A 61 5.30 -14.76 9.96
N GLU A 62 5.52 -16.06 9.91
CA GLU A 62 5.48 -16.89 11.11
C GLU A 62 6.75 -16.76 11.93
N ASN A 63 7.80 -16.22 11.32
CA ASN A 63 9.07 -16.03 12.01
C ASN A 63 9.15 -14.64 12.63
N GLY A 64 7.99 -14.02 12.88
CA GLY A 64 7.97 -12.70 13.46
C GLY A 64 8.43 -11.65 12.46
N THR A 65 8.44 -12.00 11.19
CA THR A 65 8.88 -11.09 10.14
C THR A 65 7.73 -10.21 9.66
N GLU A 66 8.07 -9.04 9.12
CA GLU A 66 7.07 -8.10 8.62
C GLU A 66 7.58 -7.39 7.37
N GLU A 67 6.69 -7.19 6.42
CA GLU A 67 7.04 -6.51 5.18
C GLU A 67 6.00 -5.45 4.82
N ILE A 68 6.45 -4.34 4.25
CA ILE A 68 5.56 -3.25 3.87
C ILE A 68 5.59 -3.01 2.36
N VAL A 69 4.41 -2.93 1.76
CA VAL A 69 4.30 -2.70 0.31
C VAL A 69 3.24 -1.66 0.00
N TYR A 70 3.61 -0.64 -0.76
CA TYR A 70 2.69 0.43 -1.13
C TYR A 70 1.91 0.07 -2.39
N VAL A 71 0.59 0.15 -2.32
CA VAL A 71 -0.26 -0.17 -3.45
C VAL A 71 -1.24 0.97 -3.74
N SER A 72 -1.39 1.30 -5.02
CA SER A 72 -2.29 2.39 -5.42
C SER A 72 -3.75 1.99 -5.23
N GLY A 73 -4.05 0.72 -5.46
CA GLY A 73 -5.41 0.25 -5.31
C GLY A 73 -5.80 -0.73 -6.40
N GLY A 74 -6.56 -1.75 -6.03
CA GLY A 74 -7.00 -2.75 -6.99
C GLY A 74 -8.08 -3.65 -6.44
N VAL A 75 -7.76 -4.93 -6.29
CA VAL A 75 -8.72 -5.90 -5.77
C VAL A 75 -8.10 -6.78 -4.69
N LEU A 76 -8.84 -6.99 -3.61
CA LEU A 76 -8.38 -7.82 -2.50
C LEU A 76 -9.20 -9.10 -2.40
N GLU A 77 -8.52 -10.23 -2.46
CA GLU A 77 -9.19 -11.53 -2.38
C GLU A 77 -8.64 -12.37 -1.23
N VAL A 78 -9.49 -12.63 -0.25
CA VAL A 78 -9.09 -13.43 0.91
C VAL A 78 -9.71 -14.82 0.85
N GLN A 79 -8.90 -15.80 0.48
CA GLN A 79 -9.36 -17.19 0.38
C GLN A 79 -9.19 -17.91 1.72
N PRO A 80 -9.93 -19.01 1.92
CA PRO A 80 -9.86 -19.80 3.15
C PRO A 80 -8.43 -19.97 3.68
N HIS A 81 -7.56 -20.55 2.86
CA HIS A 81 -6.18 -20.77 3.24
C HIS A 81 -5.21 -20.02 2.33
N VAL A 82 -5.74 -19.18 1.44
CA VAL A 82 -4.92 -18.41 0.52
C VAL A 82 -5.40 -16.96 0.46
N VAL A 83 -4.48 -16.05 0.16
CA VAL A 83 -4.81 -14.64 0.07
C VAL A 83 -4.04 -13.95 -1.05
N THR A 84 -4.75 -13.22 -1.90
CA THR A 84 -4.14 -12.51 -3.02
C THR A 84 -4.56 -11.05 -3.03
N VAL A 85 -3.60 -10.17 -3.28
CA VAL A 85 -3.88 -8.73 -3.33
C VAL A 85 -3.39 -8.12 -4.64
N LEU A 86 -4.33 -7.78 -5.52
CA LEU A 86 -4.00 -7.18 -6.80
C LEU A 86 -3.91 -5.66 -6.68
N ALA A 87 -2.74 -5.12 -6.97
CA ALA A 87 -2.53 -3.68 -6.88
C ALA A 87 -2.08 -3.11 -8.23
N ASP A 88 -2.82 -2.12 -8.72
CA ASP A 88 -2.50 -1.49 -10.00
C ASP A 88 -1.02 -1.13 -10.07
N THR A 89 -0.43 -0.86 -8.91
CA THR A 89 0.98 -0.51 -8.83
C THR A 89 1.53 -0.79 -7.43
N ALA A 90 2.55 -1.63 -7.35
CA ALA A 90 3.16 -1.98 -6.08
C ALA A 90 4.61 -1.51 -6.00
N ILE A 91 4.97 -0.90 -4.87
CA ILE A 91 6.32 -0.40 -4.67
C ILE A 91 6.87 -0.82 -3.31
N ARG A 92 7.94 -1.60 -3.32
CA ARG A 92 8.55 -2.07 -2.08
C ARG A 92 8.94 -0.89 -1.19
N ALA A 93 8.63 -1.01 0.09
CA ALA A 93 8.96 0.04 1.05
C ALA A 93 10.46 0.34 1.05
N ASP A 94 11.27 -0.70 0.96
CA ASP A 94 12.72 -0.54 0.95
C ASP A 94 13.22 -0.12 -0.44
N ASN A 95 12.37 -0.29 -1.45
CA ASN A 95 12.73 0.07 -2.81
C ASN A 95 12.18 1.44 -3.19
N LEU A 96 11.18 1.91 -2.44
CA LEU A 96 10.58 3.21 -2.70
C LEU A 96 11.63 4.32 -2.66
N ASP A 97 11.81 5.00 -3.78
CA ASP A 97 12.79 6.09 -3.87
C ASP A 97 12.21 7.37 -3.27
N GLU A 98 12.63 7.68 -2.04
CA GLU A 98 12.16 8.89 -1.36
C GLU A 98 12.55 10.14 -2.14
N ALA A 99 13.66 10.05 -2.87
CA ALA A 99 14.16 11.18 -3.66
C ALA A 99 13.11 11.64 -4.67
N ALA A 100 12.62 10.70 -5.48
CA ALA A 100 11.61 11.00 -6.48
C ALA A 100 10.33 11.50 -5.83
N ILE A 101 9.90 10.84 -4.76
CA ILE A 101 8.69 11.23 -4.06
C ILE A 101 8.82 12.63 -3.49
N LEU A 102 9.98 12.94 -2.93
CA LEU A 102 10.23 14.26 -2.34
C LEU A 102 10.06 15.34 -3.39
N GLU A 103 10.55 15.07 -4.60
CA GLU A 103 10.45 16.02 -5.71
C GLU A 103 8.99 16.36 -6.00
N ALA A 104 8.16 15.32 -6.12
CA ALA A 104 6.75 15.51 -6.39
C ALA A 104 6.05 16.19 -5.22
N ARG A 105 6.55 15.95 -4.02
CA ARG A 105 5.98 16.55 -2.81
C ARG A 105 6.08 18.06 -2.86
N LYS A 106 7.20 18.56 -3.36
CA LYS A 106 7.42 19.99 -3.47
C LYS A 106 6.63 20.58 -4.64
N ASN A 107 6.44 19.75 -5.66
CA ASN A 107 5.68 20.19 -6.84
C ASN A 107 4.25 20.53 -6.46
N ALA A 108 3.63 19.66 -5.65
CA ALA A 108 2.27 19.87 -5.21
C ALA A 108 2.19 20.99 -4.17
N GLU A 109 3.25 21.10 -3.37
CA GLU A 109 3.31 22.14 -2.34
C GLU A 109 3.34 23.53 -2.97
N GLN A 110 4.36 23.78 -3.79
CA GLN A 110 4.50 25.06 -4.46
C GLN A 110 3.37 25.29 -5.46
N LEU A 111 2.75 24.21 -5.90
CA LEU A 111 1.65 24.30 -6.85
C LEU A 111 0.34 24.59 -6.15
N LEU A 112 0.15 24.00 -4.97
CA LEU A 112 -1.06 24.19 -4.20
C LEU A 112 -1.24 25.66 -3.81
N ALA A 113 -0.14 26.32 -3.49
CA ALA A 113 -0.18 27.72 -3.09
C ALA A 113 -0.58 28.61 -4.26
N ASN A 114 -0.40 28.11 -5.48
CA ASN A 114 -0.75 28.87 -6.68
C ASN A 114 -2.10 28.44 -7.23
N GLN A 115 -2.96 27.90 -6.35
CA GLN A 115 -4.28 27.45 -6.74
C GLN A 115 -5.08 28.57 -7.42
N LYS A 116 -5.18 28.49 -8.74
CA LYS A 116 -5.91 29.50 -9.50
C LYS A 116 -7.18 28.90 -10.08
N SER A 117 -7.13 27.61 -10.41
CA SER A 117 -8.28 26.92 -10.98
C SER A 117 -8.59 25.65 -10.19
N ASP A 118 -9.64 24.96 -10.59
CA ASP A 118 -10.05 23.73 -9.91
C ASP A 118 -9.32 22.51 -10.49
N LEU A 119 -9.00 22.59 -11.78
CA LEU A 119 -8.30 21.50 -12.45
C LEU A 119 -6.92 21.27 -11.84
N ASP A 120 -6.11 22.33 -11.83
CA ASP A 120 -4.76 22.24 -11.29
C ASP A 120 -4.78 21.76 -9.83
N SER A 121 -5.81 22.15 -9.10
CA SER A 121 -5.96 21.76 -7.71
C SER A 121 -6.25 20.27 -7.58
N ALA A 122 -7.07 19.75 -8.50
CA ALA A 122 -7.42 18.34 -8.49
C ALA A 122 -6.18 17.47 -8.67
N ALA A 123 -5.27 17.91 -9.53
CA ALA A 123 -4.04 17.18 -9.78
C ALA A 123 -3.05 17.36 -8.64
N ALA A 124 -2.94 18.59 -8.15
CA ALA A 124 -2.03 18.90 -7.06
C ALA A 124 -2.43 18.14 -5.79
N LEU A 125 -3.71 18.21 -5.44
CA LEU A 125 -4.22 17.53 -4.26
C LEU A 125 -3.96 16.03 -4.34
N ALA A 126 -4.36 15.43 -5.45
CA ALA A 126 -4.17 14.00 -5.66
C ALA A 126 -2.69 13.65 -5.64
N ALA A 127 -1.85 14.57 -6.10
CA ALA A 127 -0.41 14.35 -6.14
C ALA A 127 0.19 14.43 -4.75
N LEU A 128 -0.22 15.44 -3.98
CA LEU A 128 0.27 15.63 -2.62
C LEU A 128 -0.02 14.41 -1.76
N ALA A 129 -1.28 13.96 -1.77
CA ALA A 129 -1.68 12.80 -0.99
C ALA A 129 -0.92 11.56 -1.43
N GLU A 130 -0.70 11.43 -2.74
CA GLU A 130 0.01 10.28 -3.28
C GLU A 130 1.47 10.28 -2.82
N THR A 131 2.11 11.45 -2.91
CA THR A 131 3.51 11.58 -2.51
C THR A 131 3.68 11.26 -1.02
N ALA A 132 2.69 11.66 -0.23
CA ALA A 132 2.73 11.42 1.21
C ALA A 132 2.68 9.93 1.52
N ALA A 133 1.88 9.20 0.75
CA ALA A 133 1.75 7.76 0.93
C ALA A 133 3.08 7.05 0.73
N GLN A 134 3.70 7.28 -0.42
CA GLN A 134 4.99 6.67 -0.74
C GLN A 134 6.02 7.01 0.33
N LEU A 135 6.17 8.29 0.63
CA LEU A 135 7.13 8.74 1.62
C LEU A 135 6.82 8.12 2.99
N GLU A 136 5.54 7.96 3.28
CA GLU A 136 5.11 7.39 4.55
C GLU A 136 5.59 5.94 4.68
N THR A 137 5.58 5.23 3.56
CA THR A 137 6.02 3.85 3.54
C THR A 137 7.50 3.74 3.89
N ILE A 138 8.32 4.53 3.20
CA ILE A 138 9.77 4.54 3.44
C ILE A 138 10.08 5.03 4.86
N ARG A 139 9.23 5.91 5.37
CA ARG A 139 9.42 6.46 6.70
C ARG A 139 9.14 5.42 7.77
N LYS A 140 8.02 4.71 7.63
CA LYS A 140 7.64 3.68 8.58
C LYS A 140 8.76 2.65 8.75
N ILE A 141 9.16 2.05 7.63
CA ILE A 141 10.23 1.05 7.64
C ILE A 141 11.54 1.68 8.10
N LYS A 142 11.75 2.93 7.72
CA LYS A 142 12.96 3.66 8.08
C LYS A 142 13.14 3.71 9.59
N ASN A 143 12.04 3.89 10.31
CA ASN A 143 12.06 3.98 11.75
C ASN A 143 10.71 3.60 12.35
N ARG A 144 9.64 4.14 11.76
CA ARG A 144 8.29 3.87 12.23
C ARG A 144 8.04 4.51 13.59
N ALA A 145 8.77 5.59 13.88
CA ALA A 145 8.62 6.28 15.15
C ALA A 145 8.08 7.69 14.93
N GLN A 146 6.89 7.75 14.36
CA GLN A 146 6.24 9.03 14.08
C GLN A 146 5.47 9.52 15.31
N MET A 8 1.50 -16.94 15.94
CA MET A 8 0.04 -16.66 15.99
C MET A 8 -0.60 -16.93 14.63
N ALA A 9 -0.85 -18.21 14.34
CA ALA A 9 -1.47 -18.60 13.08
C ALA A 9 -0.62 -18.15 11.89
N THR A 10 -0.87 -18.76 10.73
CA THR A 10 -0.13 -18.42 9.52
C THR A 10 -1.00 -18.61 8.29
N MET A 11 -0.86 -17.69 7.32
CA MET A 11 -1.63 -17.76 6.09
C MET A 11 -0.74 -17.54 4.87
N GLN A 12 -1.11 -18.15 3.75
CA GLN A 12 -0.34 -18.01 2.52
C GLN A 12 -0.75 -16.75 1.76
N CYS A 13 -0.05 -15.66 2.02
CA CYS A 13 -0.34 -14.39 1.37
C CYS A 13 0.58 -14.18 0.18
N ASP A 14 0.04 -13.59 -0.89
CA ASP A 14 0.81 -13.33 -2.10
C ASP A 14 0.38 -12.02 -2.76
N VAL A 15 1.29 -11.07 -2.86
CA VAL A 15 0.99 -9.78 -3.47
C VAL A 15 1.53 -9.72 -4.90
N VAL A 16 0.69 -9.30 -5.83
CA VAL A 16 1.09 -9.20 -7.23
C VAL A 16 0.54 -7.94 -7.88
N SER A 17 1.25 -7.46 -8.90
CA SER A 17 0.84 -6.26 -9.63
C SER A 17 1.12 -6.43 -11.12
N VAL A 18 0.52 -5.56 -11.92
CA VAL A 18 0.70 -5.61 -13.36
C VAL A 18 2.18 -5.61 -13.74
N LYS A 19 3.01 -5.06 -12.86
CA LYS A 19 4.45 -5.00 -13.10
C LYS A 19 5.12 -6.33 -12.78
N GLU A 20 4.61 -7.03 -11.77
CA GLU A 20 5.14 -8.32 -11.36
C GLU A 20 4.79 -8.61 -9.90
N SER A 21 5.14 -9.81 -9.45
CA SER A 21 4.87 -10.23 -8.08
C SER A 21 5.78 -9.49 -7.10
N ILE A 22 5.30 -9.31 -5.88
CA ILE A 22 6.07 -8.62 -4.85
C ILE A 22 6.32 -9.52 -3.64
N TYR A 23 5.26 -10.15 -3.16
CA TYR A 23 5.37 -11.05 -2.01
C TYR A 23 4.61 -12.34 -2.24
N SER A 24 5.00 -13.39 -1.51
CA SER A 24 4.36 -14.68 -1.63
C SER A 24 4.92 -15.67 -0.60
N GLY A 25 4.15 -15.91 0.46
CA GLY A 25 4.60 -16.82 1.50
C GLY A 25 3.65 -16.86 2.67
N ALA A 26 4.18 -17.21 3.84
CA ALA A 26 3.37 -17.28 5.06
C ALA A 26 3.30 -15.92 5.76
N VAL A 27 2.14 -15.62 6.34
CA VAL A 27 1.94 -14.36 7.04
C VAL A 27 1.01 -14.53 8.24
N THR A 28 1.34 -13.87 9.34
CA THR A 28 0.52 -13.96 10.54
C THR A 28 -0.69 -13.03 10.45
N MET A 29 -0.51 -11.89 9.79
CA MET A 29 -1.58 -10.91 9.62
C MET A 29 -1.22 -9.89 8.56
N LEU A 30 -2.21 -9.50 7.77
CA LEU A 30 -1.99 -8.52 6.71
C LEU A 30 -3.01 -7.38 6.80
N ILE A 31 -2.58 -6.17 6.48
CA ILE A 31 -3.46 -5.00 6.52
C ILE A 31 -3.39 -4.22 5.22
N ALA A 32 -4.49 -4.23 4.48
CA ALA A 32 -4.57 -3.52 3.20
C ALA A 32 -5.79 -2.61 3.15
N LYS A 33 -5.67 -1.50 2.45
CA LYS A 33 -6.76 -0.55 2.31
C LYS A 33 -7.75 -1.01 1.24
N GLY A 34 -9.00 -1.23 1.65
CA GLY A 34 -10.02 -1.67 0.72
C GLY A 34 -11.39 -1.08 1.02
N ALA A 35 -12.12 -0.70 -0.02
CA ALA A 35 -13.45 -0.13 0.14
C ALA A 35 -13.40 1.15 0.97
N GLY A 36 -12.22 1.76 1.07
CA GLY A 36 -12.07 2.98 1.84
C GLY A 36 -11.65 2.72 3.28
N GLY A 37 -11.98 1.53 3.78
CA GLY A 37 -11.63 1.18 5.15
C GLY A 37 -10.50 0.17 5.21
N GLU A 38 -9.73 0.22 6.29
CA GLU A 38 -8.62 -0.70 6.47
C GLU A 38 -9.12 -2.10 6.85
N LEU A 39 -8.75 -3.09 6.07
CA LEU A 39 -9.17 -4.46 6.32
C LEU A 39 -7.98 -5.34 6.70
N GLY A 40 -8.08 -5.98 7.88
CA GLY A 40 -7.01 -6.83 8.33
C GLY A 40 -7.40 -8.30 8.29
N ILE A 41 -6.80 -9.05 7.37
CA ILE A 41 -7.09 -10.47 7.24
C ILE A 41 -6.04 -11.33 7.93
N LEU A 42 -6.49 -12.30 8.71
CA LEU A 42 -5.58 -13.19 9.42
C LEU A 42 -5.85 -14.64 9.05
N PRO A 43 -4.88 -15.54 9.31
CA PRO A 43 -5.01 -16.96 8.99
C PRO A 43 -6.32 -17.55 9.51
N GLY A 44 -7.19 -17.95 8.59
CA GLY A 44 -8.46 -18.52 8.97
C GLY A 44 -9.64 -17.64 8.60
N HIS A 45 -9.37 -16.57 7.85
CA HIS A 45 -10.43 -15.65 7.43
C HIS A 45 -11.24 -16.24 6.28
N ALA A 46 -12.55 -16.04 6.32
CA ALA A 46 -13.44 -16.55 5.28
C ALA A 46 -13.19 -15.83 3.95
N PRO A 47 -13.68 -16.41 2.84
CA PRO A 47 -13.52 -15.81 1.51
C PRO A 47 -14.11 -14.41 1.42
N LEU A 48 -13.26 -13.45 1.09
CA LEU A 48 -13.70 -12.06 0.96
C LEU A 48 -13.09 -11.40 -0.27
N VAL A 49 -13.93 -10.75 -1.07
CA VAL A 49 -13.47 -10.07 -2.28
C VAL A 49 -13.89 -8.60 -2.27
N THR A 50 -12.93 -7.72 -2.03
CA THR A 50 -13.19 -6.29 -1.99
C THR A 50 -12.19 -5.53 -2.85
N LEU A 51 -12.64 -4.43 -3.44
CA LEU A 51 -11.77 -3.61 -4.28
C LEU A 51 -10.68 -2.95 -3.44
N LEU A 52 -9.44 -3.05 -3.91
CA LEU A 52 -8.30 -2.46 -3.20
C LEU A 52 -8.12 -1.00 -3.60
N GLN A 53 -7.99 -0.13 -2.61
CA GLN A 53 -7.81 1.29 -2.84
C GLN A 53 -6.37 1.72 -2.58
N PRO A 54 -5.97 2.90 -3.08
CA PRO A 54 -4.61 3.42 -2.89
C PRO A 54 -4.20 3.44 -1.43
N GLY A 55 -3.12 2.71 -1.12
CA GLY A 55 -2.63 2.66 0.25
C GLY A 55 -1.54 1.63 0.44
N PRO A 56 -0.71 1.78 1.48
CA PRO A 56 0.38 0.85 1.77
C PRO A 56 -0.07 -0.35 2.59
N ILE A 57 0.04 -1.54 2.01
CA ILE A 57 -0.36 -2.77 2.69
C ILE A 57 0.79 -3.29 3.55
N ARG A 58 0.45 -3.86 4.71
CA ARG A 58 1.46 -4.40 5.61
C ARG A 58 1.35 -5.92 5.72
N VAL A 59 2.45 -6.62 5.41
CA VAL A 59 2.48 -8.07 5.48
C VAL A 59 3.26 -8.56 6.68
N LEU A 60 2.57 -9.12 7.66
CA LEU A 60 3.20 -9.62 8.87
C LEU A 60 3.48 -11.12 8.77
N LEU A 61 4.67 -11.52 9.18
CA LEU A 61 5.07 -12.91 9.16
C LEU A 61 5.07 -13.47 10.58
N GLU A 62 5.32 -14.76 10.70
CA GLU A 62 5.32 -15.40 12.01
C GLU A 62 6.66 -15.21 12.72
N ASN A 63 7.61 -14.58 12.05
CA ASN A 63 8.91 -14.32 12.64
C ASN A 63 8.96 -12.91 13.23
N GLY A 64 7.78 -12.33 13.47
CA GLY A 64 7.72 -10.99 14.03
C GLY A 64 8.17 -9.94 13.02
N THR A 65 8.22 -10.33 11.75
CA THR A 65 8.66 -9.42 10.70
C THR A 65 7.49 -8.93 9.87
N GLU A 66 7.49 -7.63 9.55
CA GLU A 66 6.42 -7.05 8.74
C GLU A 66 6.99 -6.24 7.59
N GLU A 67 6.33 -6.34 6.43
CA GLU A 67 6.76 -5.61 5.24
C GLU A 67 5.67 -4.65 4.78
N ILE A 68 6.07 -3.62 4.03
CA ILE A 68 5.12 -2.64 3.53
C ILE A 68 5.27 -2.44 2.02
N VAL A 69 4.16 -2.61 1.31
CA VAL A 69 4.15 -2.45 -0.14
C VAL A 69 3.02 -1.53 -0.59
N TYR A 70 3.38 -0.43 -1.23
CA TYR A 70 2.40 0.53 -1.71
C TYR A 70 1.58 -0.05 -2.87
N VAL A 71 0.30 0.28 -2.90
CA VAL A 71 -0.59 -0.20 -3.96
C VAL A 71 -1.62 0.86 -4.32
N SER A 72 -1.63 1.26 -5.59
CA SER A 72 -2.56 2.29 -6.06
C SER A 72 -4.01 1.82 -5.92
N GLY A 73 -4.26 0.58 -6.30
CA GLY A 73 -5.60 0.04 -6.22
C GLY A 73 -5.85 -1.04 -7.25
N GLY A 74 -6.59 -2.06 -6.85
CA GLY A 74 -6.90 -3.16 -7.75
C GLY A 74 -7.99 -4.07 -7.21
N VAL A 75 -7.64 -5.32 -6.99
CA VAL A 75 -8.59 -6.30 -6.45
C VAL A 75 -7.99 -7.10 -5.31
N LEU A 76 -8.73 -7.20 -4.21
CA LEU A 76 -8.27 -7.94 -3.04
C LEU A 76 -9.08 -9.21 -2.88
N GLU A 77 -8.46 -10.35 -3.16
CA GLU A 77 -9.13 -11.64 -3.04
C GLU A 77 -8.59 -12.42 -1.84
N VAL A 78 -9.47 -12.68 -0.87
CA VAL A 78 -9.09 -13.41 0.32
C VAL A 78 -9.60 -14.85 0.26
N GLN A 79 -8.69 -15.80 0.50
CA GLN A 79 -9.04 -17.22 0.47
C GLN A 79 -8.95 -17.82 1.87
N PRO A 80 -9.63 -18.95 2.10
CA PRO A 80 -9.63 -19.64 3.39
C PRO A 80 -8.24 -19.74 4.01
N HIS A 81 -7.31 -20.33 3.28
CA HIS A 81 -5.94 -20.49 3.75
C HIS A 81 -4.95 -19.76 2.84
N VAL A 82 -5.46 -18.98 1.90
CA VAL A 82 -4.62 -18.24 0.97
C VAL A 82 -5.11 -16.80 0.81
N VAL A 83 -4.20 -15.90 0.50
CA VAL A 83 -4.54 -14.49 0.32
C VAL A 83 -3.81 -13.89 -0.86
N THR A 84 -4.56 -13.31 -1.80
CA THR A 84 -3.97 -12.71 -2.99
C THR A 84 -4.51 -11.28 -3.18
N VAL A 85 -3.59 -10.32 -3.25
CA VAL A 85 -3.96 -8.93 -3.44
C VAL A 85 -3.33 -8.35 -4.70
N LEU A 86 -4.15 -8.17 -5.73
CA LEU A 86 -3.67 -7.63 -7.00
C LEU A 86 -3.71 -6.10 -7.00
N ALA A 87 -2.60 -5.49 -7.39
CA ALA A 87 -2.51 -4.03 -7.43
C ALA A 87 -2.03 -3.54 -8.78
N ASP A 88 -2.77 -2.61 -9.37
CA ASP A 88 -2.43 -2.06 -10.68
C ASP A 88 -0.98 -1.57 -10.69
N THR A 89 -0.49 -1.19 -9.50
CA THR A 89 0.89 -0.72 -9.37
C THR A 89 1.38 -0.93 -7.94
N ALA A 90 2.47 -1.68 -7.80
CA ALA A 90 3.02 -1.97 -6.49
C ALA A 90 4.49 -1.56 -6.40
N ILE A 91 4.84 -0.84 -5.35
CA ILE A 91 6.22 -0.39 -5.14
C ILE A 91 6.69 -0.73 -3.73
N ARG A 92 7.65 -1.65 -3.65
CA ARG A 92 8.19 -2.06 -2.36
C ARG A 92 8.85 -0.88 -1.64
N ALA A 93 8.60 -0.76 -0.34
CA ALA A 93 9.16 0.31 0.45
C ALA A 93 10.68 0.38 0.29
N ASP A 94 11.30 -0.76 0.01
CA ASP A 94 12.74 -0.84 -0.17
C ASP A 94 13.12 -0.45 -1.60
N ASN A 95 12.17 -0.51 -2.51
CA ASN A 95 12.41 -0.16 -3.91
C ASN A 95 11.87 1.23 -4.25
N LEU A 96 10.98 1.73 -3.41
CA LEU A 96 10.39 3.06 -3.63
C LEU A 96 11.47 4.13 -3.70
N ASP A 97 11.40 4.98 -4.71
CA ASP A 97 12.37 6.05 -4.90
C ASP A 97 12.01 7.26 -4.04
N GLU A 98 12.72 7.43 -2.93
CA GLU A 98 12.48 8.54 -2.03
C GLU A 98 12.68 9.88 -2.75
N ALA A 99 13.72 9.94 -3.58
CA ALA A 99 14.02 11.15 -4.33
C ALA A 99 12.89 11.49 -5.30
N ALA A 100 12.29 10.47 -5.89
CA ALA A 100 11.20 10.65 -6.84
C ALA A 100 9.94 11.12 -6.14
N ILE A 101 9.66 10.54 -4.97
CA ILE A 101 8.48 10.90 -4.20
C ILE A 101 8.62 12.29 -3.60
N LEU A 102 9.79 12.57 -3.02
CA LEU A 102 10.05 13.87 -2.41
C LEU A 102 9.92 14.99 -3.45
N GLU A 103 10.35 14.70 -4.68
CA GLU A 103 10.28 15.69 -5.75
C GLU A 103 8.83 15.95 -6.16
N ALA A 104 8.04 14.88 -6.20
CA ALA A 104 6.64 14.99 -6.58
C ALA A 104 5.84 15.72 -5.51
N ARG A 105 5.98 15.27 -4.26
CA ARG A 105 5.26 15.88 -3.15
C ARG A 105 5.71 17.32 -2.94
N LYS A 106 6.92 17.64 -3.42
CA LYS A 106 7.45 18.99 -3.29
C LYS A 106 6.83 19.90 -4.33
N ASN A 107 6.53 19.34 -5.49
CA ASN A 107 5.92 20.09 -6.58
C ASN A 107 4.48 20.41 -6.25
N ALA A 108 3.80 19.47 -5.59
CA ALA A 108 2.41 19.65 -5.21
C ALA A 108 2.30 20.58 -4.00
N GLU A 109 3.28 20.49 -3.11
CA GLU A 109 3.30 21.32 -1.91
C GLU A 109 3.32 22.80 -2.27
N GLN A 110 4.30 23.19 -3.08
CA GLN A 110 4.44 24.58 -3.51
C GLN A 110 3.34 24.94 -4.51
N LEU A 111 2.83 23.94 -5.22
CA LEU A 111 1.78 24.15 -6.20
C LEU A 111 0.41 24.26 -5.53
N LEU A 112 0.30 23.65 -4.35
CA LEU A 112 -0.96 23.68 -3.60
C LEU A 112 -1.15 25.01 -2.89
N ALA A 113 -0.07 25.52 -2.29
CA ALA A 113 -0.12 26.79 -1.57
C ALA A 113 -0.46 27.94 -2.51
N ASN A 114 -0.28 27.72 -3.82
CA ASN A 114 -0.56 28.76 -4.81
C ASN A 114 -1.72 28.35 -5.72
N GLN A 115 -2.70 27.66 -5.15
CA GLN A 115 -3.86 27.20 -5.92
C GLN A 115 -4.74 28.38 -6.32
N LYS A 116 -4.88 28.60 -7.62
CA LYS A 116 -5.70 29.69 -8.13
C LYS A 116 -7.09 29.18 -8.51
N SER A 117 -7.15 27.94 -8.97
CA SER A 117 -8.42 27.32 -9.37
C SER A 117 -8.59 25.96 -8.71
N ASP A 118 -9.75 25.35 -8.93
CA ASP A 118 -10.05 24.04 -8.35
C ASP A 118 -9.38 22.93 -9.16
N LEU A 119 -9.20 23.17 -10.46
CA LEU A 119 -8.58 22.19 -11.34
C LEU A 119 -7.18 21.84 -10.86
N ASP A 120 -6.31 22.84 -10.79
CA ASP A 120 -4.93 22.64 -10.35
C ASP A 120 -4.89 22.08 -8.94
N SER A 121 -5.86 22.48 -8.12
CA SER A 121 -5.93 22.01 -6.74
C SER A 121 -6.20 20.51 -6.68
N ALA A 122 -7.17 20.06 -7.46
CA ALA A 122 -7.52 18.64 -7.50
C ALA A 122 -6.34 17.79 -7.96
N ALA A 123 -5.59 18.32 -8.91
CA ALA A 123 -4.42 17.63 -9.44
C ALA A 123 -3.27 17.63 -8.45
N ALA A 124 -2.88 18.83 -8.01
CA ALA A 124 -1.79 18.98 -7.07
C ALA A 124 -2.09 18.24 -5.77
N LEU A 125 -3.33 18.35 -5.30
CA LEU A 125 -3.75 17.68 -4.07
C LEU A 125 -3.54 16.18 -4.18
N ALA A 126 -4.03 15.59 -5.26
CA ALA A 126 -3.90 14.16 -5.49
C ALA A 126 -2.43 13.75 -5.60
N ALA A 127 -1.65 14.55 -6.33
CA ALA A 127 -0.24 14.27 -6.52
C ALA A 127 0.48 14.19 -5.17
N LEU A 128 0.12 15.07 -4.25
CA LEU A 128 0.73 15.09 -2.93
C LEU A 128 0.25 13.92 -2.08
N ALA A 129 -1.05 13.62 -2.18
CA ALA A 129 -1.64 12.53 -1.43
C ALA A 129 -0.97 11.20 -1.77
N GLU A 130 -0.88 10.90 -3.06
CA GLU A 130 -0.25 9.67 -3.52
C GLU A 130 1.20 9.60 -3.07
N THR A 131 1.91 10.72 -3.20
CA THR A 131 3.31 10.79 -2.81
C THR A 131 3.46 10.62 -1.30
N ALA A 132 2.44 11.06 -0.56
CA ALA A 132 2.46 10.96 0.90
C ALA A 132 2.39 9.50 1.35
N ALA A 133 1.57 8.71 0.65
CA ALA A 133 1.42 7.30 0.97
C ALA A 133 2.73 6.54 0.75
N GLN A 134 3.30 6.70 -0.45
CA GLN A 134 4.55 6.03 -0.79
C GLN A 134 5.65 6.39 0.20
N LEU A 135 5.76 7.67 0.51
CA LEU A 135 6.77 8.15 1.46
C LEU A 135 6.57 7.50 2.83
N GLU A 136 5.32 7.41 3.26
CA GLU A 136 5.00 6.82 4.55
C GLU A 136 5.45 5.36 4.60
N THR A 137 5.41 4.70 3.44
CA THR A 137 5.82 3.30 3.35
C THR A 137 7.30 3.15 3.64
N ILE A 138 8.14 3.86 2.88
CA ILE A 138 9.58 3.80 3.07
C ILE A 138 9.97 4.17 4.49
N ARG A 139 9.49 5.33 4.94
CA ARG A 139 9.78 5.80 6.28
C ARG A 139 9.32 4.80 7.34
N LYS A 140 8.15 4.21 7.12
CA LYS A 140 7.60 3.22 8.05
C LYS A 140 8.51 2.01 8.16
N ILE A 141 9.26 1.73 7.10
CA ILE A 141 10.17 0.59 7.09
C ILE A 141 11.55 0.98 7.63
N LYS A 142 12.12 2.04 7.06
CA LYS A 142 13.43 2.50 7.46
C LYS A 142 13.41 3.08 8.88
N ASN A 143 12.27 3.61 9.28
CA ASN A 143 12.13 4.20 10.61
C ASN A 143 11.44 3.23 11.57
N ARG A 144 10.27 2.73 11.17
CA ARG A 144 9.51 1.80 11.99
C ARG A 144 8.98 2.48 13.25
N ALA A 145 8.71 3.77 13.13
CA ALA A 145 8.19 4.55 14.26
C ALA A 145 6.75 4.98 14.01
N GLN A 146 5.86 4.00 13.90
CA GLN A 146 4.45 4.27 13.66
C GLN A 146 3.79 4.85 14.91
N MET A 8 0.84 -18.36 15.45
CA MET A 8 -0.48 -18.16 14.80
C MET A 8 -0.54 -18.83 13.44
N ALA A 9 -1.75 -19.02 12.93
CA ALA A 9 -1.94 -19.65 11.63
C ALA A 9 -1.25 -18.87 10.53
N THR A 10 -0.98 -19.54 9.40
CA THR A 10 -0.31 -18.89 8.28
C THR A 10 -1.11 -19.09 6.99
N MET A 11 -1.15 -18.05 6.16
CA MET A 11 -1.88 -18.11 4.91
C MET A 11 -0.96 -17.79 3.73
N GLN A 12 -1.35 -18.26 2.54
CA GLN A 12 -0.55 -18.03 1.34
C GLN A 12 -0.94 -16.71 0.68
N CYS A 13 -0.35 -15.62 1.14
CA CYS A 13 -0.63 -14.29 0.60
C CYS A 13 0.39 -13.92 -0.46
N ASP A 14 -0.05 -13.23 -1.51
CA ASP A 14 0.83 -12.82 -2.59
C ASP A 14 0.41 -11.47 -3.16
N VAL A 15 1.23 -10.45 -2.94
CA VAL A 15 0.95 -9.11 -3.44
C VAL A 15 1.65 -8.88 -4.77
N VAL A 16 0.89 -8.45 -5.77
CA VAL A 16 1.44 -8.21 -7.10
C VAL A 16 0.97 -6.87 -7.66
N SER A 17 1.79 -6.29 -8.53
CA SER A 17 1.46 -5.01 -9.15
C SER A 17 1.88 -5.00 -10.61
N VAL A 18 1.43 -3.99 -11.35
CA VAL A 18 1.76 -3.87 -12.77
C VAL A 18 3.27 -3.88 -12.99
N LYS A 19 4.02 -3.51 -11.95
CA LYS A 19 5.47 -3.47 -12.05
C LYS A 19 6.07 -4.86 -11.86
N GLU A 20 5.44 -5.68 -11.02
CA GLU A 20 5.89 -7.04 -10.74
C GLU A 20 5.37 -7.52 -9.39
N SER A 21 5.62 -8.79 -9.09
CA SER A 21 5.19 -9.38 -7.83
C SER A 21 5.96 -8.78 -6.66
N ILE A 22 5.25 -8.46 -5.59
CA ILE A 22 5.88 -7.88 -4.41
C ILE A 22 6.09 -8.93 -3.33
N TYR A 23 4.98 -9.41 -2.76
CA TYR A 23 5.04 -10.42 -1.71
C TYR A 23 4.45 -11.75 -2.19
N SER A 24 4.88 -12.84 -1.57
CA SER A 24 4.40 -14.17 -1.93
C SER A 24 4.96 -15.23 -0.98
N GLY A 25 4.11 -15.70 -0.06
CA GLY A 25 4.54 -16.71 0.89
C GLY A 25 3.56 -16.89 2.03
N ALA A 26 4.08 -17.22 3.21
CA ALA A 26 3.25 -17.42 4.38
C ALA A 26 3.19 -16.16 5.24
N VAL A 27 2.03 -15.89 5.82
CA VAL A 27 1.85 -14.71 6.67
C VAL A 27 0.86 -15.00 7.79
N THR A 28 1.15 -14.46 8.98
CA THR A 28 0.27 -14.67 10.14
C THR A 28 -0.96 -13.79 10.04
N MET A 29 -0.79 -12.58 9.50
CA MET A 29 -1.89 -11.65 9.35
C MET A 29 -1.51 -10.50 8.42
N LEU A 30 -2.50 -9.97 7.70
CA LEU A 30 -2.25 -8.87 6.77
C LEU A 30 -3.28 -7.76 6.97
N ILE A 31 -2.82 -6.52 6.86
CA ILE A 31 -3.69 -5.36 7.01
C ILE A 31 -3.67 -4.49 5.76
N ALA A 32 -4.77 -4.52 5.01
CA ALA A 32 -4.88 -3.74 3.79
C ALA A 32 -6.04 -2.75 3.86
N LYS A 33 -6.01 -1.72 3.02
CA LYS A 33 -7.06 -0.72 2.99
C LYS A 33 -8.04 -1.01 1.85
N GLY A 34 -9.30 -1.25 2.21
CA GLY A 34 -10.31 -1.53 1.21
C GLY A 34 -11.66 -0.95 1.57
N ALA A 35 -12.41 -0.52 0.55
CA ALA A 35 -13.73 0.05 0.77
C ALA A 35 -13.65 1.30 1.67
N GLY A 36 -12.47 1.88 1.76
CA GLY A 36 -12.30 3.07 2.58
C GLY A 36 -11.83 2.74 3.99
N GLY A 37 -12.14 1.53 4.45
CA GLY A 37 -11.74 1.12 5.78
C GLY A 37 -10.61 0.10 5.77
N GLU A 38 -9.80 0.12 6.82
CA GLU A 38 -8.68 -0.82 6.93
C GLU A 38 -9.17 -2.18 7.41
N LEU A 39 -8.96 -3.20 6.57
CA LEU A 39 -9.38 -4.55 6.93
C LEU A 39 -8.18 -5.46 7.18
N GLY A 40 -8.34 -6.39 8.12
CA GLY A 40 -7.26 -7.30 8.45
C GLY A 40 -7.64 -8.75 8.21
N ILE A 41 -7.04 -9.35 7.19
CA ILE A 41 -7.32 -10.74 6.84
C ILE A 41 -6.55 -11.70 7.74
N LEU A 42 -7.23 -12.72 8.23
CA LEU A 42 -6.60 -13.72 9.10
C LEU A 42 -6.75 -15.12 8.51
N PRO A 43 -5.71 -15.96 8.65
CA PRO A 43 -5.73 -17.33 8.13
C PRO A 43 -7.00 -18.09 8.52
N GLY A 44 -7.79 -18.47 7.51
CA GLY A 44 -9.02 -19.19 7.78
C GLY A 44 -10.26 -18.39 7.40
N HIS A 45 -10.06 -17.19 6.87
CA HIS A 45 -11.16 -16.34 6.47
C HIS A 45 -11.92 -16.94 5.28
N ALA A 46 -13.12 -16.43 5.03
CA ALA A 46 -13.95 -16.91 3.93
C ALA A 46 -13.70 -16.10 2.67
N PRO A 47 -14.09 -16.65 1.50
CA PRO A 47 -13.90 -15.98 0.20
C PRO A 47 -14.51 -14.57 0.20
N LEU A 48 -13.66 -13.57 -0.01
CA LEU A 48 -14.11 -12.19 -0.04
C LEU A 48 -13.47 -11.43 -1.20
N VAL A 49 -14.21 -10.48 -1.77
CA VAL A 49 -13.71 -9.68 -2.88
C VAL A 49 -14.06 -8.20 -2.69
N THR A 50 -13.06 -7.41 -2.33
CA THR A 50 -13.25 -5.98 -2.11
C THR A 50 -12.19 -5.17 -2.85
N LEU A 51 -12.58 -3.99 -3.30
CA LEU A 51 -11.65 -3.11 -4.03
C LEU A 51 -10.61 -2.53 -3.08
N LEU A 52 -9.35 -2.59 -3.48
CA LEU A 52 -8.26 -2.06 -2.67
C LEU A 52 -8.03 -0.59 -2.96
N GLN A 53 -8.03 0.22 -1.90
CA GLN A 53 -7.83 1.66 -2.05
C GLN A 53 -6.39 2.05 -1.70
N PRO A 54 -5.95 3.24 -2.13
CA PRO A 54 -4.59 3.72 -1.85
C PRO A 54 -4.25 3.66 -0.37
N GLY A 55 -3.21 2.90 -0.05
CA GLY A 55 -2.79 2.77 1.33
C GLY A 55 -1.67 1.74 1.51
N PRO A 56 -0.92 1.82 2.62
CA PRO A 56 0.18 0.89 2.89
C PRO A 56 -0.30 -0.41 3.52
N ILE A 57 -0.19 -1.51 2.78
CA ILE A 57 -0.61 -2.81 3.29
C ILE A 57 0.46 -3.43 4.17
N ARG A 58 0.04 -4.12 5.22
CA ARG A 58 0.96 -4.75 6.15
C ARG A 58 0.93 -6.27 6.00
N VAL A 59 2.11 -6.88 5.99
CA VAL A 59 2.21 -8.33 5.85
C VAL A 59 2.99 -8.94 7.01
N LEU A 60 2.26 -9.67 7.87
CA LEU A 60 2.88 -10.31 9.03
C LEU A 60 3.31 -11.73 8.71
N LEU A 61 4.53 -12.07 9.07
CA LEU A 61 5.07 -13.40 8.85
C LEU A 61 4.92 -14.26 10.10
N GLU A 62 5.28 -15.53 9.98
CA GLU A 62 5.17 -16.45 11.11
C GLU A 62 6.34 -16.30 12.08
N ASN A 63 7.29 -15.44 11.72
CA ASN A 63 8.45 -15.21 12.58
C ASN A 63 8.21 -13.99 13.47
N GLY A 64 6.94 -13.61 13.65
CA GLY A 64 6.62 -12.47 14.48
C GLY A 64 7.03 -11.17 13.82
N THR A 65 7.32 -11.22 12.52
CA THR A 65 7.75 -10.04 11.78
C THR A 65 6.62 -9.49 10.90
N GLU A 66 6.81 -8.26 10.42
CA GLU A 66 5.83 -7.62 9.56
C GLU A 66 6.52 -6.77 8.50
N GLU A 67 5.92 -6.71 7.31
CA GLU A 67 6.49 -5.93 6.21
C GLU A 67 5.51 -4.84 5.76
N ILE A 68 6.05 -3.68 5.42
CA ILE A 68 5.23 -2.56 4.97
C ILE A 68 5.36 -2.34 3.47
N VAL A 69 4.23 -2.27 2.79
CA VAL A 69 4.21 -2.06 1.34
C VAL A 69 3.12 -1.06 0.95
N TYR A 70 3.45 -0.17 0.02
CA TYR A 70 2.51 0.84 -0.44
C TYR A 70 1.78 0.38 -1.70
N VAL A 71 0.48 0.69 -1.77
CA VAL A 71 -0.33 0.31 -2.92
C VAL A 71 -1.35 1.41 -3.23
N SER A 72 -1.38 1.85 -4.49
CA SER A 72 -2.31 2.89 -4.92
C SER A 72 -3.75 2.40 -4.86
N GLY A 73 -3.96 1.13 -5.19
CA GLY A 73 -5.30 0.58 -5.18
C GLY A 73 -5.55 -0.32 -6.38
N GLY A 74 -6.30 -1.38 -6.16
CA GLY A 74 -6.61 -2.30 -7.23
C GLY A 74 -7.68 -3.31 -6.85
N VAL A 75 -7.28 -4.55 -6.64
CA VAL A 75 -8.22 -5.61 -6.28
C VAL A 75 -7.70 -6.43 -5.10
N LEU A 76 -8.61 -6.84 -4.23
CA LEU A 76 -8.25 -7.64 -3.07
C LEU A 76 -9.09 -8.91 -3.01
N GLU A 77 -8.45 -10.04 -3.31
CA GLU A 77 -9.14 -11.33 -3.30
C GLU A 77 -8.71 -12.17 -2.10
N VAL A 78 -9.63 -12.37 -1.18
CA VAL A 78 -9.35 -13.16 0.02
C VAL A 78 -9.85 -14.59 -0.15
N GLN A 79 -8.93 -15.51 -0.41
CA GLN A 79 -9.30 -16.91 -0.59
C GLN A 79 -9.21 -17.66 0.74
N PRO A 80 -9.90 -18.81 0.84
CA PRO A 80 -9.91 -19.62 2.07
C PRO A 80 -8.52 -19.74 2.70
N HIS A 81 -7.59 -20.30 1.95
CA HIS A 81 -6.21 -20.46 2.43
C HIS A 81 -5.23 -19.69 1.57
N VAL A 82 -5.74 -18.81 0.70
CA VAL A 82 -4.89 -18.03 -0.18
C VAL A 82 -5.33 -16.56 -0.22
N VAL A 83 -4.38 -15.67 -0.48
CA VAL A 83 -4.67 -14.25 -0.54
C VAL A 83 -3.90 -13.57 -1.67
N THR A 84 -4.62 -12.94 -2.59
CA THR A 84 -4.00 -12.26 -3.72
C THR A 84 -4.49 -10.82 -3.85
N VAL A 85 -3.55 -9.88 -3.92
CA VAL A 85 -3.89 -8.47 -4.04
C VAL A 85 -3.17 -7.84 -5.23
N LEU A 86 -3.95 -7.43 -6.23
CA LEU A 86 -3.38 -6.80 -7.42
C LEU A 86 -3.49 -5.28 -7.31
N ALA A 87 -2.34 -4.62 -7.15
CA ALA A 87 -2.30 -3.17 -7.02
C ALA A 87 -1.75 -2.52 -8.28
N ASP A 88 -2.41 -1.47 -8.75
CA ASP A 88 -1.97 -0.75 -9.94
C ASP A 88 -0.51 -0.33 -9.81
N THR A 89 -0.07 -0.17 -8.56
CA THR A 89 1.31 0.22 -8.28
C THR A 89 1.70 -0.18 -6.87
N ALA A 90 2.76 -0.99 -6.75
CA ALA A 90 3.22 -1.44 -5.45
C ALA A 90 4.72 -1.21 -5.29
N ILE A 91 5.11 -0.56 -4.20
CA ILE A 91 6.51 -0.28 -3.92
C ILE A 91 6.89 -0.75 -2.51
N ARG A 92 7.82 -1.69 -2.44
CA ARG A 92 8.28 -2.21 -1.15
C ARG A 92 8.80 -1.10 -0.26
N ALA A 93 8.61 -1.24 1.04
CA ALA A 93 9.06 -0.25 2.01
C ALA A 93 10.57 -0.05 1.91
N ASP A 94 11.29 -1.13 1.63
CA ASP A 94 12.74 -1.08 1.51
C ASP A 94 13.17 -0.74 0.08
N ASN A 95 12.22 -0.79 -0.86
CA ASN A 95 12.51 -0.47 -2.25
C ASN A 95 12.03 0.92 -2.62
N LEU A 96 11.12 1.48 -1.81
CA LEU A 96 10.59 2.81 -2.07
C LEU A 96 11.71 3.84 -2.12
N ASP A 97 11.80 4.56 -3.23
CA ASP A 97 12.82 5.58 -3.41
C ASP A 97 12.34 6.94 -2.91
N GLU A 98 12.93 7.40 -1.81
CA GLU A 98 12.56 8.68 -1.22
C GLU A 98 12.79 9.81 -2.22
N ALA A 99 13.75 9.64 -3.11
CA ALA A 99 14.07 10.64 -4.12
C ALA A 99 12.91 10.82 -5.09
N ALA A 100 12.34 9.72 -5.55
CA ALA A 100 11.22 9.75 -6.48
C ALA A 100 10.00 10.43 -5.86
N ILE A 101 9.69 10.05 -4.63
CA ILE A 101 8.55 10.62 -3.92
C ILE A 101 8.76 12.11 -3.69
N LEU A 102 10.00 12.50 -3.41
CA LEU A 102 10.33 13.90 -3.18
C LEU A 102 10.06 14.73 -4.43
N GLU A 103 10.30 14.14 -5.59
CA GLU A 103 10.08 14.82 -6.86
C GLU A 103 8.60 15.11 -7.08
N ALA A 104 7.77 14.09 -6.87
CA ALA A 104 6.33 14.24 -7.06
C ALA A 104 5.73 15.13 -5.98
N ARG A 105 6.33 15.11 -4.80
CA ARG A 105 5.87 15.92 -3.68
C ARG A 105 6.08 17.41 -3.96
N LYS A 106 7.19 17.72 -4.61
CA LYS A 106 7.52 19.10 -4.94
C LYS A 106 6.69 19.58 -6.12
N ASN A 107 6.34 18.65 -7.00
CA ASN A 107 5.55 18.97 -8.18
C ASN A 107 4.14 19.43 -7.78
N ALA A 108 3.57 18.75 -6.79
CA ALA A 108 2.24 19.09 -6.32
C ALA A 108 2.26 20.36 -5.48
N GLU A 109 3.33 20.53 -4.71
CA GLU A 109 3.47 21.71 -3.86
C GLU A 109 3.49 22.99 -4.70
N GLN A 110 4.35 23.01 -5.71
CA GLN A 110 4.47 24.17 -6.58
C GLN A 110 3.21 24.32 -7.45
N LEU A 111 2.56 23.20 -7.75
CA LEU A 111 1.35 23.21 -8.56
C LEU A 111 0.13 23.59 -7.72
N LEU A 112 0.20 23.31 -6.42
CA LEU A 112 -0.91 23.62 -5.53
C LEU A 112 -1.00 25.13 -5.27
N ALA A 113 0.16 25.75 -5.06
CA ALA A 113 0.21 27.18 -4.80
C ALA A 113 -0.23 27.99 -6.02
N ASN A 114 -0.27 27.36 -7.19
CA ASN A 114 -0.67 28.03 -8.42
C ASN A 114 -2.04 27.56 -8.88
N GLN A 115 -2.87 27.12 -7.93
CA GLN A 115 -4.21 26.64 -8.27
C GLN A 115 -5.17 27.80 -8.47
N LYS A 116 -5.76 27.87 -9.65
CA LYS A 116 -6.70 28.94 -9.98
C LYS A 116 -8.14 28.43 -9.89
N SER A 117 -8.32 27.15 -10.19
CA SER A 117 -9.64 26.53 -10.15
C SER A 117 -9.62 25.28 -9.28
N ASP A 118 -10.81 24.77 -8.96
CA ASP A 118 -10.92 23.57 -8.13
C ASP A 118 -10.49 22.33 -8.90
N LEU A 119 -10.68 22.36 -10.22
CA LEU A 119 -10.32 21.24 -11.07
C LEU A 119 -8.82 20.92 -10.95
N ASP A 120 -7.99 21.91 -11.28
CA ASP A 120 -6.54 21.73 -11.20
C ASP A 120 -6.10 21.48 -9.76
N SER A 121 -6.85 22.04 -8.81
CA SER A 121 -6.55 21.88 -7.40
C SER A 121 -6.75 20.42 -6.98
N ALA A 122 -7.89 19.85 -7.36
CA ALA A 122 -8.21 18.47 -7.02
C ALA A 122 -7.15 17.51 -7.57
N ALA A 123 -6.66 17.83 -8.76
CA ALA A 123 -5.64 17.00 -9.40
C ALA A 123 -4.33 17.06 -8.63
N ALA A 124 -3.88 18.28 -8.35
CA ALA A 124 -2.63 18.49 -7.62
C ALA A 124 -2.76 17.99 -6.18
N LEU A 125 -3.96 18.11 -5.63
CA LEU A 125 -4.21 17.67 -4.25
C LEU A 125 -3.97 16.17 -4.12
N ALA A 126 -4.59 15.40 -5.00
CA ALA A 126 -4.44 13.94 -4.97
C ALA A 126 -2.97 13.55 -5.12
N ALA A 127 -2.28 14.22 -6.04
CA ALA A 127 -0.87 13.94 -6.28
C ALA A 127 -0.05 14.17 -5.02
N LEU A 128 -0.43 15.18 -4.25
CA LEU A 128 0.27 15.51 -3.01
C LEU A 128 0.03 14.43 -1.96
N ALA A 129 -1.23 14.05 -1.79
CA ALA A 129 -1.59 13.02 -0.81
C ALA A 129 -0.88 11.71 -1.10
N GLU A 130 -0.78 11.37 -2.39
CA GLU A 130 -0.13 10.14 -2.81
C GLU A 130 1.35 10.16 -2.42
N THR A 131 2.02 11.27 -2.69
CA THR A 131 3.43 11.42 -2.37
C THR A 131 3.66 11.24 -0.87
N ALA A 132 2.72 11.72 -0.07
CA ALA A 132 2.82 11.61 1.38
C ALA A 132 2.70 10.15 1.82
N ALA A 133 1.85 9.39 1.11
CA ALA A 133 1.64 7.99 1.44
C ALA A 133 2.95 7.21 1.32
N GLN A 134 3.63 7.36 0.19
CA GLN A 134 4.89 6.67 -0.05
C GLN A 134 5.90 7.02 1.04
N LEU A 135 6.03 8.30 1.35
CA LEU A 135 6.96 8.76 2.37
C LEU A 135 6.60 8.15 3.73
N GLU A 136 5.31 7.97 3.96
CA GLU A 136 4.83 7.40 5.22
C GLU A 136 5.36 5.97 5.38
N THR A 137 5.30 5.20 4.30
CA THR A 137 5.77 3.82 4.32
C THR A 137 7.24 3.75 4.70
N ILE A 138 8.05 4.60 4.06
CA ILE A 138 9.48 4.63 4.34
C ILE A 138 9.76 5.20 5.72
N ARG A 139 8.84 6.04 6.21
CA ARG A 139 9.00 6.65 7.52
C ARG A 139 8.85 5.62 8.63
N LYS A 140 7.72 4.91 8.62
CA LYS A 140 7.45 3.90 9.63
C LYS A 140 8.45 2.74 9.56
N ILE A 141 8.97 2.48 8.37
CA ILE A 141 9.91 1.38 8.17
C ILE A 141 11.35 1.83 8.39
N LYS A 142 11.74 2.89 7.71
CA LYS A 142 13.10 3.39 7.82
C LYS A 142 13.37 4.04 9.18
N ASN A 143 12.33 4.23 9.97
CA ASN A 143 12.49 4.85 11.29
C ASN A 143 12.27 3.85 12.42
N ARG A 144 11.61 2.75 12.12
CA ARG A 144 11.34 1.72 13.12
C ARG A 144 12.62 1.29 13.84
N ALA A 145 13.72 1.27 13.09
CA ALA A 145 15.01 0.90 13.66
C ALA A 145 15.93 2.12 13.73
N GLN A 146 15.49 3.11 14.49
CA GLN A 146 16.26 4.34 14.65
C GLN A 146 16.39 4.72 16.12
N MET A 8 1.61 -17.49 16.21
CA MET A 8 0.31 -17.41 15.49
C MET A 8 0.34 -18.20 14.18
N ALA A 9 -0.83 -18.57 13.70
CA ALA A 9 -0.95 -19.35 12.46
C ALA A 9 -0.32 -18.60 11.29
N THR A 10 -0.12 -19.30 10.18
CA THR A 10 0.46 -18.69 8.99
C THR A 10 -0.39 -18.98 7.75
N MET A 11 -0.41 -18.03 6.82
CA MET A 11 -1.17 -18.18 5.60
C MET A 11 -0.31 -17.87 4.37
N GLN A 12 -0.72 -18.37 3.22
CA GLN A 12 0.01 -18.16 1.97
C GLN A 12 -0.41 -16.84 1.32
N CYS A 13 0.23 -15.75 1.73
CA CYS A 13 -0.08 -14.44 1.18
C CYS A 13 0.79 -14.15 -0.04
N ASP A 14 0.20 -13.53 -1.06
CA ASP A 14 0.92 -13.20 -2.28
C ASP A 14 0.42 -11.89 -2.88
N VAL A 15 1.28 -10.89 -2.91
CA VAL A 15 0.92 -9.59 -3.47
C VAL A 15 1.49 -9.43 -4.87
N VAL A 16 0.66 -8.98 -5.81
CA VAL A 16 1.09 -8.79 -7.18
C VAL A 16 0.58 -7.46 -7.75
N SER A 17 1.32 -6.92 -8.71
CA SER A 17 0.94 -5.65 -9.33
C SER A 17 1.20 -5.70 -10.83
N VAL A 18 0.74 -4.68 -11.54
CA VAL A 18 0.93 -4.59 -12.98
C VAL A 18 2.41 -4.61 -13.36
N LYS A 19 3.26 -4.28 -12.39
CA LYS A 19 4.70 -4.26 -12.64
C LYS A 19 5.32 -5.64 -12.41
N GLU A 20 4.78 -6.39 -11.45
CA GLU A 20 5.25 -7.74 -11.13
C GLU A 20 4.88 -8.11 -9.70
N SER A 21 5.15 -9.36 -9.34
CA SER A 21 4.86 -9.85 -8.00
C SER A 21 5.68 -9.10 -6.95
N ILE A 22 5.15 -9.01 -5.74
CA ILE A 22 5.84 -8.32 -4.66
C ILE A 22 6.06 -9.25 -3.47
N TYR A 23 4.98 -9.78 -2.92
CA TYR A 23 5.07 -10.68 -1.78
C TYR A 23 4.64 -12.11 -2.16
N SER A 24 5.17 -13.08 -1.43
CA SER A 24 4.85 -14.48 -1.69
C SER A 24 5.49 -15.39 -0.64
N GLY A 25 4.68 -15.87 0.29
CA GLY A 25 5.18 -16.74 1.34
C GLY A 25 4.20 -16.91 2.48
N ALA A 26 4.73 -17.12 3.68
CA ALA A 26 3.89 -17.29 4.87
C ALA A 26 3.76 -15.98 5.65
N VAL A 27 2.58 -15.76 6.21
CA VAL A 27 2.33 -14.55 6.98
C VAL A 27 1.37 -14.82 8.13
N THR A 28 1.62 -14.19 9.27
CA THR A 28 0.77 -14.37 10.45
C THR A 28 -0.51 -13.54 10.32
N MET A 29 -0.41 -12.40 9.66
CA MET A 29 -1.56 -11.52 9.47
C MET A 29 -1.22 -10.38 8.52
N LEU A 30 -2.16 -10.06 7.62
CA LEU A 30 -1.96 -8.99 6.65
C LEU A 30 -3.09 -7.97 6.74
N ILE A 31 -2.75 -6.70 6.53
CA ILE A 31 -3.73 -5.63 6.60
C ILE A 31 -3.67 -4.74 5.36
N ALA A 32 -4.78 -4.66 4.64
CA ALA A 32 -4.86 -3.84 3.44
C ALA A 32 -6.16 -3.06 3.39
N LYS A 33 -6.18 -1.98 2.61
CA LYS A 33 -7.38 -1.14 2.49
C LYS A 33 -8.41 -1.79 1.57
N GLY A 34 -9.68 -1.72 1.96
CA GLY A 34 -10.74 -2.30 1.16
C GLY A 34 -12.13 -1.96 1.68
N ALA A 35 -13.09 -1.91 0.78
CA ALA A 35 -14.48 -1.59 1.14
C ALA A 35 -14.56 -0.28 1.93
N GLY A 36 -13.55 0.57 1.76
CA GLY A 36 -13.53 1.85 2.46
C GLY A 36 -12.85 1.76 3.81
N GLY A 37 -12.86 0.58 4.41
CA GLY A 37 -12.23 0.39 5.70
C GLY A 37 -10.94 -0.41 5.62
N GLU A 38 -10.32 -0.65 6.77
CA GLU A 38 -9.09 -1.43 6.83
C GLU A 38 -9.40 -2.89 7.07
N LEU A 39 -9.08 -3.73 6.07
CA LEU A 39 -9.35 -5.16 6.18
C LEU A 39 -8.15 -5.91 6.74
N GLY A 40 -8.41 -6.80 7.69
CA GLY A 40 -7.35 -7.59 8.30
C GLY A 40 -7.58 -9.07 8.14
N ILE A 41 -6.77 -9.71 7.30
CA ILE A 41 -6.91 -11.14 7.05
C ILE A 41 -6.07 -11.96 8.03
N LEU A 42 -6.66 -13.04 8.55
CA LEU A 42 -5.98 -13.90 9.49
C LEU A 42 -5.95 -15.34 8.96
N PRO A 43 -4.82 -16.06 9.19
CA PRO A 43 -4.67 -17.44 8.72
C PRO A 43 -5.86 -18.31 9.12
N GLY A 44 -6.69 -18.66 8.13
CA GLY A 44 -7.85 -19.48 8.38
C GLY A 44 -9.16 -18.73 8.18
N HIS A 45 -9.08 -17.57 7.53
CA HIS A 45 -10.27 -16.76 7.28
C HIS A 45 -11.10 -17.36 6.15
N ALA A 46 -12.30 -16.81 5.96
CA ALA A 46 -13.20 -17.30 4.92
C ALA A 46 -12.99 -16.53 3.61
N PRO A 47 -13.45 -17.10 2.49
CA PRO A 47 -13.31 -16.46 1.17
C PRO A 47 -13.99 -15.10 1.11
N LEU A 48 -13.20 -14.08 0.79
CA LEU A 48 -13.72 -12.71 0.69
C LEU A 48 -13.16 -12.00 -0.54
N VAL A 49 -13.97 -11.11 -1.11
CA VAL A 49 -13.56 -10.36 -2.30
C VAL A 49 -13.97 -8.90 -2.19
N THR A 50 -13.00 -8.03 -1.92
CA THR A 50 -13.27 -6.60 -1.79
C THR A 50 -12.29 -5.79 -2.63
N LEU A 51 -12.76 -4.66 -3.15
CA LEU A 51 -11.91 -3.79 -3.96
C LEU A 51 -10.81 -3.17 -3.11
N LEU A 52 -9.56 -3.39 -3.52
CA LEU A 52 -8.41 -2.86 -2.78
C LEU A 52 -8.21 -1.37 -3.10
N GLN A 53 -8.22 -0.55 -2.06
CA GLN A 53 -8.04 0.89 -2.21
C GLN A 53 -6.58 1.27 -2.02
N PRO A 54 -6.16 2.43 -2.57
CA PRO A 54 -4.78 2.91 -2.44
C PRO A 54 -4.35 3.03 -0.98
N GLY A 55 -3.31 2.32 -0.61
CA GLY A 55 -2.82 2.37 0.75
C GLY A 55 -1.69 1.38 0.99
N PRO A 56 -0.92 1.55 2.08
CA PRO A 56 0.19 0.67 2.42
C PRO A 56 -0.26 -0.59 3.15
N ILE A 57 -0.27 -1.71 2.44
CA ILE A 57 -0.67 -2.98 3.02
C ILE A 57 0.47 -3.56 3.86
N ARG A 58 0.14 -4.05 5.05
CA ARG A 58 1.15 -4.63 5.93
C ARG A 58 1.06 -6.16 5.94
N VAL A 59 2.22 -6.80 5.83
CA VAL A 59 2.29 -8.26 5.83
C VAL A 59 3.12 -8.77 6.99
N LEU A 60 2.46 -9.43 7.94
CA LEU A 60 3.15 -9.97 9.11
C LEU A 60 3.64 -11.38 8.84
N LEU A 61 4.88 -11.65 9.24
CA LEU A 61 5.48 -12.96 9.05
C LEU A 61 5.40 -13.76 10.35
N GLU A 62 5.78 -15.03 10.29
CA GLU A 62 5.74 -15.88 11.47
C GLU A 62 6.94 -15.63 12.39
N ASN A 63 7.85 -14.77 11.95
CA ASN A 63 9.02 -14.45 12.75
C ASN A 63 8.79 -13.18 13.56
N GLY A 64 7.51 -12.84 13.77
CA GLY A 64 7.19 -11.65 14.52
C GLY A 64 7.53 -10.38 13.76
N THR A 65 7.75 -10.51 12.46
CA THR A 65 8.11 -9.36 11.63
C THR A 65 6.94 -8.90 10.77
N GLU A 66 7.09 -7.73 10.16
CA GLU A 66 6.05 -7.17 9.30
C GLU A 66 6.67 -6.44 8.12
N GLU A 67 6.01 -6.50 6.97
CA GLU A 67 6.50 -5.85 5.76
C GLU A 67 5.48 -4.85 5.23
N ILE A 68 5.94 -3.64 4.91
CA ILE A 68 5.05 -2.60 4.40
C ILE A 68 5.20 -2.46 2.88
N VAL A 69 4.07 -2.58 2.19
CA VAL A 69 4.05 -2.46 0.73
C VAL A 69 2.95 -1.50 0.28
N TYR A 70 3.33 -0.49 -0.49
CA TYR A 70 2.37 0.48 -0.99
C TYR A 70 1.62 -0.04 -2.21
N VAL A 71 0.33 0.26 -2.28
CA VAL A 71 -0.50 -0.19 -3.40
C VAL A 71 -1.48 0.91 -3.80
N SER A 72 -1.77 0.99 -5.10
CA SER A 72 -2.69 2.00 -5.60
C SER A 72 -4.14 1.56 -5.44
N GLY A 73 -4.39 0.27 -5.66
CA GLY A 73 -5.73 -0.26 -5.54
C GLY A 73 -6.12 -1.11 -6.72
N GLY A 74 -6.87 -2.17 -6.46
CA GLY A 74 -7.31 -3.06 -7.51
C GLY A 74 -8.30 -4.09 -7.04
N VAL A 75 -7.84 -5.32 -6.85
CA VAL A 75 -8.70 -6.40 -6.40
C VAL A 75 -8.07 -7.19 -5.25
N LEU A 76 -8.88 -7.55 -4.27
CA LEU A 76 -8.39 -8.32 -3.12
C LEU A 76 -9.25 -9.57 -2.92
N GLU A 77 -8.67 -10.73 -3.24
CA GLU A 77 -9.37 -11.99 -3.10
C GLU A 77 -8.73 -12.87 -2.03
N VAL A 78 -9.42 -13.00 -0.90
CA VAL A 78 -8.92 -13.81 0.20
C VAL A 78 -9.36 -15.27 0.04
N GLN A 79 -8.41 -16.19 0.16
CA GLN A 79 -8.70 -17.61 0.04
C GLN A 79 -8.58 -18.31 1.40
N PRO A 80 -9.20 -19.49 1.54
CA PRO A 80 -9.16 -20.25 2.79
C PRO A 80 -7.76 -20.31 3.40
N HIS A 81 -6.80 -20.83 2.65
CA HIS A 81 -5.43 -20.93 3.12
C HIS A 81 -4.47 -20.13 2.25
N VAL A 82 -5.03 -19.31 1.34
CA VAL A 82 -4.22 -18.49 0.46
C VAL A 82 -4.78 -17.07 0.36
N VAL A 83 -3.90 -16.11 0.10
CA VAL A 83 -4.31 -14.71 -0.01
C VAL A 83 -3.60 -14.02 -1.17
N THR A 84 -4.39 -13.45 -2.08
CA THR A 84 -3.85 -12.76 -3.24
C THR A 84 -4.45 -11.37 -3.37
N VAL A 85 -3.60 -10.35 -3.30
CA VAL A 85 -4.06 -8.97 -3.42
C VAL A 85 -3.48 -8.30 -4.67
N LEU A 86 -4.34 -8.04 -5.64
CA LEU A 86 -3.92 -7.40 -6.88
C LEU A 86 -3.98 -5.89 -6.77
N ALA A 87 -2.88 -5.22 -7.11
CA ALA A 87 -2.80 -3.77 -7.05
C ALA A 87 -2.28 -3.18 -8.36
N ASP A 88 -2.97 -2.18 -8.87
CA ASP A 88 -2.56 -1.53 -10.11
C ASP A 88 -1.07 -1.21 -10.10
N THR A 89 -0.53 -0.97 -8.90
CA THR A 89 0.87 -0.66 -8.74
C THR A 89 1.33 -0.98 -7.31
N ALA A 90 2.40 -1.75 -7.19
CA ALA A 90 2.93 -2.12 -5.88
C ALA A 90 4.42 -1.83 -5.78
N ILE A 91 4.82 -1.13 -4.72
CA ILE A 91 6.22 -0.78 -4.50
C ILE A 91 6.66 -1.16 -3.09
N ARG A 92 7.67 -2.00 -3.00
CA ARG A 92 8.19 -2.44 -1.70
C ARG A 92 8.65 -1.24 -0.87
N ALA A 93 8.42 -1.33 0.44
CA ALA A 93 8.80 -0.25 1.36
C ALA A 93 10.29 0.08 1.23
N ASP A 94 11.12 -0.95 1.24
CA ASP A 94 12.57 -0.76 1.13
C ASP A 94 13.01 -0.72 -0.32
N ASN A 95 12.06 -0.77 -1.25
CA ASN A 95 12.37 -0.74 -2.68
C ASN A 95 11.60 0.38 -3.39
N LEU A 96 11.17 1.37 -2.62
CA LEU A 96 10.42 2.49 -3.18
C LEU A 96 11.35 3.58 -3.69
N ASP A 97 11.14 4.02 -4.92
CA ASP A 97 11.97 5.05 -5.52
C ASP A 97 11.65 6.42 -4.92
N GLU A 98 12.34 6.76 -3.83
CA GLU A 98 12.13 8.04 -3.16
C GLU A 98 12.39 9.20 -4.12
N ALA A 99 13.31 8.99 -5.05
CA ALA A 99 13.66 10.03 -6.02
C ALA A 99 12.44 10.45 -6.83
N ALA A 100 11.67 9.46 -7.31
CA ALA A 100 10.48 9.74 -8.10
C ALA A 100 9.43 10.45 -7.26
N ILE A 101 9.20 9.94 -6.06
CA ILE A 101 8.21 10.52 -5.16
C ILE A 101 8.61 11.94 -4.74
N LEU A 102 9.90 12.15 -4.55
CA LEU A 102 10.42 13.45 -4.16
C LEU A 102 10.17 14.48 -5.25
N GLU A 103 10.24 14.04 -6.50
CA GLU A 103 10.02 14.93 -7.63
C GLU A 103 8.57 15.40 -7.69
N ALA A 104 7.65 14.46 -7.55
CA ALA A 104 6.22 14.78 -7.58
C ALA A 104 5.77 15.38 -6.25
N ARG A 105 6.45 15.01 -5.17
CA ARG A 105 6.12 15.51 -3.84
C ARG A 105 6.50 16.99 -3.71
N LYS A 106 7.63 17.35 -4.32
CA LYS A 106 8.10 18.73 -4.28
C LYS A 106 7.34 19.59 -5.27
N ASN A 107 6.91 18.97 -6.37
CA ASN A 107 6.16 19.68 -7.40
C ASN A 107 4.77 20.06 -6.90
N ALA A 108 4.17 19.17 -6.13
CA ALA A 108 2.84 19.42 -5.59
C ALA A 108 2.90 20.43 -4.44
N GLU A 109 3.93 20.33 -3.60
CA GLU A 109 4.10 21.22 -2.47
C GLU A 109 4.23 22.67 -2.94
N GLN A 110 5.21 22.91 -3.81
CA GLN A 110 5.45 24.26 -4.34
C GLN A 110 4.29 24.71 -5.22
N LEU A 111 3.60 23.74 -5.82
CA LEU A 111 2.47 24.05 -6.70
C LEU A 111 1.21 24.29 -5.87
N LEU A 112 1.15 23.70 -4.69
CA LEU A 112 -0.01 23.85 -3.81
C LEU A 112 -0.03 25.24 -3.17
N ALA A 113 1.12 25.68 -2.68
CA ALA A 113 1.23 26.99 -2.04
C ALA A 113 1.00 28.12 -3.05
N ASN A 114 1.27 27.83 -4.33
CA ASN A 114 1.10 28.83 -5.38
C ASN A 114 -0.22 28.63 -6.12
N GLN A 115 -1.19 28.02 -5.46
CA GLN A 115 -2.50 27.77 -6.06
C GLN A 115 -3.33 29.05 -6.11
N LYS A 116 -3.67 29.49 -7.33
CA LYS A 116 -4.46 30.69 -7.52
C LYS A 116 -5.93 30.34 -7.68
N SER A 117 -6.21 29.17 -8.24
CA SER A 117 -7.57 28.72 -8.46
C SER A 117 -7.83 27.40 -7.74
N ASP A 118 -9.05 26.87 -7.88
CA ASP A 118 -9.41 25.62 -7.23
C ASP A 118 -9.06 24.43 -8.12
N LEU A 119 -9.10 24.64 -9.43
CA LEU A 119 -8.78 23.58 -10.38
C LEU A 119 -7.35 23.09 -10.19
N ASP A 120 -6.39 24.00 -10.36
CA ASP A 120 -4.98 23.66 -10.20
C ASP A 120 -4.71 23.09 -8.82
N SER A 121 -5.44 23.59 -7.82
CA SER A 121 -5.27 23.12 -6.46
C SER A 121 -5.67 21.65 -6.33
N ALA A 122 -6.82 21.31 -6.89
CA ALA A 122 -7.31 19.94 -6.83
C ALA A 122 -6.29 18.97 -7.45
N ALA A 123 -5.64 19.41 -8.52
CA ALA A 123 -4.64 18.59 -9.19
C ALA A 123 -3.44 18.38 -8.28
N ALA A 124 -3.01 19.44 -7.61
CA ALA A 124 -1.87 19.36 -6.70
C ALA A 124 -2.23 18.57 -5.45
N LEU A 125 -3.47 18.70 -5.00
CA LEU A 125 -3.93 18.00 -3.81
C LEU A 125 -3.82 16.50 -4.00
N ALA A 126 -4.41 16.00 -5.09
CA ALA A 126 -4.37 14.57 -5.38
C ALA A 126 -2.93 14.08 -5.49
N ALA A 127 -2.10 14.86 -6.18
CA ALA A 127 -0.69 14.51 -6.36
C ALA A 127 0.02 14.40 -5.02
N LEU A 128 -0.46 15.17 -4.03
CA LEU A 128 0.13 15.15 -2.70
C LEU A 128 -0.27 13.88 -1.95
N ALA A 129 -1.54 13.51 -2.05
CA ALA A 129 -2.04 12.32 -1.36
C ALA A 129 -1.32 11.07 -1.87
N GLU A 130 -1.12 11.00 -3.18
CA GLU A 130 -0.45 9.86 -3.79
C GLU A 130 1.03 9.84 -3.44
N THR A 131 1.72 10.93 -3.74
CA THR A 131 3.15 11.04 -3.45
C THR A 131 3.41 10.86 -1.97
N ALA A 132 2.58 11.49 -1.14
CA ALA A 132 2.73 11.40 0.31
C ALA A 132 2.60 9.95 0.78
N ALA A 133 1.72 9.21 0.14
CA ALA A 133 1.50 7.81 0.48
C ALA A 133 2.77 7.00 0.31
N GLN A 134 3.40 7.13 -0.86
CA GLN A 134 4.64 6.42 -1.14
C GLN A 134 5.72 6.78 -0.13
N LEU A 135 5.94 8.08 0.05
CA LEU A 135 6.94 8.56 0.99
C LEU A 135 6.63 8.09 2.41
N GLU A 136 5.35 8.13 2.77
CA GLU A 136 4.93 7.71 4.10
C GLU A 136 5.28 6.25 4.35
N THR A 137 5.08 5.42 3.33
CA THR A 137 5.39 3.99 3.43
C THR A 137 6.85 3.78 3.77
N ILE A 138 7.73 4.45 3.03
CA ILE A 138 9.17 4.33 3.25
C ILE A 138 9.54 4.83 4.65
N ARG A 139 9.24 6.10 4.91
CA ARG A 139 9.55 6.70 6.21
C ARG A 139 8.92 5.91 7.34
N LYS A 140 7.77 5.31 7.07
CA LYS A 140 7.06 4.52 8.08
C LYS A 140 7.79 3.21 8.36
N ILE A 141 8.53 2.71 7.37
CA ILE A 141 9.28 1.47 7.51
C ILE A 141 10.67 1.72 8.05
N LYS A 142 11.38 2.64 7.43
CA LYS A 142 12.73 2.96 7.84
C LYS A 142 12.76 3.68 9.19
N ASN A 143 11.80 4.58 9.39
CA ASN A 143 11.73 5.35 10.64
C ASN A 143 10.65 4.79 11.57
N ARG A 144 9.44 4.67 11.06
CA ARG A 144 8.32 4.16 11.84
C ARG A 144 7.90 5.16 12.91
N ALA A 145 8.05 6.44 12.61
CA ALA A 145 7.68 7.50 13.54
C ALA A 145 6.53 8.33 13.00
N GLN A 146 5.37 7.69 12.83
CA GLN A 146 4.19 8.35 12.31
C GLN A 146 3.25 8.75 13.45
N MET A 8 1.51 -16.23 15.19
CA MET A 8 0.40 -17.20 15.36
C MET A 8 -0.22 -17.57 14.01
N ALA A 9 -0.33 -18.87 13.75
CA ALA A 9 -0.90 -19.36 12.51
C ALA A 9 -0.14 -18.82 11.30
N THR A 10 -0.41 -19.38 10.13
CA THR A 10 0.25 -18.96 8.91
C THR A 10 -0.66 -19.14 7.69
N MET A 11 -0.50 -18.28 6.71
CA MET A 11 -1.31 -18.34 5.49
C MET A 11 -0.49 -17.98 4.27
N GLN A 12 -0.89 -18.51 3.12
CA GLN A 12 -0.19 -18.24 1.86
C GLN A 12 -0.64 -16.92 1.25
N CYS A 13 0.15 -15.86 1.48
CA CYS A 13 -0.17 -14.54 0.96
C CYS A 13 0.70 -14.21 -0.25
N ASP A 14 0.12 -13.55 -1.24
CA ASP A 14 0.84 -13.19 -2.46
C ASP A 14 0.36 -11.84 -3.00
N VAL A 15 1.27 -10.89 -3.12
CA VAL A 15 0.94 -9.57 -3.64
C VAL A 15 1.29 -9.48 -5.12
N VAL A 16 0.30 -9.14 -5.94
CA VAL A 16 0.51 -9.02 -7.38
C VAL A 16 -0.03 -7.71 -7.93
N SER A 17 0.56 -7.26 -9.03
CA SER A 17 0.14 -6.02 -9.67
C SER A 17 0.15 -6.18 -11.19
N VAL A 18 -0.42 -5.20 -11.88
CA VAL A 18 -0.47 -5.23 -13.34
C VAL A 18 0.94 -5.33 -13.94
N LYS A 19 1.94 -4.96 -13.16
CA LYS A 19 3.32 -4.99 -13.62
C LYS A 19 3.95 -6.37 -13.39
N GLU A 20 3.54 -7.03 -12.31
CA GLU A 20 4.06 -8.36 -11.97
C GLU A 20 3.88 -8.65 -10.48
N SER A 21 4.19 -9.88 -10.08
CA SER A 21 4.09 -10.29 -8.69
C SER A 21 5.17 -9.63 -7.85
N ILE A 22 4.87 -9.44 -6.56
CA ILE A 22 5.82 -8.82 -5.64
C ILE A 22 6.15 -9.74 -4.48
N TYR A 23 5.11 -10.23 -3.79
CA TYR A 23 5.31 -11.12 -2.65
C TYR A 23 4.55 -12.43 -2.86
N SER A 24 4.99 -13.46 -2.15
CA SER A 24 4.36 -14.78 -2.25
C SER A 24 4.98 -15.76 -1.25
N GLY A 25 4.26 -16.03 -0.17
CA GLY A 25 4.76 -16.94 0.85
C GLY A 25 3.84 -17.03 2.05
N ALA A 26 4.41 -17.42 3.19
CA ALA A 26 3.64 -17.55 4.42
C ALA A 26 3.58 -16.22 5.18
N VAL A 27 2.44 -15.95 5.80
CA VAL A 27 2.26 -14.71 6.54
C VAL A 27 1.36 -14.94 7.76
N THR A 28 1.72 -14.31 8.88
CA THR A 28 0.93 -14.44 10.10
C THR A 28 -0.33 -13.60 10.04
N MET A 29 -0.24 -12.46 9.36
CA MET A 29 -1.38 -11.55 9.23
C MET A 29 -1.03 -10.38 8.31
N LEU A 30 -2.00 -9.94 7.52
CA LEU A 30 -1.79 -8.83 6.60
C LEU A 30 -2.86 -7.76 6.78
N ILE A 31 -2.47 -6.51 6.56
CA ILE A 31 -3.39 -5.38 6.69
C ILE A 31 -3.35 -4.50 5.45
N ALA A 32 -4.42 -4.52 4.68
CA ALA A 32 -4.51 -3.72 3.47
C ALA A 32 -5.75 -2.83 3.48
N LYS A 33 -5.64 -1.68 2.82
CA LYS A 33 -6.74 -0.73 2.76
C LYS A 33 -7.78 -1.17 1.73
N GLY A 34 -9.01 -1.36 2.18
CA GLY A 34 -10.08 -1.79 1.30
C GLY A 34 -11.45 -1.33 1.74
N ALA A 35 -12.29 -0.97 0.78
CA ALA A 35 -13.64 -0.51 1.09
C ALA A 35 -13.62 0.73 2.00
N GLY A 36 -12.49 1.42 2.04
CA GLY A 36 -12.37 2.59 2.88
C GLY A 36 -11.84 2.28 4.27
N GLY A 37 -12.04 1.04 4.72
CA GLY A 37 -11.56 0.66 6.02
C GLY A 37 -10.37 -0.27 5.95
N GLU A 38 -9.69 -0.45 7.08
CA GLU A 38 -8.52 -1.32 7.16
C GLU A 38 -8.95 -2.78 7.26
N LEU A 39 -8.64 -3.56 6.23
CA LEU A 39 -8.99 -4.98 6.20
C LEU A 39 -7.84 -5.83 6.72
N GLY A 40 -8.06 -6.51 7.83
CA GLY A 40 -7.04 -7.36 8.41
C GLY A 40 -7.40 -8.82 8.33
N ILE A 41 -6.70 -9.56 7.47
CA ILE A 41 -6.97 -10.98 7.29
C ILE A 41 -5.98 -11.83 8.10
N LEU A 42 -6.51 -12.86 8.75
CA LEU A 42 -5.68 -13.76 9.55
C LEU A 42 -5.81 -15.20 9.07
N PRO A 43 -4.74 -15.99 9.21
CA PRO A 43 -4.73 -17.40 8.78
C PRO A 43 -5.96 -18.16 9.26
N GLY A 44 -6.86 -18.47 8.34
CA GLY A 44 -8.06 -19.20 8.69
C GLY A 44 -9.32 -18.36 8.53
N HIS A 45 -9.20 -17.24 7.83
CA HIS A 45 -10.34 -16.36 7.60
C HIS A 45 -11.26 -16.92 6.54
N ALA A 46 -12.42 -16.30 6.36
CA ALA A 46 -13.39 -16.74 5.38
C ALA A 46 -13.18 -16.05 4.04
N PRO A 47 -13.62 -16.66 2.93
CA PRO A 47 -13.48 -16.09 1.58
C PRO A 47 -14.20 -14.75 1.45
N LEU A 48 -13.43 -13.71 1.10
CA LEU A 48 -14.00 -12.38 0.94
C LEU A 48 -13.45 -11.70 -0.31
N VAL A 49 -14.23 -10.79 -0.89
CA VAL A 49 -13.81 -10.06 -2.08
C VAL A 49 -14.15 -8.58 -1.96
N THR A 50 -13.11 -7.77 -1.73
CA THR A 50 -13.28 -6.33 -1.60
C THR A 50 -12.29 -5.58 -2.48
N LEU A 51 -12.70 -4.42 -2.98
CA LEU A 51 -11.85 -3.60 -3.83
C LEU A 51 -10.75 -2.93 -2.99
N LEU A 52 -9.50 -3.12 -3.40
CA LEU A 52 -8.37 -2.53 -2.69
C LEU A 52 -8.19 -1.07 -3.07
N GLN A 53 -8.03 -0.23 -2.06
CA GLN A 53 -7.84 1.21 -2.29
C GLN A 53 -6.39 1.62 -2.05
N PRO A 54 -5.99 2.80 -2.53
CA PRO A 54 -4.62 3.31 -2.37
C PRO A 54 -4.19 3.35 -0.91
N GLY A 55 -3.08 2.68 -0.61
CA GLY A 55 -2.57 2.65 0.76
C GLY A 55 -1.47 1.63 0.94
N PRO A 56 -0.60 1.82 1.94
CA PRO A 56 0.50 0.90 2.22
C PRO A 56 0.06 -0.34 2.98
N ILE A 57 0.06 -1.48 2.33
CA ILE A 57 -0.34 -2.73 2.96
C ILE A 57 0.78 -3.28 3.83
N ARG A 58 0.41 -3.87 4.97
CA ARG A 58 1.39 -4.43 5.89
C ARG A 58 1.26 -5.95 5.98
N VAL A 59 2.29 -6.66 5.54
CA VAL A 59 2.29 -8.11 5.58
C VAL A 59 3.19 -8.64 6.70
N LEU A 60 2.61 -9.44 7.57
CA LEU A 60 3.35 -10.01 8.69
C LEU A 60 3.72 -11.46 8.42
N LEU A 61 4.97 -11.81 8.72
CA LEU A 61 5.46 -13.16 8.52
C LEU A 61 5.45 -13.92 9.83
N GLU A 62 5.71 -15.22 9.77
CA GLU A 62 5.72 -16.05 10.97
C GLU A 62 7.00 -15.87 11.77
N ASN A 63 7.93 -15.08 11.24
CA ASN A 63 9.18 -14.84 11.93
C ASN A 63 9.09 -13.56 12.77
N GLY A 64 7.86 -13.14 13.08
CA GLY A 64 7.67 -11.93 13.85
C GLY A 64 8.04 -10.69 13.08
N THR A 65 8.15 -10.82 11.76
CA THR A 65 8.52 -9.69 10.92
C THR A 65 7.32 -9.14 10.16
N GLU A 66 7.47 -7.93 9.64
CA GLU A 66 6.40 -7.28 8.88
C GLU A 66 6.99 -6.46 7.73
N GLU A 67 6.24 -6.37 6.63
CA GLU A 67 6.68 -5.61 5.46
C GLU A 67 5.59 -4.68 4.98
N ILE A 68 5.99 -3.52 4.44
CA ILE A 68 5.04 -2.54 3.93
C ILE A 68 5.17 -2.37 2.43
N VAL A 69 4.04 -2.41 1.73
CA VAL A 69 4.04 -2.26 0.28
C VAL A 69 3.03 -1.21 -0.16
N TYR A 70 3.46 -0.33 -1.06
CA TYR A 70 2.61 0.74 -1.57
C TYR A 70 1.72 0.22 -2.71
N VAL A 71 0.43 0.15 -2.46
CA VAL A 71 -0.53 -0.31 -3.46
C VAL A 71 -1.54 0.78 -3.80
N SER A 72 -1.58 1.15 -5.08
CA SER A 72 -2.50 2.19 -5.54
C SER A 72 -3.95 1.78 -5.33
N GLY A 73 -4.22 0.50 -5.53
CA GLY A 73 -5.58 0.01 -5.37
C GLY A 73 -6.01 -0.86 -6.54
N GLY A 74 -6.78 -1.90 -6.24
CA GLY A 74 -7.25 -2.79 -7.29
C GLY A 74 -8.28 -3.78 -6.79
N VAL A 75 -7.86 -5.04 -6.61
CA VAL A 75 -8.76 -6.07 -6.13
C VAL A 75 -8.13 -6.88 -5.01
N LEU A 76 -8.93 -7.19 -3.99
CA LEU A 76 -8.46 -7.97 -2.86
C LEU A 76 -9.32 -9.23 -2.69
N GLU A 77 -8.75 -10.38 -3.02
CA GLU A 77 -9.47 -11.65 -2.91
C GLU A 77 -8.90 -12.51 -1.79
N VAL A 78 -9.67 -12.66 -0.73
CA VAL A 78 -9.25 -13.47 0.41
C VAL A 78 -9.72 -14.91 0.26
N GLN A 79 -8.79 -15.85 0.40
CA GLN A 79 -9.11 -17.27 0.28
C GLN A 79 -9.00 -17.96 1.63
N PRO A 80 -9.65 -19.12 1.79
CA PRO A 80 -9.62 -19.89 3.04
C PRO A 80 -8.22 -19.99 3.62
N HIS A 81 -7.29 -20.53 2.83
CA HIS A 81 -5.91 -20.69 3.28
C HIS A 81 -4.93 -19.89 2.42
N VAL A 82 -5.48 -19.06 1.52
CA VAL A 82 -4.64 -18.25 0.64
C VAL A 82 -5.17 -16.82 0.56
N VAL A 83 -4.27 -15.87 0.31
CA VAL A 83 -4.66 -14.47 0.20
C VAL A 83 -3.85 -13.75 -0.88
N THR A 84 -4.55 -13.13 -1.82
CA THR A 84 -3.90 -12.41 -2.91
C THR A 84 -4.45 -10.99 -3.03
N VAL A 85 -3.56 -10.01 -3.07
CA VAL A 85 -3.96 -8.62 -3.18
C VAL A 85 -3.49 -8.01 -4.50
N LEU A 86 -4.44 -7.83 -5.42
CA LEU A 86 -4.13 -7.26 -6.73
C LEU A 86 -4.13 -5.73 -6.67
N ALA A 87 -2.99 -5.14 -6.98
CA ALA A 87 -2.86 -3.68 -6.96
C ALA A 87 -2.34 -3.15 -8.29
N ASP A 88 -2.98 -2.09 -8.79
CA ASP A 88 -2.56 -1.49 -10.05
C ASP A 88 -1.07 -1.19 -10.05
N THR A 89 -0.51 -0.98 -8.88
CA THR A 89 0.91 -0.70 -8.73
C THR A 89 1.38 -1.02 -7.31
N ALA A 90 2.27 -2.01 -7.20
CA ALA A 90 2.78 -2.42 -5.90
C ALA A 90 4.28 -2.13 -5.80
N ILE A 91 4.65 -1.29 -4.82
CA ILE A 91 6.04 -0.93 -4.61
C ILE A 91 6.47 -1.29 -3.19
N ARG A 92 7.75 -1.60 -3.03
CA ARG A 92 8.30 -1.96 -1.72
C ARG A 92 8.90 -0.73 -1.04
N ALA A 93 8.49 -0.49 0.21
CA ALA A 93 8.98 0.64 0.97
C ALA A 93 10.51 0.67 1.00
N ASP A 94 11.11 -0.52 0.93
CA ASP A 94 12.57 -0.63 0.95
C ASP A 94 13.16 -0.26 -0.41
N ASN A 95 12.35 -0.36 -1.45
CA ASN A 95 12.80 -0.04 -2.81
C ASN A 95 12.03 1.16 -3.37
N LEU A 96 11.46 1.97 -2.48
CA LEU A 96 10.71 3.15 -2.90
C LEU A 96 11.65 4.36 -3.07
N ASP A 97 11.71 4.88 -4.28
CA ASP A 97 12.57 6.02 -4.57
C ASP A 97 12.16 7.23 -3.74
N GLU A 98 12.81 7.40 -2.59
CA GLU A 98 12.51 8.51 -1.71
C GLU A 98 12.87 9.85 -2.37
N ALA A 99 13.80 9.81 -3.32
CA ALA A 99 14.24 11.01 -4.02
C ALA A 99 13.21 11.43 -5.07
N ALA A 100 12.69 10.47 -5.81
CA ALA A 100 11.71 10.74 -6.84
C ALA A 100 10.43 11.32 -6.24
N ILE A 101 9.97 10.69 -5.16
CA ILE A 101 8.76 11.14 -4.48
C ILE A 101 8.96 12.52 -3.87
N LEU A 102 10.16 12.75 -3.32
CA LEU A 102 10.48 14.03 -2.71
C LEU A 102 10.34 15.16 -3.72
N GLU A 103 10.70 14.88 -4.96
CA GLU A 103 10.62 15.87 -6.04
C GLU A 103 9.16 16.15 -6.39
N ALA A 104 8.34 15.11 -6.41
CA ALA A 104 6.93 15.25 -6.74
C ALA A 104 6.16 15.85 -5.57
N ARG A 105 6.61 15.56 -4.36
CA ARG A 105 5.96 16.08 -3.16
C ARG A 105 6.16 17.58 -3.05
N LYS A 106 7.36 18.05 -3.38
CA LYS A 106 7.66 19.47 -3.33
C LYS A 106 7.00 20.20 -4.50
N ASN A 107 6.83 19.49 -5.60
CA ASN A 107 6.22 20.07 -6.79
C ASN A 107 4.76 20.44 -6.51
N ALA A 108 4.08 19.57 -5.77
CA ALA A 108 2.68 19.81 -5.42
C ALA A 108 2.56 20.88 -4.35
N GLU A 109 3.51 20.89 -3.42
CA GLU A 109 3.51 21.88 -2.34
C GLU A 109 3.57 23.30 -2.90
N GLN A 110 4.61 23.58 -3.68
CA GLN A 110 4.79 24.90 -4.28
C GLN A 110 3.72 25.16 -5.34
N LEU A 111 3.19 24.09 -5.92
CA LEU A 111 2.16 24.20 -6.94
C LEU A 111 0.78 24.42 -6.32
N LEU A 112 0.63 23.96 -5.08
CA LEU A 112 -0.64 24.09 -4.38
C LEU A 112 -0.82 25.51 -3.84
N ALA A 113 0.26 26.10 -3.34
CA ALA A 113 0.23 27.45 -2.80
C ALA A 113 -0.13 28.47 -3.87
N ASN A 114 0.19 28.15 -5.12
CA ASN A 114 -0.09 29.05 -6.24
C ASN A 114 -1.34 28.61 -6.99
N GLN A 115 -2.28 27.98 -6.29
CA GLN A 115 -3.52 27.52 -6.90
C GLN A 115 -4.42 28.69 -7.28
N LYS A 116 -4.81 28.74 -8.55
CA LYS A 116 -5.69 29.80 -9.04
C LYS A 116 -7.08 29.27 -9.34
N SER A 117 -7.15 28.00 -9.73
CA SER A 117 -8.42 27.36 -10.05
C SER A 117 -8.59 26.07 -9.27
N ASP A 118 -9.72 25.39 -9.50
CA ASP A 118 -10.01 24.13 -8.81
C ASP A 118 -9.40 22.95 -9.57
N LEU A 119 -9.29 23.09 -10.88
CA LEU A 119 -8.73 22.03 -11.72
C LEU A 119 -7.30 21.71 -11.31
N ASP A 120 -6.43 22.71 -11.41
CA ASP A 120 -5.02 22.54 -11.05
C ASP A 120 -4.87 22.05 -9.62
N SER A 121 -5.71 22.59 -8.73
CA SER A 121 -5.67 22.21 -7.32
C SER A 121 -5.94 20.72 -7.16
N ALA A 122 -7.00 20.24 -7.81
CA ALA A 122 -7.37 18.83 -7.73
C ALA A 122 -6.22 17.93 -8.21
N ALA A 123 -5.46 18.44 -9.17
CA ALA A 123 -4.33 17.69 -9.71
C ALA A 123 -3.16 17.67 -8.73
N ALA A 124 -2.75 18.85 -8.27
CA ALA A 124 -1.66 18.96 -7.32
C ALA A 124 -1.98 18.24 -6.02
N LEU A 125 -3.23 18.36 -5.58
CA LEU A 125 -3.67 17.73 -4.34
C LEU A 125 -3.50 16.21 -4.43
N ALA A 126 -3.99 15.63 -5.52
CA ALA A 126 -3.89 14.19 -5.72
C ALA A 126 -2.44 13.73 -5.67
N ALA A 127 -1.55 14.51 -6.25
CA ALA A 127 -0.13 14.18 -6.26
C ALA A 127 0.44 14.16 -4.84
N LEU A 128 0.11 15.20 -4.08
CA LEU A 128 0.59 15.30 -2.71
C LEU A 128 0.17 14.10 -1.88
N ALA A 129 -1.10 13.71 -2.01
CA ALA A 129 -1.63 12.57 -1.27
C ALA A 129 -0.87 11.29 -1.60
N GLU A 130 -0.71 11.03 -2.90
CA GLU A 130 -0.01 9.84 -3.35
C GLU A 130 1.46 9.87 -2.92
N THR A 131 2.16 10.96 -3.28
CA THR A 131 3.56 11.12 -2.92
C THR A 131 3.78 10.91 -1.43
N ALA A 132 2.75 11.21 -0.63
CA ALA A 132 2.84 11.05 0.81
C ALA A 132 2.77 9.58 1.20
N ALA A 133 1.86 8.84 0.57
CA ALA A 133 1.70 7.42 0.85
C ALA A 133 3.02 6.67 0.68
N GLN A 134 3.59 6.73 -0.53
CA GLN A 134 4.85 6.05 -0.81
C GLN A 134 5.93 6.51 0.18
N LEU A 135 6.12 7.83 0.28
CA LEU A 135 7.10 8.37 1.21
C LEU A 135 6.79 7.93 2.63
N GLU A 136 5.50 7.75 2.90
CA GLU A 136 5.04 7.33 4.21
C GLU A 136 5.34 5.85 4.43
N THR A 137 5.43 5.10 3.34
CA THR A 137 5.73 3.68 3.40
C THR A 137 7.16 3.45 3.88
N ILE A 138 8.11 4.14 3.26
CA ILE A 138 9.52 4.02 3.62
C ILE A 138 9.76 4.61 5.00
N ARG A 139 9.14 5.76 5.27
CA ARG A 139 9.29 6.44 6.55
C ARG A 139 8.98 5.51 7.72
N LYS A 140 7.78 4.91 7.70
CA LYS A 140 7.38 4.01 8.77
C LYS A 140 8.27 2.77 8.82
N ILE A 141 8.74 2.33 7.65
CA ILE A 141 9.59 1.16 7.59
C ILE A 141 11.01 1.47 8.05
N LYS A 142 11.45 2.70 7.85
CA LYS A 142 12.79 3.12 8.24
C LYS A 142 12.82 3.64 9.67
N ASN A 143 11.70 4.21 10.11
CA ASN A 143 11.59 4.76 11.46
C ASN A 143 10.72 3.87 12.34
N ARG A 144 9.53 3.55 11.86
CA ARG A 144 8.60 2.71 12.60
C ARG A 144 8.11 3.42 13.86
N ALA A 145 8.05 4.74 13.80
CA ALA A 145 7.60 5.53 14.94
C ALA A 145 6.21 6.10 14.70
N GLN A 146 5.24 5.20 14.53
CA GLN A 146 3.86 5.60 14.29
C GLN A 146 2.96 5.14 15.42
N MET A 8 1.29 -16.93 16.69
CA MET A 8 0.13 -16.55 15.84
C MET A 8 0.12 -17.35 14.55
N ALA A 9 -1.07 -17.79 14.14
CA ALA A 9 -1.21 -18.57 12.91
C ALA A 9 -0.72 -17.79 11.70
N THR A 10 -0.52 -18.48 10.59
CA THR A 10 -0.03 -17.85 9.37
C THR A 10 -0.64 -18.52 8.14
N MET A 11 -0.68 -17.78 7.02
CA MET A 11 -1.24 -18.31 5.79
C MET A 11 -0.41 -17.85 4.58
N GLN A 12 -0.58 -18.54 3.46
CA GLN A 12 0.15 -18.21 2.25
C GLN A 12 -0.38 -16.92 1.61
N CYS A 13 0.38 -15.84 1.76
CA CYS A 13 0.00 -14.55 1.21
C CYS A 13 0.90 -14.20 0.03
N ASP A 14 0.31 -13.59 -1.00
CA ASP A 14 1.07 -13.20 -2.18
C ASP A 14 0.53 -11.91 -2.79
N VAL A 15 1.41 -10.94 -2.99
CA VAL A 15 1.03 -9.66 -3.57
C VAL A 15 1.48 -9.58 -5.02
N VAL A 16 0.58 -9.17 -5.90
CA VAL A 16 0.89 -9.06 -7.32
C VAL A 16 0.29 -7.80 -7.94
N SER A 17 0.92 -7.31 -8.99
CA SER A 17 0.46 -6.12 -9.68
C SER A 17 0.62 -6.28 -11.19
N VAL A 18 0.00 -5.38 -11.95
CA VAL A 18 0.07 -5.43 -13.40
C VAL A 18 1.52 -5.42 -13.88
N LYS A 19 2.42 -4.92 -13.04
CA LYS A 19 3.83 -4.86 -13.38
C LYS A 19 4.54 -6.18 -13.11
N GLU A 20 4.09 -6.88 -12.06
CA GLU A 20 4.67 -8.17 -11.68
C GLU A 20 4.37 -8.50 -10.22
N SER A 21 4.77 -9.69 -9.82
CA SER A 21 4.57 -10.14 -8.44
C SER A 21 5.42 -9.32 -7.48
N ILE A 22 4.95 -9.19 -6.24
CA ILE A 22 5.66 -8.41 -5.23
C ILE A 22 6.14 -9.31 -4.10
N TYR A 23 5.21 -9.98 -3.44
CA TYR A 23 5.54 -10.87 -2.34
C TYR A 23 4.97 -12.27 -2.55
N SER A 24 5.50 -13.24 -1.81
CA SER A 24 5.03 -14.61 -1.92
C SER A 24 5.57 -15.46 -0.77
N GLY A 25 4.71 -15.77 0.20
CA GLY A 25 5.13 -16.57 1.33
C GLY A 25 4.05 -16.67 2.40
N ALA A 26 4.47 -16.77 3.65
CA ALA A 26 3.53 -16.88 4.76
C ALA A 26 3.48 -15.59 5.57
N VAL A 27 2.32 -15.30 6.13
CA VAL A 27 2.14 -14.09 6.93
C VAL A 27 1.15 -14.32 8.07
N THR A 28 1.45 -13.71 9.23
CA THR A 28 0.60 -13.85 10.40
C THR A 28 -0.65 -12.98 10.27
N MET A 29 -0.47 -11.77 9.74
CA MET A 29 -1.58 -10.84 9.56
C MET A 29 -1.27 -9.82 8.47
N LEU A 30 -2.31 -9.40 7.75
CA LEU A 30 -2.15 -8.43 6.68
C LEU A 30 -3.32 -7.45 6.65
N ILE A 31 -3.01 -6.19 6.34
CA ILE A 31 -4.03 -5.16 6.29
C ILE A 31 -3.96 -4.39 4.96
N ALA A 32 -4.99 -4.55 4.14
CA ALA A 32 -5.05 -3.88 2.84
C ALA A 32 -6.25 -2.95 2.76
N LYS A 33 -6.04 -1.76 2.22
CA LYS A 33 -7.11 -0.78 2.08
C LYS A 33 -8.19 -1.29 1.13
N GLY A 34 -9.43 -1.34 1.62
CA GLY A 34 -10.53 -1.81 0.79
C GLY A 34 -11.87 -1.27 1.26
N ALA A 35 -12.73 -0.95 0.29
CA ALA A 35 -14.06 -0.43 0.60
C ALA A 35 -13.98 0.86 1.43
N GLY A 36 -12.83 1.52 1.39
CA GLY A 36 -12.65 2.74 2.15
C GLY A 36 -12.07 2.51 3.53
N GLY A 37 -12.29 1.31 4.07
CA GLY A 37 -11.78 0.99 5.38
C GLY A 37 -10.60 0.03 5.33
N GLU A 38 -9.93 -0.14 6.46
CA GLU A 38 -8.79 -1.05 6.54
C GLU A 38 -9.24 -2.49 6.76
N LEU A 39 -9.00 -3.34 5.77
CA LEU A 39 -9.39 -4.74 5.86
C LEU A 39 -8.28 -5.59 6.45
N GLY A 40 -8.50 -6.09 7.65
CA GLY A 40 -7.50 -6.93 8.31
C GLY A 40 -7.82 -8.40 8.19
N ILE A 41 -7.03 -9.11 7.40
CA ILE A 41 -7.24 -10.55 7.20
C ILE A 41 -6.28 -11.37 8.06
N LEU A 42 -6.83 -12.40 8.70
CA LEU A 42 -6.03 -13.27 9.56
C LEU A 42 -6.13 -14.72 9.09
N PRO A 43 -5.03 -15.49 9.17
CA PRO A 43 -5.00 -16.89 8.75
C PRO A 43 -6.20 -17.68 9.27
N GLY A 44 -6.95 -18.28 8.36
CA GLY A 44 -8.11 -19.06 8.75
C GLY A 44 -9.42 -18.43 8.31
N HIS A 45 -9.36 -17.19 7.85
CA HIS A 45 -10.55 -16.47 7.40
C HIS A 45 -11.21 -17.21 6.23
N ALA A 46 -12.46 -16.85 5.94
CA ALA A 46 -13.21 -17.48 4.86
C ALA A 46 -13.03 -16.70 3.55
N PRO A 47 -13.42 -17.31 2.41
CA PRO A 47 -13.30 -16.67 1.11
C PRO A 47 -14.06 -15.35 1.03
N LEU A 48 -13.35 -14.28 0.69
CA LEU A 48 -13.97 -12.96 0.61
C LEU A 48 -13.49 -12.22 -0.65
N VAL A 49 -14.42 -11.52 -1.30
CA VAL A 49 -14.11 -10.76 -2.50
C VAL A 49 -14.26 -9.27 -2.24
N THR A 50 -13.15 -8.57 -2.12
CA THR A 50 -13.16 -7.13 -1.86
C THR A 50 -12.24 -6.39 -2.82
N LEU A 51 -12.62 -5.16 -3.17
CA LEU A 51 -11.82 -4.34 -4.07
C LEU A 51 -10.76 -3.56 -3.28
N LEU A 52 -9.51 -3.63 -3.73
CA LEU A 52 -8.42 -2.94 -3.06
C LEU A 52 -8.30 -1.50 -3.56
N GLN A 53 -8.27 -0.56 -2.61
CA GLN A 53 -8.15 0.86 -2.94
C GLN A 53 -6.74 1.36 -2.65
N PRO A 54 -6.37 2.53 -3.19
CA PRO A 54 -5.04 3.12 -2.99
C PRO A 54 -4.68 3.21 -1.51
N GLY A 55 -3.61 2.53 -1.12
CA GLY A 55 -3.18 2.54 0.26
C GLY A 55 -2.08 1.54 0.53
N PRO A 56 -1.22 1.78 1.54
CA PRO A 56 -0.13 0.88 1.90
C PRO A 56 -0.61 -0.36 2.65
N ILE A 57 -0.42 -1.52 2.04
CA ILE A 57 -0.84 -2.78 2.66
C ILE A 57 0.20 -3.25 3.67
N ARG A 58 -0.28 -3.85 4.76
CA ARG A 58 0.61 -4.35 5.81
C ARG A 58 0.77 -5.86 5.71
N VAL A 59 1.97 -6.35 5.98
CA VAL A 59 2.27 -7.77 5.92
C VAL A 59 3.10 -8.22 7.12
N LEU A 60 2.51 -9.06 7.95
CA LEU A 60 3.20 -9.56 9.14
C LEU A 60 3.65 -11.01 8.93
N LEU A 61 4.83 -11.33 9.45
CA LEU A 61 5.39 -12.67 9.33
C LEU A 61 5.27 -13.40 10.66
N GLU A 62 5.59 -14.69 10.66
CA GLU A 62 5.51 -15.49 11.87
C GLU A 62 6.69 -15.23 12.80
N ASN A 63 7.68 -14.49 12.31
CA ASN A 63 8.85 -14.18 13.10
C ASN A 63 8.70 -12.80 13.75
N GLY A 64 7.45 -12.36 13.90
CA GLY A 64 7.20 -11.05 14.50
C GLY A 64 7.62 -9.92 13.59
N THR A 65 7.82 -10.24 12.31
CA THR A 65 8.26 -9.23 11.34
C THR A 65 7.07 -8.58 10.65
N GLU A 66 7.30 -7.39 10.09
CA GLU A 66 6.26 -6.65 9.39
C GLU A 66 6.83 -5.92 8.18
N GLU A 67 6.06 -5.86 7.11
CA GLU A 67 6.49 -5.19 5.90
C GLU A 67 5.41 -4.23 5.39
N ILE A 68 5.83 -3.24 4.60
CA ILE A 68 4.90 -2.26 4.06
C ILE A 68 5.03 -2.16 2.54
N VAL A 69 3.89 -2.15 1.86
CA VAL A 69 3.87 -2.06 0.40
C VAL A 69 2.73 -1.16 -0.08
N TYR A 70 3.05 -0.22 -0.96
CA TYR A 70 2.04 0.70 -1.48
C TYR A 70 1.32 0.10 -2.69
N VAL A 71 0.00 0.13 -2.65
CA VAL A 71 -0.81 -0.40 -3.74
C VAL A 71 -1.87 0.61 -4.17
N SER A 72 -1.83 1.00 -5.44
CA SER A 72 -2.78 1.98 -5.97
C SER A 72 -4.22 1.49 -5.81
N GLY A 73 -4.42 0.19 -5.90
CA GLY A 73 -5.74 -0.37 -5.76
C GLY A 73 -6.11 -1.27 -6.93
N GLY A 74 -6.84 -2.34 -6.64
CA GLY A 74 -7.23 -3.26 -7.68
C GLY A 74 -8.25 -4.28 -7.18
N VAL A 75 -7.78 -5.50 -6.92
CA VAL A 75 -8.65 -6.57 -6.45
C VAL A 75 -8.05 -7.29 -5.25
N LEU A 76 -8.88 -7.52 -4.23
CA LEU A 76 -8.44 -8.22 -3.03
C LEU A 76 -9.20 -9.53 -2.87
N GLU A 77 -8.51 -10.64 -3.10
CA GLU A 77 -9.13 -11.96 -3.00
C GLU A 77 -8.60 -12.71 -1.77
N VAL A 78 -9.48 -12.93 -0.81
CA VAL A 78 -9.11 -13.64 0.41
C VAL A 78 -9.46 -15.13 0.30
N GLN A 79 -8.48 -15.98 0.58
CA GLN A 79 -8.69 -17.43 0.51
C GLN A 79 -8.62 -18.04 1.91
N PRO A 80 -9.19 -19.24 2.08
CA PRO A 80 -9.20 -19.94 3.36
C PRO A 80 -7.83 -19.92 4.04
N HIS A 81 -6.83 -20.46 3.36
CA HIS A 81 -5.47 -20.49 3.88
C HIS A 81 -4.51 -19.72 2.98
N VAL A 82 -5.07 -18.95 2.05
CA VAL A 82 -4.26 -18.15 1.13
C VAL A 82 -4.82 -16.74 0.98
N VAL A 83 -3.94 -15.79 0.68
CA VAL A 83 -4.35 -14.40 0.52
C VAL A 83 -3.63 -13.74 -0.65
N THR A 84 -4.39 -13.29 -1.63
CA THR A 84 -3.82 -12.65 -2.81
C THR A 84 -4.38 -11.24 -2.98
N VAL A 85 -3.49 -10.26 -3.01
CA VAL A 85 -3.90 -8.87 -3.17
C VAL A 85 -3.38 -8.28 -4.48
N LEU A 86 -4.28 -8.10 -5.43
CA LEU A 86 -3.92 -7.54 -6.73
C LEU A 86 -3.97 -6.03 -6.70
N ALA A 87 -2.90 -5.39 -7.16
CA ALA A 87 -2.83 -3.92 -7.17
C ALA A 87 -2.30 -3.42 -8.51
N ASP A 88 -2.97 -2.40 -9.05
CA ASP A 88 -2.56 -1.81 -10.32
C ASP A 88 -1.07 -1.46 -10.31
N THR A 89 -0.55 -1.19 -9.12
CA THR A 89 0.86 -0.84 -8.96
C THR A 89 1.32 -1.10 -7.53
N ALA A 90 2.28 -2.01 -7.37
CA ALA A 90 2.80 -2.34 -6.06
C ALA A 90 4.28 -1.99 -5.94
N ILE A 91 4.60 -1.11 -4.99
CA ILE A 91 5.98 -0.69 -4.78
C ILE A 91 6.37 -0.83 -3.31
N ARG A 92 7.28 -1.75 -3.01
CA ARG A 92 7.74 -1.96 -1.65
C ARG A 92 8.39 -0.71 -1.09
N ALA A 93 8.16 -0.45 0.20
CA ALA A 93 8.73 0.73 0.86
C ALA A 93 10.25 0.72 0.79
N ASP A 94 10.82 -0.48 0.72
CA ASP A 94 12.29 -0.62 0.65
C ASP A 94 12.79 -0.35 -0.76
N ASN A 95 11.91 -0.49 -1.75
CA ASN A 95 12.29 -0.26 -3.14
C ASN A 95 11.72 1.07 -3.66
N LEU A 96 10.72 1.60 -2.96
CA LEU A 96 10.11 2.86 -3.35
C LEU A 96 11.15 3.97 -3.43
N ASP A 97 11.27 4.58 -4.60
CA ASP A 97 12.22 5.66 -4.81
C ASP A 97 11.80 6.92 -4.04
N GLU A 98 12.33 7.06 -2.83
CA GLU A 98 12.01 8.21 -1.99
C GLU A 98 12.39 9.52 -2.68
N ALA A 99 13.39 9.46 -3.56
CA ALA A 99 13.85 10.63 -4.28
C ALA A 99 12.75 11.18 -5.18
N ALA A 100 12.18 10.33 -6.02
CA ALA A 100 11.12 10.73 -6.93
C ALA A 100 9.87 11.15 -6.17
N ILE A 101 9.61 10.47 -5.05
CA ILE A 101 8.44 10.78 -4.23
C ILE A 101 8.61 12.10 -3.50
N LEU A 102 9.81 12.33 -2.96
CA LEU A 102 10.11 13.56 -2.24
C LEU A 102 9.99 14.77 -3.17
N GLU A 103 10.41 14.58 -4.42
CA GLU A 103 10.34 15.65 -5.41
C GLU A 103 8.90 16.03 -5.70
N ALA A 104 8.07 15.04 -5.95
CA ALA A 104 6.66 15.28 -6.25
C ALA A 104 5.93 15.80 -5.00
N ARG A 105 6.40 15.40 -3.83
CA ARG A 105 5.80 15.82 -2.57
C ARG A 105 5.97 17.33 -2.39
N LYS A 106 7.13 17.84 -2.80
CA LYS A 106 7.41 19.26 -2.68
C LYS A 106 6.63 20.05 -3.74
N ASN A 107 6.44 19.43 -4.89
CA ASN A 107 5.71 20.06 -5.97
C ASN A 107 4.28 20.40 -5.55
N ALA A 108 3.63 19.43 -4.90
CA ALA A 108 2.26 19.63 -4.43
C ALA A 108 2.22 20.59 -3.24
N GLU A 109 3.24 20.52 -2.40
CA GLU A 109 3.33 21.39 -1.24
C GLU A 109 3.54 22.84 -1.65
N GLN A 110 4.34 23.05 -2.69
CA GLN A 110 4.61 24.39 -3.19
C GLN A 110 3.53 24.86 -4.15
N LEU A 111 2.81 23.92 -4.75
CA LEU A 111 1.74 24.25 -5.68
C LEU A 111 0.44 24.53 -4.93
N LEU A 112 0.15 23.72 -3.92
CA LEU A 112 -1.06 23.88 -3.13
C LEU A 112 -1.13 25.28 -2.52
N ALA A 113 -0.04 25.68 -1.87
CA ALA A 113 0.03 26.99 -1.23
C ALA A 113 -0.16 28.11 -2.25
N ASN A 114 0.21 27.84 -3.50
CA ASN A 114 0.09 28.83 -4.57
C ASN A 114 -1.00 28.44 -5.56
N GLN A 115 -2.09 27.87 -5.04
CA GLN A 115 -3.20 27.44 -5.88
C GLN A 115 -4.16 28.59 -6.16
N LYS A 116 -4.28 28.95 -7.44
CA LYS A 116 -5.17 30.04 -7.84
C LYS A 116 -6.32 29.51 -8.68
N SER A 117 -6.03 28.51 -9.52
CA SER A 117 -7.05 27.93 -10.38
C SER A 117 -7.51 26.58 -9.83
N ASP A 118 -8.62 26.08 -10.35
CA ASP A 118 -9.18 24.81 -9.91
C ASP A 118 -8.54 23.64 -10.66
N LEU A 119 -8.18 23.88 -11.92
CA LEU A 119 -7.56 22.85 -12.74
C LEU A 119 -6.21 22.44 -12.18
N ASP A 120 -5.29 23.39 -12.10
CA ASP A 120 -3.96 23.13 -11.58
C ASP A 120 -4.02 22.62 -10.15
N SER A 121 -4.88 23.23 -9.35
CA SER A 121 -5.04 22.84 -7.95
C SER A 121 -5.40 21.36 -7.83
N ALA A 122 -6.33 20.91 -8.66
CA ALA A 122 -6.76 19.51 -8.64
C ALA A 122 -5.60 18.57 -8.92
N ALA A 123 -4.83 18.88 -9.97
CA ALA A 123 -3.68 18.05 -10.34
C ALA A 123 -2.68 17.95 -9.20
N ALA A 124 -2.49 19.06 -8.48
CA ALA A 124 -1.55 19.09 -7.37
C ALA A 124 -2.06 18.26 -6.20
N LEU A 125 -3.23 18.63 -5.68
CA LEU A 125 -3.82 17.91 -4.54
C LEU A 125 -3.78 16.41 -4.76
N ALA A 126 -4.09 15.98 -5.98
CA ALA A 126 -4.09 14.56 -6.32
C ALA A 126 -2.70 13.96 -6.14
N ALA A 127 -1.69 14.64 -6.69
CA ALA A 127 -0.32 14.17 -6.58
C ALA A 127 0.13 14.12 -5.12
N LEU A 128 -0.41 15.02 -4.31
CA LEU A 128 -0.07 15.09 -2.89
C LEU A 128 -0.46 13.79 -2.18
N ALA A 129 -1.72 13.40 -2.32
CA ALA A 129 -2.21 12.18 -1.69
C ALA A 129 -1.48 10.95 -2.23
N GLU A 130 -1.25 10.93 -3.53
CA GLU A 130 -0.55 9.81 -4.17
C GLU A 130 0.88 9.72 -3.67
N THR A 131 1.64 10.79 -3.87
CA THR A 131 3.04 10.82 -3.43
C THR A 131 3.14 10.61 -1.92
N ALA A 132 2.22 11.22 -1.18
CA ALA A 132 2.22 11.08 0.27
C ALA A 132 2.07 9.62 0.68
N ALA A 133 1.24 8.89 -0.07
CA ALA A 133 1.01 7.48 0.21
C ALA A 133 2.32 6.69 0.10
N GLN A 134 2.96 6.77 -1.06
CA GLN A 134 4.22 6.09 -1.29
C GLN A 134 5.28 6.57 -0.30
N LEU A 135 5.33 7.89 -0.11
CA LEU A 135 6.28 8.50 0.81
C LEU A 135 6.03 8.00 2.23
N GLU A 136 4.77 7.84 2.59
CA GLU A 136 4.40 7.37 3.91
C GLU A 136 4.79 5.91 4.10
N THR A 137 4.72 5.14 3.02
CA THR A 137 5.08 3.73 3.06
C THR A 137 6.53 3.55 3.50
N ILE A 138 7.45 4.18 2.76
CA ILE A 138 8.87 4.10 3.07
C ILE A 138 9.15 4.63 4.47
N ARG A 139 8.66 5.83 4.75
CA ARG A 139 8.86 6.47 6.05
C ARG A 139 8.48 5.53 7.19
N LYS A 140 7.28 4.96 7.10
CA LYS A 140 6.80 4.05 8.13
C LYS A 140 7.79 2.90 8.35
N ILE A 141 8.35 2.39 7.27
CA ILE A 141 9.31 1.30 7.34
C ILE A 141 10.63 1.77 7.94
N LYS A 142 11.15 2.88 7.43
CA LYS A 142 12.41 3.43 7.92
C LYS A 142 12.24 4.11 9.28
N ASN A 143 11.00 4.28 9.71
CA ASN A 143 10.72 4.93 10.99
C ASN A 143 10.25 3.92 12.04
N ARG A 144 9.73 2.79 11.57
CA ARG A 144 9.25 1.75 12.48
C ARG A 144 10.32 1.34 13.48
N ALA A 145 11.58 1.42 13.06
CA ALA A 145 12.69 1.07 13.92
C ALA A 145 13.74 2.18 13.94
N GLN A 146 13.44 3.26 14.66
CA GLN A 146 14.36 4.37 14.76
C GLN A 146 14.47 4.86 16.20
N MET A 8 1.84 -18.29 15.30
CA MET A 8 0.48 -18.15 14.73
C MET A 8 0.37 -18.86 13.38
N ALA A 9 -0.86 -19.09 12.93
CA ALA A 9 -1.09 -19.76 11.66
C ALA A 9 -0.46 -18.99 10.51
N THR A 10 -0.44 -19.61 9.33
CA THR A 10 0.14 -18.99 8.15
C THR A 10 -0.78 -19.16 6.94
N MET A 11 -0.73 -18.19 6.03
CA MET A 11 -1.55 -18.23 4.82
C MET A 11 -0.72 -17.91 3.59
N GLN A 12 -1.21 -18.32 2.42
CA GLN A 12 -0.51 -18.06 1.16
C GLN A 12 -0.90 -16.71 0.58
N CYS A 13 -0.19 -15.67 1.01
CA CYS A 13 -0.47 -14.31 0.52
C CYS A 13 0.33 -14.01 -0.74
N ASP A 14 -0.29 -13.30 -1.67
CA ASP A 14 0.38 -12.94 -2.92
C ASP A 14 -0.06 -11.57 -3.41
N VAL A 15 0.87 -10.62 -3.45
CA VAL A 15 0.57 -9.28 -3.90
C VAL A 15 0.96 -9.09 -5.36
N VAL A 16 0.07 -8.48 -6.14
CA VAL A 16 0.33 -8.25 -7.55
C VAL A 16 -0.12 -6.86 -7.99
N SER A 17 0.54 -6.32 -9.00
CA SER A 17 0.21 -5.00 -9.52
C SER A 17 0.27 -4.99 -11.05
N VAL A 18 -0.20 -3.90 -11.65
CA VAL A 18 -0.19 -3.77 -13.10
C VAL A 18 1.22 -3.90 -13.66
N LYS A 19 2.22 -3.67 -12.81
CA LYS A 19 3.62 -3.77 -13.24
C LYS A 19 4.14 -5.20 -13.14
N GLU A 20 3.65 -5.94 -12.13
CA GLU A 20 4.05 -7.33 -11.92
C GLU A 20 3.85 -7.72 -10.46
N SER A 21 4.09 -9.00 -10.17
CA SER A 21 3.94 -9.52 -8.81
C SER A 21 4.99 -8.90 -7.89
N ILE A 22 4.64 -8.81 -6.60
CA ILE A 22 5.55 -8.22 -5.62
C ILE A 22 5.72 -9.14 -4.41
N TYR A 23 4.60 -9.68 -3.92
CA TYR A 23 4.63 -10.58 -2.77
C TYR A 23 4.03 -11.93 -3.12
N SER A 24 4.55 -12.98 -2.49
CA SER A 24 4.07 -14.33 -2.74
C SER A 24 4.76 -15.34 -1.81
N GLY A 25 4.04 -15.78 -0.78
CA GLY A 25 4.61 -16.73 0.16
C GLY A 25 3.71 -16.95 1.36
N ALA A 26 4.33 -17.18 2.52
CA ALA A 26 3.58 -17.41 3.75
C ALA A 26 3.58 -16.17 4.64
N VAL A 27 2.44 -15.91 5.27
CA VAL A 27 2.32 -14.75 6.15
C VAL A 27 1.37 -15.05 7.31
N THR A 28 1.73 -14.57 8.50
CA THR A 28 0.92 -14.79 9.68
C THR A 28 -0.33 -13.92 9.65
N MET A 29 -0.20 -12.71 9.11
CA MET A 29 -1.32 -11.79 9.02
C MET A 29 -0.98 -10.61 8.12
N LEU A 30 -2.01 -10.04 7.48
CA LEU A 30 -1.81 -8.91 6.58
C LEU A 30 -2.83 -7.82 6.87
N ILE A 31 -2.41 -6.57 6.70
CA ILE A 31 -3.28 -5.42 6.94
C ILE A 31 -3.27 -4.46 5.76
N ALA A 32 -4.42 -4.28 5.14
CA ALA A 32 -4.54 -3.39 3.99
C ALA A 32 -5.60 -2.32 4.22
N LYS A 33 -5.51 -1.23 3.46
CA LYS A 33 -6.45 -0.12 3.58
C LYS A 33 -7.61 -0.30 2.60
N GLY A 34 -8.83 -0.39 3.14
CA GLY A 34 -10.00 -0.56 2.29
C GLY A 34 -11.27 0.01 2.91
N ALA A 35 -12.19 0.43 2.06
CA ALA A 35 -13.46 0.99 2.51
C ALA A 35 -13.25 2.17 3.47
N GLY A 36 -12.07 2.78 3.39
CA GLY A 36 -11.77 3.92 4.24
C GLY A 36 -11.10 3.50 5.54
N GLY A 37 -11.35 2.26 5.97
CA GLY A 37 -10.76 1.78 7.20
C GLY A 37 -9.66 0.76 6.95
N GLU A 38 -9.00 0.33 8.02
CA GLU A 38 -7.92 -0.65 7.92
C GLU A 38 -8.47 -2.06 8.08
N LEU A 39 -8.38 -2.85 7.01
CA LEU A 39 -8.86 -4.22 7.04
C LEU A 39 -7.73 -5.21 7.27
N GLY A 40 -8.00 -6.25 8.05
CA GLY A 40 -7.00 -7.25 8.34
C GLY A 40 -7.44 -8.65 7.97
N ILE A 41 -6.51 -9.46 7.47
CA ILE A 41 -6.83 -10.83 7.07
C ILE A 41 -6.00 -11.84 7.87
N LEU A 42 -6.65 -12.89 8.33
CA LEU A 42 -5.98 -13.92 9.11
C LEU A 42 -6.14 -15.29 8.43
N PRO A 43 -5.10 -16.15 8.50
CA PRO A 43 -5.14 -17.48 7.90
C PRO A 43 -6.38 -18.27 8.31
N GLY A 44 -7.28 -18.48 7.36
CA GLY A 44 -8.51 -19.21 7.64
C GLY A 44 -9.74 -18.35 7.56
N HIS A 45 -9.60 -17.14 7.01
CA HIS A 45 -10.72 -16.22 6.89
C HIS A 45 -11.59 -16.60 5.69
N ALA A 46 -12.89 -16.30 5.80
CA ALA A 46 -13.83 -16.62 4.73
C ALA A 46 -13.55 -15.78 3.48
N PRO A 47 -13.99 -16.26 2.31
CA PRO A 47 -13.77 -15.55 1.05
C PRO A 47 -14.33 -14.14 1.07
N LEU A 48 -13.44 -13.16 0.87
CA LEU A 48 -13.84 -11.76 0.88
C LEU A 48 -13.17 -10.99 -0.26
N VAL A 49 -13.98 -10.30 -1.06
CA VAL A 49 -13.45 -9.52 -2.18
C VAL A 49 -13.86 -8.05 -2.05
N THR A 50 -12.91 -7.21 -1.65
CA THR A 50 -13.18 -5.79 -1.49
C THR A 50 -12.12 -4.94 -2.20
N LEU A 51 -12.54 -3.79 -2.70
CA LEU A 51 -11.62 -2.88 -3.39
C LEU A 51 -10.74 -2.15 -2.39
N LEU A 52 -9.42 -2.21 -2.62
CA LEU A 52 -8.48 -1.55 -1.72
C LEU A 52 -8.21 -0.11 -2.16
N GLN A 53 -7.96 0.75 -1.17
CA GLN A 53 -7.67 2.16 -1.44
C GLN A 53 -6.19 2.45 -1.25
N PRO A 54 -5.72 3.62 -1.72
CA PRO A 54 -4.31 4.01 -1.60
C PRO A 54 -3.81 3.90 -0.17
N GLY A 55 -2.79 3.06 0.04
CA GLY A 55 -2.24 2.88 1.36
C GLY A 55 -1.24 1.73 1.42
N PRO A 56 -0.31 1.75 2.37
CA PRO A 56 0.70 0.71 2.53
C PRO A 56 0.18 -0.52 3.26
N ILE A 57 0.23 -1.68 2.59
CA ILE A 57 -0.24 -2.93 3.18
C ILE A 57 0.87 -3.58 4.00
N ARG A 58 0.47 -4.18 5.12
CA ARG A 58 1.43 -4.84 6.01
C ARG A 58 1.41 -6.35 5.79
N VAL A 59 2.60 -6.94 5.68
CA VAL A 59 2.71 -8.38 5.47
C VAL A 59 3.53 -9.03 6.58
N LEU A 60 2.84 -9.73 7.47
CA LEU A 60 3.49 -10.40 8.59
C LEU A 60 3.88 -11.83 8.22
N LEU A 61 5.12 -12.20 8.54
CA LEU A 61 5.61 -13.54 8.26
C LEU A 61 5.49 -14.41 9.51
N GLU A 62 5.79 -15.69 9.35
CA GLU A 62 5.71 -16.63 10.47
C GLU A 62 6.93 -16.51 11.39
N ASN A 63 7.89 -15.68 11.01
CA ASN A 63 9.08 -15.49 11.82
C ASN A 63 8.91 -14.29 12.75
N GLY A 64 7.66 -13.90 13.00
CA GLY A 64 7.40 -12.77 13.87
C GLY A 64 7.81 -11.45 13.21
N THR A 65 8.02 -11.48 11.91
CA THR A 65 8.43 -10.29 11.18
C THR A 65 7.28 -9.70 10.37
N GLU A 66 7.46 -8.47 9.91
CA GLU A 66 6.44 -7.78 9.11
C GLU A 66 7.09 -6.93 8.03
N GLU A 67 6.43 -6.83 6.87
CA GLU A 67 6.95 -6.04 5.77
C GLU A 67 5.92 -5.00 5.32
N ILE A 68 6.41 -3.88 4.80
CA ILE A 68 5.54 -2.81 4.34
C ILE A 68 5.58 -2.67 2.82
N VAL A 69 4.41 -2.73 2.19
CA VAL A 69 4.32 -2.62 0.73
C VAL A 69 3.28 -1.58 0.34
N TYR A 70 3.71 -0.56 -0.39
CA TYR A 70 2.82 0.50 -0.84
C TYR A 70 1.90 0.01 -1.95
N VAL A 71 0.61 0.33 -1.83
CA VAL A 71 -0.37 -0.06 -2.84
C VAL A 71 -1.43 1.00 -3.01
N SER A 72 -1.56 1.51 -4.24
CA SER A 72 -2.54 2.54 -4.54
C SER A 72 -3.97 2.01 -4.34
N GLY A 73 -4.14 0.72 -4.54
CA GLY A 73 -5.45 0.11 -4.38
C GLY A 73 -5.97 -0.48 -5.67
N GLY A 74 -6.63 -1.63 -5.56
CA GLY A 74 -7.17 -2.29 -6.74
C GLY A 74 -8.24 -3.29 -6.39
N VAL A 75 -7.89 -4.57 -6.43
CA VAL A 75 -8.83 -5.64 -6.11
C VAL A 75 -8.24 -6.63 -5.13
N LEU A 76 -8.76 -6.64 -3.91
CA LEU A 76 -8.29 -7.55 -2.88
C LEU A 76 -9.19 -8.77 -2.78
N GLU A 77 -8.67 -9.91 -3.25
CA GLU A 77 -9.41 -11.16 -3.21
C GLU A 77 -8.87 -12.08 -2.12
N VAL A 78 -9.68 -12.33 -1.11
CA VAL A 78 -9.28 -13.20 -0.01
C VAL A 78 -9.82 -14.60 -0.20
N GLN A 79 -8.90 -15.58 -0.24
CA GLN A 79 -9.28 -16.97 -0.42
C GLN A 79 -9.16 -17.74 0.89
N PRO A 80 -9.85 -18.88 1.00
CA PRO A 80 -9.81 -19.71 2.21
C PRO A 80 -8.40 -19.88 2.78
N HIS A 81 -7.49 -20.39 1.94
CA HIS A 81 -6.12 -20.61 2.36
C HIS A 81 -5.13 -19.77 1.55
N VAL A 82 -5.65 -18.86 0.73
CA VAL A 82 -4.81 -18.00 -0.11
C VAL A 82 -5.30 -16.56 -0.07
N VAL A 83 -4.38 -15.62 -0.25
CA VAL A 83 -4.72 -14.20 -0.25
C VAL A 83 -4.09 -13.48 -1.43
N THR A 84 -4.92 -12.73 -2.16
CA THR A 84 -4.44 -11.98 -3.32
C THR A 84 -4.88 -10.52 -3.24
N VAL A 85 -3.90 -9.61 -3.29
CA VAL A 85 -4.20 -8.18 -3.23
C VAL A 85 -3.69 -7.48 -4.49
N LEU A 86 -4.61 -7.22 -5.41
CA LEU A 86 -4.27 -6.55 -6.66
C LEU A 86 -4.26 -5.04 -6.47
N ALA A 87 -3.09 -4.43 -6.67
CA ALA A 87 -2.95 -2.98 -6.52
C ALA A 87 -2.49 -2.34 -7.82
N ASP A 88 -3.17 -1.26 -8.21
CA ASP A 88 -2.85 -0.54 -9.43
C ASP A 88 -1.35 -0.25 -9.51
N THR A 89 -0.72 -0.10 -8.35
CA THR A 89 0.71 0.18 -8.28
C THR A 89 1.29 -0.31 -6.96
N ALA A 90 2.30 -1.17 -7.05
CA ALA A 90 2.94 -1.72 -5.86
C ALA A 90 4.43 -1.39 -5.82
N ILE A 91 4.86 -0.76 -4.73
CA ILE A 91 6.26 -0.39 -4.57
C ILE A 91 6.79 -0.87 -3.21
N ARG A 92 7.71 -1.83 -3.24
CA ARG A 92 8.30 -2.36 -2.02
C ARG A 92 8.91 -1.26 -1.16
N ALA A 93 8.66 -1.32 0.14
CA ALA A 93 9.19 -0.33 1.07
C ALA A 93 10.71 -0.25 0.99
N ASP A 94 11.33 -1.38 0.66
CA ASP A 94 12.78 -1.45 0.56
C ASP A 94 13.27 -1.01 -0.82
N ASN A 95 12.34 -0.62 -1.69
CA ASN A 95 12.68 -0.18 -3.04
C ASN A 95 12.09 1.20 -3.34
N LEU A 96 11.77 1.94 -2.28
CA LEU A 96 11.19 3.27 -2.43
C LEU A 96 12.29 4.33 -2.52
N ASP A 97 12.07 5.32 -3.39
CA ASP A 97 13.05 6.39 -3.56
C ASP A 97 12.59 7.66 -2.84
N GLU A 98 13.11 7.87 -1.64
CA GLU A 98 12.76 9.03 -0.84
C GLU A 98 13.05 10.33 -1.60
N ALA A 99 14.06 10.27 -2.48
CA ALA A 99 14.44 11.45 -3.27
C ALA A 99 13.41 11.75 -4.35
N ALA A 100 12.95 10.70 -5.03
CA ALA A 100 11.95 10.86 -6.08
C ALA A 100 10.64 11.38 -5.53
N ILE A 101 10.16 10.75 -4.46
CA ILE A 101 8.91 11.15 -3.82
C ILE A 101 8.97 12.61 -3.37
N LEU A 102 10.10 13.00 -2.79
CA LEU A 102 10.28 14.37 -2.32
C LEU A 102 10.13 15.36 -3.46
N GLU A 103 10.65 15.00 -4.63
CA GLU A 103 10.58 15.85 -5.80
C GLU A 103 9.13 16.13 -6.18
N ALA A 104 8.33 15.07 -6.22
CA ALA A 104 6.91 15.19 -6.56
C ALA A 104 6.12 15.79 -5.41
N ARG A 105 6.56 15.54 -4.19
CA ARG A 105 5.90 16.06 -3.00
C ARG A 105 5.95 17.59 -2.97
N LYS A 106 7.12 18.14 -3.25
CA LYS A 106 7.31 19.58 -3.27
C LYS A 106 6.71 20.18 -4.53
N ASN A 107 6.72 19.40 -5.61
CA ASN A 107 6.18 19.85 -6.88
C ASN A 107 4.67 20.08 -6.78
N ALA A 108 3.99 19.16 -6.11
CA ALA A 108 2.55 19.24 -5.93
C ALA A 108 2.19 20.34 -4.93
N GLU A 109 3.02 20.49 -3.90
CA GLU A 109 2.79 21.50 -2.88
C GLU A 109 2.76 22.91 -3.50
N GLN A 110 3.77 23.20 -4.31
CA GLN A 110 3.86 24.50 -4.97
C GLN A 110 2.81 24.63 -6.06
N LEU A 111 2.41 23.50 -6.63
CA LEU A 111 1.41 23.50 -7.70
C LEU A 111 0.00 23.59 -7.13
N LEU A 112 -0.17 23.10 -5.90
CA LEU A 112 -1.47 23.13 -5.25
C LEU A 112 -1.85 24.55 -4.84
N ALA A 113 -0.90 25.27 -4.25
CA ALA A 113 -1.14 26.64 -3.82
C ALA A 113 -1.36 27.57 -5.00
N ASN A 114 -0.84 27.19 -6.17
CA ASN A 114 -0.98 27.99 -7.38
C ASN A 114 -2.09 27.46 -8.28
N GLN A 115 -3.05 26.76 -7.68
CA GLN A 115 -4.16 26.20 -8.43
C GLN A 115 -5.23 27.25 -8.72
N LYS A 116 -5.61 27.36 -9.99
CA LYS A 116 -6.63 28.33 -10.40
C LYS A 116 -7.95 27.63 -10.66
N SER A 117 -7.89 26.40 -11.12
CA SER A 117 -9.09 25.62 -11.42
C SER A 117 -9.10 24.31 -10.62
N ASP A 118 -10.26 23.68 -10.55
CA ASP A 118 -10.40 22.42 -9.82
C ASP A 118 -9.73 21.28 -10.57
N LEU A 119 -9.73 21.37 -11.90
CA LEU A 119 -9.12 20.34 -12.74
C LEU A 119 -7.63 20.20 -12.44
N ASP A 120 -6.89 21.29 -12.63
CA ASP A 120 -5.45 21.29 -12.38
C ASP A 120 -5.16 20.94 -10.93
N SER A 121 -6.01 21.41 -10.03
CA SER A 121 -5.85 21.16 -8.60
C SER A 121 -6.07 19.68 -8.29
N ALA A 122 -7.09 19.10 -8.91
CA ALA A 122 -7.41 17.70 -8.70
C ALA A 122 -6.24 16.80 -9.10
N ALA A 123 -5.51 17.22 -10.13
CA ALA A 123 -4.35 16.46 -10.60
C ALA A 123 -3.17 16.61 -9.64
N ALA A 124 -2.77 17.85 -9.38
CA ALA A 124 -1.66 18.12 -8.48
C ALA A 124 -1.94 17.58 -7.09
N LEU A 125 -3.19 17.69 -6.65
CA LEU A 125 -3.59 17.20 -5.34
C LEU A 125 -3.37 15.70 -5.23
N ALA A 126 -3.85 14.96 -6.22
CA ALA A 126 -3.70 13.51 -6.25
C ALA A 126 -2.23 13.10 -6.17
N ALA A 127 -1.37 13.90 -6.79
CA ALA A 127 0.06 13.63 -6.79
C ALA A 127 0.65 13.81 -5.39
N LEU A 128 0.11 14.77 -4.64
CA LEU A 128 0.58 15.04 -3.29
C LEU A 128 0.20 13.90 -2.34
N ALA A 129 -1.03 13.42 -2.49
CA ALA A 129 -1.52 12.33 -1.65
C ALA A 129 -0.74 11.05 -1.90
N GLU A 130 -0.52 10.74 -3.17
CA GLU A 130 0.22 9.53 -3.54
C GLU A 130 1.66 9.60 -3.04
N THR A 131 2.29 10.76 -3.20
CA THR A 131 3.66 10.96 -2.76
C THR A 131 3.74 11.00 -1.24
N ALA A 132 2.76 11.65 -0.61
CA ALA A 132 2.71 11.77 0.84
C ALA A 132 2.65 10.39 1.49
N ALA A 133 1.86 9.50 0.90
CA ALA A 133 1.70 8.15 1.43
C ALA A 133 3.00 7.36 1.29
N GLN A 134 3.58 7.38 0.09
CA GLN A 134 4.83 6.66 -0.17
C GLN A 134 5.90 7.06 0.84
N LEU A 135 5.97 8.35 1.15
CA LEU A 135 6.94 8.86 2.09
C LEU A 135 6.69 8.29 3.48
N GLU A 136 5.42 8.19 3.85
CA GLU A 136 5.03 7.66 5.16
C GLU A 136 5.37 6.17 5.25
N THR A 137 5.32 5.49 4.12
CA THR A 137 5.62 4.06 4.07
C THR A 137 7.08 3.81 4.42
N ILE A 138 7.98 4.56 3.78
CA ILE A 138 9.41 4.42 4.03
C ILE A 138 9.74 4.73 5.48
N ARG A 139 9.37 5.92 5.93
CA ARG A 139 9.62 6.35 7.30
C ARG A 139 9.23 5.27 8.31
N LYS A 140 8.02 4.75 8.15
CA LYS A 140 7.51 3.72 9.04
C LYS A 140 8.41 2.48 9.03
N ILE A 141 8.97 2.18 7.86
CA ILE A 141 9.85 1.03 7.71
C ILE A 141 11.22 1.30 8.33
N LYS A 142 11.85 2.39 7.92
CA LYS A 142 13.16 2.73 8.43
C LYS A 142 13.12 2.97 9.94
N ASN A 143 11.97 3.43 10.43
CA ASN A 143 11.79 3.70 11.84
C ASN A 143 10.31 3.78 12.20
N ARG A 144 9.91 3.00 13.19
CA ARG A 144 8.51 2.99 13.64
C ARG A 144 8.33 3.85 14.88
N ALA A 145 9.42 4.09 15.59
CA ALA A 145 9.38 4.89 16.81
C ALA A 145 8.60 4.18 17.90
N GLN A 146 9.08 3.00 18.27
CA GLN A 146 8.44 2.21 19.31
C GLN A 146 8.55 2.88 20.67
N MET A 8 1.92 -18.70 14.93
CA MET A 8 0.48 -18.38 15.05
C MET A 8 -0.22 -18.41 13.71
N ALA A 9 -0.46 -19.62 13.20
CA ALA A 9 -1.11 -19.79 11.91
C ALA A 9 -0.31 -19.15 10.79
N THR A 10 -0.49 -19.67 9.57
CA THR A 10 0.23 -19.14 8.41
C THR A 10 -0.61 -19.29 7.14
N MET A 11 -0.49 -18.33 6.24
CA MET A 11 -1.24 -18.36 4.99
C MET A 11 -0.36 -17.90 3.82
N GLN A 12 -0.75 -18.29 2.61
CA GLN A 12 0.00 -17.91 1.42
C GLN A 12 -0.57 -16.64 0.79
N CYS A 13 -0.03 -15.50 1.18
CA CYS A 13 -0.48 -14.21 0.66
C CYS A 13 0.51 -13.67 -0.36
N ASP A 14 -0.01 -13.03 -1.40
CA ASP A 14 0.83 -12.46 -2.46
C ASP A 14 0.22 -11.18 -3.01
N VAL A 15 1.06 -10.18 -3.22
CA VAL A 15 0.61 -8.90 -3.75
C VAL A 15 1.01 -8.74 -5.22
N VAL A 16 0.09 -8.24 -6.03
CA VAL A 16 0.34 -8.03 -7.45
C VAL A 16 -0.13 -6.66 -7.92
N SER A 17 0.51 -6.15 -8.96
CA SER A 17 0.16 -4.85 -9.51
C SER A 17 0.23 -4.87 -11.03
N VAL A 18 -0.27 -3.81 -11.66
CA VAL A 18 -0.26 -3.71 -13.11
C VAL A 18 1.16 -3.82 -13.66
N LYS A 19 2.15 -3.56 -12.82
CA LYS A 19 3.54 -3.62 -13.24
C LYS A 19 4.10 -5.04 -13.11
N GLU A 20 3.63 -5.77 -12.09
CA GLU A 20 4.06 -7.14 -11.84
C GLU A 20 3.85 -7.52 -10.38
N SER A 21 4.10 -8.78 -10.06
CA SER A 21 3.95 -9.28 -8.70
C SER A 21 4.95 -8.59 -7.76
N ILE A 22 4.57 -8.49 -6.48
CA ILE A 22 5.43 -7.85 -5.50
C ILE A 22 5.71 -8.77 -4.32
N TYR A 23 4.63 -9.23 -3.67
CA TYR A 23 4.76 -10.13 -2.52
C TYR A 23 4.19 -11.51 -2.83
N SER A 24 4.74 -12.53 -2.19
CA SER A 24 4.29 -13.89 -2.41
C SER A 24 5.01 -14.86 -1.46
N GLY A 25 4.32 -15.29 -0.42
CA GLY A 25 4.91 -16.21 0.54
C GLY A 25 4.00 -16.49 1.71
N ALA A 26 4.59 -16.90 2.83
CA ALA A 26 3.83 -17.20 4.04
C ALA A 26 3.69 -15.97 4.92
N VAL A 27 2.51 -15.81 5.52
CA VAL A 27 2.24 -14.67 6.40
C VAL A 27 1.30 -15.06 7.53
N THR A 28 1.58 -14.55 8.72
CA THR A 28 0.76 -14.83 9.89
C THR A 28 -0.48 -13.96 9.90
N MET A 29 -0.37 -12.76 9.34
CA MET A 29 -1.49 -11.82 9.29
C MET A 29 -1.15 -10.62 8.42
N LEU A 30 -2.10 -10.20 7.59
CA LEU A 30 -1.90 -9.06 6.71
C LEU A 30 -3.01 -8.02 6.91
N ILE A 31 -2.65 -6.75 6.75
CA ILE A 31 -3.61 -5.66 6.90
C ILE A 31 -3.57 -4.72 5.70
N ALA A 32 -4.62 -4.74 4.90
CA ALA A 32 -4.71 -3.88 3.72
C ALA A 32 -5.92 -2.97 3.81
N LYS A 33 -5.76 -1.73 3.33
CA LYS A 33 -6.84 -0.76 3.35
C LYS A 33 -7.87 -1.07 2.26
N GLY A 34 -9.09 -1.36 2.69
CA GLY A 34 -10.15 -1.67 1.74
C GLY A 34 -11.50 -1.16 2.19
N ALA A 35 -12.31 -0.70 1.24
CA ALA A 35 -13.64 -0.19 1.54
C ALA A 35 -13.58 0.99 2.50
N GLY A 36 -12.41 1.62 2.58
CA GLY A 36 -12.24 2.76 3.46
C GLY A 36 -11.71 2.37 4.83
N GLY A 37 -11.96 1.13 5.23
CA GLY A 37 -11.49 0.66 6.52
C GLY A 37 -10.35 -0.32 6.41
N GLU A 38 -9.72 -0.63 7.54
CA GLU A 38 -8.60 -1.56 7.56
C GLU A 38 -9.09 -2.99 7.66
N LEU A 39 -8.80 -3.80 6.64
CA LEU A 39 -9.23 -5.19 6.61
C LEU A 39 -8.08 -6.12 7.02
N GLY A 40 -8.22 -6.74 8.19
CA GLY A 40 -7.19 -7.64 8.68
C GLY A 40 -7.52 -9.09 8.36
N ILE A 41 -6.73 -9.69 7.47
CA ILE A 41 -6.94 -11.08 7.08
C ILE A 41 -5.86 -11.99 7.66
N LEU A 42 -6.29 -13.03 8.35
CA LEU A 42 -5.37 -13.99 8.95
C LEU A 42 -5.63 -15.40 8.44
N PRO A 43 -4.65 -16.30 8.60
CA PRO A 43 -4.78 -17.69 8.16
C PRO A 43 -6.07 -18.34 8.63
N GLY A 44 -6.93 -18.71 7.68
CA GLY A 44 -8.20 -19.33 8.01
C GLY A 44 -9.39 -18.45 7.68
N HIS A 45 -9.13 -17.31 7.06
CA HIS A 45 -10.20 -16.38 6.69
C HIS A 45 -11.01 -16.93 5.52
N ALA A 46 -12.30 -16.61 5.50
CA ALA A 46 -13.18 -17.06 4.42
C ALA A 46 -13.02 -16.21 3.17
N PRO A 47 -13.50 -16.69 2.02
CA PRO A 47 -13.40 -15.96 0.75
C PRO A 47 -14.04 -14.58 0.83
N LEU A 48 -13.24 -13.55 0.56
CA LEU A 48 -13.72 -12.18 0.61
C LEU A 48 -13.21 -11.38 -0.58
N VAL A 49 -14.09 -10.54 -1.15
CA VAL A 49 -13.71 -9.71 -2.28
C VAL A 49 -14.09 -8.25 -2.03
N THR A 50 -13.09 -7.43 -1.75
CA THR A 50 -13.32 -6.01 -1.48
C THR A 50 -12.38 -5.14 -2.31
N LEU A 51 -12.85 -3.96 -2.69
CA LEU A 51 -12.04 -3.03 -3.48
C LEU A 51 -10.94 -2.43 -2.63
N LEU A 52 -9.69 -2.64 -3.03
CA LEU A 52 -8.54 -2.13 -2.30
C LEU A 52 -8.34 -0.65 -2.58
N GLN A 53 -8.26 0.14 -1.51
CA GLN A 53 -8.07 1.59 -1.63
C GLN A 53 -6.63 1.97 -1.34
N PRO A 54 -6.22 3.19 -1.72
CA PRO A 54 -4.86 3.67 -1.49
C PRO A 54 -4.45 3.57 -0.03
N GLY A 55 -3.39 2.81 0.23
CA GLY A 55 -2.91 2.63 1.59
C GLY A 55 -1.80 1.61 1.70
N PRO A 56 -0.90 1.75 2.69
CA PRO A 56 0.21 0.83 2.89
C PRO A 56 -0.20 -0.46 3.61
N ILE A 57 -0.20 -1.56 2.87
CA ILE A 57 -0.57 -2.85 3.43
C ILE A 57 0.60 -3.45 4.22
N ARG A 58 0.29 -4.10 5.33
CA ARG A 58 1.31 -4.72 6.17
C ARG A 58 1.24 -6.23 6.10
N VAL A 59 2.35 -6.86 5.75
CA VAL A 59 2.41 -8.32 5.65
C VAL A 59 3.23 -8.91 6.78
N LEU A 60 2.55 -9.58 7.71
CA LEU A 60 3.20 -10.19 8.85
C LEU A 60 3.58 -11.64 8.56
N LEU A 61 4.80 -12.00 8.93
CA LEU A 61 5.30 -13.36 8.72
C LEU A 61 5.31 -14.12 10.04
N GLU A 62 5.52 -15.43 9.97
CA GLU A 62 5.53 -16.24 11.17
C GLU A 62 6.85 -16.10 11.92
N ASN A 63 7.79 -15.38 11.35
CA ASN A 63 9.08 -15.16 11.99
C ASN A 63 9.09 -13.82 12.72
N GLY A 64 7.91 -13.30 13.04
CA GLY A 64 7.82 -12.03 13.72
C GLY A 64 8.22 -10.87 12.83
N THR A 65 8.25 -11.12 11.53
CA THR A 65 8.64 -10.09 10.56
C THR A 65 7.42 -9.41 9.93
N GLU A 66 7.64 -8.21 9.39
CA GLU A 66 6.57 -7.45 8.74
C GLU A 66 7.11 -6.70 7.54
N GLU A 67 6.28 -6.58 6.51
CA GLU A 67 6.67 -5.86 5.29
C GLU A 67 5.58 -4.88 4.87
N ILE A 68 5.96 -3.62 4.72
CA ILE A 68 5.01 -2.59 4.33
C ILE A 68 5.10 -2.28 2.84
N VAL A 69 3.97 -2.28 2.16
CA VAL A 69 3.92 -2.01 0.74
C VAL A 69 2.82 -1.00 0.41
N TYR A 70 3.16 0.00 -0.40
CA TYR A 70 2.19 1.03 -0.78
C TYR A 70 1.39 0.60 -2.00
N VAL A 71 0.07 0.53 -1.83
CA VAL A 71 -0.83 0.15 -2.91
C VAL A 71 -1.86 1.24 -3.17
N SER A 72 -1.88 1.76 -4.40
CA SER A 72 -2.82 2.82 -4.76
C SER A 72 -4.26 2.37 -4.59
N GLY A 73 -4.53 1.11 -4.93
CA GLY A 73 -5.87 0.58 -4.81
C GLY A 73 -6.32 -0.15 -6.06
N GLY A 74 -7.07 -1.23 -5.87
CA GLY A 74 -7.55 -2.00 -6.99
C GLY A 74 -8.55 -3.06 -6.58
N VAL A 75 -8.10 -4.31 -6.53
CA VAL A 75 -8.97 -5.42 -6.15
C VAL A 75 -8.30 -6.32 -5.12
N LEU A 76 -8.99 -6.54 -4.01
CA LEU A 76 -8.47 -7.40 -2.94
C LEU A 76 -9.22 -8.72 -2.90
N GLU A 77 -8.57 -9.79 -3.33
CA GLU A 77 -9.19 -11.11 -3.36
C GLU A 77 -8.62 -12.00 -2.26
N VAL A 78 -9.48 -12.40 -1.33
CA VAL A 78 -9.07 -13.26 -0.23
C VAL A 78 -9.57 -14.68 -0.43
N GLN A 79 -8.65 -15.64 -0.38
CA GLN A 79 -9.00 -17.05 -0.55
C GLN A 79 -8.82 -17.82 0.75
N PRO A 80 -9.48 -18.97 0.87
CA PRO A 80 -9.41 -19.81 2.08
C PRO A 80 -7.98 -20.11 2.53
N HIS A 81 -7.08 -20.36 1.57
CA HIS A 81 -5.70 -20.67 1.89
C HIS A 81 -4.72 -19.65 1.33
N VAL A 82 -5.18 -18.82 0.39
CA VAL A 82 -4.31 -17.82 -0.21
C VAL A 82 -4.98 -16.44 -0.25
N VAL A 83 -4.16 -15.39 -0.22
CA VAL A 83 -4.68 -14.03 -0.26
C VAL A 83 -3.98 -13.21 -1.34
N THR A 84 -4.76 -12.73 -2.31
CA THR A 84 -4.22 -11.95 -3.41
C THR A 84 -4.75 -10.51 -3.36
N VAL A 85 -3.83 -9.56 -3.20
CA VAL A 85 -4.21 -8.16 -3.14
C VAL A 85 -3.71 -7.40 -4.37
N LEU A 86 -4.60 -7.15 -5.31
CA LEU A 86 -4.24 -6.44 -6.54
C LEU A 86 -4.25 -4.93 -6.31
N ALA A 87 -3.22 -4.26 -6.81
CA ALA A 87 -3.12 -2.81 -6.66
C ALA A 87 -2.61 -2.17 -7.94
N ASP A 88 -3.26 -1.08 -8.35
CA ASP A 88 -2.87 -0.37 -9.56
C ASP A 88 -1.38 -0.07 -9.57
N THR A 89 -0.80 0.05 -8.37
CA THR A 89 0.62 0.34 -8.23
C THR A 89 1.13 -0.11 -6.87
N ALA A 90 2.08 -1.04 -6.86
CA ALA A 90 2.64 -1.56 -5.63
C ALA A 90 4.15 -1.35 -5.57
N ILE A 91 4.60 -0.61 -4.57
CA ILE A 91 6.02 -0.33 -4.40
C ILE A 91 6.50 -0.73 -3.01
N ARG A 92 7.49 -1.62 -2.96
CA ARG A 92 8.03 -2.08 -1.68
C ARG A 92 8.58 -0.92 -0.86
N ALA A 93 8.34 -0.96 0.44
CA ALA A 93 8.82 0.10 1.34
C ALA A 93 10.32 0.30 1.20
N ASP A 94 11.08 -0.77 1.35
CA ASP A 94 12.54 -0.70 1.25
C ASP A 94 12.97 -0.45 -0.20
N ASN A 95 12.05 -0.69 -1.13
CA ASN A 95 12.35 -0.48 -2.55
C ASN A 95 11.57 0.70 -3.11
N LEU A 96 11.16 1.60 -2.24
CA LEU A 96 10.41 2.78 -2.66
C LEU A 96 11.36 3.96 -2.88
N ASP A 97 11.39 4.46 -4.11
CA ASP A 97 12.26 5.58 -4.46
C ASP A 97 11.92 6.81 -3.62
N GLU A 98 12.67 7.01 -2.54
CA GLU A 98 12.46 8.15 -1.65
C GLU A 98 12.73 9.47 -2.38
N ALA A 99 13.66 9.43 -3.33
CA ALA A 99 14.02 10.62 -4.10
C ALA A 99 12.92 10.98 -5.09
N ALA A 100 12.39 9.97 -5.78
CA ALA A 100 11.34 10.18 -6.76
C ALA A 100 10.08 10.74 -6.10
N ILE A 101 9.68 10.12 -5.00
CA ILE A 101 8.50 10.56 -4.27
C ILE A 101 8.65 12.00 -3.80
N LEU A 102 9.84 12.34 -3.31
CA LEU A 102 10.12 13.68 -2.83
C LEU A 102 9.96 14.70 -3.97
N GLU A 103 10.38 14.31 -5.17
CA GLU A 103 10.28 15.18 -6.33
C GLU A 103 8.83 15.55 -6.60
N ALA A 104 7.96 14.56 -6.54
CA ALA A 104 6.54 14.77 -6.78
C ALA A 104 5.88 15.51 -5.61
N ARG A 105 6.42 15.27 -4.42
CA ARG A 105 5.90 15.92 -3.22
C ARG A 105 6.07 17.42 -3.28
N LYS A 106 7.22 17.86 -3.77
CA LYS A 106 7.52 19.28 -3.90
C LYS A 106 6.78 19.87 -5.09
N ASN A 107 6.59 19.05 -6.11
CA ASN A 107 5.89 19.49 -7.32
C ASN A 107 4.43 19.83 -7.00
N ALA A 108 3.80 18.98 -6.19
CA ALA A 108 2.41 19.19 -5.80
C ALA A 108 2.28 20.34 -4.83
N GLU A 109 3.27 20.48 -3.95
CA GLU A 109 3.27 21.56 -2.96
C GLU A 109 3.32 22.92 -3.64
N GLN A 110 4.39 23.16 -4.41
CA GLN A 110 4.56 24.42 -5.11
C GLN A 110 3.41 24.64 -6.10
N LEU A 111 2.84 23.56 -6.61
CA LEU A 111 1.74 23.64 -7.55
C LEU A 111 0.42 23.88 -6.82
N LEU A 112 0.32 23.37 -5.61
CA LEU A 112 -0.90 23.53 -4.81
C LEU A 112 -1.16 24.99 -4.50
N ALA A 113 -0.12 25.69 -4.06
CA ALA A 113 -0.25 27.11 -3.74
C ALA A 113 -0.44 27.95 -4.99
N ASN A 114 0.02 27.42 -6.13
CA ASN A 114 -0.11 28.12 -7.40
C ASN A 114 -1.41 27.71 -8.11
N GLN A 115 -2.34 27.14 -7.35
CA GLN A 115 -3.62 26.70 -7.88
C GLN A 115 -4.29 27.81 -8.68
N LYS A 116 -4.55 27.55 -9.96
CA LYS A 116 -5.19 28.52 -10.84
C LYS A 116 -6.60 28.07 -11.20
N SER A 117 -6.79 26.75 -11.26
CA SER A 117 -8.10 26.19 -11.59
C SER A 117 -8.43 25.02 -10.67
N ASP A 118 -9.53 24.33 -10.97
CA ASP A 118 -9.96 23.19 -10.17
C ASP A 118 -9.30 21.91 -10.63
N LEU A 119 -8.99 21.84 -11.92
CA LEU A 119 -8.34 20.66 -12.50
C LEU A 119 -6.94 20.47 -11.93
N ASP A 120 -6.14 21.52 -11.98
CA ASP A 120 -4.77 21.46 -11.47
C ASP A 120 -4.75 21.08 -9.98
N SER A 121 -5.76 21.56 -9.25
CA SER A 121 -5.86 21.26 -7.82
C SER A 121 -6.11 19.79 -7.58
N ALA A 122 -7.07 19.22 -8.32
CA ALA A 122 -7.40 17.81 -8.19
C ALA A 122 -6.18 16.93 -8.42
N ALA A 123 -5.33 17.34 -9.37
CA ALA A 123 -4.12 16.60 -9.69
C ALA A 123 -3.04 16.81 -8.62
N ALA A 124 -2.78 18.07 -8.31
CA ALA A 124 -1.78 18.42 -7.31
C ALA A 124 -2.09 17.76 -5.97
N LEU A 125 -3.34 17.89 -5.54
CA LEU A 125 -3.76 17.31 -4.27
C LEU A 125 -3.58 15.79 -4.27
N ALA A 126 -4.03 15.16 -5.34
CA ALA A 126 -3.92 13.71 -5.48
C ALA A 126 -2.45 13.28 -5.48
N ALA A 127 -1.59 14.14 -6.00
CA ALA A 127 -0.16 13.85 -6.06
C ALA A 127 0.48 13.96 -4.68
N LEU A 128 0.14 15.03 -3.96
CA LEU A 128 0.68 15.25 -2.63
C LEU A 128 0.33 14.10 -1.70
N ALA A 129 -0.95 13.73 -1.68
CA ALA A 129 -1.42 12.63 -0.83
C ALA A 129 -0.74 11.33 -1.21
N GLU A 130 -0.53 11.12 -2.51
CA GLU A 130 0.11 9.91 -3.00
C GLU A 130 1.57 9.85 -2.57
N THR A 131 2.26 10.98 -2.67
CA THR A 131 3.67 11.07 -2.30
C THR A 131 3.83 10.91 -0.78
N ALA A 132 2.83 11.38 -0.04
CA ALA A 132 2.86 11.29 1.42
C ALA A 132 2.72 9.85 1.88
N ALA A 133 1.92 9.08 1.14
CA ALA A 133 1.70 7.67 1.48
C ALA A 133 2.96 6.85 1.28
N GLN A 134 3.59 7.02 0.12
CA GLN A 134 4.81 6.29 -0.21
C GLN A 134 5.89 6.56 0.83
N LEU A 135 6.17 7.85 1.05
CA LEU A 135 7.19 8.24 2.02
C LEU A 135 6.86 7.71 3.41
N GLU A 136 5.60 7.82 3.79
CA GLU A 136 5.15 7.35 5.10
C GLU A 136 5.45 5.86 5.26
N THR A 137 5.41 5.13 4.15
CA THR A 137 5.68 3.69 4.17
C THR A 137 7.13 3.42 4.52
N ILE A 138 8.05 3.93 3.69
CA ILE A 138 9.47 3.73 3.92
C ILE A 138 9.89 4.25 5.29
N ARG A 139 9.45 5.46 5.63
CA ARG A 139 9.78 6.06 6.91
C ARG A 139 9.40 5.14 8.07
N LYS A 140 8.23 4.51 7.96
CA LYS A 140 7.75 3.61 9.00
C LYS A 140 8.67 2.39 9.13
N ILE A 141 9.21 1.94 8.01
CA ILE A 141 10.10 0.78 8.00
C ILE A 141 11.51 1.15 8.47
N LYS A 142 12.11 2.14 7.83
CA LYS A 142 13.45 2.58 8.19
C LYS A 142 13.47 3.10 9.62
N ASN A 143 12.36 3.70 10.04
CA ASN A 143 12.24 4.23 11.39
C ASN A 143 10.88 3.90 11.98
N ARG A 144 10.88 3.38 13.20
CA ARG A 144 9.64 3.01 13.87
C ARG A 144 9.58 3.58 15.28
N ALA A 145 10.27 4.70 15.49
CA ALA A 145 10.28 5.35 16.79
C ALA A 145 9.52 6.66 16.76
N GLN A 146 8.24 6.56 16.38
CA GLN A 146 7.38 7.74 16.31
C GLN A 146 6.35 7.73 17.43
N MET A 8 2.56 -18.96 15.66
CA MET A 8 1.21 -18.57 15.20
C MET A 8 0.89 -19.17 13.83
N ALA A 9 -0.40 -19.19 13.49
CA ALA A 9 -0.84 -19.75 12.22
C ALA A 9 -0.17 -19.03 11.04
N THR A 10 -0.14 -19.70 9.89
CA THR A 10 0.48 -19.12 8.70
C THR A 10 -0.46 -19.26 7.49
N MET A 11 -0.48 -18.24 6.64
CA MET A 11 -1.32 -18.24 5.46
C MET A 11 -0.50 -17.95 4.20
N GLN A 12 -1.03 -18.32 3.05
CA GLN A 12 -0.35 -18.09 1.78
C GLN A 12 -0.77 -16.76 1.17
N CYS A 13 -0.02 -15.70 1.46
CA CYS A 13 -0.32 -14.38 0.95
C CYS A 13 0.47 -14.10 -0.33
N ASP A 14 -0.17 -13.42 -1.28
CA ASP A 14 0.47 -13.10 -2.55
C ASP A 14 -0.02 -11.76 -3.08
N VAL A 15 0.90 -10.80 -3.20
CA VAL A 15 0.57 -9.47 -3.69
C VAL A 15 0.99 -9.31 -5.14
N VAL A 16 0.10 -8.74 -5.95
CA VAL A 16 0.39 -8.53 -7.36
C VAL A 16 -0.13 -7.19 -7.85
N SER A 17 0.51 -6.64 -8.87
CA SER A 17 0.10 -5.36 -9.43
C SER A 17 0.16 -5.39 -10.96
N VAL A 18 -0.24 -4.29 -11.58
CA VAL A 18 -0.24 -4.19 -13.04
C VAL A 18 1.18 -4.28 -13.60
N LYS A 19 2.18 -4.09 -12.74
CA LYS A 19 3.57 -4.16 -13.17
C LYS A 19 4.14 -5.56 -13.01
N GLU A 20 3.69 -6.28 -11.97
CA GLU A 20 4.14 -7.64 -11.70
C GLU A 20 3.93 -7.99 -10.23
N SER A 21 4.19 -9.25 -9.89
CA SER A 21 4.03 -9.72 -8.52
C SER A 21 5.03 -9.06 -7.59
N ILE A 22 4.67 -8.94 -6.32
CA ILE A 22 5.53 -8.31 -5.33
C ILE A 22 5.78 -9.24 -4.16
N TYR A 23 4.72 -9.85 -3.63
CA TYR A 23 4.84 -10.76 -2.50
C TYR A 23 4.21 -12.11 -2.83
N SER A 24 4.73 -13.16 -2.20
CA SER A 24 4.23 -14.51 -2.42
C SER A 24 4.91 -15.50 -1.49
N GLY A 25 4.21 -15.93 -0.44
CA GLY A 25 4.77 -16.87 0.50
C GLY A 25 3.89 -17.07 1.73
N ALA A 26 4.51 -17.27 2.87
CA ALA A 26 3.78 -17.48 4.12
C ALA A 26 3.77 -16.20 4.96
N VAL A 27 2.66 -15.97 5.64
CA VAL A 27 2.52 -14.79 6.49
C VAL A 27 1.65 -15.09 7.71
N THR A 28 2.04 -14.56 8.86
CA THR A 28 1.30 -14.77 10.09
C THR A 28 0.04 -13.90 10.13
N MET A 29 0.11 -12.76 9.45
CA MET A 29 -1.04 -11.84 9.40
C MET A 29 -0.73 -10.65 8.48
N LEU A 30 -1.68 -10.33 7.62
CA LEU A 30 -1.52 -9.21 6.68
C LEU A 30 -2.59 -8.16 6.91
N ILE A 31 -2.22 -6.89 6.72
CA ILE A 31 -3.15 -5.78 6.90
C ILE A 31 -3.16 -4.87 5.68
N ALA A 32 -4.28 -4.86 4.96
CA ALA A 32 -4.41 -4.02 3.78
C ALA A 32 -5.59 -3.06 3.93
N LYS A 33 -5.57 -1.99 3.14
CA LYS A 33 -6.63 -0.99 3.19
C LYS A 33 -7.74 -1.32 2.19
N GLY A 34 -8.94 -1.55 2.71
CA GLY A 34 -10.07 -1.88 1.85
C GLY A 34 -11.37 -1.29 2.36
N ALA A 35 -12.23 -0.89 1.43
CA ALA A 35 -13.52 -0.30 1.78
C ALA A 35 -13.35 0.95 2.64
N GLY A 36 -12.16 1.54 2.60
CA GLY A 36 -11.90 2.73 3.39
C GLY A 36 -11.30 2.42 4.75
N GLY A 37 -11.57 1.22 5.26
CA GLY A 37 -11.04 0.83 6.55
C GLY A 37 -9.92 -0.18 6.44
N GLU A 38 -9.26 -0.46 7.56
CA GLU A 38 -8.16 -1.42 7.59
C GLU A 38 -8.69 -2.82 7.90
N LEU A 39 -8.32 -3.78 7.06
CA LEU A 39 -8.75 -5.17 7.25
C LEU A 39 -7.57 -6.09 7.52
N GLY A 40 -7.61 -6.78 8.64
CA GLY A 40 -6.55 -7.70 9.00
C GLY A 40 -6.89 -9.14 8.67
N ILE A 41 -6.24 -9.69 7.65
CA ILE A 41 -6.49 -11.06 7.24
C ILE A 41 -5.45 -12.02 7.80
N LEU A 42 -5.91 -13.01 8.56
CA LEU A 42 -5.02 -14.00 9.15
C LEU A 42 -5.41 -15.42 8.71
N PRO A 43 -4.45 -16.37 8.77
CA PRO A 43 -4.70 -17.76 8.38
C PRO A 43 -5.93 -18.35 9.07
N GLY A 44 -6.89 -18.81 8.27
CA GLY A 44 -8.10 -19.40 8.82
C GLY A 44 -9.34 -18.56 8.53
N HIS A 45 -9.14 -17.39 7.95
CA HIS A 45 -10.26 -16.51 7.62
C HIS A 45 -11.10 -17.09 6.50
N ALA A 46 -12.32 -16.57 6.36
CA ALA A 46 -13.24 -17.03 5.32
C ALA A 46 -13.09 -16.20 4.04
N PRO A 47 -13.64 -16.69 2.92
CA PRO A 47 -13.56 -15.98 1.63
C PRO A 47 -14.20 -14.60 1.70
N LEU A 48 -13.40 -13.58 1.39
CA LEU A 48 -13.88 -12.21 1.41
C LEU A 48 -13.40 -11.44 0.19
N VAL A 49 -14.30 -10.69 -0.44
CA VAL A 49 -13.95 -9.90 -1.62
C VAL A 49 -14.30 -8.43 -1.40
N THR A 50 -13.29 -7.61 -1.18
CA THR A 50 -13.48 -6.18 -0.96
C THR A 50 -12.55 -5.36 -1.84
N LEU A 51 -13.01 -4.19 -2.26
CA LEU A 51 -12.21 -3.31 -3.10
C LEU A 51 -11.01 -2.78 -2.32
N LEU A 52 -9.82 -2.89 -2.92
CA LEU A 52 -8.61 -2.42 -2.27
C LEU A 52 -8.37 -0.94 -2.57
N GLN A 53 -8.31 -0.14 -1.51
CA GLN A 53 -8.09 1.30 -1.65
C GLN A 53 -6.63 1.65 -1.42
N PRO A 54 -6.20 2.84 -1.86
CA PRO A 54 -4.81 3.29 -1.71
C PRO A 54 -4.36 3.24 -0.25
N GLY A 55 -3.30 2.47 0.00
CA GLY A 55 -2.79 2.35 1.35
C GLY A 55 -1.64 1.35 1.45
N PRO A 56 -0.75 1.52 2.44
CA PRO A 56 0.40 0.63 2.63
C PRO A 56 0.02 -0.66 3.36
N ILE A 57 0.06 -1.77 2.64
CA ILE A 57 -0.27 -3.07 3.23
C ILE A 57 0.94 -3.66 3.94
N ARG A 58 0.70 -4.31 5.07
CA ARG A 58 1.78 -4.92 5.85
C ARG A 58 1.62 -6.43 5.91
N VAL A 59 2.64 -7.14 5.43
CA VAL A 59 2.62 -8.60 5.44
C VAL A 59 3.55 -9.16 6.51
N LEU A 60 2.95 -9.74 7.55
CA LEU A 60 3.71 -10.31 8.65
C LEU A 60 4.09 -11.75 8.35
N LEU A 61 5.34 -12.09 8.61
CA LEU A 61 5.83 -13.44 8.39
C LEU A 61 5.99 -14.17 9.71
N GLU A 62 6.31 -15.45 9.65
CA GLU A 62 6.48 -16.25 10.86
C GLU A 62 7.83 -16.02 11.52
N ASN A 63 8.67 -15.22 10.87
CA ASN A 63 9.97 -14.90 11.42
C ASN A 63 9.92 -13.61 12.24
N GLY A 64 8.70 -13.21 12.63
CA GLY A 64 8.53 -11.99 13.39
C GLY A 64 8.81 -10.76 12.57
N THR A 65 8.85 -10.92 11.24
CA THR A 65 9.13 -9.81 10.34
C THR A 65 7.86 -9.34 9.63
N GLU A 66 7.97 -8.17 8.99
CA GLU A 66 6.85 -7.60 8.25
C GLU A 66 7.34 -6.89 6.99
N GLU A 67 6.56 -7.02 5.92
CA GLU A 67 6.91 -6.40 4.65
C GLU A 67 5.85 -5.38 4.24
N ILE A 68 6.22 -4.11 4.24
CA ILE A 68 5.30 -3.04 3.86
C ILE A 68 5.37 -2.76 2.36
N VAL A 69 4.20 -2.72 1.72
CA VAL A 69 4.12 -2.45 0.30
C VAL A 69 2.98 -1.47 -0.01
N TYR A 70 3.33 -0.33 -0.59
CA TYR A 70 2.33 0.69 -0.93
C TYR A 70 1.53 0.28 -2.16
N VAL A 71 0.21 0.36 -2.05
CA VAL A 71 -0.67 0.00 -3.15
C VAL A 71 -1.66 1.13 -3.44
N SER A 72 -1.99 1.32 -4.72
CA SER A 72 -2.91 2.37 -5.13
C SER A 72 -4.36 1.95 -4.89
N GLY A 73 -4.68 0.73 -5.29
CA GLY A 73 -6.03 0.22 -5.13
C GLY A 73 -6.48 -0.61 -6.31
N GLY A 74 -7.23 -1.66 -6.02
CA GLY A 74 -7.71 -2.53 -7.09
C GLY A 74 -8.72 -3.55 -6.58
N VAL A 75 -8.31 -4.81 -6.50
CA VAL A 75 -9.18 -5.88 -6.03
C VAL A 75 -8.49 -6.75 -4.99
N LEU A 76 -9.17 -7.01 -3.89
CA LEU A 76 -8.64 -7.83 -2.81
C LEU A 76 -9.48 -9.08 -2.62
N GLU A 77 -8.94 -10.23 -3.03
CA GLU A 77 -9.65 -11.50 -2.91
C GLU A 77 -9.02 -12.37 -1.82
N VAL A 78 -9.76 -12.60 -0.75
CA VAL A 78 -9.26 -13.41 0.36
C VAL A 78 -9.75 -14.85 0.23
N GLN A 79 -8.84 -15.80 0.36
CA GLN A 79 -9.16 -17.21 0.26
C GLN A 79 -8.99 -17.91 1.61
N PRO A 80 -9.64 -19.07 1.80
CA PRO A 80 -9.55 -19.82 3.05
C PRO A 80 -8.13 -19.91 3.59
N HIS A 81 -7.23 -20.47 2.79
CA HIS A 81 -5.83 -20.61 3.17
C HIS A 81 -4.91 -19.82 2.24
N VAL A 82 -5.50 -18.95 1.43
CA VAL A 82 -4.73 -18.14 0.49
C VAL A 82 -5.20 -16.69 0.51
N VAL A 83 -4.30 -15.77 0.19
CA VAL A 83 -4.62 -14.35 0.16
C VAL A 83 -4.00 -13.67 -1.05
N THR A 84 -4.83 -13.02 -1.86
CA THR A 84 -4.35 -12.33 -3.05
C THR A 84 -4.87 -10.89 -3.08
N VAL A 85 -3.95 -9.93 -3.06
CA VAL A 85 -4.31 -8.53 -3.09
C VAL A 85 -3.80 -7.85 -4.36
N LEU A 86 -4.72 -7.56 -5.28
CA LEU A 86 -4.38 -6.92 -6.54
C LEU A 86 -4.39 -5.40 -6.40
N ALA A 87 -3.32 -4.76 -6.83
CA ALA A 87 -3.21 -3.30 -6.76
C ALA A 87 -2.72 -2.72 -8.08
N ASP A 88 -3.42 -1.71 -8.56
CA ASP A 88 -3.05 -1.05 -9.83
C ASP A 88 -1.56 -0.74 -9.87
N THR A 89 -0.98 -0.52 -8.69
CA THR A 89 0.44 -0.22 -8.58
C THR A 89 0.95 -0.58 -7.19
N ALA A 90 1.98 -1.41 -7.14
CA ALA A 90 2.57 -1.85 -5.88
C ALA A 90 4.06 -1.53 -5.83
N ILE A 91 4.44 -0.67 -4.89
CA ILE A 91 5.84 -0.28 -4.74
C ILE A 91 6.42 -0.81 -3.43
N ARG A 92 7.42 -1.67 -3.53
CA ARG A 92 8.05 -2.25 -2.36
C ARG A 92 8.59 -1.16 -1.43
N ALA A 93 8.47 -1.39 -0.12
CA ALA A 93 8.94 -0.43 0.87
C ALA A 93 10.40 -0.06 0.63
N ASP A 94 11.25 -1.07 0.53
CA ASP A 94 12.68 -0.86 0.30
C ASP A 94 12.95 -0.35 -1.11
N ASN A 95 11.95 -0.46 -1.99
CA ASN A 95 12.09 -0.02 -3.37
C ASN A 95 11.53 1.39 -3.56
N LEU A 96 10.70 1.83 -2.62
CA LEU A 96 10.10 3.16 -2.69
C LEU A 96 11.18 4.24 -2.76
N ASP A 97 11.18 4.98 -3.86
CA ASP A 97 12.15 6.06 -4.05
C ASP A 97 11.75 7.31 -3.28
N GLU A 98 12.45 7.56 -2.17
CA GLU A 98 12.16 8.72 -1.34
C GLU A 98 12.48 10.01 -2.08
N ALA A 99 13.60 10.01 -2.82
CA ALA A 99 14.01 11.18 -3.58
C ALA A 99 12.95 11.58 -4.59
N ALA A 100 12.37 10.59 -5.26
CA ALA A 100 11.34 10.85 -6.26
C ALA A 100 10.08 11.42 -5.61
N ILE A 101 9.61 10.76 -4.56
CA ILE A 101 8.41 11.22 -3.85
C ILE A 101 8.62 12.60 -3.24
N LEU A 102 9.80 12.81 -2.66
CA LEU A 102 10.12 14.09 -2.04
C LEU A 102 10.04 15.23 -3.05
N GLU A 103 10.51 14.95 -4.27
CA GLU A 103 10.48 15.95 -5.33
C GLU A 103 9.05 16.36 -5.66
N ALA A 104 8.18 15.38 -5.82
CA ALA A 104 6.78 15.63 -6.13
C ALA A 104 6.08 16.33 -4.96
N ARG A 105 6.50 15.99 -3.74
CA ARG A 105 5.92 16.57 -2.55
C ARG A 105 6.11 18.08 -2.53
N LYS A 106 7.28 18.53 -2.96
CA LYS A 106 7.60 19.94 -3.01
C LYS A 106 6.92 20.61 -4.19
N ASN A 107 6.70 19.83 -5.25
CA ASN A 107 6.05 20.34 -6.45
C ASN A 107 4.56 20.59 -6.19
N ALA A 108 3.96 19.74 -5.37
CA ALA A 108 2.54 19.86 -5.05
C ALA A 108 2.31 21.00 -4.05
N GLU A 109 3.24 21.15 -3.11
CA GLU A 109 3.14 22.19 -2.09
C GLU A 109 3.32 23.57 -2.73
N GLN A 110 4.14 23.64 -3.77
CA GLN A 110 4.39 24.90 -4.46
C GLN A 110 3.29 25.19 -5.50
N LEU A 111 2.64 24.13 -5.97
CA LEU A 111 1.58 24.27 -6.95
C LEU A 111 0.25 24.58 -6.26
N LEU A 112 -0.02 23.88 -5.17
CA LEU A 112 -1.25 24.08 -4.42
C LEU A 112 -1.34 25.49 -3.87
N ALA A 113 -0.28 25.93 -3.20
CA ALA A 113 -0.24 27.28 -2.63
C ALA A 113 -0.26 28.34 -3.71
N ASN A 114 -0.01 27.95 -4.96
CA ASN A 114 0.00 28.89 -6.07
C ASN A 114 -0.94 28.42 -7.19
N GLN A 115 -2.03 27.76 -6.82
CA GLN A 115 -2.99 27.28 -7.81
C GLN A 115 -3.52 28.43 -8.66
N LYS A 116 -3.52 28.23 -9.98
CA LYS A 116 -4.00 29.24 -10.91
C LYS A 116 -5.32 28.82 -11.53
N SER A 117 -5.51 27.51 -11.69
CA SER A 117 -6.73 26.98 -12.28
C SER A 117 -7.21 25.74 -11.52
N ASP A 118 -8.38 25.25 -11.88
CA ASP A 118 -8.95 24.07 -11.24
C ASP A 118 -8.32 22.79 -11.77
N LEU A 119 -7.88 22.84 -13.03
CA LEU A 119 -7.26 21.68 -13.66
C LEU A 119 -5.94 21.34 -12.98
N ASP A 120 -5.02 22.30 -12.95
CA ASP A 120 -3.72 22.08 -12.33
C ASP A 120 -3.88 21.70 -10.86
N SER A 121 -4.79 22.37 -10.17
CA SER A 121 -5.04 22.10 -8.77
C SER A 121 -5.49 20.65 -8.56
N ALA A 122 -6.31 20.15 -9.48
CA ALA A 122 -6.80 18.79 -9.40
C ALA A 122 -5.66 17.79 -9.49
N ALA A 123 -4.69 18.07 -10.37
CA ALA A 123 -3.54 17.20 -10.54
C ALA A 123 -2.55 17.38 -9.38
N ALA A 124 -2.46 18.60 -8.88
CA ALA A 124 -1.55 18.91 -7.78
C ALA A 124 -2.03 18.27 -6.49
N LEU A 125 -3.30 18.47 -6.18
CA LEU A 125 -3.89 17.91 -4.96
C LEU A 125 -3.78 16.38 -4.96
N ALA A 126 -4.17 15.78 -6.07
CA ALA A 126 -4.11 14.32 -6.20
C ALA A 126 -2.68 13.82 -6.06
N ALA A 127 -1.73 14.64 -6.49
CA ALA A 127 -0.31 14.28 -6.41
C ALA A 127 0.20 14.42 -4.98
N LEU A 128 -0.32 15.40 -4.26
CA LEU A 128 0.08 15.64 -2.88
C LEU A 128 -0.26 14.45 -2.00
N ALA A 129 -1.52 14.02 -2.05
CA ALA A 129 -1.98 12.88 -1.25
C ALA A 129 -1.25 11.61 -1.65
N GLU A 130 -1.11 11.39 -2.96
CA GLU A 130 -0.43 10.21 -3.47
C GLU A 130 1.02 10.15 -2.98
N THR A 131 1.74 11.25 -3.18
CA THR A 131 3.14 11.33 -2.76
C THR A 131 3.27 11.15 -1.25
N ALA A 132 2.37 11.79 -0.51
CA ALA A 132 2.38 11.70 0.95
C ALA A 132 2.19 10.26 1.41
N ALA A 133 1.48 9.47 0.62
CA ALA A 133 1.23 8.08 0.94
C ALA A 133 2.51 7.25 0.82
N GLN A 134 3.19 7.38 -0.32
CA GLN A 134 4.43 6.65 -0.56
C GLN A 134 5.47 6.97 0.52
N LEU A 135 5.56 8.25 0.88
CA LEU A 135 6.51 8.68 1.90
C LEU A 135 6.17 8.08 3.25
N GLU A 136 4.88 8.08 3.58
CA GLU A 136 4.41 7.54 4.86
C GLU A 136 4.79 6.06 4.98
N THR A 137 4.70 5.34 3.87
CA THR A 137 5.04 3.92 3.85
C THR A 137 6.50 3.69 4.22
N ILE A 138 7.40 4.39 3.52
CA ILE A 138 8.82 4.26 3.77
C ILE A 138 9.16 4.64 5.20
N ARG A 139 8.72 5.82 5.62
CA ARG A 139 8.98 6.31 6.97
C ARG A 139 8.51 5.29 8.01
N LYS A 140 7.50 4.52 7.67
CA LYS A 140 6.97 3.50 8.58
C LYS A 140 7.86 2.27 8.61
N ILE A 141 8.54 2.01 7.49
CA ILE A 141 9.43 0.86 7.39
C ILE A 141 10.80 1.18 7.95
N LYS A 142 11.40 2.26 7.47
CA LYS A 142 12.71 2.65 7.91
C LYS A 142 12.71 3.06 9.38
N ASN A 143 11.61 3.66 9.83
CA ASN A 143 11.50 4.10 11.21
C ASN A 143 10.68 3.11 12.04
N ARG A 144 9.42 2.94 11.66
CA ARG A 144 8.53 2.02 12.35
C ARG A 144 8.19 2.54 13.75
N ALA A 145 8.14 3.86 13.88
CA ALA A 145 7.82 4.47 15.17
C ALA A 145 6.48 5.20 15.12
N GLN A 146 5.42 4.43 14.87
CA GLN A 146 4.08 4.99 14.80
C GLN A 146 3.45 5.12 16.19
N MET A 8 1.46 -17.87 14.51
CA MET A 8 -0.02 -17.80 14.59
C MET A 8 -0.66 -18.05 13.23
N ALA A 9 -0.74 -19.32 12.83
CA ALA A 9 -1.33 -19.68 11.56
C ALA A 9 -0.58 -19.03 10.40
N THR A 10 -0.85 -19.50 9.19
CA THR A 10 -0.21 -18.96 8.00
C THR A 10 -1.15 -19.02 6.79
N MET A 11 -1.11 -17.98 5.96
CA MET A 11 -1.95 -17.92 4.78
C MET A 11 -1.13 -17.59 3.54
N GLN A 12 -1.56 -18.11 2.40
CA GLN A 12 -0.85 -17.88 1.14
C GLN A 12 -1.17 -16.49 0.59
N CYS A 13 -0.36 -15.50 0.98
CA CYS A 13 -0.55 -14.14 0.53
C CYS A 13 0.29 -13.84 -0.71
N ASP A 14 -0.33 -13.22 -1.71
CA ASP A 14 0.38 -12.88 -2.94
C ASP A 14 -0.01 -11.49 -3.43
N VAL A 15 0.96 -10.59 -3.45
CA VAL A 15 0.72 -9.22 -3.90
C VAL A 15 1.23 -9.03 -5.33
N VAL A 16 0.37 -8.47 -6.18
CA VAL A 16 0.73 -8.24 -7.57
C VAL A 16 0.30 -6.84 -8.03
N SER A 17 1.02 -6.31 -9.01
CA SER A 17 0.71 -4.99 -9.55
C SER A 17 0.80 -4.99 -11.06
N VAL A 18 0.53 -3.83 -11.67
CA VAL A 18 0.58 -3.70 -13.12
C VAL A 18 2.02 -3.83 -13.63
N LYS A 19 2.99 -3.76 -12.73
CA LYS A 19 4.39 -3.88 -13.11
C LYS A 19 4.89 -5.31 -12.96
N GLU A 20 4.36 -6.02 -11.95
CA GLU A 20 4.73 -7.41 -11.70
C GLU A 20 4.45 -7.78 -10.24
N SER A 21 4.63 -9.05 -9.92
CA SER A 21 4.40 -9.55 -8.57
C SER A 21 5.38 -8.91 -7.58
N ILE A 22 4.96 -8.80 -6.33
CA ILE A 22 5.81 -8.20 -5.30
C ILE A 22 6.02 -9.17 -4.14
N TYR A 23 4.94 -9.82 -3.71
CA TYR A 23 5.01 -10.77 -2.61
C TYR A 23 4.30 -12.07 -2.95
N SER A 24 4.69 -13.15 -2.29
CA SER A 24 4.07 -14.46 -2.53
C SER A 24 4.63 -15.50 -1.56
N GLY A 25 3.83 -15.84 -0.55
CA GLY A 25 4.26 -16.83 0.43
C GLY A 25 3.29 -16.94 1.59
N ALA A 26 3.83 -17.27 2.77
CA ALA A 26 3.01 -17.42 3.96
C ALA A 26 3.02 -16.15 4.80
N VAL A 27 1.90 -15.84 5.43
CA VAL A 27 1.79 -14.65 6.27
C VAL A 27 0.84 -14.90 7.45
N THR A 28 1.21 -14.38 8.61
CA THR A 28 0.40 -14.53 9.81
C THR A 28 -0.80 -13.57 9.78
N MET A 29 -0.60 -12.42 9.15
CA MET A 29 -1.66 -11.42 9.05
C MET A 29 -1.26 -10.29 8.11
N LEU A 30 -2.21 -9.83 7.30
CA LEU A 30 -1.95 -8.76 6.35
C LEU A 30 -2.90 -7.58 6.58
N ILE A 31 -2.40 -6.37 6.40
CA ILE A 31 -3.20 -5.17 6.59
C ILE A 31 -3.11 -4.25 5.37
N ALA A 32 -4.18 -4.21 4.58
CA ALA A 32 -4.21 -3.36 3.39
C ALA A 32 -5.39 -2.40 3.45
N LYS A 33 -5.17 -1.18 2.95
CA LYS A 33 -6.22 -0.16 2.94
C LYS A 33 -7.30 -0.50 1.94
N GLY A 34 -8.53 -0.66 2.41
CA GLY A 34 -9.64 -0.98 1.53
C GLY A 34 -10.95 -0.40 2.01
N ALA A 35 -11.76 0.09 1.07
CA ALA A 35 -13.05 0.68 1.40
C ALA A 35 -12.89 1.89 2.31
N GLY A 36 -11.69 2.46 2.34
CA GLY A 36 -11.43 3.62 3.18
C GLY A 36 -10.87 3.24 4.53
N GLY A 37 -11.16 2.03 4.99
CA GLY A 37 -10.67 1.58 6.27
C GLY A 37 -9.57 0.55 6.14
N GLU A 38 -8.88 0.28 7.24
CA GLU A 38 -7.79 -0.69 7.25
C GLU A 38 -8.33 -2.10 7.46
N LEU A 39 -8.19 -2.95 6.45
CA LEU A 39 -8.67 -4.32 6.53
C LEU A 39 -7.56 -5.27 6.93
N GLY A 40 -7.82 -6.09 7.94
CA GLY A 40 -6.84 -7.04 8.40
C GLY A 40 -7.31 -8.48 8.26
N ILE A 41 -6.70 -9.21 7.33
CA ILE A 41 -7.07 -10.60 7.09
C ILE A 41 -6.20 -11.55 7.90
N LEU A 42 -6.81 -12.60 8.43
CA LEU A 42 -6.09 -13.58 9.23
C LEU A 42 -6.24 -14.98 8.63
N PRO A 43 -5.19 -15.81 8.71
CA PRO A 43 -5.20 -17.17 8.17
C PRO A 43 -6.44 -17.95 8.60
N GLY A 44 -7.36 -18.17 7.66
CA GLY A 44 -8.57 -18.91 7.97
C GLY A 44 -9.81 -18.04 7.88
N HIS A 45 -9.68 -16.86 7.28
CA HIS A 45 -10.80 -15.95 7.14
C HIS A 45 -11.75 -16.41 6.04
N ALA A 46 -12.89 -15.74 5.92
CA ALA A 46 -13.89 -16.09 4.91
C ALA A 46 -13.66 -15.29 3.62
N PRO A 47 -14.22 -15.77 2.50
CA PRO A 47 -14.08 -15.09 1.20
C PRO A 47 -14.60 -13.66 1.23
N LEU A 48 -13.74 -12.71 0.90
CA LEU A 48 -14.10 -11.30 0.89
C LEU A 48 -13.56 -10.60 -0.34
N VAL A 49 -14.35 -9.68 -0.90
CA VAL A 49 -13.94 -8.93 -2.07
C VAL A 49 -14.15 -7.44 -1.86
N THR A 50 -13.07 -6.71 -1.64
CA THR A 50 -13.14 -5.27 -1.43
C THR A 50 -12.13 -4.53 -2.31
N LEU A 51 -12.50 -3.32 -2.72
CA LEU A 51 -11.62 -2.52 -3.56
C LEU A 51 -10.47 -1.94 -2.74
N LEU A 52 -9.24 -2.17 -3.19
CA LEU A 52 -8.06 -1.69 -2.49
C LEU A 52 -7.79 -0.22 -2.83
N GLN A 53 -7.73 0.60 -1.80
CA GLN A 53 -7.49 2.03 -1.98
C GLN A 53 -6.02 2.36 -1.73
N PRO A 54 -5.57 3.54 -2.19
CA PRO A 54 -4.18 3.98 -2.01
C PRO A 54 -3.73 3.91 -0.56
N GLY A 55 -2.70 3.10 -0.30
CA GLY A 55 -2.20 2.95 1.06
C GLY A 55 -1.16 1.86 1.16
N PRO A 56 -0.30 1.91 2.19
CA PRO A 56 0.76 0.91 2.40
C PRO A 56 0.23 -0.35 3.09
N ILE A 57 0.44 -1.50 2.44
CA ILE A 57 0.00 -2.77 3.00
C ILE A 57 1.14 -3.46 3.76
N ARG A 58 0.80 -4.11 4.86
CA ARG A 58 1.80 -4.79 5.68
C ARG A 58 1.60 -6.30 5.64
N VAL A 59 2.67 -7.04 5.34
CA VAL A 59 2.61 -8.49 5.28
C VAL A 59 3.33 -9.12 6.46
N LEU A 60 2.57 -9.64 7.41
CA LEU A 60 3.13 -10.28 8.59
C LEU A 60 3.48 -11.73 8.33
N LEU A 61 4.66 -12.13 8.80
CA LEU A 61 5.13 -13.50 8.63
C LEU A 61 5.03 -14.24 9.96
N GLU A 62 5.34 -15.53 9.94
CA GLU A 62 5.27 -16.32 11.14
C GLU A 62 6.52 -16.17 11.99
N ASN A 63 7.52 -15.49 11.46
CA ASN A 63 8.76 -15.26 12.18
C ASN A 63 8.73 -13.89 12.88
N GLY A 64 7.53 -13.36 13.06
CA GLY A 64 7.40 -12.07 13.71
C GLY A 64 7.89 -10.94 12.82
N THR A 65 8.05 -11.23 11.53
CA THR A 65 8.55 -10.23 10.58
C THR A 65 7.43 -9.69 9.71
N GLU A 66 7.43 -8.38 9.49
CA GLU A 66 6.42 -7.74 8.66
C GLU A 66 7.05 -6.84 7.61
N GLU A 67 6.54 -6.93 6.38
CA GLU A 67 7.06 -6.12 5.29
C GLU A 67 6.13 -4.94 5.00
N ILE A 68 6.66 -3.92 4.33
CA ILE A 68 5.88 -2.74 4.01
C ILE A 68 5.91 -2.45 2.52
N VAL A 69 4.73 -2.41 1.89
CA VAL A 69 4.63 -2.14 0.48
C VAL A 69 3.55 -1.09 0.20
N TYR A 70 3.81 -0.20 -0.75
CA TYR A 70 2.86 0.84 -1.10
C TYR A 70 2.03 0.47 -2.32
N VAL A 71 0.73 0.71 -2.26
CA VAL A 71 -0.17 0.40 -3.35
C VAL A 71 -1.12 1.56 -3.62
N SER A 72 -1.28 1.91 -4.90
CA SER A 72 -2.16 3.01 -5.28
C SER A 72 -3.63 2.63 -5.08
N GLY A 73 -3.95 1.38 -5.36
CA GLY A 73 -5.32 0.92 -5.21
C GLY A 73 -5.76 0.05 -6.37
N GLY A 74 -6.55 -0.97 -6.06
CA GLY A 74 -7.03 -1.87 -7.09
C GLY A 74 -8.12 -2.80 -6.58
N VAL A 75 -7.80 -4.09 -6.46
CA VAL A 75 -8.76 -5.07 -5.99
C VAL A 75 -8.15 -5.97 -4.92
N LEU A 76 -8.91 -6.21 -3.86
CA LEU A 76 -8.46 -7.06 -2.76
C LEU A 76 -9.30 -8.33 -2.68
N GLU A 77 -8.71 -9.45 -3.07
CA GLU A 77 -9.42 -10.73 -3.05
C GLU A 77 -8.96 -11.57 -1.87
N VAL A 78 -9.90 -11.88 -0.98
CA VAL A 78 -9.60 -12.68 0.20
C VAL A 78 -10.19 -14.09 0.04
N GLN A 79 -9.33 -15.09 0.15
CA GLN A 79 -9.77 -16.48 0.03
C GLN A 79 -9.63 -17.21 1.37
N PRO A 80 -10.36 -18.32 1.55
CA PRO A 80 -10.32 -19.10 2.79
C PRO A 80 -8.91 -19.29 3.33
N HIS A 81 -8.03 -19.87 2.51
CA HIS A 81 -6.65 -20.10 2.92
C HIS A 81 -5.66 -19.35 2.02
N VAL A 82 -6.18 -18.47 1.17
CA VAL A 82 -5.34 -17.69 0.26
C VAL A 82 -5.75 -16.23 0.24
N VAL A 83 -4.80 -15.34 -0.04
CA VAL A 83 -5.09 -13.91 -0.10
C VAL A 83 -4.29 -13.23 -1.21
N THR A 84 -4.99 -12.52 -2.09
CA THR A 84 -4.35 -11.83 -3.20
C THR A 84 -4.79 -10.37 -3.25
N VAL A 85 -3.82 -9.47 -3.33
CA VAL A 85 -4.12 -8.04 -3.38
C VAL A 85 -3.55 -7.41 -4.65
N LEU A 86 -4.43 -7.03 -5.56
CA LEU A 86 -4.03 -6.41 -6.82
C LEU A 86 -3.98 -4.89 -6.69
N ALA A 87 -2.85 -4.31 -7.05
CA ALA A 87 -2.67 -2.86 -6.96
C ALA A 87 -2.15 -2.29 -8.28
N ASP A 88 -2.84 -1.26 -8.79
CA ASP A 88 -2.43 -0.64 -10.05
C ASP A 88 -0.93 -0.35 -10.07
N THR A 89 -0.37 -0.12 -8.88
CA THR A 89 1.06 0.16 -8.75
C THR A 89 1.55 -0.23 -7.37
N ALA A 90 2.48 -1.18 -7.32
CA ALA A 90 3.03 -1.64 -6.05
C ALA A 90 4.52 -1.30 -5.94
N ILE A 91 4.90 -0.76 -4.79
CA ILE A 91 6.29 -0.40 -4.54
C ILE A 91 6.81 -1.02 -3.25
N ARG A 92 8.04 -1.53 -3.29
CA ARG A 92 8.64 -2.15 -2.12
C ARG A 92 9.26 -1.10 -1.20
N ALA A 93 9.06 -1.28 0.11
CA ALA A 93 9.60 -0.36 1.10
C ALA A 93 11.10 -0.18 0.94
N ASP A 94 11.77 -1.23 0.45
CA ASP A 94 13.21 -1.20 0.26
C ASP A 94 13.58 -0.73 -1.15
N ASN A 95 12.56 -0.43 -1.96
CA ASN A 95 12.79 0.03 -3.33
C ASN A 95 12.39 1.49 -3.49
N LEU A 96 11.59 2.00 -2.56
CA LEU A 96 11.15 3.39 -2.60
C LEU A 96 12.35 4.34 -2.54
N ASP A 97 12.25 5.45 -3.27
CA ASP A 97 13.32 6.45 -3.30
C ASP A 97 12.92 7.69 -2.52
N GLU A 98 13.73 8.05 -1.52
CA GLU A 98 13.46 9.22 -0.70
C GLU A 98 13.43 10.49 -1.55
N ALA A 99 14.27 10.52 -2.59
CA ALA A 99 14.34 11.66 -3.48
C ALA A 99 13.14 11.71 -4.42
N ALA A 100 12.62 10.53 -4.77
CA ALA A 100 11.48 10.43 -5.66
C ALA A 100 10.22 10.98 -5.01
N ILE A 101 10.04 10.68 -3.73
CA ILE A 101 8.88 11.15 -2.99
C ILE A 101 8.98 12.64 -2.71
N LEU A 102 10.17 13.10 -2.36
CA LEU A 102 10.39 14.52 -2.08
C LEU A 102 10.09 15.37 -3.30
N GLU A 103 10.41 14.84 -4.48
CA GLU A 103 10.17 15.56 -5.73
C GLU A 103 8.68 15.69 -6.00
N ALA A 104 7.96 14.58 -5.88
CA ALA A 104 6.52 14.57 -6.11
C ALA A 104 5.78 15.29 -4.98
N ARG A 105 6.35 15.22 -3.78
CA ARG A 105 5.74 15.87 -2.62
C ARG A 105 5.80 17.39 -2.76
N LYS A 106 6.89 17.89 -3.32
CA LYS A 106 7.06 19.32 -3.52
C LYS A 106 6.21 19.80 -4.69
N ASN A 107 6.00 18.91 -5.65
CA ASN A 107 5.20 19.24 -6.83
C ASN A 107 3.76 19.53 -6.43
N ALA A 108 3.22 18.69 -5.55
CA ALA A 108 1.85 18.85 -5.09
C ALA A 108 1.72 20.09 -4.22
N GLU A 109 2.69 20.30 -3.33
CA GLU A 109 2.68 21.45 -2.44
C GLU A 109 2.68 22.75 -3.23
N GLN A 110 3.50 22.79 -4.27
CA GLN A 110 3.61 23.97 -5.12
C GLN A 110 2.48 24.02 -6.15
N LEU A 111 1.94 22.85 -6.48
CA LEU A 111 0.86 22.75 -7.44
C LEU A 111 -0.48 23.07 -6.79
N LEU A 112 -0.59 22.80 -5.49
CA LEU A 112 -1.81 23.05 -4.75
C LEU A 112 -1.98 24.54 -4.46
N ALA A 113 -0.88 25.20 -4.07
CA ALA A 113 -0.92 26.62 -3.77
C ALA A 113 -1.29 27.44 -5.00
N ASN A 114 -0.95 26.92 -6.18
CA ASN A 114 -1.24 27.61 -7.43
C ASN A 114 -2.43 26.96 -8.14
N GLN A 115 -3.38 26.47 -7.36
CA GLN A 115 -4.57 25.83 -7.91
C GLN A 115 -5.61 26.86 -8.31
N LYS A 116 -6.22 26.66 -9.48
CA LYS A 116 -7.24 27.58 -9.98
C LYS A 116 -8.47 26.81 -10.46
N SER A 117 -8.24 25.74 -11.20
CA SER A 117 -9.34 24.92 -11.71
C SER A 117 -9.50 23.66 -10.87
N ASP A 118 -10.48 22.83 -11.22
CA ASP A 118 -10.75 21.59 -10.50
C ASP A 118 -9.89 20.45 -11.05
N LEU A 119 -9.68 20.46 -12.36
CA LEU A 119 -8.89 19.42 -13.01
C LEU A 119 -7.45 19.42 -12.48
N ASP A 120 -6.78 20.55 -12.65
CA ASP A 120 -5.39 20.68 -12.19
C ASP A 120 -5.28 20.41 -10.69
N SER A 121 -6.26 20.90 -9.94
CA SER A 121 -6.28 20.70 -8.49
C SER A 121 -6.46 19.24 -8.14
N ALA A 122 -7.29 18.54 -8.91
CA ALA A 122 -7.56 17.13 -8.67
C ALA A 122 -6.28 16.30 -8.84
N ALA A 123 -5.43 16.72 -9.77
CA ALA A 123 -4.17 16.02 -10.02
C ALA A 123 -3.18 16.25 -8.87
N ALA A 124 -3.16 17.47 -8.36
CA ALA A 124 -2.26 17.83 -7.26
C ALA A 124 -2.73 17.20 -5.95
N LEU A 125 -4.05 17.21 -5.73
CA LEU A 125 -4.63 16.65 -4.53
C LEU A 125 -4.24 15.18 -4.36
N ALA A 126 -4.52 14.39 -5.40
CA ALA A 126 -4.20 12.97 -5.38
C ALA A 126 -2.70 12.75 -5.27
N ALA A 127 -1.93 13.63 -5.90
CA ALA A 127 -0.48 13.53 -5.88
C ALA A 127 0.07 13.74 -4.47
N LEU A 128 -0.49 14.72 -3.77
CA LEU A 128 -0.07 15.04 -2.41
C LEU A 128 -0.26 13.83 -1.49
N ALA A 129 -1.47 13.28 -1.50
CA ALA A 129 -1.80 12.12 -0.67
C ALA A 129 -0.94 10.92 -1.06
N GLU A 130 -0.69 10.77 -2.35
CA GLU A 130 0.12 9.66 -2.85
C GLU A 130 1.54 9.74 -2.32
N THR A 131 2.14 10.92 -2.43
CA THR A 131 3.51 11.12 -1.95
C THR A 131 3.60 10.88 -0.45
N ALA A 132 2.55 11.24 0.27
CA ALA A 132 2.51 11.05 1.71
C ALA A 132 2.65 9.58 2.08
N ALA A 133 1.93 8.73 1.35
CA ALA A 133 1.97 7.29 1.59
C ALA A 133 3.38 6.75 1.38
N GLN A 134 3.99 7.14 0.27
CA GLN A 134 5.35 6.70 -0.05
C GLN A 134 6.31 7.06 1.07
N LEU A 135 6.20 8.28 1.57
CA LEU A 135 7.06 8.75 2.65
C LEU A 135 6.80 7.96 3.92
N GLU A 136 5.52 7.72 4.21
CA GLU A 136 5.14 6.96 5.40
C GLU A 136 5.62 5.51 5.30
N THR A 137 5.69 5.01 4.07
CA THR A 137 6.14 3.64 3.85
C THR A 137 7.61 3.47 4.23
N ILE A 138 8.44 4.43 3.80
CA ILE A 138 9.86 4.38 4.12
C ILE A 138 10.12 4.82 5.55
N ARG A 139 9.29 5.71 6.06
CA ARG A 139 9.45 6.19 7.43
C ARG A 139 9.23 5.07 8.44
N LYS A 140 8.25 4.22 8.16
CA LYS A 140 7.93 3.11 9.06
C LYS A 140 8.99 2.01 8.96
N ILE A 141 9.37 1.67 7.72
CA ILE A 141 10.36 0.64 7.49
C ILE A 141 11.76 1.11 7.88
N LYS A 142 12.15 2.27 7.37
CA LYS A 142 13.46 2.82 7.66
C LYS A 142 13.63 3.04 9.16
N ASN A 143 12.54 3.38 9.82
CA ASN A 143 12.55 3.62 11.26
C ASN A 143 11.24 3.17 11.89
N ARG A 144 11.33 2.22 12.82
CA ARG A 144 10.16 1.70 13.49
C ARG A 144 10.30 1.82 15.01
N ALA A 145 11.10 2.79 15.45
CA ALA A 145 11.32 3.01 16.87
C ALA A 145 10.63 4.29 17.33
N GLN A 146 9.33 4.35 17.14
CA GLN A 146 8.55 5.53 17.52
C GLN A 146 7.64 5.20 18.70
N MET A 8 2.22 -18.85 15.92
CA MET A 8 0.95 -18.42 15.31
C MET A 8 0.72 -19.10 13.96
N ALA A 9 -0.53 -19.15 13.54
CA ALA A 9 -0.88 -19.77 12.26
C ALA A 9 -0.16 -19.10 11.09
N THR A 10 -0.28 -19.68 9.91
CA THR A 10 0.36 -19.13 8.72
C THR A 10 -0.52 -19.32 7.49
N MET A 11 -0.47 -18.35 6.58
CA MET A 11 -1.26 -18.41 5.36
C MET A 11 -0.42 -18.08 4.13
N GLN A 12 -0.86 -18.53 2.96
CA GLN A 12 -0.14 -18.28 1.72
C GLN A 12 -0.57 -16.94 1.11
N CYS A 13 0.18 -15.88 1.42
CA CYS A 13 -0.12 -14.56 0.90
C CYS A 13 0.72 -14.26 -0.34
N ASP A 14 0.11 -13.61 -1.31
CA ASP A 14 0.80 -13.26 -2.55
C ASP A 14 0.32 -11.92 -3.09
N VAL A 15 1.22 -10.96 -3.18
CA VAL A 15 0.88 -9.63 -3.70
C VAL A 15 1.26 -9.51 -5.17
N VAL A 16 0.30 -9.08 -5.98
CA VAL A 16 0.53 -8.92 -7.42
C VAL A 16 -0.04 -7.60 -7.93
N SER A 17 0.56 -7.09 -9.00
CA SER A 17 0.11 -5.84 -9.60
C SER A 17 0.13 -5.93 -11.12
N VAL A 18 -0.18 -4.83 -11.79
CA VAL A 18 -0.20 -4.79 -13.24
C VAL A 18 1.20 -4.88 -13.83
N LYS A 19 2.22 -4.75 -12.98
CA LYS A 19 3.60 -4.82 -13.43
C LYS A 19 4.20 -6.21 -13.19
N GLU A 20 3.77 -6.86 -12.11
CA GLU A 20 4.24 -8.19 -11.75
C GLU A 20 4.04 -8.47 -10.27
N SER A 21 4.35 -9.70 -9.86
CA SER A 21 4.20 -10.11 -8.47
C SER A 21 5.27 -9.46 -7.60
N ILE A 22 4.95 -9.26 -6.32
CA ILE A 22 5.87 -8.64 -5.39
C ILE A 22 6.09 -9.52 -4.16
N TYR A 23 5.00 -10.07 -3.63
CA TYR A 23 5.07 -10.92 -2.45
C TYR A 23 4.51 -12.31 -2.74
N SER A 24 5.03 -13.31 -2.03
CA SER A 24 4.58 -14.69 -2.21
C SER A 24 5.25 -15.61 -1.20
N GLY A 25 4.50 -16.00 -0.17
CA GLY A 25 5.04 -16.88 0.85
C GLY A 25 4.08 -17.09 2.01
N ALA A 26 4.63 -17.20 3.21
CA ALA A 26 3.82 -17.39 4.41
C ALA A 26 3.70 -16.11 5.21
N VAL A 27 2.53 -15.92 5.83
CA VAL A 27 2.28 -14.73 6.64
C VAL A 27 1.39 -15.04 7.83
N THR A 28 1.70 -14.44 8.97
CA THR A 28 0.91 -14.66 10.18
C THR A 28 -0.36 -13.80 10.17
N MET A 29 -0.26 -12.61 9.58
CA MET A 29 -1.39 -11.70 9.51
C MET A 29 -1.12 -10.59 8.50
N LEU A 30 -2.19 -10.14 7.82
CA LEU A 30 -2.06 -9.09 6.83
C LEU A 30 -3.11 -8.00 7.04
N ILE A 31 -2.70 -6.76 6.82
CA ILE A 31 -3.60 -5.62 6.99
C ILE A 31 -3.59 -4.73 5.76
N ALA A 32 -4.67 -4.75 4.99
CA ALA A 32 -4.79 -3.95 3.78
C ALA A 32 -5.98 -3.00 3.86
N LYS A 33 -5.95 -1.96 3.05
CA LYS A 33 -7.04 -0.98 3.02
C LYS A 33 -8.05 -1.33 1.93
N GLY A 34 -9.30 -1.51 2.34
CA GLY A 34 -10.35 -1.85 1.38
C GLY A 34 -11.73 -1.43 1.85
N ALA A 35 -12.59 -1.08 0.91
CA ALA A 35 -13.95 -0.67 1.22
C ALA A 35 -13.97 0.55 2.15
N GLY A 36 -12.85 1.27 2.18
CA GLY A 36 -12.77 2.45 3.03
C GLY A 36 -12.21 2.14 4.40
N GLY A 37 -12.34 0.89 4.84
CA GLY A 37 -11.84 0.49 6.15
C GLY A 37 -10.61 -0.38 6.04
N GLU A 38 -10.00 -0.68 7.19
CA GLU A 38 -8.81 -1.51 7.24
C GLU A 38 -9.18 -2.97 7.42
N LEU A 39 -8.89 -3.79 6.41
CA LEU A 39 -9.21 -5.21 6.46
C LEU A 39 -8.02 -6.02 6.96
N GLY A 40 -8.26 -6.85 7.96
CA GLY A 40 -7.21 -7.68 8.53
C GLY A 40 -7.56 -9.15 8.47
N ILE A 41 -6.89 -9.90 7.61
CA ILE A 41 -7.15 -11.32 7.47
C ILE A 41 -5.97 -12.16 7.95
N LEU A 42 -6.27 -13.21 8.71
CA LEU A 42 -5.23 -14.10 9.24
C LEU A 42 -5.47 -15.53 8.78
N PRO A 43 -4.44 -16.39 8.87
CA PRO A 43 -4.54 -17.79 8.47
C PRO A 43 -5.75 -18.49 9.09
N GLY A 44 -6.69 -18.89 8.24
CA GLY A 44 -7.89 -19.57 8.71
C GLY A 44 -9.15 -18.74 8.51
N HIS A 45 -9.02 -17.61 7.83
CA HIS A 45 -10.16 -16.73 7.58
C HIS A 45 -11.04 -17.29 6.48
N ALA A 46 -12.23 -16.73 6.33
CA ALA A 46 -13.17 -17.18 5.32
C ALA A 46 -12.99 -16.40 4.01
N PRO A 47 -13.54 -16.92 2.90
CA PRO A 47 -13.43 -16.26 1.59
C PRO A 47 -14.07 -14.88 1.57
N LEU A 48 -13.29 -13.87 1.22
CA LEU A 48 -13.78 -12.50 1.17
C LEU A 48 -13.29 -11.80 -0.10
N VAL A 49 -14.13 -10.93 -0.65
CA VAL A 49 -13.78 -10.19 -1.85
C VAL A 49 -14.13 -8.71 -1.71
N THR A 50 -13.11 -7.88 -1.52
CA THR A 50 -13.30 -6.44 -1.36
C THR A 50 -12.37 -5.66 -2.27
N LEU A 51 -12.83 -4.50 -2.75
CA LEU A 51 -12.02 -3.66 -3.62
C LEU A 51 -10.90 -3.00 -2.83
N LEU A 52 -9.65 -3.27 -3.21
CA LEU A 52 -8.50 -2.69 -2.53
C LEU A 52 -8.30 -1.24 -2.94
N GLN A 53 -8.16 -0.37 -1.95
CA GLN A 53 -7.96 1.05 -2.19
C GLN A 53 -6.51 1.46 -1.94
N PRO A 54 -6.10 2.66 -2.39
CA PRO A 54 -4.74 3.16 -2.20
C PRO A 54 -4.31 3.13 -0.74
N GLY A 55 -3.17 2.48 -0.48
CA GLY A 55 -2.67 2.40 0.88
C GLY A 55 -1.62 1.32 1.04
N PRO A 56 -0.69 1.47 1.99
CA PRO A 56 0.37 0.49 2.23
C PRO A 56 -0.11 -0.68 3.07
N ILE A 57 -0.16 -1.87 2.46
CA ILE A 57 -0.60 -3.07 3.16
C ILE A 57 0.51 -3.62 4.04
N ARG A 58 0.14 -4.17 5.19
CA ARG A 58 1.11 -4.73 6.12
C ARG A 58 1.09 -6.25 6.06
N VAL A 59 2.24 -6.83 5.74
CA VAL A 59 2.37 -8.28 5.65
C VAL A 59 3.22 -8.84 6.79
N LEU A 60 2.58 -9.55 7.71
CA LEU A 60 3.28 -10.13 8.85
C LEU A 60 3.70 -11.58 8.55
N LEU A 61 4.94 -11.89 8.87
CA LEU A 61 5.47 -13.23 8.66
C LEU A 61 5.46 -14.02 9.96
N GLU A 62 5.75 -15.30 9.88
CA GLU A 62 5.76 -16.16 11.07
C GLU A 62 7.02 -15.96 11.90
N ASN A 63 7.94 -15.13 11.40
CA ASN A 63 9.18 -14.87 12.11
C ASN A 63 9.04 -13.60 12.96
N GLY A 64 7.79 -13.22 13.26
CA GLY A 64 7.57 -12.03 14.06
C GLY A 64 7.91 -10.76 13.30
N THR A 65 8.03 -10.87 11.98
CA THR A 65 8.39 -9.73 11.15
C THR A 65 7.18 -9.21 10.37
N GLU A 66 7.31 -7.99 9.85
CA GLU A 66 6.24 -7.37 9.07
C GLU A 66 6.82 -6.56 7.91
N GLU A 67 6.11 -6.54 6.79
CA GLU A 67 6.56 -5.81 5.62
C GLU A 67 5.49 -4.82 5.16
N ILE A 68 5.93 -3.73 4.53
CA ILE A 68 5.02 -2.69 4.06
C ILE A 68 5.04 -2.59 2.54
N VAL A 69 3.91 -2.87 1.92
CA VAL A 69 3.80 -2.81 0.46
C VAL A 69 2.79 -1.75 0.04
N TYR A 70 3.26 -0.81 -0.79
CA TYR A 70 2.39 0.27 -1.28
C TYR A 70 1.54 -0.20 -2.45
N VAL A 71 0.22 -0.12 -2.28
CA VAL A 71 -0.71 -0.53 -3.33
C VAL A 71 -1.70 0.59 -3.64
N SER A 72 -1.82 0.94 -4.92
CA SER A 72 -2.74 2.00 -5.33
C SER A 72 -4.19 1.59 -5.13
N GLY A 73 -4.47 0.30 -5.32
CA GLY A 73 -5.82 -0.19 -5.16
C GLY A 73 -6.27 -1.00 -6.37
N GLY A 74 -7.04 -2.04 -6.11
CA GLY A 74 -7.54 -2.88 -7.18
C GLY A 74 -8.55 -3.90 -6.70
N VAL A 75 -8.10 -5.16 -6.57
CA VAL A 75 -8.97 -6.23 -6.11
C VAL A 75 -8.30 -7.06 -5.03
N LEU A 76 -9.03 -7.30 -3.94
CA LEU A 76 -8.51 -8.09 -2.83
C LEU A 76 -9.32 -9.38 -2.67
N GLU A 77 -8.72 -10.50 -3.04
CA GLU A 77 -9.39 -11.79 -2.95
C GLU A 77 -8.77 -12.64 -1.84
N VAL A 78 -9.56 -12.90 -0.80
CA VAL A 78 -9.10 -13.71 0.32
C VAL A 78 -9.58 -15.15 0.19
N GLN A 79 -8.64 -16.09 0.29
CA GLN A 79 -8.96 -17.51 0.19
C GLN A 79 -8.80 -18.21 1.54
N PRO A 80 -9.44 -19.37 1.72
CA PRO A 80 -9.37 -20.13 2.97
C PRO A 80 -7.94 -20.27 3.48
N HIS A 81 -7.05 -20.79 2.64
CA HIS A 81 -5.65 -20.98 3.01
C HIS A 81 -4.72 -20.15 2.13
N VAL A 82 -5.28 -19.31 1.27
CA VAL A 82 -4.49 -18.47 0.39
C VAL A 82 -5.02 -17.04 0.37
N VAL A 83 -4.14 -16.09 0.10
CA VAL A 83 -4.52 -14.68 0.06
C VAL A 83 -3.76 -13.93 -1.03
N THR A 84 -4.51 -13.30 -1.93
CA THR A 84 -3.90 -12.54 -3.02
C THR A 84 -4.48 -11.14 -3.09
N VAL A 85 -3.60 -10.14 -3.13
CA VAL A 85 -4.03 -8.75 -3.20
C VAL A 85 -3.59 -8.09 -4.51
N LEU A 86 -4.55 -7.87 -5.40
CA LEU A 86 -4.26 -7.24 -6.69
C LEU A 86 -4.22 -5.73 -6.56
N ALA A 87 -3.10 -5.13 -6.93
CA ALA A 87 -2.94 -3.68 -6.85
C ALA A 87 -2.53 -3.10 -8.20
N ASP A 88 -3.24 -2.06 -8.64
CA ASP A 88 -2.93 -1.41 -9.90
C ASP A 88 -1.45 -1.09 -10.01
N THR A 89 -0.82 -0.87 -8.85
CA THR A 89 0.61 -0.56 -8.80
C THR A 89 1.18 -0.89 -7.43
N ALA A 90 2.19 -1.76 -7.40
CA ALA A 90 2.81 -2.17 -6.15
C ALA A 90 4.22 -1.59 -6.04
N ILE A 91 4.54 -1.06 -4.87
CA ILE A 91 5.85 -0.48 -4.64
C ILE A 91 6.38 -0.87 -3.26
N ARG A 92 7.49 -1.59 -3.23
CA ARG A 92 8.10 -2.03 -1.98
C ARG A 92 8.50 -0.83 -1.13
N ALA A 93 8.07 -0.83 0.12
CA ALA A 93 8.39 0.26 1.04
C ALA A 93 9.90 0.46 1.16
N ASP A 94 10.64 -0.63 1.00
CA ASP A 94 12.10 -0.58 1.09
C ASP A 94 12.73 -0.25 -0.26
N ASN A 95 11.94 -0.36 -1.33
CA ASN A 95 12.43 -0.08 -2.67
C ASN A 95 11.69 1.12 -3.28
N LEU A 96 11.12 1.95 -2.43
CA LEU A 96 10.39 3.13 -2.89
C LEU A 96 11.34 4.19 -3.42
N ASP A 97 10.87 5.02 -4.35
CA ASP A 97 11.68 6.08 -4.93
C ASP A 97 11.41 7.40 -4.25
N GLU A 98 12.04 7.63 -3.10
CA GLU A 98 11.86 8.86 -2.35
C GLU A 98 12.28 10.08 -3.18
N ALA A 99 13.24 9.87 -4.08
CA ALA A 99 13.72 10.94 -4.94
C ALA A 99 12.61 11.48 -5.83
N ALA A 100 11.98 10.58 -6.58
CA ALA A 100 10.90 10.96 -7.49
C ALA A 100 9.69 11.47 -6.72
N ILE A 101 9.37 10.80 -5.60
CA ILE A 101 8.24 11.18 -4.78
C ILE A 101 8.46 12.55 -4.15
N LEU A 102 9.67 12.78 -3.63
CA LEU A 102 10.00 14.04 -2.99
C LEU A 102 9.85 15.21 -3.98
N GLU A 103 10.20 14.95 -5.23
CA GLU A 103 10.11 15.97 -6.27
C GLU A 103 8.65 16.38 -6.51
N ALA A 104 7.78 15.38 -6.63
CA ALA A 104 6.36 15.63 -6.85
C ALA A 104 5.70 16.21 -5.59
N ARG A 105 6.21 15.80 -4.43
CA ARG A 105 5.67 16.27 -3.16
C ARG A 105 5.92 17.77 -2.99
N LYS A 106 7.06 18.22 -3.48
CA LYS A 106 7.43 19.64 -3.38
C LYS A 106 6.70 20.45 -4.45
N ASN A 107 6.41 19.81 -5.57
CA ASN A 107 5.72 20.46 -6.67
C ASN A 107 4.23 20.64 -6.35
N ALA A 108 3.69 19.69 -5.60
CA ALA A 108 2.28 19.74 -5.22
C ALA A 108 2.05 20.74 -4.09
N GLU A 109 2.98 20.78 -3.14
CA GLU A 109 2.87 21.69 -2.01
C GLU A 109 3.15 23.13 -2.44
N GLN A 110 4.01 23.29 -3.44
CA GLN A 110 4.36 24.61 -3.94
C GLN A 110 3.31 25.12 -4.92
N LEU A 111 2.60 24.20 -5.56
CA LEU A 111 1.56 24.55 -6.52
C LEU A 111 0.29 24.95 -5.80
N LEU A 112 0.04 24.31 -4.65
CA LEU A 112 -1.16 24.59 -3.86
C LEU A 112 -1.11 26.02 -3.31
N ALA A 113 -0.02 26.35 -2.63
CA ALA A 113 0.14 27.67 -2.05
C ALA A 113 0.21 28.75 -3.13
N ASN A 114 0.45 28.33 -4.38
CA ASN A 114 0.54 29.27 -5.49
C ASN A 114 -0.40 28.86 -6.61
N GLN A 115 -1.55 28.31 -6.25
CA GLN A 115 -2.53 27.87 -7.25
C GLN A 115 -2.89 29.01 -8.19
N LYS A 116 -3.04 28.69 -9.47
CA LYS A 116 -3.39 29.68 -10.48
C LYS A 116 -4.81 29.46 -11.00
N SER A 117 -5.25 28.20 -11.02
CA SER A 117 -6.58 27.87 -11.48
C SER A 117 -7.10 26.61 -10.78
N ASP A 118 -8.24 26.11 -11.23
CA ASP A 118 -8.85 24.93 -10.65
C ASP A 118 -8.23 23.65 -11.23
N LEU A 119 -7.78 23.74 -12.48
CA LEU A 119 -7.15 22.60 -13.14
C LEU A 119 -5.81 22.27 -12.52
N ASP A 120 -4.92 23.26 -12.47
CA ASP A 120 -3.59 23.07 -11.89
C ASP A 120 -3.69 22.56 -10.46
N SER A 121 -4.61 23.14 -9.70
CA SER A 121 -4.80 22.75 -8.31
C SER A 121 -5.26 21.29 -8.21
N ALA A 122 -6.13 20.88 -9.12
CA ALA A 122 -6.64 19.52 -9.15
C ALA A 122 -5.49 18.52 -9.27
N ALA A 123 -4.51 18.86 -10.10
CA ALA A 123 -3.36 18.00 -10.31
C ALA A 123 -2.42 18.06 -9.11
N ALA A 124 -2.39 19.22 -8.46
CA ALA A 124 -1.54 19.41 -7.28
C ALA A 124 -2.06 18.62 -6.09
N LEU A 125 -3.33 18.87 -5.73
CA LEU A 125 -3.95 18.18 -4.60
C LEU A 125 -3.84 16.67 -4.77
N ALA A 126 -4.16 16.19 -5.97
CA ALA A 126 -4.10 14.77 -6.27
C ALA A 126 -2.69 14.24 -6.09
N ALA A 127 -1.71 15.03 -6.51
CA ALA A 127 -0.31 14.64 -6.40
C ALA A 127 0.15 14.66 -4.94
N LEU A 128 -0.45 15.55 -4.15
CA LEU A 128 -0.11 15.67 -2.74
C LEU A 128 -0.47 14.40 -1.98
N ALA A 129 -1.71 13.95 -2.14
CA ALA A 129 -2.18 12.74 -1.48
C ALA A 129 -1.42 11.52 -1.96
N GLU A 130 -1.19 11.45 -3.27
CA GLU A 130 -0.46 10.34 -3.87
C GLU A 130 0.98 10.30 -3.38
N THR A 131 1.68 11.42 -3.57
CA THR A 131 3.08 11.52 -3.15
C THR A 131 3.20 11.33 -1.64
N ALA A 132 2.26 11.92 -0.89
CA ALA A 132 2.27 11.80 0.56
C ALA A 132 2.09 10.35 0.99
N ALA A 133 1.34 9.60 0.21
CA ALA A 133 1.10 8.19 0.52
C ALA A 133 2.39 7.38 0.44
N GLN A 134 3.06 7.42 -0.71
CA GLN A 134 4.30 6.69 -0.89
C GLN A 134 5.34 7.12 0.14
N LEU A 135 5.45 8.43 0.34
CA LEU A 135 6.40 8.97 1.32
C LEU A 135 6.10 8.44 2.71
N GLU A 136 4.82 8.30 3.03
CA GLU A 136 4.41 7.80 4.34
C GLU A 136 4.86 6.35 4.53
N THR A 137 4.91 5.61 3.43
CA THR A 137 5.32 4.21 3.47
C THR A 137 6.79 4.10 3.83
N ILE A 138 7.63 4.93 3.19
CA ILE A 138 9.05 4.92 3.45
C ILE A 138 9.35 5.33 4.90
N ARG A 139 8.52 6.20 5.44
CA ARG A 139 8.68 6.67 6.80
C ARG A 139 8.24 5.61 7.80
N LYS A 140 7.14 4.92 7.49
CA LYS A 140 6.61 3.88 8.36
C LYS A 140 7.67 2.80 8.59
N ILE A 141 8.40 2.46 7.54
CA ILE A 141 9.45 1.44 7.62
C ILE A 141 10.73 2.03 8.19
N LYS A 142 11.10 3.21 7.70
CA LYS A 142 12.31 3.88 8.15
C LYS A 142 12.30 4.07 9.66
N ASN A 143 11.12 4.39 10.20
CA ASN A 143 10.97 4.59 11.64
C ASN A 143 9.54 4.33 12.07
N ARG A 144 9.36 3.99 13.34
CA ARG A 144 8.04 3.70 13.90
C ARG A 144 8.15 3.29 15.36
N ALA A 145 9.21 2.54 15.68
CA ALA A 145 9.43 2.08 17.04
C ALA A 145 10.86 2.35 17.48
N GLN A 146 11.23 3.62 17.51
CA GLN A 146 12.57 4.02 17.91
C GLN A 146 12.53 5.27 18.78
N MET A 8 2.49 -18.23 15.32
CA MET A 8 1.15 -18.03 14.71
C MET A 8 1.03 -18.74 13.38
N ALA A 9 -0.21 -18.97 12.95
CA ALA A 9 -0.46 -19.65 11.69
C ALA A 9 0.13 -18.88 10.52
N THR A 10 0.16 -19.50 9.35
CA THR A 10 0.70 -18.87 8.15
C THR A 10 -0.26 -19.02 6.98
N MET A 11 -0.28 -18.01 6.09
CA MET A 11 -1.14 -18.04 4.93
C MET A 11 -0.37 -17.70 3.66
N GLN A 12 -0.89 -18.14 2.52
CA GLN A 12 -0.25 -17.88 1.24
C GLN A 12 -0.68 -16.54 0.66
N CYS A 13 0.01 -15.48 1.05
CA CYS A 13 -0.31 -14.14 0.57
C CYS A 13 0.47 -13.82 -0.70
N ASP A 14 -0.19 -13.14 -1.63
CA ASP A 14 0.42 -12.78 -2.90
C ASP A 14 -0.09 -11.42 -3.39
N VAL A 15 0.82 -10.46 -3.49
CA VAL A 15 0.47 -9.12 -3.96
C VAL A 15 0.82 -8.95 -5.43
N VAL A 16 -0.11 -8.39 -6.19
CA VAL A 16 0.10 -8.17 -7.62
C VAL A 16 -0.39 -6.80 -8.05
N SER A 17 0.21 -6.27 -9.11
CA SER A 17 -0.17 -4.96 -9.63
C SER A 17 -0.12 -4.96 -11.15
N VAL A 18 -0.76 -3.97 -11.76
CA VAL A 18 -0.79 -3.86 -13.21
C VAL A 18 0.62 -3.95 -13.80
N LYS A 19 1.61 -3.55 -13.01
CA LYS A 19 3.00 -3.57 -13.44
C LYS A 19 3.59 -4.98 -13.34
N GLU A 20 3.15 -5.75 -12.33
CA GLU A 20 3.62 -7.11 -12.13
C GLU A 20 3.42 -7.55 -10.68
N SER A 21 3.76 -8.80 -10.41
CA SER A 21 3.64 -9.35 -9.06
C SER A 21 4.56 -8.62 -8.10
N ILE A 22 4.18 -8.58 -6.83
CA ILE A 22 4.98 -7.90 -5.82
C ILE A 22 5.47 -8.87 -4.75
N TYR A 23 4.53 -9.52 -4.07
CA TYR A 23 4.87 -10.47 -3.02
C TYR A 23 4.19 -11.82 -3.28
N SER A 24 4.73 -12.86 -2.65
CA SER A 24 4.18 -14.21 -2.80
C SER A 24 4.90 -15.19 -1.88
N GLY A 25 4.24 -15.57 -0.79
CA GLY A 25 4.83 -16.51 0.14
C GLY A 25 3.96 -16.75 1.36
N ALA A 26 4.59 -17.01 2.49
CA ALA A 26 3.86 -17.25 3.74
C ALA A 26 3.79 -16.00 4.59
N VAL A 27 2.68 -15.81 5.29
CA VAL A 27 2.49 -14.65 6.15
C VAL A 27 1.65 -15.00 7.37
N THR A 28 2.02 -14.45 8.52
CA THR A 28 1.29 -14.70 9.76
C THR A 28 0.06 -13.80 9.86
N MET A 29 0.15 -12.62 9.27
CA MET A 29 -0.95 -11.67 9.28
C MET A 29 -0.70 -10.52 8.31
N LEU A 30 -1.76 -10.06 7.66
CA LEU A 30 -1.66 -8.98 6.69
C LEU A 30 -2.68 -7.89 6.97
N ILE A 31 -2.29 -6.63 6.75
CA ILE A 31 -3.19 -5.50 6.99
C ILE A 31 -3.25 -4.59 5.76
N ALA A 32 -4.39 -4.58 5.09
CA ALA A 32 -4.57 -3.75 3.91
C ALA A 32 -5.77 -2.81 4.08
N LYS A 33 -5.70 -1.66 3.42
CA LYS A 33 -6.77 -0.67 3.50
C LYS A 33 -7.84 -0.94 2.44
N GLY A 34 -9.05 -1.26 2.89
CA GLY A 34 -10.13 -1.54 1.97
C GLY A 34 -11.47 -1.01 2.46
N ALA A 35 -12.32 -0.58 1.53
CA ALA A 35 -13.63 -0.04 1.87
C ALA A 35 -13.52 1.16 2.82
N GLY A 36 -12.35 1.79 2.82
CA GLY A 36 -12.15 2.94 3.68
C GLY A 36 -11.56 2.58 5.03
N GLY A 37 -11.79 1.34 5.46
CA GLY A 37 -11.26 0.90 6.74
C GLY A 37 -10.12 -0.08 6.59
N GLU A 38 -9.45 -0.39 7.69
CA GLU A 38 -8.33 -1.31 7.68
C GLU A 38 -8.80 -2.75 7.95
N LEU A 39 -8.53 -3.64 7.00
CA LEU A 39 -8.93 -5.04 7.14
C LEU A 39 -7.72 -5.94 7.33
N GLY A 40 -7.69 -6.64 8.45
CA GLY A 40 -6.58 -7.54 8.74
C GLY A 40 -6.96 -9.00 8.56
N ILE A 41 -6.43 -9.62 7.52
CA ILE A 41 -6.71 -11.02 7.23
C ILE A 41 -5.79 -11.95 8.01
N LEU A 42 -6.33 -13.05 8.51
CA LEU A 42 -5.56 -14.02 9.27
C LEU A 42 -5.64 -15.40 8.62
N PRO A 43 -4.55 -16.18 8.70
CA PRO A 43 -4.49 -17.53 8.12
C PRO A 43 -5.65 -18.40 8.60
N GLY A 44 -6.58 -18.69 7.69
CA GLY A 44 -7.72 -19.52 8.03
C GLY A 44 -9.02 -18.75 7.99
N HIS A 45 -9.00 -17.55 7.41
CA HIS A 45 -10.19 -16.72 7.31
C HIS A 45 -11.09 -17.19 6.18
N ALA A 46 -12.28 -16.61 6.09
CA ALA A 46 -13.25 -16.97 5.06
C ALA A 46 -13.06 -16.11 3.81
N PRO A 47 -13.60 -16.54 2.66
CA PRO A 47 -13.48 -15.79 1.41
C PRO A 47 -14.12 -14.41 1.50
N LEU A 48 -13.32 -13.39 1.22
CA LEU A 48 -13.80 -12.01 1.26
C LEU A 48 -13.31 -11.21 0.07
N VAL A 49 -14.22 -10.48 -0.58
CA VAL A 49 -13.86 -9.67 -1.73
C VAL A 49 -14.27 -8.22 -1.52
N THR A 50 -13.28 -7.37 -1.25
CA THR A 50 -13.54 -5.95 -1.02
C THR A 50 -12.60 -5.08 -1.86
N LEU A 51 -13.09 -3.92 -2.28
CA LEU A 51 -12.29 -3.01 -3.08
C LEU A 51 -11.14 -2.45 -2.26
N LEU A 52 -9.92 -2.55 -2.80
CA LEU A 52 -8.74 -2.04 -2.10
C LEU A 52 -8.51 -0.57 -2.42
N GLN A 53 -8.49 0.24 -1.37
CA GLN A 53 -8.28 1.68 -1.51
C GLN A 53 -6.81 2.04 -1.29
N PRO A 54 -6.39 3.24 -1.73
CA PRO A 54 -5.01 3.69 -1.56
C PRO A 54 -4.53 3.59 -0.12
N GLY A 55 -3.50 2.80 0.10
CA GLY A 55 -2.97 2.62 1.43
C GLY A 55 -1.85 1.61 1.49
N PRO A 56 -0.88 1.78 2.41
CA PRO A 56 0.26 0.87 2.54
C PRO A 56 -0.10 -0.41 3.29
N ILE A 57 -0.13 -1.53 2.57
CA ILE A 57 -0.45 -2.82 3.17
C ILE A 57 0.78 -3.42 3.85
N ARG A 58 0.56 -4.09 4.98
CA ARG A 58 1.65 -4.70 5.72
C ARG A 58 1.54 -6.23 5.71
N VAL A 59 2.57 -6.89 5.21
CA VAL A 59 2.59 -8.35 5.14
C VAL A 59 3.48 -8.92 6.23
N LEU A 60 2.87 -9.56 7.23
CA LEU A 60 3.61 -10.15 8.34
C LEU A 60 4.00 -11.59 8.02
N LEU A 61 5.27 -11.91 8.28
CA LEU A 61 5.79 -13.26 8.04
C LEU A 61 5.86 -14.02 9.35
N GLU A 62 6.15 -15.31 9.27
CA GLU A 62 6.25 -16.14 10.47
C GLU A 62 7.57 -15.93 11.20
N ASN A 63 8.45 -15.12 10.61
CA ASN A 63 9.74 -14.84 11.23
C ASN A 63 9.67 -13.56 12.06
N GLY A 64 8.45 -13.17 12.44
CA GLY A 64 8.28 -11.97 13.23
C GLY A 64 8.58 -10.72 12.43
N THR A 65 8.63 -10.85 11.11
CA THR A 65 8.91 -9.72 10.23
C THR A 65 7.66 -9.21 9.53
N GLU A 66 7.76 -8.01 8.97
CA GLU A 66 6.64 -7.40 8.25
C GLU A 66 7.14 -6.60 7.05
N GLU A 67 6.42 -6.70 5.94
CA GLU A 67 6.80 -5.98 4.72
C GLU A 67 5.70 -5.01 4.30
N ILE A 68 6.03 -3.72 4.29
CA ILE A 68 5.07 -2.69 3.91
C ILE A 68 5.11 -2.43 2.41
N VAL A 69 3.93 -2.33 1.80
CA VAL A 69 3.82 -2.07 0.38
C VAL A 69 2.72 -1.05 0.09
N TYR A 70 3.05 -0.03 -0.69
CA TYR A 70 2.09 1.02 -1.03
C TYR A 70 1.24 0.61 -2.23
N VAL A 71 -0.07 0.53 -2.02
CA VAL A 71 -1.00 0.16 -3.08
C VAL A 71 -2.02 1.27 -3.32
N SER A 72 -2.06 1.78 -4.54
CA SER A 72 -2.99 2.86 -4.89
C SER A 72 -4.43 2.43 -4.68
N GLY A 73 -4.73 1.17 -4.98
CA GLY A 73 -6.07 0.66 -4.82
C GLY A 73 -6.53 -0.15 -6.02
N GLY A 74 -7.28 -1.21 -5.77
CA GLY A 74 -7.77 -2.05 -6.84
C GLY A 74 -8.78 -3.07 -6.35
N VAL A 75 -8.37 -4.33 -6.30
CA VAL A 75 -9.25 -5.41 -5.85
C VAL A 75 -8.56 -6.30 -4.83
N LEU A 76 -9.21 -6.52 -3.69
CA LEU A 76 -8.66 -7.37 -2.64
C LEU A 76 -9.44 -8.67 -2.54
N GLU A 77 -8.83 -9.76 -2.98
CA GLU A 77 -9.47 -11.07 -2.95
C GLU A 77 -8.85 -11.95 -1.86
N VAL A 78 -9.66 -12.29 -0.86
CA VAL A 78 -9.20 -13.13 0.23
C VAL A 78 -9.69 -14.56 0.07
N GLN A 79 -8.77 -15.51 0.15
CA GLN A 79 -9.11 -16.92 0.01
C GLN A 79 -8.92 -17.66 1.34
N PRO A 80 -9.58 -18.83 1.49
CA PRO A 80 -9.49 -19.63 2.71
C PRO A 80 -8.05 -19.77 3.22
N HIS A 81 -7.17 -20.27 2.36
CA HIS A 81 -5.77 -20.45 2.72
C HIS A 81 -4.84 -19.62 1.84
N VAL A 82 -5.43 -18.74 1.03
CA VAL A 82 -4.64 -17.89 0.13
C VAL A 82 -5.14 -16.45 0.17
N VAL A 83 -4.24 -15.51 -0.11
CA VAL A 83 -4.60 -14.10 -0.10
C VAL A 83 -4.01 -13.38 -1.32
N THR A 84 -4.86 -12.67 -2.04
CA THR A 84 -4.44 -11.94 -3.22
C THR A 84 -4.91 -10.49 -3.17
N VAL A 85 -3.96 -9.56 -3.19
CA VAL A 85 -4.28 -8.13 -3.13
C VAL A 85 -3.87 -7.43 -4.43
N LEU A 86 -4.86 -7.18 -5.28
CA LEU A 86 -4.61 -6.51 -6.56
C LEU A 86 -4.59 -4.99 -6.39
N ALA A 87 -3.51 -4.36 -6.81
CA ALA A 87 -3.37 -2.92 -6.70
C ALA A 87 -2.89 -2.30 -8.01
N ASP A 88 -3.55 -1.23 -8.44
CA ASP A 88 -3.19 -0.55 -9.67
C ASP A 88 -1.69 -0.25 -9.72
N THR A 89 -1.10 -0.08 -8.54
CA THR A 89 0.32 0.21 -8.43
C THR A 89 0.86 -0.20 -7.06
N ALA A 90 1.84 -1.10 -7.06
CA ALA A 90 2.43 -1.57 -5.81
C ALA A 90 3.91 -1.22 -5.74
N ILE A 91 4.29 -0.46 -4.72
CA ILE A 91 5.68 -0.06 -4.54
C ILE A 91 6.24 -0.63 -3.24
N ARG A 92 7.21 -1.54 -3.37
CA ARG A 92 7.83 -2.16 -2.21
C ARG A 92 8.51 -1.10 -1.33
N ALA A 93 8.30 -1.22 -0.01
CA ALA A 93 8.88 -0.28 0.94
C ALA A 93 10.40 -0.23 0.81
N ASP A 94 10.98 -1.36 0.40
CA ASP A 94 12.43 -1.44 0.24
C ASP A 94 12.89 -0.79 -1.07
N ASN A 95 11.94 -0.34 -1.88
CA ASN A 95 12.25 0.31 -3.15
C ASN A 95 11.88 1.79 -3.13
N LEU A 96 11.02 2.17 -2.19
CA LEU A 96 10.59 3.57 -2.08
C LEU A 96 11.73 4.44 -1.56
N ASP A 97 12.13 5.41 -2.36
CA ASP A 97 13.22 6.32 -2.00
C ASP A 97 12.65 7.65 -1.51
N GLU A 98 13.05 8.04 -0.31
CA GLU A 98 12.58 9.30 0.27
C GLU A 98 12.84 10.48 -0.67
N ALA A 99 13.97 10.45 -1.35
CA ALA A 99 14.33 11.51 -2.29
C ALA A 99 13.28 11.64 -3.39
N ALA A 100 12.76 10.50 -3.84
CA ALA A 100 11.75 10.48 -4.89
C ALA A 100 10.43 11.05 -4.38
N ILE A 101 10.07 10.68 -3.16
CA ILE A 101 8.83 11.15 -2.55
C ILE A 101 8.85 12.66 -2.38
N LEU A 102 9.96 13.18 -1.85
CA LEU A 102 10.10 14.61 -1.65
C LEU A 102 9.95 15.36 -2.96
N GLU A 103 10.52 14.81 -4.02
CA GLU A 103 10.44 15.43 -5.34
C GLU A 103 8.99 15.62 -5.76
N ALA A 104 8.18 14.58 -5.56
CA ALA A 104 6.77 14.64 -5.91
C ALA A 104 5.99 15.44 -4.87
N ARG A 105 6.47 15.44 -3.64
CA ARG A 105 5.83 16.15 -2.55
C ARG A 105 5.96 17.66 -2.74
N LYS A 106 7.14 18.09 -3.16
CA LYS A 106 7.40 19.51 -3.39
C LYS A 106 6.75 19.96 -4.69
N ASN A 107 6.66 19.04 -5.64
CA ASN A 107 6.04 19.34 -6.93
C ASN A 107 4.56 19.69 -6.76
N ALA A 108 3.89 18.96 -5.87
CA ALA A 108 2.48 19.18 -5.61
C ALA A 108 2.27 20.42 -4.77
N GLU A 109 3.20 20.67 -3.84
CA GLU A 109 3.12 21.83 -2.97
C GLU A 109 3.39 23.12 -3.74
N GLN A 110 4.37 23.07 -4.63
CA GLN A 110 4.72 24.23 -5.44
C GLN A 110 3.69 24.47 -6.54
N LEU A 111 3.01 23.41 -6.95
CA LEU A 111 1.99 23.50 -7.99
C LEU A 111 0.66 23.92 -7.40
N LEU A 112 0.30 23.30 -6.28
CA LEU A 112 -0.96 23.60 -5.60
C LEU A 112 -1.08 25.09 -5.29
N ALA A 113 0.02 25.69 -4.84
CA ALA A 113 0.03 27.11 -4.52
C ALA A 113 -0.13 27.97 -5.75
N ASN A 114 -0.03 27.37 -6.94
CA ASN A 114 -0.16 28.11 -8.19
C ASN A 114 -1.20 27.47 -9.11
N GLN A 115 -2.18 26.80 -8.52
CA GLN A 115 -3.22 26.15 -9.32
C GLN A 115 -3.99 27.17 -10.15
N LYS A 116 -3.98 26.99 -11.47
CA LYS A 116 -4.68 27.90 -12.37
C LYS A 116 -6.13 27.50 -12.53
N SER A 117 -6.37 26.25 -12.92
CA SER A 117 -7.71 25.74 -13.11
C SER A 117 -8.03 24.64 -12.09
N ASP A 118 -9.18 24.00 -12.27
CA ASP A 118 -9.60 22.93 -11.36
C ASP A 118 -8.92 21.61 -11.73
N LEU A 119 -8.80 21.36 -13.03
CA LEU A 119 -8.17 20.14 -13.51
C LEU A 119 -6.74 20.01 -12.99
N ASP A 120 -5.96 21.08 -13.15
CA ASP A 120 -4.58 21.09 -12.69
C ASP A 120 -4.51 20.94 -11.17
N SER A 121 -5.50 21.51 -10.48
CA SER A 121 -5.56 21.45 -9.03
C SER A 121 -5.88 20.03 -8.56
N ALA A 122 -6.82 19.39 -9.25
CA ALA A 122 -7.23 18.03 -8.91
C ALA A 122 -6.04 17.07 -9.02
N ALA A 123 -5.18 17.32 -10.00
CA ALA A 123 -4.01 16.48 -10.22
C ALA A 123 -2.95 16.73 -9.15
N ALA A 124 -2.65 18.02 -8.92
CA ALA A 124 -1.65 18.40 -7.93
C ALA A 124 -2.09 17.97 -6.53
N LEU A 125 -3.36 18.17 -6.22
CA LEU A 125 -3.89 17.80 -4.91
C LEU A 125 -3.72 16.31 -4.67
N ALA A 126 -4.13 15.49 -5.63
CA ALA A 126 -4.02 14.05 -5.52
C ALA A 126 -2.57 13.63 -5.32
N ALA A 127 -1.66 14.30 -6.03
CA ALA A 127 -0.24 14.00 -5.93
C ALA A 127 0.28 14.26 -4.51
N LEU A 128 -0.19 15.34 -3.91
CA LEU A 128 0.22 15.70 -2.55
C LEU A 128 -0.12 14.58 -1.57
N ALA A 129 -1.36 14.12 -1.61
CA ALA A 129 -1.80 13.06 -0.71
C ALA A 129 -1.08 11.75 -1.02
N GLU A 130 -0.88 11.48 -2.31
CA GLU A 130 -0.18 10.27 -2.73
C GLU A 130 1.25 10.25 -2.21
N THR A 131 1.93 11.39 -2.32
CA THR A 131 3.31 11.50 -1.86
C THR A 131 3.40 11.20 -0.36
N ALA A 132 2.43 11.69 0.39
CA ALA A 132 2.40 11.49 1.83
C ALA A 132 2.36 10.01 2.18
N ALA A 133 1.52 9.27 1.46
CA ALA A 133 1.38 7.83 1.69
C ALA A 133 2.71 7.12 1.49
N GLN A 134 3.35 7.38 0.36
CA GLN A 134 4.64 6.77 0.04
C GLN A 134 5.66 7.05 1.14
N LEU A 135 5.71 8.31 1.59
CA LEU A 135 6.63 8.71 2.64
C LEU A 135 6.32 7.95 3.92
N GLU A 136 5.04 7.83 4.24
CA GLU A 136 4.60 7.13 5.44
C GLU A 136 5.08 5.68 5.43
N THR A 137 5.04 5.07 4.25
CA THR A 137 5.47 3.68 4.10
C THR A 137 6.96 3.53 4.44
N ILE A 138 7.78 4.37 3.83
CA ILE A 138 9.22 4.34 4.07
C ILE A 138 9.54 4.57 5.54
N ARG A 139 9.07 5.70 6.07
CA ARG A 139 9.31 6.06 7.47
C ARG A 139 8.92 4.91 8.39
N LYS A 140 7.90 4.15 7.99
CA LYS A 140 7.43 3.03 8.79
C LYS A 140 8.40 1.85 8.71
N ILE A 141 9.09 1.74 7.58
CA ILE A 141 10.05 0.66 7.39
C ILE A 141 11.40 1.00 7.99
N LYS A 142 11.92 2.16 7.63
CA LYS A 142 13.20 2.60 8.13
C LYS A 142 13.19 2.69 9.66
N ASN A 143 12.04 3.06 10.20
CA ASN A 143 11.87 3.16 11.65
C ASN A 143 10.53 2.58 12.07
N ARG A 144 10.55 1.83 13.17
CA ARG A 144 9.33 1.21 13.69
C ARG A 144 9.28 1.28 15.21
N ALA A 145 10.04 2.20 15.79
CA ALA A 145 10.07 2.37 17.23
C ALA A 145 9.15 3.49 17.66
N GLN A 146 7.90 3.39 17.25
CA GLN A 146 6.89 4.40 17.58
C GLN A 146 6.24 4.08 18.93
N MET A 8 2.30 -17.10 15.11
CA MET A 8 1.00 -17.77 15.31
C MET A 8 0.20 -17.82 14.01
N ALA A 9 -0.08 -19.03 13.54
CA ALA A 9 -0.84 -19.22 12.31
C ALA A 9 -0.08 -18.64 11.11
N THR A 10 -0.26 -19.27 9.95
CA THR A 10 0.40 -18.82 8.74
C THR A 10 -0.52 -18.97 7.53
N MET A 11 -0.38 -18.06 6.57
CA MET A 11 -1.19 -18.09 5.36
C MET A 11 -0.37 -17.70 4.14
N GLN A 12 -0.73 -18.27 2.98
CA GLN A 12 -0.02 -17.99 1.75
C GLN A 12 -0.48 -16.65 1.15
N CYS A 13 0.37 -15.64 1.27
CA CYS A 13 0.05 -14.31 0.74
C CYS A 13 0.81 -14.05 -0.56
N ASP A 14 0.14 -13.39 -1.50
CA ASP A 14 0.75 -13.08 -2.79
C ASP A 14 0.24 -11.73 -3.32
N VAL A 15 1.15 -10.75 -3.37
CA VAL A 15 0.79 -9.43 -3.86
C VAL A 15 1.17 -9.28 -5.33
N VAL A 16 0.21 -8.86 -6.14
CA VAL A 16 0.44 -8.68 -7.57
C VAL A 16 -0.05 -7.32 -8.05
N SER A 17 0.57 -6.82 -9.11
CA SER A 17 0.20 -5.53 -9.68
C SER A 17 0.20 -5.59 -11.20
N VAL A 18 -0.32 -4.54 -11.83
CA VAL A 18 -0.37 -4.48 -13.28
C VAL A 18 1.03 -4.60 -13.89
N LYS A 19 2.06 -4.33 -13.09
CA LYS A 19 3.43 -4.40 -13.57
C LYS A 19 3.99 -5.82 -13.42
N GLU A 20 3.57 -6.51 -12.35
CA GLU A 20 4.02 -7.87 -12.08
C GLU A 20 3.88 -8.19 -10.59
N SER A 21 4.14 -9.45 -10.24
CA SER A 21 4.05 -9.90 -8.85
C SER A 21 5.07 -9.16 -7.98
N ILE A 22 4.75 -9.01 -6.70
CA ILE A 22 5.64 -8.32 -5.76
C ILE A 22 5.98 -9.21 -4.58
N TYR A 23 4.96 -9.74 -3.92
CA TYR A 23 5.16 -10.60 -2.75
C TYR A 23 4.60 -12.00 -3.00
N SER A 24 5.11 -12.97 -2.26
CA SER A 24 4.65 -14.35 -2.39
C SER A 24 5.31 -15.24 -1.33
N GLY A 25 4.54 -15.60 -0.31
CA GLY A 25 5.06 -16.44 0.75
C GLY A 25 4.08 -16.64 1.88
N ALA A 26 4.58 -16.87 3.09
CA ALA A 26 3.73 -17.08 4.26
C ALA A 26 3.67 -15.82 5.12
N VAL A 27 2.54 -15.62 5.78
CA VAL A 27 2.35 -14.46 6.65
C VAL A 27 1.45 -14.80 7.84
N THR A 28 1.73 -14.19 8.98
CA THR A 28 0.95 -14.44 10.18
C THR A 28 -0.28 -13.52 10.24
N MET A 29 -0.20 -12.38 9.55
CA MET A 29 -1.29 -11.42 9.53
C MET A 29 -1.06 -10.37 8.46
N LEU A 30 -2.14 -9.89 7.85
CA LEU A 30 -2.03 -8.88 6.81
C LEU A 30 -3.12 -7.83 6.95
N ILE A 31 -2.76 -6.58 6.66
CA ILE A 31 -3.70 -5.47 6.76
C ILE A 31 -3.69 -4.64 5.47
N ALA A 32 -4.78 -4.74 4.71
CA ALA A 32 -4.90 -4.00 3.46
C ALA A 32 -6.14 -3.10 3.47
N LYS A 33 -5.97 -1.87 2.99
CA LYS A 33 -7.07 -0.91 2.94
C LYS A 33 -8.07 -1.29 1.86
N GLY A 34 -9.31 -1.54 2.27
CA GLY A 34 -10.35 -1.90 1.31
C GLY A 34 -11.71 -1.36 1.71
N ALA A 35 -12.49 -0.94 0.72
CA ALA A 35 -13.81 -0.39 0.96
C ALA A 35 -13.75 0.85 1.85
N GLY A 36 -12.58 1.47 1.92
CA GLY A 36 -12.42 2.67 2.73
C GLY A 36 -11.90 2.35 4.12
N GLY A 37 -12.16 1.14 4.60
CA GLY A 37 -11.71 0.74 5.92
C GLY A 37 -10.56 -0.24 5.87
N GLU A 38 -9.85 -0.38 6.99
CA GLU A 38 -8.71 -1.29 7.07
C GLU A 38 -9.19 -2.72 7.31
N LEU A 39 -8.96 -3.59 6.33
CA LEU A 39 -9.37 -4.99 6.43
C LEU A 39 -8.23 -5.85 6.95
N GLY A 40 -8.38 -6.32 8.19
CA GLY A 40 -7.35 -7.17 8.79
C GLY A 40 -7.70 -8.64 8.71
N ILE A 41 -6.94 -9.39 7.92
CA ILE A 41 -7.17 -10.82 7.75
C ILE A 41 -6.01 -11.64 8.30
N LEU A 42 -6.34 -12.73 8.99
CA LEU A 42 -5.32 -13.59 9.57
C LEU A 42 -5.49 -15.03 9.06
N PRO A 43 -4.43 -15.85 9.17
CA PRO A 43 -4.46 -17.24 8.71
C PRO A 43 -5.67 -18.00 9.26
N GLY A 44 -6.60 -18.34 8.37
CA GLY A 44 -7.78 -19.06 8.78
C GLY A 44 -9.05 -18.24 8.65
N HIS A 45 -8.96 -17.10 7.98
CA HIS A 45 -10.11 -16.22 7.80
C HIS A 45 -11.01 -16.74 6.68
N ALA A 46 -12.27 -16.30 6.70
CA ALA A 46 -13.23 -16.72 5.69
C ALA A 46 -13.01 -15.97 4.37
N PRO A 47 -13.46 -16.55 3.25
CA PRO A 47 -13.32 -15.93 1.94
C PRO A 47 -13.97 -14.55 1.86
N LEU A 48 -13.18 -13.55 1.51
CA LEU A 48 -13.67 -12.17 1.42
C LEU A 48 -13.15 -11.49 0.16
N VAL A 49 -14.05 -10.84 -0.58
CA VAL A 49 -13.68 -10.14 -1.80
C VAL A 49 -14.10 -8.68 -1.73
N THR A 50 -13.13 -7.79 -1.53
CA THR A 50 -13.41 -6.37 -1.45
C THR A 50 -12.46 -5.57 -2.35
N LEU A 51 -12.96 -4.47 -2.89
CA LEU A 51 -12.15 -3.62 -3.76
C LEU A 51 -11.04 -2.94 -2.96
N LEU A 52 -9.79 -3.21 -3.33
CA LEU A 52 -8.65 -2.62 -2.65
C LEU A 52 -8.48 -1.16 -3.04
N GLN A 53 -8.36 -0.30 -2.04
CA GLN A 53 -8.20 1.13 -2.26
C GLN A 53 -6.75 1.56 -2.02
N PRO A 54 -6.38 2.76 -2.51
CA PRO A 54 -5.02 3.29 -2.35
C PRO A 54 -4.57 3.29 -0.88
N GLY A 55 -3.50 2.58 -0.60
CA GLY A 55 -2.99 2.52 0.76
C GLY A 55 -1.90 1.47 0.94
N PRO A 56 -1.06 1.61 1.98
CA PRO A 56 0.02 0.66 2.24
C PRO A 56 -0.45 -0.59 2.98
N ILE A 57 -0.27 -1.74 2.35
CA ILE A 57 -0.68 -3.01 2.95
C ILE A 57 0.41 -3.54 3.88
N ARG A 58 -0.01 -4.19 4.96
CA ARG A 58 0.92 -4.75 5.93
C ARG A 58 1.03 -6.26 5.76
N VAL A 59 2.25 -6.78 5.83
CA VAL A 59 2.48 -8.21 5.69
C VAL A 59 3.34 -8.75 6.83
N LEU A 60 2.68 -9.44 7.77
CA LEU A 60 3.37 -10.02 8.91
C LEU A 60 3.87 -11.43 8.58
N LEU A 61 5.11 -11.70 8.95
CA LEU A 61 5.71 -13.00 8.71
C LEU A 61 5.77 -13.80 10.00
N GLU A 62 6.19 -15.06 9.90
CA GLU A 62 6.28 -15.92 11.08
C GLU A 62 7.57 -15.67 11.84
N ASN A 63 8.44 -14.83 11.29
CA ASN A 63 9.69 -14.50 11.95
C ASN A 63 9.55 -13.21 12.75
N GLY A 64 8.31 -12.84 13.07
CA GLY A 64 8.08 -11.61 13.82
C GLY A 64 8.38 -10.38 13.00
N THR A 65 8.46 -10.55 11.67
CA THR A 65 8.77 -9.43 10.79
C THR A 65 7.52 -8.88 10.10
N GLU A 66 7.66 -7.69 9.54
CA GLU A 66 6.55 -7.04 8.84
C GLU A 66 7.05 -6.27 7.62
N GLU A 67 6.23 -6.19 6.59
CA GLU A 67 6.60 -5.48 5.37
C GLU A 67 5.44 -4.59 4.91
N ILE A 68 5.78 -3.41 4.39
CA ILE A 68 4.78 -2.47 3.92
C ILE A 68 4.88 -2.29 2.41
N VAL A 69 3.76 -2.52 1.72
CA VAL A 69 3.72 -2.37 0.27
C VAL A 69 2.69 -1.33 -0.15
N TYR A 70 3.09 -0.45 -1.06
CA TYR A 70 2.20 0.60 -1.55
C TYR A 70 1.32 0.09 -2.70
N VAL A 71 0.01 0.12 -2.49
CA VAL A 71 -0.92 -0.34 -3.51
C VAL A 71 -1.97 0.74 -3.81
N SER A 72 -2.07 1.13 -5.07
CA SER A 72 -3.03 2.15 -5.48
C SER A 72 -4.46 1.68 -5.27
N GLY A 73 -4.70 0.40 -5.48
CA GLY A 73 -6.02 -0.15 -5.31
C GLY A 73 -6.48 -0.92 -6.53
N GLY A 74 -7.21 -2.00 -6.30
CA GLY A 74 -7.69 -2.83 -7.39
C GLY A 74 -8.65 -3.90 -6.93
N VAL A 75 -8.13 -5.12 -6.76
CA VAL A 75 -8.94 -6.24 -6.32
C VAL A 75 -8.27 -7.00 -5.19
N LEU A 76 -9.02 -7.26 -4.12
CA LEU A 76 -8.49 -7.99 -2.98
C LEU A 76 -9.31 -9.26 -2.73
N GLU A 77 -8.72 -10.41 -3.04
CA GLU A 77 -9.39 -11.69 -2.86
C GLU A 77 -8.76 -12.48 -1.72
N VAL A 78 -9.50 -12.66 -0.65
CA VAL A 78 -9.01 -13.40 0.51
C VAL A 78 -9.49 -14.85 0.48
N GLN A 79 -8.54 -15.77 0.60
CA GLN A 79 -8.86 -17.19 0.59
C GLN A 79 -8.60 -17.81 1.97
N PRO A 80 -9.22 -18.97 2.26
CA PRO A 80 -9.06 -19.65 3.54
C PRO A 80 -7.59 -19.89 3.89
N HIS A 81 -6.83 -20.41 2.94
CA HIS A 81 -5.41 -20.69 3.15
C HIS A 81 -4.54 -19.87 2.19
N VAL A 82 -5.17 -19.01 1.40
CA VAL A 82 -4.44 -18.19 0.44
C VAL A 82 -4.93 -16.74 0.47
N VAL A 83 -4.04 -15.81 0.12
CA VAL A 83 -4.39 -14.40 0.11
C VAL A 83 -3.71 -13.68 -1.05
N THR A 84 -4.51 -13.11 -1.94
CA THR A 84 -3.98 -12.38 -3.09
C THR A 84 -4.56 -10.98 -3.16
N VAL A 85 -3.67 -9.99 -3.26
CA VAL A 85 -4.11 -8.60 -3.33
C VAL A 85 -3.60 -7.93 -4.61
N LEU A 86 -4.51 -7.74 -5.56
CA LEU A 86 -4.16 -7.12 -6.84
C LEU A 86 -4.26 -5.59 -6.74
N ALA A 87 -3.18 -4.91 -7.08
CA ALA A 87 -3.16 -3.44 -7.03
C ALA A 87 -2.70 -2.86 -8.36
N ASP A 88 -3.42 -1.85 -8.84
CA ASP A 88 -3.09 -1.20 -10.10
C ASP A 88 -1.60 -0.86 -10.16
N THR A 89 -1.00 -0.63 -8.99
CA THR A 89 0.41 -0.31 -8.91
C THR A 89 0.96 -0.69 -7.53
N ALA A 90 1.92 -1.61 -7.52
CA ALA A 90 2.52 -2.07 -6.27
C ALA A 90 3.94 -1.54 -6.13
N ILE A 91 4.33 -1.27 -4.88
CA ILE A 91 5.68 -0.76 -4.61
C ILE A 91 6.16 -1.21 -3.23
N ARG A 92 7.45 -1.50 -3.13
CA ARG A 92 8.03 -1.94 -1.87
C ARG A 92 8.63 -0.77 -1.11
N ALA A 93 8.19 -0.57 0.13
CA ALA A 93 8.69 0.52 0.96
C ALA A 93 10.21 0.52 1.02
N ASP A 94 10.80 -0.66 0.91
CA ASP A 94 12.25 -0.80 0.95
C ASP A 94 12.87 -0.37 -0.37
N ASN A 95 12.07 -0.42 -1.44
CA ASN A 95 12.55 -0.04 -2.77
C ASN A 95 11.71 1.11 -3.33
N LEU A 96 11.05 1.85 -2.46
CA LEU A 96 10.23 2.98 -2.87
C LEU A 96 11.08 4.23 -3.06
N ASP A 97 11.03 4.79 -4.27
CA ASP A 97 11.80 6.00 -4.57
C ASP A 97 11.42 7.14 -3.64
N GLU A 98 12.17 7.26 -2.54
CA GLU A 98 11.91 8.31 -1.57
C GLU A 98 12.19 9.69 -2.17
N ALA A 99 13.17 9.76 -3.06
CA ALA A 99 13.53 11.02 -3.70
C ALA A 99 12.43 11.47 -4.66
N ALA A 100 11.87 10.52 -5.40
CA ALA A 100 10.81 10.82 -6.36
C ALA A 100 9.56 11.32 -5.65
N ILE A 101 9.20 10.64 -4.56
CA ILE A 101 8.02 11.02 -3.79
C ILE A 101 8.21 12.39 -3.14
N LEU A 102 9.38 12.61 -2.56
CA LEU A 102 9.69 13.87 -1.90
C LEU A 102 9.60 15.03 -2.90
N GLU A 103 10.05 14.79 -4.12
CA GLU A 103 10.02 15.81 -5.16
C GLU A 103 8.58 16.22 -5.48
N ALA A 104 7.70 15.22 -5.58
CA ALA A 104 6.30 15.47 -5.87
C ALA A 104 5.59 16.12 -4.69
N ARG A 105 6.06 15.80 -3.48
CA ARG A 105 5.47 16.36 -2.27
C ARG A 105 5.62 17.87 -2.25
N LYS A 106 6.81 18.36 -2.60
CA LYS A 106 7.08 19.79 -2.62
C LYS A 106 6.46 20.43 -3.85
N ASN A 107 6.38 19.65 -4.93
CA ASN A 107 5.81 20.13 -6.17
C ASN A 107 4.33 20.47 -6.00
N ALA A 108 3.63 19.62 -5.25
CA ALA A 108 2.21 19.82 -4.99
C ALA A 108 1.99 20.96 -4.00
N GLU A 109 2.84 21.03 -2.99
CA GLU A 109 2.75 22.07 -1.98
C GLU A 109 2.96 23.45 -2.60
N GLN A 110 4.12 23.64 -3.23
CA GLN A 110 4.44 24.91 -3.88
C GLN A 110 3.44 25.22 -4.99
N LEU A 111 2.89 24.18 -5.59
CA LEU A 111 1.92 24.34 -6.67
C LEU A 111 0.53 24.64 -6.11
N LEU A 112 0.24 24.09 -4.94
CA LEU A 112 -1.05 24.28 -4.30
C LEU A 112 -1.25 25.75 -3.92
N ALA A 113 -0.25 26.34 -3.28
CA ALA A 113 -0.32 27.73 -2.88
C ALA A 113 -0.30 28.65 -4.09
N ASN A 114 0.29 28.17 -5.19
CA ASN A 114 0.36 28.95 -6.42
C ASN A 114 -0.82 28.61 -7.33
N GLN A 115 -1.89 28.08 -6.73
CA GLN A 115 -3.09 27.70 -7.47
C GLN A 115 -3.54 28.82 -8.41
N LYS A 116 -4.12 28.44 -9.54
CA LYS A 116 -4.60 29.40 -10.52
C LYS A 116 -5.67 28.79 -11.41
N SER A 117 -5.41 27.57 -11.88
CA SER A 117 -6.37 26.87 -12.74
C SER A 117 -6.98 25.68 -12.01
N ASP A 118 -7.87 24.96 -12.70
CA ASP A 118 -8.53 23.82 -12.10
C ASP A 118 -7.70 22.55 -12.29
N LEU A 119 -6.92 22.51 -13.36
CA LEU A 119 -6.07 21.35 -13.66
C LEU A 119 -4.85 21.33 -12.74
N ASP A 120 -4.20 22.48 -12.58
CA ASP A 120 -3.03 22.58 -11.73
C ASP A 120 -3.35 22.18 -10.29
N SER A 121 -4.52 22.59 -9.82
CA SER A 121 -4.95 22.27 -8.46
C SER A 121 -5.27 20.78 -8.33
N ALA A 122 -5.95 20.23 -9.33
CA ALA A 122 -6.32 18.82 -9.33
C ALA A 122 -5.09 17.94 -9.27
N ALA A 123 -4.03 18.35 -9.96
CA ALA A 123 -2.78 17.60 -10.00
C ALA A 123 -2.04 17.73 -8.67
N ALA A 124 -2.20 18.88 -8.02
CA ALA A 124 -1.54 19.13 -6.75
C ALA A 124 -2.21 18.34 -5.63
N LEU A 125 -3.53 18.38 -5.60
CA LEU A 125 -4.31 17.68 -4.58
C LEU A 125 -4.03 16.17 -4.63
N ALA A 126 -4.15 15.59 -5.82
CA ALA A 126 -3.91 14.17 -6.00
C ALA A 126 -2.45 13.83 -5.75
N ALA A 127 -1.55 14.75 -6.07
CA ALA A 127 -0.13 14.54 -5.87
C ALA A 127 0.21 14.49 -4.39
N LEU A 128 -0.34 15.43 -3.62
CA LEU A 128 -0.09 15.50 -2.19
C LEU A 128 -0.54 14.21 -1.50
N ALA A 129 -1.74 13.75 -1.85
CA ALA A 129 -2.30 12.54 -1.26
C ALA A 129 -1.50 11.30 -1.69
N GLU A 130 -1.11 11.29 -2.97
CA GLU A 130 -0.35 10.16 -3.51
C GLU A 130 1.02 10.07 -2.83
N THR A 131 1.72 11.19 -2.77
CA THR A 131 3.05 11.23 -2.15
C THR A 131 2.95 10.94 -0.65
N ALA A 132 1.84 11.33 -0.05
CA ALA A 132 1.63 11.11 1.38
C ALA A 132 1.62 9.63 1.71
N ALA A 133 0.91 8.84 0.90
CA ALA A 133 0.81 7.41 1.10
C ALA A 133 2.18 6.74 0.94
N GLN A 134 2.82 6.97 -0.21
CA GLN A 134 4.12 6.38 -0.50
C GLN A 134 5.12 6.71 0.61
N LEU A 135 5.22 8.00 0.96
CA LEU A 135 6.13 8.44 2.00
C LEU A 135 5.83 7.72 3.32
N GLU A 136 4.55 7.43 3.55
CA GLU A 136 4.13 6.75 4.77
C GLU A 136 4.64 5.31 4.78
N THR A 137 4.67 4.68 3.61
CA THR A 137 5.14 3.31 3.50
C THR A 137 6.60 3.19 3.89
N ILE A 138 7.46 3.89 3.14
CA ILE A 138 8.90 3.87 3.42
C ILE A 138 9.20 4.33 4.84
N ARG A 139 8.71 5.52 5.19
CA ARG A 139 8.93 6.08 6.52
C ARG A 139 8.49 5.10 7.60
N LYS A 140 7.27 4.58 7.47
CA LYS A 140 6.75 3.62 8.45
C LYS A 140 7.67 2.43 8.62
N ILE A 141 8.39 2.08 7.55
CA ILE A 141 9.31 0.95 7.59
C ILE A 141 10.66 1.35 8.19
N LYS A 142 11.25 2.41 7.65
CA LYS A 142 12.55 2.88 8.13
C LYS A 142 12.45 3.41 9.56
N ASN A 143 11.26 3.84 9.95
CA ASN A 143 11.04 4.37 11.30
C ASN A 143 10.14 3.45 12.11
N ARG A 144 9.89 2.24 11.60
CA ARG A 144 9.05 1.27 12.29
C ARG A 144 9.47 1.10 13.75
N ALA A 145 10.78 1.03 13.98
CA ALA A 145 11.31 0.88 15.33
C ALA A 145 12.02 2.15 15.79
N GLN A 146 11.27 3.23 15.91
CA GLN A 146 11.83 4.51 16.33
C GLN A 146 11.41 4.84 17.76
N MET A 8 0.93 -18.41 16.52
CA MET A 8 -0.03 -17.86 15.53
C MET A 8 -0.10 -18.73 14.29
N ALA A 9 -1.30 -18.86 13.73
CA ALA A 9 -1.49 -19.67 12.53
C ALA A 9 -0.73 -19.09 11.34
N THR A 10 -0.68 -19.85 10.25
CA THR A 10 0.02 -19.41 9.05
C THR A 10 -0.88 -19.53 7.83
N MET A 11 -0.76 -18.57 6.92
CA MET A 11 -1.57 -18.56 5.70
C MET A 11 -0.73 -18.12 4.50
N GLN A 12 -1.23 -18.41 3.30
CA GLN A 12 -0.52 -18.04 2.08
C GLN A 12 -0.97 -16.67 1.60
N CYS A 13 -0.01 -15.80 1.29
CA CYS A 13 -0.31 -14.46 0.82
C CYS A 13 0.61 -14.08 -0.33
N ASP A 14 0.06 -13.38 -1.31
CA ASP A 14 0.83 -12.95 -2.49
C ASP A 14 0.35 -11.60 -2.99
N VAL A 15 1.28 -10.65 -3.09
CA VAL A 15 0.95 -9.30 -3.57
C VAL A 15 1.33 -9.16 -5.03
N VAL A 16 0.38 -8.72 -5.84
CA VAL A 16 0.61 -8.53 -7.27
C VAL A 16 0.21 -7.15 -7.73
N SER A 17 0.85 -6.66 -8.78
CA SER A 17 0.56 -5.34 -9.33
C SER A 17 0.58 -5.37 -10.85
N VAL A 18 0.17 -4.26 -11.46
CA VAL A 18 0.14 -4.16 -12.92
C VAL A 18 1.53 -4.35 -13.51
N LYS A 19 2.56 -4.17 -12.68
CA LYS A 19 3.94 -4.32 -13.14
C LYS A 19 4.41 -5.77 -13.02
N GLU A 20 3.94 -6.46 -11.99
CA GLU A 20 4.28 -7.86 -11.74
C GLU A 20 4.10 -8.21 -10.27
N SER A 21 4.28 -9.49 -9.95
CA SER A 21 4.14 -9.96 -8.58
C SER A 21 5.21 -9.36 -7.68
N ILE A 22 4.90 -9.22 -6.40
CA ILE A 22 5.82 -8.65 -5.44
C ILE A 22 6.05 -9.59 -4.26
N TYR A 23 4.97 -9.91 -3.54
CA TYR A 23 5.06 -10.80 -2.39
C TYR A 23 4.44 -12.15 -2.70
N SER A 24 4.94 -13.19 -2.03
CA SER A 24 4.44 -14.54 -2.23
C SER A 24 5.09 -15.51 -1.26
N GLY A 25 4.36 -15.91 -0.23
CA GLY A 25 4.89 -16.85 0.75
C GLY A 25 3.97 -17.02 1.95
N ALA A 26 4.53 -17.53 3.04
CA ALA A 26 3.75 -17.75 4.25
C ALA A 26 3.68 -16.47 5.10
N VAL A 27 2.50 -16.20 5.65
CA VAL A 27 2.30 -15.02 6.48
C VAL A 27 1.30 -15.29 7.59
N THR A 28 1.58 -14.76 8.78
CA THR A 28 0.69 -14.94 9.92
C THR A 28 -0.62 -14.18 9.71
N MET A 29 -0.52 -13.06 9.00
CA MET A 29 -1.69 -12.23 8.70
C MET A 29 -1.28 -11.00 7.91
N LEU A 30 -2.24 -10.40 7.21
CA LEU A 30 -1.97 -9.21 6.40
C LEU A 30 -3.00 -8.12 6.68
N ILE A 31 -2.57 -6.87 6.57
CA ILE A 31 -3.44 -5.73 6.81
C ILE A 31 -3.36 -4.74 5.65
N ALA A 32 -4.41 -4.71 4.83
CA ALA A 32 -4.46 -3.81 3.69
C ALA A 32 -5.68 -2.90 3.76
N LYS A 33 -5.63 -1.79 3.05
CA LYS A 33 -6.74 -0.83 3.03
C LYS A 33 -7.78 -1.22 1.98
N GLY A 34 -9.04 -1.25 2.38
CA GLY A 34 -10.10 -1.61 1.46
C GLY A 34 -11.45 -1.08 1.90
N ALA A 35 -12.24 -0.60 0.95
CA ALA A 35 -13.55 -0.06 1.24
C ALA A 35 -13.47 1.13 2.19
N GLY A 36 -12.29 1.74 2.28
CA GLY A 36 -12.10 2.88 3.16
C GLY A 36 -11.57 2.49 4.52
N GLY A 37 -11.84 1.25 4.93
CA GLY A 37 -11.38 0.78 6.23
C GLY A 37 -10.25 -0.22 6.11
N GLU A 38 -9.73 -0.66 7.25
CA GLU A 38 -8.64 -1.62 7.27
C GLU A 38 -9.17 -3.04 7.23
N LEU A 39 -8.50 -3.91 6.48
CA LEU A 39 -8.92 -5.30 6.36
C LEU A 39 -7.82 -6.25 6.84
N GLY A 40 -8.05 -6.88 7.98
CA GLY A 40 -7.07 -7.81 8.52
C GLY A 40 -7.46 -9.25 8.29
N ILE A 41 -6.74 -9.93 7.40
CA ILE A 41 -7.02 -11.32 7.09
C ILE A 41 -6.12 -12.27 7.88
N LEU A 42 -6.72 -13.31 8.44
CA LEU A 42 -5.99 -14.31 9.20
C LEU A 42 -6.18 -15.70 8.62
N PRO A 43 -5.27 -16.64 8.93
CA PRO A 43 -5.35 -18.02 8.44
C PRO A 43 -6.72 -18.65 8.68
N GLY A 44 -7.45 -18.91 7.60
CA GLY A 44 -8.76 -19.51 7.71
C GLY A 44 -9.88 -18.58 7.29
N HIS A 45 -9.51 -17.43 6.72
CA HIS A 45 -10.50 -16.46 6.28
C HIS A 45 -11.29 -16.99 5.07
N ALA A 46 -12.57 -16.66 5.03
CA ALA A 46 -13.44 -17.10 3.95
C ALA A 46 -13.28 -16.21 2.72
N PRO A 47 -13.81 -16.65 1.56
CA PRO A 47 -13.72 -15.89 0.30
C PRO A 47 -14.27 -14.47 0.46
N LEU A 48 -13.42 -13.49 0.18
CA LEU A 48 -13.82 -12.09 0.29
C LEU A 48 -13.32 -11.28 -0.91
N VAL A 49 -14.20 -10.48 -1.48
CA VAL A 49 -13.84 -9.65 -2.62
C VAL A 49 -14.15 -8.18 -2.34
N THR A 50 -13.10 -7.40 -2.09
CA THR A 50 -13.26 -5.98 -1.79
C THR A 50 -12.30 -5.13 -2.63
N LEU A 51 -12.73 -3.93 -2.99
CA LEU A 51 -11.91 -3.02 -3.77
C LEU A 51 -10.80 -2.43 -2.91
N LEU A 52 -9.56 -2.69 -3.29
CA LEU A 52 -8.41 -2.19 -2.55
C LEU A 52 -8.18 -0.71 -2.84
N GLN A 53 -8.06 0.08 -1.78
CA GLN A 53 -7.83 1.51 -1.90
C GLN A 53 -6.39 1.86 -1.56
N PRO A 54 -5.92 3.06 -1.96
CA PRO A 54 -4.55 3.50 -1.69
C PRO A 54 -4.21 3.41 -0.20
N GLY A 55 -3.20 2.62 0.12
CA GLY A 55 -2.79 2.46 1.51
C GLY A 55 -1.63 1.50 1.66
N PRO A 56 -0.80 1.67 2.70
CA PRO A 56 0.35 0.81 2.95
C PRO A 56 -0.03 -0.50 3.65
N ILE A 57 0.01 -1.60 2.90
CA ILE A 57 -0.33 -2.91 3.44
C ILE A 57 0.87 -3.51 4.17
N ARG A 58 0.61 -4.19 5.28
CA ARG A 58 1.68 -4.83 6.05
C ARG A 58 1.54 -6.34 6.06
N VAL A 59 2.62 -7.02 5.70
CA VAL A 59 2.63 -8.47 5.65
C VAL A 59 3.37 -9.05 6.85
N LEU A 60 2.67 -9.84 7.66
CA LEU A 60 3.25 -10.45 8.84
C LEU A 60 3.63 -11.90 8.58
N LEU A 61 4.83 -12.28 9.02
CA LEU A 61 5.31 -13.64 8.84
C LEU A 61 5.18 -14.41 10.16
N GLU A 62 5.41 -15.71 10.11
CA GLU A 62 5.30 -16.54 11.31
C GLU A 62 6.52 -16.39 12.21
N ASN A 63 7.52 -15.64 11.75
CA ASN A 63 8.73 -15.44 12.53
C ASN A 63 8.64 -14.13 13.31
N GLY A 64 7.42 -13.64 13.52
CA GLY A 64 7.24 -12.40 14.26
C GLY A 64 7.70 -11.20 13.46
N THR A 65 7.88 -11.38 12.15
CA THR A 65 8.35 -10.30 11.29
C THR A 65 7.21 -9.67 10.50
N GLU A 66 7.44 -8.45 10.02
CA GLU A 66 6.44 -7.73 9.23
C GLU A 66 7.10 -6.93 8.12
N GLU A 67 6.43 -6.87 6.97
CA GLU A 67 6.95 -6.12 5.83
C GLU A 67 5.95 -5.07 5.37
N ILE A 68 6.43 -3.84 5.20
CA ILE A 68 5.57 -2.74 4.77
C ILE A 68 5.61 -2.56 3.25
N VAL A 69 4.43 -2.40 2.65
CA VAL A 69 4.32 -2.22 1.22
C VAL A 69 3.22 -1.22 0.87
N TYR A 70 3.50 -0.34 -0.08
CA TYR A 70 2.52 0.67 -0.50
C TYR A 70 1.77 0.24 -1.75
N VAL A 71 0.45 0.40 -1.71
CA VAL A 71 -0.40 0.03 -2.85
C VAL A 71 -1.39 1.14 -3.16
N SER A 72 -1.60 1.39 -4.45
CA SER A 72 -2.53 2.44 -4.89
C SER A 72 -3.96 1.97 -4.78
N GLY A 73 -4.19 0.69 -5.05
CA GLY A 73 -5.53 0.14 -4.97
C GLY A 73 -5.92 -0.57 -6.25
N GLY A 74 -6.66 -1.67 -6.11
CA GLY A 74 -7.08 -2.43 -7.27
C GLY A 74 -8.14 -3.46 -6.93
N VAL A 75 -7.71 -4.70 -6.72
CA VAL A 75 -8.62 -5.78 -6.39
C VAL A 75 -8.12 -6.59 -5.19
N LEU A 76 -9.04 -6.99 -4.33
CA LEU A 76 -8.69 -7.77 -3.15
C LEU A 76 -9.51 -9.06 -3.09
N GLU A 77 -8.85 -10.18 -3.31
CA GLU A 77 -9.52 -11.48 -3.28
C GLU A 77 -8.91 -12.38 -2.20
N VAL A 78 -9.63 -12.54 -1.09
CA VAL A 78 -9.15 -13.36 0.01
C VAL A 78 -9.58 -14.81 -0.16
N GLN A 79 -8.65 -15.66 -0.57
CA GLN A 79 -8.93 -17.08 -0.76
C GLN A 79 -9.02 -17.79 0.59
N PRO A 80 -9.68 -18.95 0.63
CA PRO A 80 -9.84 -19.73 1.87
C PRO A 80 -8.53 -19.93 2.62
N HIS A 81 -7.50 -20.37 1.90
CA HIS A 81 -6.19 -20.60 2.51
C HIS A 81 -5.12 -19.70 1.88
N VAL A 82 -5.53 -18.83 0.97
CA VAL A 82 -4.58 -17.93 0.31
C VAL A 82 -5.15 -16.52 0.24
N VAL A 83 -4.26 -15.53 0.21
CA VAL A 83 -4.67 -14.13 0.14
C VAL A 83 -3.88 -13.38 -0.92
N THR A 84 -4.58 -12.88 -1.93
CA THR A 84 -3.93 -12.13 -3.01
C THR A 84 -4.47 -10.71 -3.08
N VAL A 85 -3.57 -9.74 -3.06
CA VAL A 85 -3.95 -8.33 -3.13
C VAL A 85 -3.40 -7.67 -4.39
N LEU A 86 -4.29 -7.40 -5.34
CA LEU A 86 -3.90 -6.77 -6.60
C LEU A 86 -3.96 -5.26 -6.49
N ALA A 87 -2.83 -4.60 -6.74
CA ALA A 87 -2.74 -3.15 -6.67
C ALA A 87 -2.17 -2.57 -7.95
N ASP A 88 -2.83 -1.53 -8.48
CA ASP A 88 -2.37 -0.88 -9.70
C ASP A 88 -0.88 -0.57 -9.64
N THR A 89 -0.37 -0.36 -8.43
CA THR A 89 1.04 -0.07 -8.23
C THR A 89 1.47 -0.49 -6.83
N ALA A 90 2.52 -1.30 -6.76
CA ALA A 90 3.04 -1.77 -5.49
C ALA A 90 4.54 -1.53 -5.36
N ILE A 91 4.92 -0.70 -4.40
CA ILE A 91 6.34 -0.38 -4.19
C ILE A 91 6.79 -0.84 -2.81
N ARG A 92 7.74 -1.77 -2.77
CA ARG A 92 8.25 -2.29 -1.52
C ARG A 92 8.82 -1.18 -0.65
N ALA A 93 8.69 -1.32 0.66
CA ALA A 93 9.19 -0.32 1.59
C ALA A 93 10.67 -0.05 1.37
N ASP A 94 11.43 -1.11 1.10
CA ASP A 94 12.86 -0.98 0.86
C ASP A 94 13.18 -0.81 -0.62
N ASN A 95 12.14 -0.63 -1.43
CA ASN A 95 12.32 -0.46 -2.88
C ASN A 95 11.70 0.85 -3.35
N LEU A 96 11.48 1.78 -2.43
CA LEU A 96 10.88 3.07 -2.78
C LEU A 96 11.96 4.11 -3.04
N ASP A 97 11.76 4.91 -4.08
CA ASP A 97 12.72 5.95 -4.43
C ASP A 97 12.35 7.28 -3.79
N GLU A 98 13.05 7.61 -2.70
CA GLU A 98 12.80 8.85 -1.97
C GLU A 98 13.04 10.06 -2.87
N ALA A 99 14.10 9.98 -3.68
CA ALA A 99 14.44 11.08 -4.58
C ALA A 99 13.34 11.32 -5.59
N ALA A 100 12.78 10.23 -6.14
CA ALA A 100 11.72 10.33 -7.12
C ALA A 100 10.43 10.86 -6.48
N ILE A 101 10.11 10.35 -5.30
CA ILE A 101 8.91 10.78 -4.59
C ILE A 101 9.02 12.22 -4.13
N LEU A 102 10.20 12.60 -3.64
CA LEU A 102 10.43 13.96 -3.18
C LEU A 102 10.22 14.97 -4.31
N GLU A 103 10.65 14.59 -5.51
CA GLU A 103 10.51 15.46 -6.67
C GLU A 103 9.04 15.60 -7.07
N ALA A 104 8.29 14.51 -6.93
CA ALA A 104 6.88 14.51 -7.27
C ALA A 104 6.08 15.38 -6.30
N ARG A 105 6.23 15.12 -5.01
CA ARG A 105 5.53 15.88 -3.99
C ARG A 105 5.96 17.34 -3.99
N LYS A 106 7.15 17.60 -4.53
CA LYS A 106 7.67 18.96 -4.61
C LYS A 106 6.99 19.72 -5.74
N ASN A 107 6.67 18.99 -6.81
CA ASN A 107 6.02 19.59 -7.96
C ASN A 107 4.59 20.00 -7.61
N ALA A 108 3.91 19.16 -6.84
CA ALA A 108 2.55 19.43 -6.43
C ALA A 108 2.50 20.54 -5.38
N GLU A 109 3.55 20.61 -4.56
CA GLU A 109 3.64 21.62 -3.52
C GLU A 109 3.63 23.02 -4.14
N GLN A 110 4.52 23.24 -5.10
CA GLN A 110 4.61 24.53 -5.77
C GLN A 110 3.41 24.77 -6.67
N LEU A 111 2.80 23.68 -7.12
CA LEU A 111 1.63 23.76 -7.99
C LEU A 111 0.36 24.02 -7.17
N LEU A 112 0.36 23.52 -5.94
CA LEU A 112 -0.79 23.70 -5.05
C LEU A 112 -0.90 25.15 -4.59
N ALA A 113 0.22 25.72 -4.18
CA ALA A 113 0.25 27.11 -3.70
C ALA A 113 -0.07 28.09 -4.83
N ASN A 114 0.10 27.65 -6.07
CA ASN A 114 -0.17 28.49 -7.22
C ASN A 114 -1.48 28.09 -7.92
N GLN A 115 -2.40 27.51 -7.15
CA GLN A 115 -3.69 27.09 -7.69
C GLN A 115 -4.66 28.26 -7.77
N LYS A 116 -5.23 28.47 -8.96
CA LYS A 116 -6.18 29.54 -9.16
C LYS A 116 -7.62 29.03 -9.05
N SER A 117 -7.83 27.80 -9.50
CA SER A 117 -9.15 27.19 -9.44
C SER A 117 -9.13 25.93 -8.58
N ASP A 118 -10.28 25.26 -8.49
CA ASP A 118 -10.38 24.04 -7.70
C ASP A 118 -10.01 22.82 -8.53
N LEU A 119 -10.31 22.88 -9.83
CA LEU A 119 -10.00 21.77 -10.73
C LEU A 119 -8.50 21.48 -10.75
N ASP A 120 -7.72 22.48 -11.15
CA ASP A 120 -6.27 22.34 -11.20
C ASP A 120 -5.70 21.94 -9.84
N SER A 121 -6.27 22.51 -8.78
CA SER A 121 -5.83 22.23 -7.43
C SER A 121 -6.09 20.77 -7.06
N ALA A 122 -7.27 20.28 -7.43
CA ALA A 122 -7.65 18.89 -7.15
C ALA A 122 -6.66 17.93 -7.77
N ALA A 123 -6.16 18.28 -8.95
CA ALA A 123 -5.19 17.44 -9.66
C ALA A 123 -3.85 17.43 -8.93
N ALA A 124 -3.32 18.62 -8.66
CA ALA A 124 -2.04 18.74 -7.96
C ALA A 124 -2.12 18.13 -6.56
N LEU A 125 -3.26 18.33 -5.90
CA LEU A 125 -3.46 17.79 -4.56
C LEU A 125 -3.35 16.28 -4.55
N ALA A 126 -4.06 15.63 -5.46
CA ALA A 126 -4.03 14.17 -5.57
C ALA A 126 -2.61 13.67 -5.76
N ALA A 127 -1.84 14.39 -6.57
CA ALA A 127 -0.45 14.01 -6.84
C ALA A 127 0.39 14.08 -5.57
N LEU A 128 0.11 15.07 -4.74
CA LEU A 128 0.85 15.24 -3.48
C LEU A 128 0.40 14.22 -2.45
N ALA A 129 -0.90 13.94 -2.43
CA ALA A 129 -1.45 12.98 -1.48
C ALA A 129 -0.80 11.61 -1.64
N GLU A 130 -0.62 11.20 -2.90
CA GLU A 130 -0.02 9.90 -3.19
C GLU A 130 1.46 9.90 -2.82
N THR A 131 2.19 10.93 -3.26
CA THR A 131 3.61 11.04 -2.97
C THR A 131 3.85 11.11 -1.47
N ALA A 132 3.01 11.84 -0.77
CA ALA A 132 3.13 11.99 0.68
C ALA A 132 2.92 10.65 1.38
N ALA A 133 2.03 9.83 0.83
CA ALA A 133 1.73 8.52 1.40
C ALA A 133 2.97 7.64 1.41
N GLN A 134 3.61 7.50 0.24
CA GLN A 134 4.80 6.68 0.11
C GLN A 134 5.88 7.13 1.09
N LEU A 135 6.15 8.43 1.09
CA LEU A 135 7.17 9.00 1.98
C LEU A 135 6.83 8.70 3.45
N GLU A 136 5.55 8.53 3.73
CA GLU A 136 5.10 8.24 5.08
C GLU A 136 5.40 6.79 5.47
N THR A 137 4.94 5.86 4.64
CA THR A 137 5.15 4.45 4.90
C THR A 137 6.64 4.12 4.99
N ILE A 138 7.43 4.73 4.10
CA ILE A 138 8.87 4.50 4.08
C ILE A 138 9.50 4.97 5.38
N ARG A 139 9.16 6.18 5.81
CA ARG A 139 9.69 6.74 7.05
C ARG A 139 9.45 5.79 8.22
N LYS A 140 8.31 5.12 8.21
CA LYS A 140 7.96 4.18 9.26
C LYS A 140 8.87 2.96 9.24
N ILE A 141 9.20 2.50 8.04
CA ILE A 141 10.07 1.34 7.88
C ILE A 141 11.52 1.68 8.18
N LYS A 142 12.01 2.74 7.57
CA LYS A 142 13.39 3.15 7.75
C LYS A 142 13.64 3.68 9.16
N ASN A 143 12.60 4.25 9.77
CA ASN A 143 12.71 4.80 11.12
C ASN A 143 12.05 3.88 12.14
N ARG A 144 10.74 3.67 11.99
CA ARG A 144 9.99 2.82 12.89
C ARG A 144 9.85 3.47 14.27
N ALA A 145 9.74 4.80 14.28
CA ALA A 145 9.59 5.54 15.52
C ALA A 145 8.25 6.26 15.57
N GLN A 146 7.16 5.48 15.57
CA GLN A 146 5.82 6.04 15.62
C GLN A 146 5.30 6.09 17.05
N MET A 8 1.59 -17.31 15.02
CA MET A 8 0.17 -17.73 15.17
C MET A 8 -0.51 -17.86 13.82
N ALA A 9 -0.78 -19.09 13.41
CA ALA A 9 -1.43 -19.35 12.13
C ALA A 9 -0.60 -18.80 10.98
N THR A 10 -0.81 -19.37 9.79
CA THR A 10 -0.08 -18.93 8.60
C THR A 10 -0.94 -19.09 7.34
N MET A 11 -0.75 -18.20 6.39
CA MET A 11 -1.50 -18.23 5.15
C MET A 11 -0.61 -17.94 3.95
N GLN A 12 -1.09 -18.28 2.76
CA GLN A 12 -0.33 -18.06 1.53
C GLN A 12 -0.72 -16.73 0.88
N CYS A 13 -0.08 -15.65 1.31
CA CYS A 13 -0.36 -14.33 0.77
C CYS A 13 0.53 -14.03 -0.44
N ASP A 14 -0.01 -13.32 -1.41
CA ASP A 14 0.72 -12.97 -2.62
C ASP A 14 0.32 -11.60 -3.14
N VAL A 15 1.24 -10.66 -3.11
CA VAL A 15 0.98 -9.30 -3.58
C VAL A 15 1.42 -9.15 -5.04
N VAL A 16 0.54 -8.57 -5.85
CA VAL A 16 0.84 -8.36 -7.27
C VAL A 16 0.37 -6.99 -7.74
N SER A 17 1.05 -6.46 -8.76
CA SER A 17 0.70 -5.17 -9.31
C SER A 17 0.75 -5.18 -10.83
N VAL A 18 0.36 -4.07 -11.45
CA VAL A 18 0.37 -3.98 -12.91
C VAL A 18 1.79 -4.10 -13.45
N LYS A 19 2.78 -3.91 -12.60
CA LYS A 19 4.18 -3.99 -13.01
C LYS A 19 4.71 -5.43 -12.88
N GLU A 20 4.22 -6.14 -11.86
CA GLU A 20 4.62 -7.52 -11.61
C GLU A 20 4.39 -7.90 -10.15
N SER A 21 4.60 -9.17 -9.84
CA SER A 21 4.42 -9.66 -8.48
C SER A 21 5.45 -9.04 -7.54
N ILE A 22 5.08 -8.92 -6.27
CA ILE A 22 5.98 -8.34 -5.27
C ILE A 22 6.22 -9.30 -4.12
N TYR A 23 5.15 -9.85 -3.55
CA TYR A 23 5.26 -10.79 -2.45
C TYR A 23 4.54 -12.09 -2.77
N SER A 24 4.99 -13.18 -2.13
CA SER A 24 4.40 -14.49 -2.36
C SER A 24 5.01 -15.53 -1.42
N GLY A 25 4.26 -15.90 -0.38
CA GLY A 25 4.75 -16.87 0.58
C GLY A 25 3.88 -16.97 1.81
N ALA A 26 4.40 -17.59 2.86
CA ALA A 26 3.66 -17.75 4.11
C ALA A 26 3.61 -16.44 4.89
N VAL A 27 2.45 -16.16 5.49
CA VAL A 27 2.28 -14.94 6.26
C VAL A 27 1.36 -15.18 7.46
N THR A 28 1.60 -14.47 8.55
CA THR A 28 0.81 -14.61 9.76
C THR A 28 -0.44 -13.75 9.70
N MET A 29 -0.36 -12.62 9.00
CA MET A 29 -1.49 -11.71 8.86
C MET A 29 -1.14 -10.55 7.95
N LEU A 30 -2.16 -9.96 7.33
CA LEU A 30 -1.96 -8.83 6.43
C LEU A 30 -3.03 -7.76 6.65
N ILE A 31 -2.64 -6.50 6.52
CA ILE A 31 -3.56 -5.39 6.71
C ILE A 31 -3.49 -4.41 5.55
N ALA A 32 -4.54 -4.41 4.73
CA ALA A 32 -4.61 -3.53 3.57
C ALA A 32 -5.87 -2.67 3.59
N LYS A 33 -5.77 -1.45 3.06
CA LYS A 33 -6.89 -0.54 3.03
C LYS A 33 -7.86 -0.91 1.91
N GLY A 34 -9.12 -1.15 2.27
CA GLY A 34 -10.12 -1.51 1.29
C GLY A 34 -11.49 -0.93 1.60
N ALA A 35 -12.17 -0.44 0.57
CA ALA A 35 -13.50 0.14 0.75
C ALA A 35 -13.45 1.36 1.68
N GLY A 36 -12.27 1.95 1.81
CA GLY A 36 -12.11 3.12 2.66
C GLY A 36 -11.65 2.75 4.06
N GLY A 37 -11.95 1.53 4.48
CA GLY A 37 -11.55 1.08 5.81
C GLY A 37 -10.41 0.08 5.77
N GLU A 38 -9.78 -0.15 6.91
CA GLU A 38 -8.67 -1.08 7.01
C GLU A 38 -9.19 -2.50 7.23
N LEU A 39 -8.88 -3.39 6.28
CA LEU A 39 -9.32 -4.78 6.36
C LEU A 39 -8.17 -5.70 6.74
N GLY A 40 -8.30 -6.38 7.87
CA GLY A 40 -7.25 -7.28 8.32
C GLY A 40 -7.56 -8.73 7.98
N ILE A 41 -6.71 -9.32 7.15
CA ILE A 41 -6.89 -10.71 6.74
C ILE A 41 -5.87 -11.62 7.39
N LEU A 42 -6.36 -12.64 8.10
CA LEU A 42 -5.49 -13.59 8.79
C LEU A 42 -5.76 -15.02 8.31
N PRO A 43 -4.82 -15.95 8.57
CA PRO A 43 -4.96 -17.35 8.18
C PRO A 43 -6.28 -17.96 8.65
N GLY A 44 -7.16 -18.25 7.70
CA GLY A 44 -8.44 -18.83 8.04
C GLY A 44 -9.61 -17.89 7.78
N HIS A 45 -9.34 -16.79 7.07
CA HIS A 45 -10.38 -15.82 6.75
C HIS A 45 -11.24 -16.29 5.59
N ALA A 46 -12.56 -16.26 5.77
CA ALA A 46 -13.48 -16.69 4.73
C ALA A 46 -13.29 -15.87 3.46
N PRO A 47 -13.83 -16.36 2.32
CA PRO A 47 -13.72 -15.67 1.03
C PRO A 47 -14.33 -14.28 1.07
N LEU A 48 -13.51 -13.27 0.76
CA LEU A 48 -13.97 -11.89 0.75
C LEU A 48 -13.46 -11.15 -0.47
N VAL A 49 -14.30 -10.27 -1.03
CA VAL A 49 -13.92 -9.50 -2.20
C VAL A 49 -14.20 -8.01 -1.98
N THR A 50 -13.13 -7.24 -1.76
CA THR A 50 -13.26 -5.81 -1.53
C THR A 50 -12.30 -5.03 -2.42
N LEU A 51 -12.71 -3.83 -2.82
CA LEU A 51 -11.88 -2.99 -3.67
C LEU A 51 -10.72 -2.40 -2.87
N LEU A 52 -9.49 -2.63 -3.32
CA LEU A 52 -8.31 -2.12 -2.63
C LEU A 52 -8.10 -0.64 -2.96
N GLN A 53 -8.01 0.17 -1.92
CA GLN A 53 -7.80 1.60 -2.08
C GLN A 53 -6.35 1.98 -1.78
N PRO A 54 -5.91 3.17 -2.22
CA PRO A 54 -4.55 3.64 -1.99
C PRO A 54 -4.16 3.60 -0.52
N GLY A 55 -3.12 2.83 -0.21
CA GLY A 55 -2.67 2.72 1.16
C GLY A 55 -1.55 1.71 1.32
N PRO A 56 -0.72 1.85 2.37
CA PRO A 56 0.40 0.95 2.61
C PRO A 56 -0.02 -0.32 3.36
N ILE A 57 -0.08 -1.43 2.65
CA ILE A 57 -0.46 -2.70 3.25
C ILE A 57 0.71 -3.31 4.01
N ARG A 58 0.40 -3.92 5.16
CA ARG A 58 1.44 -4.55 5.98
C ARG A 58 1.25 -6.05 6.07
N VAL A 59 2.28 -6.80 5.66
CA VAL A 59 2.22 -8.25 5.70
C VAL A 59 3.08 -8.80 6.83
N LEU A 60 2.58 -9.85 7.50
CA LEU A 60 3.30 -10.46 8.61
C LEU A 60 3.85 -11.82 8.22
N LEU A 61 5.06 -12.11 8.67
CA LEU A 61 5.70 -13.39 8.39
C LEU A 61 5.58 -14.31 9.59
N GLU A 62 5.60 -15.62 9.34
CA GLU A 62 5.49 -16.60 10.40
C GLU A 62 6.63 -16.49 11.41
N ASN A 63 7.69 -15.79 11.03
CA ASN A 63 8.83 -15.61 11.91
C ASN A 63 8.68 -14.35 12.75
N GLY A 64 7.44 -13.89 12.91
CA GLY A 64 7.20 -12.68 13.69
C GLY A 64 7.65 -11.44 12.97
N THR A 65 7.88 -11.57 11.66
CA THR A 65 8.34 -10.43 10.86
C THR A 65 7.18 -9.67 10.23
N GLU A 66 7.49 -8.54 9.62
CA GLU A 66 6.49 -7.70 8.97
C GLU A 66 7.05 -7.07 7.70
N GLU A 67 6.16 -6.69 6.79
CA GLU A 67 6.57 -6.08 5.54
C GLU A 67 5.61 -4.96 5.14
N ILE A 68 6.14 -3.76 4.95
CA ILE A 68 5.33 -2.61 4.58
C ILE A 68 5.40 -2.36 3.07
N VAL A 69 4.26 -2.59 2.39
CA VAL A 69 4.19 -2.38 0.95
C VAL A 69 3.12 -1.35 0.59
N TYR A 70 3.38 -0.59 -0.46
CA TYR A 70 2.45 0.44 -0.90
C TYR A 70 1.60 -0.07 -2.07
N VAL A 71 0.32 0.30 -2.06
CA VAL A 71 -0.60 -0.11 -3.12
C VAL A 71 -1.58 1.01 -3.44
N SER A 72 -1.59 1.45 -4.70
CA SER A 72 -2.48 2.52 -5.13
C SER A 72 -3.95 2.11 -4.99
N GLY A 73 -4.22 0.84 -5.30
CA GLY A 73 -5.59 0.36 -5.21
C GLY A 73 -6.00 -0.41 -6.45
N GLY A 74 -6.77 -1.46 -6.25
CA GLY A 74 -7.22 -2.27 -7.38
C GLY A 74 -8.26 -3.30 -6.97
N VAL A 75 -7.83 -4.55 -6.85
CA VAL A 75 -8.72 -5.64 -6.46
C VAL A 75 -8.10 -6.49 -5.36
N LEU A 76 -8.90 -6.79 -4.32
CA LEU A 76 -8.43 -7.60 -3.21
C LEU A 76 -9.32 -8.84 -3.05
N GLU A 77 -8.78 -10.00 -3.41
CA GLU A 77 -9.53 -11.24 -3.31
C GLU A 77 -8.97 -12.13 -2.20
N VAL A 78 -9.75 -12.32 -1.15
CA VAL A 78 -9.33 -13.14 -0.02
C VAL A 78 -9.82 -14.58 -0.19
N GLN A 79 -8.89 -15.53 -0.02
CA GLN A 79 -9.23 -16.94 -0.15
C GLN A 79 -9.13 -17.65 1.20
N PRO A 80 -9.79 -18.81 1.34
CA PRO A 80 -9.77 -19.59 2.59
C PRO A 80 -8.36 -19.73 3.17
N HIS A 81 -7.46 -20.27 2.37
CA HIS A 81 -6.07 -20.47 2.80
C HIS A 81 -5.10 -19.67 1.94
N VAL A 82 -5.62 -18.81 1.08
CA VAL A 82 -4.79 -17.99 0.20
C VAL A 82 -5.28 -16.55 0.16
N VAL A 83 -4.37 -15.62 -0.08
CA VAL A 83 -4.71 -14.20 -0.14
C VAL A 83 -3.89 -13.48 -1.21
N THR A 84 -4.60 -12.83 -2.13
CA THR A 84 -3.93 -12.10 -3.21
C THR A 84 -4.47 -10.67 -3.30
N VAL A 85 -3.55 -9.71 -3.33
CA VAL A 85 -3.93 -8.30 -3.40
C VAL A 85 -3.39 -7.66 -4.68
N LEU A 86 -4.29 -7.31 -5.59
CA LEU A 86 -3.91 -6.69 -6.85
C LEU A 86 -3.98 -5.17 -6.74
N ALA A 87 -2.83 -4.52 -6.93
CA ALA A 87 -2.76 -3.06 -6.86
C ALA A 87 -2.21 -2.47 -8.15
N ASP A 88 -2.88 -1.43 -8.64
CA ASP A 88 -2.45 -0.76 -9.87
C ASP A 88 -0.95 -0.48 -9.85
N THR A 89 -0.40 -0.29 -8.66
CA THR A 89 1.01 -0.03 -8.49
C THR A 89 1.49 -0.46 -7.10
N ALA A 90 2.50 -1.33 -7.08
CA ALA A 90 3.04 -1.82 -5.82
C ALA A 90 4.51 -1.49 -5.68
N ILE A 91 4.85 -0.81 -4.59
CA ILE A 91 6.24 -0.42 -4.34
C ILE A 91 6.67 -0.82 -2.93
N ARG A 92 7.68 -1.69 -2.85
CA ARG A 92 8.18 -2.14 -1.56
C ARG A 92 8.70 -0.98 -0.73
N ALA A 93 8.54 -1.06 0.58
CA ALA A 93 8.99 -0.02 1.49
C ALA A 93 10.49 0.25 1.33
N ASP A 94 11.27 -0.83 1.36
CA ASP A 94 12.73 -0.71 1.22
C ASP A 94 13.12 -0.47 -0.24
N ASN A 95 12.18 -0.69 -1.16
CA ASN A 95 12.44 -0.49 -2.58
C ASN A 95 11.97 0.89 -3.04
N LEU A 96 11.09 1.50 -2.25
CA LEU A 96 10.56 2.82 -2.61
C LEU A 96 11.68 3.84 -2.74
N ASP A 97 11.64 4.61 -3.83
CA ASP A 97 12.66 5.63 -4.08
C ASP A 97 12.24 6.98 -3.51
N GLU A 98 12.90 7.38 -2.42
CA GLU A 98 12.60 8.65 -1.77
C GLU A 98 12.81 9.82 -2.73
N ALA A 99 13.75 9.66 -3.65
CA ALA A 99 14.06 10.69 -4.63
C ALA A 99 12.87 10.94 -5.55
N ALA A 100 12.28 9.86 -6.06
CA ALA A 100 11.13 9.96 -6.95
C ALA A 100 9.94 10.59 -6.24
N ILE A 101 9.60 10.04 -5.07
CA ILE A 101 8.48 10.55 -4.30
C ILE A 101 8.69 12.02 -3.93
N LEU A 102 9.93 12.38 -3.65
CA LEU A 102 10.26 13.75 -3.29
C LEU A 102 9.98 14.70 -4.46
N GLU A 103 10.22 14.20 -5.67
CA GLU A 103 9.99 15.01 -6.87
C GLU A 103 8.51 15.34 -7.03
N ALA A 104 7.66 14.32 -6.90
CA ALA A 104 6.22 14.52 -7.02
C ALA A 104 5.66 15.25 -5.82
N ARG A 105 6.33 15.11 -4.68
CA ARG A 105 5.90 15.77 -3.46
C ARG A 105 6.05 17.27 -3.57
N LYS A 106 7.14 17.72 -4.19
CA LYS A 106 7.40 19.13 -4.37
C LYS A 106 6.54 19.70 -5.48
N ASN A 107 6.23 18.87 -6.46
CA ASN A 107 5.39 19.28 -7.58
C ASN A 107 4.00 19.64 -7.10
N ALA A 108 3.45 18.83 -6.19
CA ALA A 108 2.12 19.06 -5.66
C ALA A 108 2.12 20.23 -4.68
N GLU A 109 3.18 20.33 -3.88
CA GLU A 109 3.31 21.40 -2.90
C GLU A 109 3.40 22.75 -3.60
N GLN A 110 4.37 22.90 -4.49
CA GLN A 110 4.55 24.15 -5.23
C GLN A 110 3.35 24.44 -6.11
N LEU A 111 2.66 23.38 -6.54
CA LEU A 111 1.48 23.53 -7.39
C LEU A 111 0.24 23.86 -6.56
N LEU A 112 0.21 23.34 -5.34
CA LEU A 112 -0.92 23.57 -4.44
C LEU A 112 -1.04 25.05 -4.10
N ALA A 113 0.08 25.67 -3.74
CA ALA A 113 0.10 27.08 -3.39
C ALA A 113 -0.16 27.94 -4.61
N ASN A 114 0.16 27.42 -5.79
CA ASN A 114 -0.04 28.13 -7.04
C ASN A 114 -1.40 27.78 -7.65
N GLN A 115 -2.30 27.28 -6.80
CA GLN A 115 -3.64 26.90 -7.23
C GLN A 115 -4.30 27.99 -8.06
N LYS A 116 -5.03 27.58 -9.09
CA LYS A 116 -5.72 28.53 -9.96
C LYS A 116 -7.17 28.10 -10.19
N SER A 117 -7.35 26.81 -10.49
CA SER A 117 -8.68 26.26 -10.74
C SER A 117 -8.98 25.12 -9.78
N ASP A 118 -10.11 24.45 -9.99
CA ASP A 118 -10.51 23.34 -9.14
C ASP A 118 -9.91 22.03 -9.63
N LEU A 119 -9.67 21.94 -10.94
CA LEU A 119 -9.10 20.75 -11.54
C LEU A 119 -7.62 20.62 -11.19
N ASP A 120 -6.88 21.71 -11.37
CA ASP A 120 -5.45 21.71 -11.07
C ASP A 120 -5.18 21.33 -9.62
N SER A 121 -6.03 21.83 -8.73
CA SER A 121 -5.90 21.54 -7.30
C SER A 121 -6.20 20.07 -7.01
N ALA A 122 -7.20 19.53 -7.69
CA ALA A 122 -7.58 18.13 -7.51
C ALA A 122 -6.42 17.20 -7.84
N ALA A 123 -5.62 17.59 -8.83
CA ALA A 123 -4.47 16.79 -9.23
C ALA A 123 -3.33 16.93 -8.22
N ALA A 124 -3.20 18.12 -7.66
CA ALA A 124 -2.14 18.38 -6.68
C ALA A 124 -2.46 17.70 -5.35
N LEU A 125 -3.70 17.82 -4.91
CA LEU A 125 -4.13 17.20 -3.66
C LEU A 125 -3.92 15.69 -3.71
N ALA A 126 -4.37 15.07 -4.79
CA ALA A 126 -4.23 13.63 -4.97
C ALA A 126 -2.77 13.23 -4.97
N ALA A 127 -1.94 14.00 -5.65
CA ALA A 127 -0.51 13.74 -5.72
C ALA A 127 0.14 13.86 -4.35
N LEU A 128 -0.28 14.86 -3.60
CA LEU A 128 0.27 15.09 -2.26
C LEU A 128 0.01 13.89 -1.36
N ALA A 129 -1.19 13.33 -1.45
CA ALA A 129 -1.56 12.17 -0.65
C ALA A 129 -0.78 10.93 -1.08
N GLU A 130 -0.74 10.70 -2.39
CA GLU A 130 -0.02 9.56 -2.93
C GLU A 130 1.47 9.64 -2.61
N THR A 131 2.03 10.83 -2.76
CA THR A 131 3.45 11.04 -2.48
C THR A 131 3.73 10.96 -0.99
N ALA A 132 2.75 11.40 -0.19
CA ALA A 132 2.89 11.36 1.26
C ALA A 132 2.79 9.94 1.79
N ALA A 133 1.86 9.17 1.22
CA ALA A 133 1.67 7.78 1.63
C ALA A 133 2.95 6.97 1.45
N GLN A 134 3.50 7.01 0.24
CA GLN A 134 4.72 6.27 -0.06
C GLN A 134 5.85 6.69 0.87
N LEU A 135 6.03 8.00 1.04
CA LEU A 135 7.06 8.52 1.91
C LEU A 135 6.86 8.03 3.35
N GLU A 136 5.61 7.91 3.76
CA GLU A 136 5.28 7.44 5.09
C GLU A 136 5.69 5.98 5.27
N THR A 137 5.64 5.22 4.17
CA THR A 137 6.01 3.81 4.20
C THR A 137 7.50 3.66 4.49
N ILE A 138 8.33 4.40 3.75
CA ILE A 138 9.77 4.34 3.94
C ILE A 138 10.17 4.88 5.31
N ARG A 139 9.47 5.93 5.74
CA ARG A 139 9.74 6.53 7.04
C ARG A 139 9.53 5.54 8.17
N LYS A 140 8.40 4.84 8.14
CA LYS A 140 8.08 3.85 9.16
C LYS A 140 9.18 2.80 9.25
N ILE A 141 9.59 2.27 8.10
CA ILE A 141 10.63 1.26 8.05
C ILE A 141 12.01 1.89 8.33
N LYS A 142 12.15 3.15 7.97
CA LYS A 142 13.41 3.86 8.19
C LYS A 142 13.78 3.89 9.66
N ASN A 143 12.78 4.05 10.53
CA ASN A 143 13.00 4.10 11.96
C ASN A 143 11.85 3.47 12.72
N ARG A 144 10.63 3.81 12.32
CA ARG A 144 9.43 3.29 12.97
C ARG A 144 9.26 3.88 14.36
N ALA A 145 9.89 5.03 14.60
CA ALA A 145 9.80 5.69 15.89
C ALA A 145 8.95 6.96 15.79
N GLN A 146 7.70 6.78 15.40
CA GLN A 146 6.77 7.90 15.25
C GLN A 146 5.92 8.07 16.50
N MET A 8 2.28 -18.29 15.75
CA MET A 8 0.94 -18.09 15.15
C MET A 8 0.83 -18.76 13.78
N ALA A 9 -0.39 -19.07 13.37
CA ALA A 9 -0.62 -19.71 12.08
C ALA A 9 -0.10 -18.85 10.93
N THR A 10 0.00 -19.44 9.74
CA THR A 10 0.49 -18.73 8.57
C THR A 10 -0.40 -19.02 7.35
N MET A 11 -0.37 -18.12 6.38
CA MET A 11 -1.16 -18.29 5.17
C MET A 11 -0.34 -17.97 3.92
N GLN A 12 -0.84 -18.38 2.77
CA GLN A 12 -0.15 -18.13 1.51
C GLN A 12 -0.59 -16.82 0.88
N CYS A 13 0.10 -15.74 1.24
CA CYS A 13 -0.22 -14.42 0.71
C CYS A 13 0.58 -14.13 -0.56
N ASP A 14 -0.06 -13.49 -1.53
CA ASP A 14 0.60 -13.16 -2.79
C ASP A 14 0.08 -11.84 -3.34
N VAL A 15 0.94 -10.82 -3.35
CA VAL A 15 0.57 -9.50 -3.86
C VAL A 15 1.08 -9.32 -5.28
N VAL A 16 0.17 -9.02 -6.20
CA VAL A 16 0.54 -8.82 -7.60
C VAL A 16 -0.03 -7.51 -8.14
N SER A 17 0.70 -6.90 -9.07
CA SER A 17 0.27 -5.65 -9.68
C SER A 17 0.36 -5.72 -11.20
N VAL A 18 0.15 -4.58 -11.85
CA VAL A 18 0.21 -4.51 -13.30
C VAL A 18 1.66 -4.55 -13.81
N LYS A 19 2.62 -4.51 -12.89
CA LYS A 19 4.03 -4.54 -13.25
C LYS A 19 4.62 -5.93 -13.00
N GLU A 20 4.14 -6.59 -11.95
CA GLU A 20 4.61 -7.92 -11.59
C GLU A 20 4.32 -8.22 -10.13
N SER A 21 4.59 -9.45 -9.71
CA SER A 21 4.36 -9.88 -8.34
C SER A 21 5.29 -9.15 -7.38
N ILE A 22 4.80 -8.83 -6.19
CA ILE A 22 5.59 -8.13 -5.19
C ILE A 22 5.87 -9.03 -3.98
N TYR A 23 4.89 -9.87 -3.64
CA TYR A 23 5.04 -10.77 -2.50
C TYR A 23 4.42 -12.14 -2.82
N SER A 24 4.96 -13.18 -2.18
CA SER A 24 4.45 -14.53 -2.38
C SER A 24 5.13 -15.51 -1.44
N GLY A 25 4.41 -15.92 -0.40
CA GLY A 25 4.95 -16.85 0.57
C GLY A 25 4.05 -17.04 1.77
N ALA A 26 4.65 -17.33 2.92
CA ALA A 26 3.89 -17.53 4.16
C ALA A 26 3.80 -16.23 4.95
N VAL A 27 2.63 -16.01 5.56
CA VAL A 27 2.41 -14.82 6.37
C VAL A 27 1.52 -15.12 7.56
N THR A 28 1.85 -14.53 8.71
CA THR A 28 1.08 -14.73 9.94
C THR A 28 -0.17 -13.85 9.94
N MET A 29 -0.09 -12.71 9.27
CA MET A 29 -1.21 -11.78 9.19
C MET A 29 -0.90 -10.63 8.24
N LEU A 30 -1.90 -10.23 7.45
CA LEU A 30 -1.73 -9.14 6.50
C LEU A 30 -2.80 -8.08 6.70
N ILE A 31 -2.42 -6.82 6.48
CA ILE A 31 -3.35 -5.70 6.63
C ILE A 31 -3.35 -4.82 5.39
N ALA A 32 -4.46 -4.82 4.66
CA ALA A 32 -4.59 -4.00 3.46
C ALA A 32 -5.81 -3.11 3.53
N LYS A 33 -5.70 -1.90 2.97
CA LYS A 33 -6.81 -0.97 2.97
C LYS A 33 -7.89 -1.39 1.99
N GLY A 34 -9.11 -1.55 2.48
CA GLY A 34 -10.21 -1.96 1.63
C GLY A 34 -11.54 -1.41 2.10
N ALA A 35 -12.37 -0.95 1.15
CA ALA A 35 -13.67 -0.40 1.47
C ALA A 35 -13.55 0.83 2.36
N GLY A 36 -12.36 1.44 2.38
CA GLY A 36 -12.14 2.62 3.19
C GLY A 36 -11.58 2.29 4.56
N GLY A 37 -11.84 1.08 5.03
CA GLY A 37 -11.34 0.68 6.34
C GLY A 37 -10.21 -0.33 6.24
N GLU A 38 -9.42 -0.44 7.30
CA GLU A 38 -8.30 -1.37 7.33
C GLU A 38 -8.79 -2.79 7.66
N LEU A 39 -8.48 -3.73 6.78
CA LEU A 39 -8.90 -5.12 6.96
C LEU A 39 -7.69 -6.00 7.29
N GLY A 40 -7.78 -6.71 8.41
CA GLY A 40 -6.70 -7.60 8.81
C GLY A 40 -7.05 -9.06 8.64
N ILE A 41 -6.42 -9.71 7.67
CA ILE A 41 -6.68 -11.11 7.39
C ILE A 41 -5.77 -12.01 8.23
N LEU A 42 -6.36 -13.07 8.79
CA LEU A 42 -5.61 -14.01 9.62
C LEU A 42 -5.72 -15.42 9.05
N PRO A 43 -4.64 -16.22 9.13
CA PRO A 43 -4.63 -17.59 8.62
C PRO A 43 -5.77 -18.42 9.19
N GLY A 44 -6.75 -18.73 8.35
CA GLY A 44 -7.89 -19.52 8.78
C GLY A 44 -9.18 -18.72 8.78
N HIS A 45 -9.16 -17.56 8.13
CA HIS A 45 -10.35 -16.72 8.06
C HIS A 45 -11.30 -17.20 6.97
N ALA A 46 -12.48 -16.59 6.90
CA ALA A 46 -13.48 -16.96 5.90
C ALA A 46 -13.23 -16.23 4.59
N PRO A 47 -13.64 -16.83 3.46
CA PRO A 47 -13.46 -16.23 2.13
C PRO A 47 -14.19 -14.90 1.99
N LEU A 48 -13.46 -13.86 1.64
CA LEU A 48 -14.03 -12.53 1.47
C LEU A 48 -13.50 -11.85 0.22
N VAL A 49 -14.29 -10.96 -0.37
CA VAL A 49 -13.89 -10.24 -1.57
C VAL A 49 -14.24 -8.75 -1.45
N THR A 50 -13.21 -7.94 -1.23
CA THR A 50 -13.40 -6.49 -1.09
C THR A 50 -12.42 -5.74 -1.99
N LEU A 51 -12.85 -4.58 -2.49
CA LEU A 51 -12.00 -3.75 -3.34
C LEU A 51 -10.87 -3.12 -2.53
N LEU A 52 -9.65 -3.18 -3.05
CA LEU A 52 -8.50 -2.62 -2.36
C LEU A 52 -8.33 -1.15 -2.73
N GLN A 53 -8.37 -0.28 -1.72
CA GLN A 53 -8.22 1.15 -1.92
C GLN A 53 -6.78 1.59 -1.69
N PRO A 54 -6.40 2.78 -2.19
CA PRO A 54 -5.05 3.30 -2.03
C PRO A 54 -4.58 3.26 -0.58
N GLY A 55 -3.52 2.51 -0.33
CA GLY A 55 -2.98 2.39 1.02
C GLY A 55 -1.88 1.37 1.12
N PRO A 56 -0.94 1.54 2.06
CA PRO A 56 0.19 0.61 2.25
C PRO A 56 -0.22 -0.66 3.00
N ILE A 57 -0.10 -1.80 2.34
CA ILE A 57 -0.44 -3.08 2.94
C ILE A 57 0.75 -3.66 3.69
N ARG A 58 0.49 -4.30 4.81
CA ARG A 58 1.56 -4.90 5.61
C ARG A 58 1.47 -6.43 5.59
N VAL A 59 2.58 -7.08 5.27
CA VAL A 59 2.63 -8.53 5.22
C VAL A 59 3.48 -9.10 6.35
N LEU A 60 2.81 -9.69 7.34
CA LEU A 60 3.51 -10.26 8.49
C LEU A 60 3.90 -11.71 8.23
N LEU A 61 5.13 -12.04 8.57
CA LEU A 61 5.66 -13.39 8.40
C LEU A 61 5.72 -14.10 9.74
N GLU A 62 6.07 -15.36 9.73
CA GLU A 62 6.17 -16.13 10.96
C GLU A 62 7.50 -15.90 11.66
N ASN A 63 8.39 -15.14 11.03
CA ASN A 63 9.69 -14.84 11.62
C ASN A 63 9.65 -13.48 12.32
N GLY A 64 8.44 -13.02 12.63
CA GLY A 64 8.30 -11.72 13.29
C GLY A 64 8.65 -10.58 12.35
N THR A 65 8.69 -10.86 11.06
CA THR A 65 9.03 -9.84 10.07
C THR A 65 7.81 -9.37 9.30
N GLU A 66 7.73 -8.05 9.09
CA GLU A 66 6.60 -7.47 8.36
C GLU A 66 7.11 -6.58 7.23
N GLU A 67 6.41 -6.64 6.09
CA GLU A 67 6.79 -5.85 4.92
C GLU A 67 5.64 -4.95 4.48
N ILE A 68 5.94 -3.66 4.32
CA ILE A 68 4.92 -2.70 3.90
C ILE A 68 5.04 -2.39 2.42
N VAL A 69 3.91 -2.47 1.70
CA VAL A 69 3.89 -2.20 0.27
C VAL A 69 2.77 -1.22 -0.07
N TYR A 70 3.12 -0.16 -0.80
CA TYR A 70 2.14 0.84 -1.20
C TYR A 70 1.36 0.39 -2.43
N VAL A 71 0.03 0.31 -2.28
CA VAL A 71 -0.84 -0.09 -3.37
C VAL A 71 -1.90 0.96 -3.65
N SER A 72 -1.98 1.42 -4.89
CA SER A 72 -2.96 2.43 -5.27
C SER A 72 -4.38 1.93 -5.09
N GLY A 73 -4.59 0.64 -5.35
CA GLY A 73 -5.91 0.06 -5.21
C GLY A 73 -6.24 -0.90 -6.32
N GLY A 74 -6.95 -1.97 -5.99
CA GLY A 74 -7.31 -2.96 -6.99
C GLY A 74 -8.34 -3.95 -6.48
N VAL A 75 -7.91 -5.18 -6.26
CA VAL A 75 -8.80 -6.23 -5.77
C VAL A 75 -8.18 -7.00 -4.62
N LEU A 76 -9.02 -7.43 -3.68
CA LEU A 76 -8.54 -8.20 -2.53
C LEU A 76 -9.42 -9.43 -2.32
N GLU A 77 -8.86 -10.60 -2.65
CA GLU A 77 -9.59 -11.85 -2.50
C GLU A 77 -9.00 -12.70 -1.38
N VAL A 78 -9.72 -12.82 -0.27
CA VAL A 78 -9.27 -13.60 0.86
C VAL A 78 -9.70 -15.06 0.73
N GLN A 79 -8.74 -15.97 0.79
CA GLN A 79 -9.02 -17.39 0.68
C GLN A 79 -8.76 -18.11 2.00
N PRO A 80 -9.37 -19.29 2.20
CA PRO A 80 -9.19 -20.07 3.42
C PRO A 80 -7.73 -20.14 3.88
N HIS A 81 -6.88 -20.69 3.02
CA HIS A 81 -5.46 -20.80 3.32
C HIS A 81 -4.61 -20.02 2.32
N VAL A 82 -5.25 -19.18 1.52
CA VAL A 82 -4.54 -18.39 0.52
C VAL A 82 -5.04 -16.95 0.51
N VAL A 83 -4.16 -16.02 0.13
CA VAL A 83 -4.50 -14.61 0.09
C VAL A 83 -3.86 -13.92 -1.12
N THR A 84 -4.69 -13.37 -2.00
CA THR A 84 -4.20 -12.69 -3.19
C THR A 84 -4.81 -11.29 -3.30
N VAL A 85 -3.95 -10.29 -3.49
CA VAL A 85 -4.42 -8.91 -3.62
C VAL A 85 -3.86 -8.26 -4.87
N LEU A 86 -4.76 -7.87 -5.77
CA LEU A 86 -4.36 -7.22 -7.02
C LEU A 86 -4.28 -5.70 -6.82
N ALA A 87 -3.14 -5.12 -7.19
CA ALA A 87 -2.94 -3.69 -7.04
C ALA A 87 -2.48 -3.06 -8.35
N ASP A 88 -3.24 -2.07 -8.83
CA ASP A 88 -2.91 -1.39 -10.07
C ASP A 88 -1.44 -0.96 -10.08
N THR A 89 -0.90 -0.70 -8.89
CA THR A 89 0.49 -0.29 -8.76
C THR A 89 1.00 -0.60 -7.35
N ALA A 90 2.02 -1.44 -7.27
CA ALA A 90 2.60 -1.82 -5.99
C ALA A 90 4.08 -1.49 -5.93
N ILE A 91 4.49 -0.76 -4.90
CA ILE A 91 5.88 -0.38 -4.73
C ILE A 91 6.38 -0.76 -3.34
N ARG A 92 7.41 -1.61 -3.31
CA ARG A 92 7.99 -2.05 -2.05
C ARG A 92 8.48 -0.87 -1.23
N ALA A 93 8.26 -0.92 0.09
CA ALA A 93 8.68 0.14 0.99
C ALA A 93 10.17 0.42 0.85
N ASP A 94 10.97 -0.63 1.02
CA ASP A 94 12.43 -0.50 0.93
C ASP A 94 12.84 -0.12 -0.49
N ASN A 95 11.98 -0.37 -1.47
CA ASN A 95 12.27 -0.05 -2.85
C ASN A 95 11.74 1.33 -3.23
N LEU A 96 10.80 1.85 -2.43
CA LEU A 96 10.22 3.15 -2.69
C LEU A 96 11.29 4.24 -2.68
N ASP A 97 11.46 4.91 -3.81
CA ASP A 97 12.46 5.97 -3.93
C ASP A 97 11.97 7.26 -3.29
N GLU A 98 12.65 7.69 -2.23
CA GLU A 98 12.29 8.91 -1.53
C GLU A 98 12.50 10.14 -2.42
N ALA A 99 13.52 10.08 -3.26
CA ALA A 99 13.83 11.18 -4.16
C ALA A 99 12.69 11.42 -5.14
N ALA A 100 12.12 10.35 -5.66
CA ALA A 100 11.02 10.44 -6.61
C ALA A 100 9.77 11.00 -5.94
N ILE A 101 9.35 10.35 -4.86
CA ILE A 101 8.17 10.79 -4.12
C ILE A 101 8.34 12.21 -3.60
N LEU A 102 9.51 12.50 -3.04
CA LEU A 102 9.80 13.82 -2.52
C LEU A 102 9.71 14.88 -3.61
N GLU A 103 10.04 14.48 -4.83
CA GLU A 103 10.00 15.39 -5.98
C GLU A 103 8.57 15.82 -6.27
N ALA A 104 7.66 14.84 -6.32
CA ALA A 104 6.25 15.12 -6.58
C ALA A 104 5.60 15.80 -5.40
N ARG A 105 6.09 15.49 -4.20
CA ARG A 105 5.55 16.08 -2.98
C ARG A 105 5.84 17.58 -2.93
N LYS A 106 7.02 17.95 -3.42
CA LYS A 106 7.42 19.35 -3.44
C LYS A 106 6.74 20.09 -4.59
N ASN A 107 6.42 19.36 -5.65
CA ASN A 107 5.77 19.94 -6.81
C ASN A 107 4.33 20.33 -6.47
N ALA A 108 3.68 19.51 -5.66
CA ALA A 108 2.30 19.77 -5.26
C ALA A 108 2.22 20.91 -4.24
N GLU A 109 3.04 20.82 -3.20
CA GLU A 109 3.06 21.84 -2.17
C GLU A 109 3.44 23.20 -2.75
N GLN A 110 4.28 23.17 -3.79
CA GLN A 110 4.71 24.40 -4.46
C GLN A 110 3.65 24.89 -5.43
N LEU A 111 2.84 23.97 -5.94
CA LEU A 111 1.78 24.32 -6.87
C LEU A 111 0.57 24.87 -6.14
N LEU A 112 0.27 24.28 -4.98
CA LEU A 112 -0.85 24.70 -4.16
C LEU A 112 -0.73 26.16 -3.77
N ALA A 113 0.43 26.53 -3.23
CA ALA A 113 0.68 27.91 -2.81
C ALA A 113 0.67 28.87 -4.00
N ASN A 114 0.77 28.32 -5.21
CA ASN A 114 0.78 29.15 -6.41
C ASN A 114 -0.29 28.69 -7.40
N GLN A 115 -1.42 28.22 -6.87
CA GLN A 115 -2.51 27.75 -7.73
C GLN A 115 -2.99 28.86 -8.66
N LYS A 116 -3.05 28.55 -9.94
CA LYS A 116 -3.49 29.53 -10.94
C LYS A 116 -4.85 29.14 -11.51
N SER A 117 -5.11 27.84 -11.59
CA SER A 117 -6.37 27.34 -12.11
C SER A 117 -6.91 26.20 -11.25
N ASP A 118 -8.22 25.99 -11.30
CA ASP A 118 -8.85 24.93 -10.53
C ASP A 118 -8.33 23.56 -10.95
N LEU A 119 -7.98 23.44 -12.22
CA LEU A 119 -7.47 22.18 -12.76
C LEU A 119 -6.11 21.84 -12.15
N ASP A 120 -5.19 22.80 -12.21
CA ASP A 120 -3.85 22.59 -11.67
C ASP A 120 -3.91 22.24 -10.19
N SER A 121 -4.84 22.86 -9.46
CA SER A 121 -5.00 22.61 -8.04
C SER A 121 -5.43 21.17 -7.78
N ALA A 122 -6.38 20.69 -8.59
CA ALA A 122 -6.86 19.33 -8.45
C ALA A 122 -5.73 18.32 -8.60
N ALA A 123 -4.81 18.62 -9.51
CA ALA A 123 -3.67 17.75 -9.74
C ALA A 123 -2.63 17.90 -8.63
N ALA A 124 -2.56 19.10 -8.06
CA ALA A 124 -1.62 19.37 -6.98
C ALA A 124 -2.05 18.68 -5.69
N LEU A 125 -3.31 18.87 -5.32
CA LEU A 125 -3.85 18.26 -4.12
C LEU A 125 -3.71 16.74 -4.17
N ALA A 126 -4.15 16.16 -5.28
CA ALA A 126 -4.08 14.71 -5.46
C ALA A 126 -2.64 14.23 -5.39
N ALA A 127 -1.71 15.05 -5.87
CA ALA A 127 -0.30 14.71 -5.86
C ALA A 127 0.23 14.63 -4.42
N LEU A 128 -0.33 15.45 -3.54
CA LEU A 128 0.07 15.47 -2.15
C LEU A 128 -0.35 14.19 -1.43
N ALA A 129 -1.61 13.80 -1.60
CA ALA A 129 -2.14 12.60 -0.98
C ALA A 129 -1.36 11.37 -1.44
N GLU A 130 -1.13 11.26 -2.74
CA GLU A 130 -0.40 10.13 -3.30
C GLU A 130 1.04 10.11 -2.80
N THR A 131 1.75 11.22 -2.99
CA THR A 131 3.13 11.33 -2.56
C THR A 131 3.26 11.08 -1.06
N ALA A 132 2.26 11.54 -0.30
CA ALA A 132 2.26 11.37 1.15
C ALA A 132 2.11 9.90 1.51
N ALA A 133 1.42 9.15 0.66
CA ALA A 133 1.22 7.72 0.90
C ALA A 133 2.53 6.95 0.80
N GLN A 134 3.20 7.08 -0.34
CA GLN A 134 4.46 6.40 -0.57
C GLN A 134 5.47 6.76 0.52
N LEU A 135 5.62 8.05 0.77
CA LEU A 135 6.55 8.53 1.79
C LEU A 135 6.20 7.96 3.16
N GLU A 136 4.90 7.82 3.41
CA GLU A 136 4.43 7.29 4.69
C GLU A 136 4.83 5.82 4.85
N THR A 137 4.79 5.08 3.74
CA THR A 137 5.15 3.68 3.76
C THR A 137 6.60 3.49 4.20
N ILE A 138 7.52 4.15 3.49
CA ILE A 138 8.94 4.06 3.81
C ILE A 138 9.21 4.52 5.25
N ARG A 139 8.89 5.78 5.53
CA ARG A 139 9.09 6.35 6.85
C ARG A 139 8.53 5.43 7.94
N LYS A 140 7.49 4.69 7.60
CA LYS A 140 6.86 3.79 8.55
C LYS A 140 7.72 2.53 8.75
N ILE A 141 8.45 2.15 7.71
CA ILE A 141 9.31 0.97 7.77
C ILE A 141 10.71 1.34 8.28
N LYS A 142 11.34 2.30 7.62
CA LYS A 142 12.69 2.72 7.99
C LYS A 142 12.72 3.36 9.37
N ASN A 143 11.67 4.09 9.71
CA ASN A 143 11.60 4.76 11.01
C ASN A 143 10.83 3.91 12.03
N ARG A 144 9.63 3.48 11.66
CA ARG A 144 8.80 2.67 12.54
C ARG A 144 8.33 3.48 13.75
N ALA A 145 8.17 4.78 13.56
CA ALA A 145 7.73 5.65 14.63
C ALA A 145 6.31 6.16 14.37
N GLN A 146 5.36 5.24 14.32
CA GLN A 146 3.97 5.58 14.08
C GLN A 146 3.38 6.33 15.28
N MET A 8 1.50 -18.98 15.60
CA MET A 8 0.43 -18.32 14.81
C MET A 8 0.23 -19.03 13.46
N ALA A 9 -1.02 -19.17 13.04
CA ALA A 9 -1.33 -19.80 11.78
C ALA A 9 -0.67 -19.08 10.61
N THR A 10 -0.65 -19.72 9.45
CA THR A 10 -0.04 -19.14 8.26
C THR A 10 -0.95 -19.29 7.05
N MET A 11 -1.00 -18.26 6.22
CA MET A 11 -1.83 -18.27 5.02
C MET A 11 -1.01 -17.87 3.78
N GLN A 12 -1.32 -18.50 2.65
CA GLN A 12 -0.61 -18.21 1.41
C GLN A 12 -1.01 -16.85 0.86
N CYS A 13 -0.36 -15.79 1.34
CA CYS A 13 -0.65 -14.44 0.90
C CYS A 13 0.24 -14.04 -0.27
N ASP A 14 -0.30 -13.24 -1.17
CA ASP A 14 0.44 -12.79 -2.35
C ASP A 14 0.03 -11.38 -2.75
N VAL A 15 0.99 -10.63 -3.28
CA VAL A 15 0.75 -9.25 -3.71
C VAL A 15 1.12 -9.07 -5.17
N VAL A 16 0.22 -8.46 -5.95
CA VAL A 16 0.46 -8.24 -7.36
C VAL A 16 -0.04 -6.87 -7.80
N SER A 17 0.59 -6.32 -8.84
CA SER A 17 0.21 -5.02 -9.36
C SER A 17 0.25 -5.01 -10.89
N VAL A 18 -0.28 -3.96 -11.49
CA VAL A 18 -0.29 -3.84 -12.94
C VAL A 18 1.11 -3.92 -13.52
N LYS A 19 2.11 -3.63 -12.68
CA LYS A 19 3.50 -3.67 -13.11
C LYS A 19 4.06 -5.09 -13.04
N GLU A 20 3.60 -5.86 -12.06
CA GLU A 20 4.04 -7.24 -11.88
C GLU A 20 3.81 -7.70 -10.44
N SER A 21 4.08 -8.98 -10.20
CA SER A 21 3.91 -9.56 -8.87
C SER A 21 4.89 -8.92 -7.89
N ILE A 22 4.51 -8.90 -6.61
CA ILE A 22 5.36 -8.31 -5.58
C ILE A 22 5.80 -9.36 -4.58
N TYR A 23 4.84 -9.97 -3.90
CA TYR A 23 5.13 -11.00 -2.90
C TYR A 23 4.38 -12.28 -3.19
N SER A 24 4.78 -13.37 -2.55
CA SER A 24 4.14 -14.67 -2.74
C SER A 24 4.72 -15.71 -1.79
N GLY A 25 3.96 -16.03 -0.74
CA GLY A 25 4.42 -17.01 0.23
C GLY A 25 3.48 -17.14 1.41
N ALA A 26 4.03 -17.48 2.57
CA ALA A 26 3.23 -17.63 3.78
C ALA A 26 3.34 -16.40 4.67
N VAL A 27 2.23 -16.04 5.30
CA VAL A 27 2.20 -14.88 6.19
C VAL A 27 1.34 -15.15 7.42
N THR A 28 1.79 -14.69 8.58
CA THR A 28 1.06 -14.89 9.82
C THR A 28 -0.11 -13.92 9.91
N MET A 29 0.07 -12.72 9.40
CA MET A 29 -0.97 -11.69 9.42
C MET A 29 -0.61 -10.51 8.54
N LEU A 30 -1.61 -9.94 7.89
CA LEU A 30 -1.39 -8.79 7.01
C LEU A 30 -2.51 -7.77 7.17
N ILE A 31 -2.16 -6.49 7.03
CA ILE A 31 -3.12 -5.41 7.16
C ILE A 31 -3.13 -4.53 5.91
N ALA A 32 -4.25 -4.55 5.19
CA ALA A 32 -4.38 -3.75 3.98
C ALA A 32 -5.54 -2.78 4.09
N LYS A 33 -5.46 -1.67 3.35
CA LYS A 33 -6.51 -0.66 3.37
C LYS A 33 -7.53 -0.91 2.27
N GLY A 34 -8.80 -1.04 2.66
CA GLY A 34 -9.86 -1.28 1.70
C GLY A 34 -11.17 -0.65 2.11
N ALA A 35 -11.90 -0.12 1.13
CA ALA A 35 -13.19 0.51 1.39
C ALA A 35 -13.04 1.69 2.34
N GLY A 36 -11.83 2.22 2.46
CA GLY A 36 -11.58 3.35 3.32
C GLY A 36 -11.11 2.93 4.70
N GLY A 37 -11.47 1.72 5.11
CA GLY A 37 -11.08 1.22 6.42
C GLY A 37 -10.00 0.16 6.33
N GLU A 38 -9.31 -0.07 7.45
CA GLU A 38 -8.26 -1.08 7.49
C GLU A 38 -8.84 -2.46 7.74
N LEU A 39 -8.40 -3.44 6.96
CA LEU A 39 -8.88 -4.82 7.09
C LEU A 39 -7.74 -5.78 7.38
N GLY A 40 -7.77 -6.40 8.55
CA GLY A 40 -6.73 -7.34 8.92
C GLY A 40 -7.04 -8.74 8.44
N ILE A 41 -6.28 -9.21 7.46
CA ILE A 41 -6.48 -10.54 6.90
C ILE A 41 -5.61 -11.57 7.62
N LEU A 42 -6.27 -12.48 8.33
CA LEU A 42 -5.57 -13.52 9.08
C LEU A 42 -6.02 -14.91 8.61
N PRO A 43 -5.08 -15.88 8.53
CA PRO A 43 -5.39 -17.24 8.10
C PRO A 43 -6.69 -17.78 8.71
N GLY A 44 -7.54 -18.34 7.86
CA GLY A 44 -8.80 -18.88 8.34
C GLY A 44 -9.99 -18.06 7.87
N HIS A 45 -9.75 -16.83 7.45
CA HIS A 45 -10.80 -15.94 6.99
C HIS A 45 -11.59 -16.56 5.84
N ALA A 46 -12.82 -16.09 5.65
CA ALA A 46 -13.67 -16.59 4.58
C ALA A 46 -13.50 -15.76 3.31
N PRO A 47 -14.01 -16.25 2.16
CA PRO A 47 -13.90 -15.52 0.89
C PRO A 47 -14.48 -14.12 0.98
N LEU A 48 -13.64 -13.12 0.71
CA LEU A 48 -14.06 -11.73 0.76
C LEU A 48 -13.52 -10.95 -0.44
N VAL A 49 -14.34 -10.07 -1.00
CA VAL A 49 -13.93 -9.26 -2.14
C VAL A 49 -14.24 -7.79 -1.90
N THR A 50 -13.20 -7.02 -1.62
CA THR A 50 -13.34 -5.58 -1.36
C THR A 50 -12.36 -4.77 -2.18
N LEU A 51 -12.75 -3.58 -2.58
CA LEU A 51 -11.89 -2.70 -3.37
C LEU A 51 -10.74 -2.19 -2.51
N LEU A 52 -9.52 -2.30 -3.04
CA LEU A 52 -8.33 -1.85 -2.32
C LEU A 52 -8.05 -0.38 -2.61
N GLN A 53 -7.88 0.40 -1.55
CA GLN A 53 -7.61 1.83 -1.69
C GLN A 53 -6.14 2.13 -1.41
N PRO A 54 -5.66 3.31 -1.86
CA PRO A 54 -4.26 3.72 -1.66
C PRO A 54 -3.85 3.66 -0.19
N GLY A 55 -2.82 2.87 0.09
CA GLY A 55 -2.34 2.73 1.45
C GLY A 55 -1.30 1.63 1.60
N PRO A 56 -0.40 1.75 2.58
CA PRO A 56 0.65 0.76 2.81
C PRO A 56 0.13 -0.49 3.52
N ILE A 57 0.27 -1.64 2.86
CA ILE A 57 -0.18 -2.91 3.42
C ILE A 57 0.94 -3.57 4.23
N ARG A 58 0.56 -4.19 5.34
CA ARG A 58 1.52 -4.87 6.21
C ARG A 58 1.50 -6.36 5.95
N VAL A 59 2.69 -6.97 5.92
CA VAL A 59 2.81 -8.41 5.68
C VAL A 59 3.69 -9.07 6.73
N LEU A 60 3.06 -9.86 7.61
CA LEU A 60 3.78 -10.56 8.67
C LEU A 60 4.04 -12.01 8.27
N LEU A 61 5.25 -12.47 8.52
CA LEU A 61 5.63 -13.84 8.21
C LEU A 61 5.63 -14.69 9.47
N GLU A 62 5.78 -16.00 9.30
CA GLU A 62 5.78 -16.90 10.45
C GLU A 62 7.13 -16.88 11.18
N ASN A 63 8.08 -16.14 10.64
CA ASN A 63 9.40 -16.04 11.26
C ASN A 63 9.49 -14.79 12.13
N GLY A 64 8.33 -14.28 12.55
CA GLY A 64 8.32 -13.09 13.38
C GLY A 64 8.72 -11.85 12.61
N THR A 65 8.70 -11.94 11.28
CA THR A 65 9.08 -10.82 10.43
C THR A 65 7.87 -10.08 9.89
N GLU A 66 8.08 -8.83 9.49
CA GLU A 66 7.01 -8.01 8.94
C GLU A 66 7.53 -7.12 7.82
N GLU A 67 6.71 -6.92 6.79
CA GLU A 67 7.08 -6.08 5.66
C GLU A 67 5.99 -5.08 5.33
N ILE A 68 6.37 -3.99 4.69
CA ILE A 68 5.42 -2.95 4.32
C ILE A 68 5.52 -2.59 2.85
N VAL A 69 4.40 -2.69 2.14
CA VAL A 69 4.36 -2.37 0.72
C VAL A 69 3.28 -1.33 0.42
N TYR A 70 3.66 -0.29 -0.31
CA TYR A 70 2.73 0.77 -0.66
C TYR A 70 1.93 0.43 -1.91
N VAL A 71 0.61 0.45 -1.79
CA VAL A 71 -0.27 0.15 -2.91
C VAL A 71 -1.19 1.32 -3.22
N SER A 72 -1.36 1.63 -4.51
CA SER A 72 -2.21 2.74 -4.91
C SER A 72 -3.68 2.40 -4.73
N GLY A 73 -4.05 1.16 -5.01
CA GLY A 73 -5.42 0.73 -4.87
C GLY A 73 -5.92 0.00 -6.10
N GLY A 74 -6.74 -1.01 -5.89
CA GLY A 74 -7.28 -1.78 -6.99
C GLY A 74 -8.33 -2.79 -6.55
N VAL A 75 -7.94 -4.06 -6.49
CA VAL A 75 -8.85 -5.11 -6.08
C VAL A 75 -8.22 -6.03 -5.04
N LEU A 76 -9.02 -6.44 -4.07
CA LEU A 76 -8.55 -7.33 -3.01
C LEU A 76 -9.43 -8.58 -2.93
N GLU A 77 -8.89 -9.70 -3.37
CA GLU A 77 -9.63 -10.96 -3.35
C GLU A 77 -9.07 -11.91 -2.29
N VAL A 78 -9.87 -12.18 -1.27
CA VAL A 78 -9.44 -13.07 -0.19
C VAL A 78 -9.98 -14.49 -0.42
N GLN A 79 -9.07 -15.45 -0.43
CA GLN A 79 -9.42 -16.85 -0.63
C GLN A 79 -9.33 -17.63 0.68
N PRO A 80 -10.03 -18.78 0.76
CA PRO A 80 -10.03 -19.62 1.97
C PRO A 80 -8.65 -19.73 2.63
N HIS A 81 -7.68 -20.25 1.88
CA HIS A 81 -6.33 -20.41 2.40
C HIS A 81 -5.31 -19.58 1.61
N VAL A 82 -5.81 -18.73 0.72
CA VAL A 82 -4.95 -17.88 -0.10
C VAL A 82 -5.48 -16.46 -0.16
N VAL A 83 -4.59 -15.50 -0.33
CA VAL A 83 -4.98 -14.10 -0.41
C VAL A 83 -4.14 -13.35 -1.44
N THR A 84 -4.82 -12.64 -2.34
CA THR A 84 -4.15 -11.87 -3.38
C THR A 84 -4.64 -10.43 -3.41
N VAL A 85 -3.75 -9.49 -3.09
CA VAL A 85 -4.10 -8.09 -3.08
C VAL A 85 -3.61 -7.38 -4.34
N LEU A 86 -4.53 -7.03 -5.23
CA LEU A 86 -4.19 -6.35 -6.47
C LEU A 86 -4.07 -4.85 -6.25
N ALA A 87 -2.94 -4.28 -6.66
CA ALA A 87 -2.71 -2.86 -6.50
C ALA A 87 -2.22 -2.23 -7.81
N ASP A 88 -2.85 -1.13 -8.20
CA ASP A 88 -2.47 -0.43 -9.42
C ASP A 88 -0.96 -0.22 -9.50
N THR A 89 -0.33 -0.12 -8.32
CA THR A 89 1.10 0.08 -8.24
C THR A 89 1.62 -0.31 -6.86
N ALA A 90 2.61 -1.19 -6.83
CA ALA A 90 3.19 -1.65 -5.57
C ALA A 90 4.66 -1.24 -5.46
N ILE A 91 4.99 -0.56 -4.36
CA ILE A 91 6.36 -0.11 -4.12
C ILE A 91 6.89 -0.67 -2.80
N ARG A 92 7.90 -1.53 -2.90
CA ARG A 92 8.50 -2.14 -1.72
C ARG A 92 9.03 -1.06 -0.76
N ALA A 93 8.80 -1.25 0.53
CA ALA A 93 9.25 -0.30 1.53
C ALA A 93 10.75 -0.07 1.44
N ASP A 94 11.48 -1.10 1.03
CA ASP A 94 12.93 -1.01 0.89
C ASP A 94 13.32 -0.44 -0.47
N ASN A 95 12.37 -0.42 -1.41
CA ASN A 95 12.63 0.09 -2.75
C ASN A 95 12.13 1.53 -2.89
N LEU A 96 11.25 1.95 -1.97
CA LEU A 96 10.71 3.31 -2.01
C LEU A 96 11.83 4.34 -2.01
N ASP A 97 11.85 5.18 -3.04
CA ASP A 97 12.87 6.21 -3.16
C ASP A 97 12.37 7.54 -2.59
N GLU A 98 13.11 8.09 -1.63
CA GLU A 98 12.73 9.35 -1.01
C GLU A 98 12.96 10.52 -1.98
N ALA A 99 13.95 10.39 -2.84
CA ALA A 99 14.27 11.43 -3.81
C ALA A 99 13.13 11.62 -4.80
N ALA A 100 12.63 10.51 -5.34
CA ALA A 100 11.54 10.55 -6.30
C ALA A 100 10.27 11.10 -5.67
N ILE A 101 9.94 10.60 -4.49
CA ILE A 101 8.74 11.03 -3.77
C ILE A 101 8.85 12.51 -3.38
N LEU A 102 10.00 12.90 -2.86
CA LEU A 102 10.22 14.28 -2.46
C LEU A 102 10.07 15.22 -3.65
N GLU A 103 10.48 14.76 -4.82
CA GLU A 103 10.39 15.56 -6.03
C GLU A 103 8.93 15.87 -6.37
N ALA A 104 8.09 14.84 -6.32
CA ALA A 104 6.67 15.00 -6.60
C ALA A 104 5.97 15.78 -5.49
N ARG A 105 6.49 15.65 -4.27
CA ARG A 105 5.92 16.35 -3.13
C ARG A 105 6.02 17.86 -3.30
N LYS A 106 7.15 18.31 -3.83
CA LYS A 106 7.38 19.73 -4.05
C LYS A 106 6.64 20.21 -5.30
N ASN A 107 6.47 19.30 -6.25
CA ASN A 107 5.77 19.63 -7.49
C ASN A 107 4.31 19.98 -7.21
N ALA A 108 3.69 19.21 -6.32
CA ALA A 108 2.29 19.43 -5.96
C ALA A 108 2.15 20.63 -5.03
N GLU A 109 3.14 20.81 -4.16
CA GLU A 109 3.13 21.91 -3.21
C GLU A 109 3.09 23.26 -3.94
N GLN A 110 4.04 23.45 -4.84
CA GLN A 110 4.13 24.69 -5.61
C GLN A 110 3.03 24.76 -6.66
N LEU A 111 2.54 23.58 -7.08
CA LEU A 111 1.48 23.51 -8.09
C LEU A 111 0.11 23.75 -7.46
N LEU A 112 -0.02 23.41 -6.18
CA LEU A 112 -1.27 23.57 -5.47
C LEU A 112 -1.56 25.05 -5.21
N ALA A 113 -0.54 25.79 -4.79
CA ALA A 113 -0.68 27.21 -4.50
C ALA A 113 -1.00 28.00 -5.77
N ASN A 114 -0.61 27.45 -6.92
CA ASN A 114 -0.85 28.12 -8.20
C ASN A 114 -2.02 27.47 -8.94
N GLN A 115 -2.96 26.91 -8.18
CA GLN A 115 -4.13 26.26 -8.78
C GLN A 115 -5.21 27.29 -9.10
N LYS A 116 -5.63 27.32 -10.37
CA LYS A 116 -6.67 28.25 -10.81
C LYS A 116 -7.99 27.52 -11.05
N SER A 117 -7.89 26.25 -11.43
CA SER A 117 -9.09 25.45 -11.69
C SER A 117 -9.12 24.23 -10.75
N ASP A 118 -10.28 23.58 -10.69
CA ASP A 118 -10.46 22.42 -9.83
C ASP A 118 -9.81 21.18 -10.46
N LEU A 119 -9.82 21.13 -11.79
CA LEU A 119 -9.23 20.00 -12.50
C LEU A 119 -7.75 19.87 -12.19
N ASP A 120 -6.99 20.90 -12.50
CA ASP A 120 -5.55 20.90 -12.25
C ASP A 120 -5.26 20.69 -10.77
N SER A 121 -6.08 21.30 -9.92
CA SER A 121 -5.90 21.18 -8.48
C SER A 121 -6.18 19.75 -8.01
N ALA A 122 -7.22 19.15 -8.58
CA ALA A 122 -7.58 17.78 -8.23
C ALA A 122 -6.43 16.82 -8.50
N ALA A 123 -5.68 17.10 -9.56
CA ALA A 123 -4.55 16.27 -9.94
C ALA A 123 -3.37 16.48 -8.98
N ALA A 124 -3.10 17.74 -8.67
CA ALA A 124 -2.01 18.09 -7.78
C ALA A 124 -2.32 17.63 -6.34
N LEU A 125 -3.60 17.68 -6.00
CA LEU A 125 -4.04 17.28 -4.66
C LEU A 125 -3.77 15.80 -4.43
N ALA A 126 -4.30 14.96 -5.31
CA ALA A 126 -4.11 13.52 -5.21
C ALA A 126 -2.63 13.16 -5.24
N ALA A 127 -1.85 13.95 -5.97
CA ALA A 127 -0.42 13.72 -6.09
C ALA A 127 0.29 13.98 -4.77
N LEU A 128 -0.05 15.10 -4.13
CA LEU A 128 0.56 15.48 -2.86
C LEU A 128 0.29 14.41 -1.80
N ALA A 129 -0.97 13.99 -1.71
CA ALA A 129 -1.36 12.98 -0.73
C ALA A 129 -0.67 11.66 -1.01
N GLU A 130 -0.49 11.34 -2.30
CA GLU A 130 0.16 10.11 -2.70
C GLU A 130 1.64 10.12 -2.31
N THR A 131 2.30 11.23 -2.58
CA THR A 131 3.72 11.38 -2.26
C THR A 131 3.96 11.24 -0.77
N ALA A 132 3.15 11.93 0.03
CA ALA A 132 3.28 11.88 1.48
C ALA A 132 3.07 10.47 1.99
N ALA A 133 2.19 9.71 1.33
CA ALA A 133 1.91 8.34 1.72
C ALA A 133 3.13 7.45 1.55
N GLN A 134 3.78 7.56 0.40
CA GLN A 134 4.98 6.76 0.11
C GLN A 134 6.07 7.05 1.13
N LEU A 135 6.28 8.33 1.41
CA LEU A 135 7.30 8.74 2.37
C LEU A 135 6.98 8.21 3.77
N GLU A 136 5.70 8.21 4.11
CA GLU A 136 5.26 7.72 5.41
C GLU A 136 5.52 6.23 5.55
N THR A 137 5.36 5.50 4.45
CA THR A 137 5.59 4.06 4.45
C THR A 137 7.04 3.73 4.77
N ILE A 138 7.96 4.43 4.11
CA ILE A 138 9.39 4.21 4.34
C ILE A 138 9.76 4.48 5.79
N ARG A 139 9.56 5.72 6.23
CA ARG A 139 9.87 6.12 7.61
C ARG A 139 9.25 5.14 8.60
N LYS A 140 8.15 4.50 8.22
CA LYS A 140 7.46 3.55 9.08
C LYS A 140 8.20 2.21 9.11
N ILE A 141 8.88 1.90 8.01
CA ILE A 141 9.63 0.64 7.92
C ILE A 141 11.05 0.81 8.43
N LYS A 142 11.73 1.84 7.96
CA LYS A 142 13.11 2.08 8.35
C LYS A 142 13.23 2.45 9.83
N ASN A 143 12.28 3.24 10.32
CA ASN A 143 12.30 3.67 11.72
C ASN A 143 11.06 3.20 12.47
N ARG A 144 9.90 3.38 11.86
CA ARG A 144 8.63 2.99 12.48
C ARG A 144 8.19 4.00 13.52
N ALA A 145 9.05 4.23 14.52
CA ALA A 145 8.76 5.17 15.59
C ALA A 145 7.73 4.60 16.55
N GLN A 146 8.09 3.47 17.16
CA GLN A 146 7.19 2.81 18.12
C GLN A 146 7.41 3.36 19.53
N MET A 8 2.09 -19.03 15.18
CA MET A 8 0.75 -18.81 14.59
C MET A 8 0.64 -19.42 13.19
N ALA A 9 -0.58 -19.61 12.72
CA ALA A 9 -0.81 -20.19 11.40
C ALA A 9 -0.20 -19.33 10.31
N THR A 10 0.00 -19.92 9.14
CA THR A 10 0.58 -19.21 8.00
C THR A 10 -0.31 -19.32 6.77
N MET A 11 -0.34 -18.27 5.97
CA MET A 11 -1.17 -18.25 4.76
C MET A 11 -0.36 -17.77 3.56
N GLN A 12 -0.73 -18.23 2.37
CA GLN A 12 -0.04 -17.85 1.15
C GLN A 12 -0.51 -16.49 0.66
N CYS A 13 0.13 -15.43 1.13
CA CYS A 13 -0.21 -14.07 0.75
C CYS A 13 0.71 -13.56 -0.35
N ASP A 14 0.13 -12.95 -1.37
CA ASP A 14 0.90 -12.42 -2.49
C ASP A 14 0.29 -11.11 -3.00
N VAL A 15 1.14 -10.10 -3.17
CA VAL A 15 0.69 -8.81 -3.67
C VAL A 15 1.06 -8.62 -5.13
N VAL A 16 0.11 -8.16 -5.93
CA VAL A 16 0.35 -7.94 -7.36
C VAL A 16 -0.31 -6.65 -7.84
N SER A 17 0.25 -6.08 -8.90
CA SER A 17 -0.27 -4.85 -9.48
C SER A 17 -0.17 -4.90 -11.00
N VAL A 18 -0.85 -3.96 -11.66
CA VAL A 18 -0.83 -3.91 -13.12
C VAL A 18 0.60 -3.80 -13.65
N LYS A 19 1.51 -3.35 -12.80
CA LYS A 19 2.91 -3.20 -13.19
C LYS A 19 3.66 -4.52 -13.07
N GLU A 20 3.29 -5.32 -12.07
CA GLU A 20 3.92 -6.62 -11.83
C GLU A 20 3.72 -7.06 -10.38
N SER A 21 4.13 -8.30 -10.09
CA SER A 21 4.00 -8.84 -8.74
C SER A 21 4.99 -8.18 -7.79
N ILE A 22 4.64 -8.13 -6.51
CA ILE A 22 5.50 -7.53 -5.50
C ILE A 22 5.85 -8.52 -4.40
N TYR A 23 4.82 -9.05 -3.74
CA TYR A 23 5.02 -10.01 -2.66
C TYR A 23 4.46 -11.38 -3.03
N SER A 24 4.98 -12.42 -2.38
CA SER A 24 4.53 -13.78 -2.64
C SER A 24 5.19 -14.77 -1.69
N GLY A 25 4.44 -15.22 -0.69
CA GLY A 25 4.98 -16.16 0.27
C GLY A 25 4.03 -16.41 1.44
N ALA A 26 4.59 -16.80 2.57
CA ALA A 26 3.79 -17.07 3.77
C ALA A 26 3.71 -15.85 4.67
N VAL A 27 2.57 -15.67 5.32
CA VAL A 27 2.36 -14.53 6.21
C VAL A 27 1.48 -14.91 7.40
N THR A 28 1.83 -14.42 8.57
CA THR A 28 1.06 -14.70 9.78
C THR A 28 -0.19 -13.83 9.86
N MET A 29 -0.09 -12.63 9.30
CA MET A 29 -1.22 -11.70 9.31
C MET A 29 -0.91 -10.48 8.44
N LEU A 30 -1.95 -9.91 7.83
CA LEU A 30 -1.79 -8.74 6.97
C LEU A 30 -2.88 -7.72 7.26
N ILE A 31 -2.52 -6.44 7.15
CA ILE A 31 -3.47 -5.35 7.38
C ILE A 31 -3.50 -4.38 6.20
N ALA A 32 -4.61 -4.39 5.48
CA ALA A 32 -4.77 -3.50 4.33
C ALA A 32 -6.08 -2.73 4.41
N LYS A 33 -6.15 -1.62 3.68
CA LYS A 33 -7.35 -0.78 3.68
C LYS A 33 -8.32 -1.24 2.59
N GLY A 34 -9.61 -1.26 2.92
CA GLY A 34 -10.62 -1.68 1.97
C GLY A 34 -12.03 -1.40 2.45
N ALA A 35 -12.94 -1.14 1.51
CA ALA A 35 -14.33 -0.85 1.85
C ALA A 35 -14.44 0.33 2.80
N GLY A 36 -13.41 1.18 2.81
CA GLY A 36 -13.41 2.34 3.68
C GLY A 36 -12.77 2.06 5.02
N GLY A 37 -12.80 0.80 5.45
CA GLY A 37 -12.20 0.44 6.72
C GLY A 37 -10.92 -0.35 6.56
N GLU A 38 -10.27 -0.67 7.68
CA GLU A 38 -9.04 -1.45 7.66
C GLU A 38 -9.34 -2.93 7.79
N LEU A 39 -9.05 -3.68 6.74
CA LEU A 39 -9.30 -5.12 6.74
C LEU A 39 -8.06 -5.91 7.13
N GLY A 40 -8.21 -6.79 8.12
CA GLY A 40 -7.10 -7.60 8.57
C GLY A 40 -7.35 -9.07 8.33
N ILE A 41 -6.62 -9.65 7.38
CA ILE A 41 -6.77 -11.06 7.05
C ILE A 41 -5.81 -11.93 7.84
N LEU A 42 -6.33 -13.01 8.42
CA LEU A 42 -5.51 -13.94 9.19
C LEU A 42 -5.60 -15.35 8.62
N PRO A 43 -4.48 -16.10 8.63
CA PRO A 43 -4.44 -17.46 8.11
C PRO A 43 -5.58 -18.33 8.65
N GLY A 44 -6.51 -18.71 7.77
CA GLY A 44 -7.63 -19.53 8.18
C GLY A 44 -8.95 -18.80 8.09
N HIS A 45 -8.95 -17.61 7.50
CA HIS A 45 -10.16 -16.82 7.35
C HIS A 45 -11.01 -17.34 6.20
N ALA A 46 -12.22 -16.79 6.08
CA ALA A 46 -13.14 -17.21 5.02
C ALA A 46 -12.97 -16.33 3.78
N PRO A 47 -13.50 -16.78 2.63
CA PRO A 47 -13.39 -16.03 1.37
C PRO A 47 -14.05 -14.66 1.46
N LEU A 48 -13.25 -13.63 1.21
CA LEU A 48 -13.74 -12.25 1.26
C LEU A 48 -13.24 -11.44 0.07
N VAL A 49 -14.15 -10.71 -0.56
CA VAL A 49 -13.79 -9.87 -1.71
C VAL A 49 -14.22 -8.42 -1.49
N THR A 50 -13.25 -7.57 -1.20
CA THR A 50 -13.51 -6.15 -0.96
C THR A 50 -12.57 -5.27 -1.77
N LEU A 51 -13.06 -4.11 -2.18
CA LEU A 51 -12.26 -3.18 -2.97
C LEU A 51 -11.12 -2.62 -2.11
N LEU A 52 -9.90 -2.75 -2.59
CA LEU A 52 -8.72 -2.26 -1.88
C LEU A 52 -8.62 -0.74 -1.97
N GLN A 53 -8.30 -0.11 -0.85
CA GLN A 53 -8.17 1.34 -0.80
C GLN A 53 -6.70 1.76 -0.83
N PRO A 54 -6.43 3.04 -1.12
CA PRO A 54 -5.06 3.57 -1.17
C PRO A 54 -4.41 3.62 0.21
N GLY A 55 -3.22 3.03 0.31
CA GLY A 55 -2.52 3.03 1.58
C GLY A 55 -1.52 1.89 1.68
N PRO A 56 -0.62 1.93 2.68
CA PRO A 56 0.40 0.89 2.88
C PRO A 56 -0.14 -0.32 3.64
N ILE A 57 -0.16 -1.47 2.96
CA ILE A 57 -0.63 -2.70 3.58
C ILE A 57 0.49 -3.37 4.36
N ARG A 58 0.15 -3.91 5.53
CA ARG A 58 1.13 -4.57 6.38
C ARG A 58 1.17 -6.07 6.09
N VAL A 59 2.37 -6.63 6.06
CA VAL A 59 2.54 -8.06 5.80
C VAL A 59 3.42 -8.71 6.86
N LEU A 60 2.81 -9.52 7.71
CA LEU A 60 3.54 -10.21 8.78
C LEU A 60 3.92 -11.62 8.34
N LEU A 61 5.17 -12.00 8.62
CA LEU A 61 5.66 -13.31 8.27
C LEU A 61 5.63 -14.22 9.49
N GLU A 62 5.89 -15.51 9.28
CA GLU A 62 5.88 -16.47 10.38
C GLU A 62 7.16 -16.39 11.20
N ASN A 63 8.10 -15.57 10.76
CA ASN A 63 9.36 -15.41 11.48
C ASN A 63 9.31 -14.19 12.39
N GLY A 64 8.10 -13.77 12.76
CA GLY A 64 7.95 -12.62 13.62
C GLY A 64 8.32 -11.32 12.92
N THR A 65 8.39 -11.37 11.59
CA THR A 65 8.75 -10.19 10.80
C THR A 65 7.52 -9.52 10.21
N GLU A 66 7.69 -8.27 9.79
CA GLU A 66 6.61 -7.50 9.19
C GLU A 66 7.13 -6.61 8.07
N GLU A 67 6.35 -6.46 7.02
CA GLU A 67 6.74 -5.62 5.88
C GLU A 67 5.62 -4.66 5.50
N ILE A 68 5.98 -3.58 4.83
CA ILE A 68 5.02 -2.57 4.41
C ILE A 68 5.06 -2.36 2.90
N VAL A 69 3.89 -2.47 2.26
CA VAL A 69 3.79 -2.30 0.81
C VAL A 69 2.74 -1.23 0.47
N TYR A 70 3.13 -0.29 -0.40
CA TYR A 70 2.24 0.77 -0.81
C TYR A 70 1.33 0.31 -1.95
N VAL A 71 0.04 0.64 -1.85
CA VAL A 71 -0.93 0.27 -2.86
C VAL A 71 -1.99 1.35 -3.04
N SER A 72 -2.20 1.78 -4.28
CA SER A 72 -3.19 2.83 -4.57
C SER A 72 -4.60 2.32 -4.36
N GLY A 73 -4.85 1.08 -4.75
CA GLY A 73 -6.18 0.50 -4.61
C GLY A 73 -6.62 -0.24 -5.84
N GLY A 74 -7.33 -1.34 -5.64
CA GLY A 74 -7.80 -2.14 -6.75
C GLY A 74 -8.77 -3.22 -6.33
N VAL A 75 -8.30 -4.45 -6.26
CA VAL A 75 -9.13 -5.58 -5.87
C VAL A 75 -8.44 -6.45 -4.83
N LEU A 76 -9.16 -6.79 -3.77
CA LEU A 76 -8.62 -7.63 -2.70
C LEU A 76 -9.44 -8.92 -2.59
N GLU A 77 -8.84 -10.03 -3.03
CA GLU A 77 -9.51 -11.32 -2.97
C GLU A 77 -8.87 -12.24 -1.94
N VAL A 78 -9.61 -12.54 -0.89
CA VAL A 78 -9.11 -13.41 0.18
C VAL A 78 -9.59 -14.84 -0.01
N GLN A 79 -8.67 -15.78 0.01
CA GLN A 79 -9.00 -17.19 -0.16
C GLN A 79 -8.77 -17.97 1.14
N PRO A 80 -9.42 -19.14 1.29
CA PRO A 80 -9.29 -19.98 2.48
C PRO A 80 -7.84 -20.08 2.98
N HIS A 81 -6.94 -20.54 2.12
CA HIS A 81 -5.54 -20.70 2.48
C HIS A 81 -4.63 -19.82 1.63
N VAL A 82 -5.23 -18.92 0.84
CA VAL A 82 -4.46 -18.03 -0.02
C VAL A 82 -4.99 -16.60 0.05
N VAL A 83 -4.10 -15.64 -0.19
CA VAL A 83 -4.48 -14.23 -0.14
C VAL A 83 -3.77 -13.44 -1.24
N THR A 84 -4.56 -12.81 -2.10
CA THR A 84 -4.02 -12.01 -3.20
C THR A 84 -4.63 -10.62 -3.21
N VAL A 85 -3.78 -9.60 -3.04
CA VAL A 85 -4.25 -8.22 -3.04
C VAL A 85 -3.79 -7.49 -4.30
N LEU A 86 -4.73 -7.25 -5.20
CA LEU A 86 -4.43 -6.56 -6.45
C LEU A 86 -4.47 -5.05 -6.25
N ALA A 87 -3.43 -4.36 -6.73
CA ALA A 87 -3.35 -2.91 -6.60
C ALA A 87 -2.98 -2.26 -7.92
N ASP A 88 -3.67 -1.17 -8.25
CA ASP A 88 -3.41 -0.44 -9.49
C ASP A 88 -1.93 -0.03 -9.57
N THR A 89 -1.30 0.10 -8.41
CA THR A 89 0.10 0.48 -8.34
C THR A 89 0.70 0.05 -7.00
N ALA A 90 1.73 -0.78 -7.07
CA ALA A 90 2.39 -1.27 -5.87
C ALA A 90 3.83 -0.79 -5.79
N ILE A 91 4.28 -0.49 -4.58
CA ILE A 91 5.65 -0.01 -4.37
C ILE A 91 6.19 -0.50 -3.03
N ARG A 92 7.20 -1.36 -3.08
CA ARG A 92 7.81 -1.90 -1.87
C ARG A 92 8.36 -0.78 -1.00
N ALA A 93 8.11 -0.88 0.31
CA ALA A 93 8.58 0.14 1.25
C ALA A 93 10.09 0.32 1.14
N ASP A 94 10.82 -0.77 0.94
CA ASP A 94 12.27 -0.72 0.81
C ASP A 94 12.69 -0.29 -0.60
N ASN A 95 11.75 -0.37 -1.54
CA ASN A 95 12.02 0.00 -2.93
C ASN A 95 11.53 1.41 -3.22
N LEU A 96 10.65 1.93 -2.37
CA LEU A 96 10.11 3.27 -2.55
C LEU A 96 11.23 4.31 -2.63
N ASP A 97 11.33 4.99 -3.76
CA ASP A 97 12.36 6.01 -3.96
C ASP A 97 11.98 7.31 -3.26
N GLU A 98 12.67 7.61 -2.17
CA GLU A 98 12.40 8.83 -1.42
C GLU A 98 12.66 10.07 -2.27
N ALA A 99 13.72 10.02 -3.08
CA ALA A 99 14.07 11.13 -3.96
C ALA A 99 12.94 11.44 -4.93
N ALA A 100 12.37 10.40 -5.52
CA ALA A 100 11.27 10.57 -6.48
C ALA A 100 10.04 11.14 -5.79
N ILE A 101 9.75 10.65 -4.60
CA ILE A 101 8.59 11.11 -3.83
C ILE A 101 8.78 12.55 -3.36
N LEU A 102 10.01 12.86 -2.93
CA LEU A 102 10.32 14.19 -2.45
C LEU A 102 10.15 15.22 -3.56
N GLU A 103 10.49 14.84 -4.78
CA GLU A 103 10.38 15.72 -5.93
C GLU A 103 8.91 16.03 -6.23
N ALA A 104 8.08 15.00 -6.22
CA ALA A 104 6.66 15.17 -6.49
C ALA A 104 5.96 15.85 -5.33
N ARG A 105 6.43 15.59 -4.12
CA ARG A 105 5.86 16.18 -2.92
C ARG A 105 5.98 17.70 -2.95
N LYS A 106 7.12 18.18 -3.43
CA LYS A 106 7.37 19.62 -3.51
C LYS A 106 6.66 20.21 -4.73
N ASN A 107 6.53 19.40 -5.78
CA ASN A 107 5.87 19.84 -7.00
C ASN A 107 4.40 20.11 -6.75
N ALA A 108 3.78 19.25 -5.95
CA ALA A 108 2.36 19.40 -5.63
C ALA A 108 2.15 20.52 -4.63
N GLU A 109 3.07 20.65 -3.68
CA GLU A 109 2.98 21.70 -2.68
C GLU A 109 3.08 23.09 -3.32
N GLN A 110 4.18 23.32 -4.03
CA GLN A 110 4.39 24.60 -4.69
C GLN A 110 3.32 24.85 -5.76
N LEU A 111 2.80 23.76 -6.31
CA LEU A 111 1.76 23.86 -7.34
C LEU A 111 0.39 24.09 -6.72
N LEU A 112 0.19 23.53 -5.53
CA LEU A 112 -1.08 23.67 -4.83
C LEU A 112 -1.36 25.13 -4.49
N ALA A 113 -0.38 25.79 -3.88
CA ALA A 113 -0.53 27.19 -3.52
C ALA A 113 -0.62 28.07 -4.77
N ASN A 114 -0.07 27.58 -5.87
CA ASN A 114 -0.11 28.32 -7.13
C ASN A 114 -1.30 27.87 -7.97
N GLN A 115 -2.31 27.31 -7.32
CA GLN A 115 -3.52 26.83 -7.98
C GLN A 115 -4.08 27.88 -8.93
N LYS A 116 -4.34 27.48 -10.17
CA LYS A 116 -4.88 28.38 -11.18
C LYS A 116 -6.05 27.73 -11.92
N SER A 117 -5.84 26.47 -12.33
CA SER A 117 -6.87 25.74 -13.05
C SER A 117 -7.42 24.59 -12.20
N ASP A 118 -8.37 23.85 -12.77
CA ASP A 118 -8.97 22.73 -12.06
C ASP A 118 -8.17 21.45 -12.27
N LEU A 119 -7.49 21.36 -13.41
CA LEU A 119 -6.69 20.19 -13.72
C LEU A 119 -5.36 20.22 -12.97
N ASP A 120 -4.83 21.42 -12.77
CA ASP A 120 -3.57 21.59 -12.06
C ASP A 120 -3.72 21.23 -10.59
N SER A 121 -4.87 21.56 -10.02
CA SER A 121 -5.15 21.28 -8.62
C SER A 121 -5.41 19.80 -8.40
N ALA A 122 -6.16 19.20 -9.31
CA ALA A 122 -6.48 17.77 -9.21
C ALA A 122 -5.21 16.93 -9.21
N ALA A 123 -4.25 17.30 -10.05
CA ALA A 123 -3.00 16.57 -10.15
C ALA A 123 -2.10 16.86 -8.93
N ALA A 124 -2.23 18.08 -8.40
CA ALA A 124 -1.44 18.48 -7.23
C ALA A 124 -1.92 17.79 -5.97
N LEU A 125 -3.21 17.96 -5.66
CA LEU A 125 -3.79 17.34 -4.47
C LEU A 125 -3.67 15.83 -4.53
N ALA A 126 -3.75 15.28 -5.74
CA ALA A 126 -3.64 13.84 -5.92
C ALA A 126 -2.20 13.36 -5.72
N ALA A 127 -1.26 14.12 -6.25
CA ALA A 127 0.16 13.78 -6.13
C ALA A 127 0.64 13.94 -4.70
N LEU A 128 0.10 14.94 -4.00
CA LEU A 128 0.46 15.21 -2.62
C LEU A 128 0.06 14.05 -1.71
N ALA A 129 -1.17 13.60 -1.87
CA ALA A 129 -1.69 12.49 -1.06
C ALA A 129 -0.97 11.19 -1.40
N GLU A 130 -0.63 11.01 -2.67
CA GLU A 130 0.06 9.81 -3.12
C GLU A 130 1.51 9.81 -2.64
N THR A 131 2.17 10.95 -2.79
CA THR A 131 3.56 11.08 -2.38
C THR A 131 3.69 11.05 -0.85
N ALA A 132 2.64 11.53 -0.17
CA ALA A 132 2.63 11.55 1.29
C ALA A 132 2.64 10.14 1.86
N ALA A 133 1.71 9.32 1.40
CA ALA A 133 1.61 7.94 1.86
C ALA A 133 2.89 7.16 1.56
N GLN A 134 3.45 7.39 0.38
CA GLN A 134 4.68 6.71 -0.03
C GLN A 134 5.80 6.97 0.98
N LEU A 135 6.05 8.24 1.26
CA LEU A 135 7.10 8.62 2.21
C LEU A 135 6.84 8.00 3.58
N GLU A 136 5.56 7.90 3.95
CA GLU A 136 5.18 7.34 5.24
C GLU A 136 5.54 5.87 5.32
N THR A 137 5.51 5.19 4.16
CA THR A 137 5.84 3.78 4.10
C THR A 137 7.33 3.54 4.34
N ILE A 138 8.16 4.26 3.59
CA ILE A 138 9.61 4.14 3.71
C ILE A 138 10.06 4.45 5.14
N ARG A 139 9.58 5.57 5.67
CA ARG A 139 9.94 5.99 7.03
C ARG A 139 9.62 4.89 8.04
N LYS A 140 8.45 4.28 7.89
CA LYS A 140 8.03 3.22 8.80
C LYS A 140 8.96 2.01 8.69
N ILE A 141 9.55 1.83 7.51
CA ILE A 141 10.46 0.71 7.28
C ILE A 141 11.86 1.02 7.81
N LYS A 142 12.39 2.17 7.41
CA LYS A 142 13.73 2.57 7.83
C LYS A 142 13.74 2.99 9.30
N ASN A 143 12.59 3.46 9.79
CA ASN A 143 12.49 3.88 11.18
C ASN A 143 11.68 2.89 12.00
N ARG A 144 10.42 2.70 11.63
CA ARG A 144 9.54 1.77 12.33
C ARG A 144 9.21 2.27 13.73
N ALA A 145 9.15 3.60 13.89
CA ALA A 145 8.84 4.19 15.18
C ALA A 145 7.48 4.88 15.14
N GLN A 146 6.43 4.09 14.92
CA GLN A 146 5.08 4.61 14.87
C GLN A 146 4.68 5.23 16.20
#